data_6HY0
#
_entry.id   6HY0
#
_cell.length_a   1.00
_cell.length_b   1.00
_cell.length_c   1.00
_cell.angle_alpha   90.00
_cell.angle_beta   90.00
_cell.angle_gamma   90.00
#
_symmetry.space_group_name_H-M   'P 1'
#
loop_
_entity.id
_entity.type
_entity.pdbx_description
1 polymer 'Major inner protein P1'
2 polymer 'Packaging Enzyme P4'
3 polymer 'Major Outer Capsid Protein P8'
#
loop_
_entity_poly.entity_id
_entity_poly.type
_entity_poly.pdbx_seq_one_letter_code
_entity_poly.pdbx_strand_id
1 'polypeptide(L)'
;MFNLKVKDLNGSARGLTQAFAIGELKNQLSVGALQLPLQFTRTFSASMTSELLWEVGKGNIDPVMYARLFFQYAQAGGAL
SVDELVNQFTEYHQSTACNPEIWRKLTAYITGSSNRAIKADAVGKVPPTAILEQLRTLAPSEHELFHHITTDFVCHVLSP
LGFILPDAAYVYRVGRTATYPNFYALVDCVRASDLRRMLTALSSVDSKMLQATFKAKGALAPALISQHLANAATTAFERS
RGNFDANAVVSSVLTILGRLWSPSTPKELDPSARLRNTNGIDQLRSNLALFIAYQDMVKQRGRAEVIFSDEELSSTIIPW
FIEAMSEVSPFKLRPINETTSYIGQTSAIDHMGQPSHVVVYEDWQFAKEITAFTPVKLANNSNQRFLDVEPGISDRMSAT
LAPIGNTFAVSAFVKNRTAVYEAVSQRGTVNSNGAEMTLGFPSVVERDYALDRDPMVAIAALRTGIVDESLEARASNDLK
RSMFNYYAAVMHYAVAHNPEVVVSEHQGVAAEQGSLYLVWNVRTELRIPVGYNAIEGGSIRTPEPLEAIAYNKPIQPSEV
LQAKVLDLANHTTSIHIWPWHEASTEFAYEDAYSVTIRNKRYTAEVKEFELLGLGQRRERVRILKPTVAHAIIQMWYSWF
VEDDRTLAAARRTSRDDAEKLAIDGRRMQNAVTLLRKIEMIGTTGIGASAVHLAQSRIVDQMAGRGLIDDSSDLHVGINR
HRIRIWAGLAVLQMMGLLSRSEAEALTKVLGDSNALGMVVATTDIDPSL
;
A,B
2 'polypeptide(L)'
;MPIVVTQAHIDRVGIAADLLDASPVSLQVLGRPTAINTVVIKTYIAAVMELASKQGGSLAGVDIRPSVLLKDTAIFTKPK
AKSADVESDVDVLDTGIYSVPGLARKPVTHRWPSEGIYSGVTALMGATGSGKSITLNEKLRPDVLIRWGEVAEAYDELDT
AVHISTLDEMLIVCIGLGALGFNVAVDSVRPLLFRLKGAASAGGIVAVFYSLLTDISNLFTQYDCSVVMVVNPMVDAEKI
EYVFGQVMASTVGAILCADGNVSRTMFRTNKGRIFNGAAPLAADTHMPSMDRPTSMKALDHTSIASVAPLERGSVDTDDR
NSAPRRGANFSL
;
C
3 'polypeptide(L)'
;MLLPVVARAAVPAIESAIAATPGLVSRIAAAIGSKVSPSAILAAVKSNPVVAGLTLAQIGSTGYDAYQQLLENHPEVAEM
LKDLSFKADEIQPDFIGNLGQYREELELVEDAARFVGGMSNLIRLRQALELDIKYYGLKMQLNDMGYRS
;
D,E,F,G,H,I,J,K,L,M
#
# COMPACT_ATOMS: atom_id res chain seq x y z
N MET A 1 24.19 1.22 -47.27
CA MET A 1 22.83 1.33 -47.75
C MET A 1 22.81 2.11 -49.05
N PHE A 2 22.44 1.44 -50.14
CA PHE A 2 22.13 2.13 -51.38
C PHE A 2 20.82 1.56 -51.91
N ASN A 3 19.80 2.40 -52.01
CA ASN A 3 18.47 2.01 -52.40
C ASN A 3 18.16 2.54 -53.79
N LEU A 4 17.43 1.75 -54.58
CA LEU A 4 17.23 2.10 -55.97
C LEU A 4 15.96 1.44 -56.47
N LYS A 5 15.35 2.04 -57.48
CA LYS A 5 14.20 1.49 -58.16
C LYS A 5 14.66 0.81 -59.45
N VAL A 6 14.25 -0.45 -59.64
CA VAL A 6 14.77 -1.23 -60.76
C VAL A 6 14.03 -0.92 -62.05
N LYS A 7 12.89 -0.21 -61.99
CA LYS A 7 12.24 0.23 -63.21
C LYS A 7 13.03 1.35 -63.86
N ASP A 8 13.15 2.48 -63.18
CA ASP A 8 13.92 3.61 -63.68
C ASP A 8 15.32 3.56 -63.07
N LEU A 9 16.30 3.16 -63.87
CA LEU A 9 17.68 3.19 -63.42
C LEU A 9 18.38 4.50 -63.68
N ASN A 10 17.86 5.31 -64.61
CA ASN A 10 18.43 6.64 -64.81
C ASN A 10 18.06 7.60 -63.68
N GLY A 11 16.90 7.41 -63.06
CA GLY A 11 16.54 8.26 -61.95
C GLY A 11 17.14 7.77 -60.65
N SER A 12 17.24 6.45 -60.52
CA SER A 12 17.72 5.87 -59.27
C SER A 12 19.23 5.78 -59.22
N ALA A 13 19.85 5.09 -60.18
CA ALA A 13 21.23 4.65 -60.06
C ALA A 13 22.00 4.96 -61.33
N ARG A 14 21.94 6.21 -61.79
CA ARG A 14 22.52 6.57 -63.09
C ARG A 14 24.05 6.51 -63.04
N GLY A 15 24.64 6.49 -61.85
CA GLY A 15 26.07 6.33 -61.79
C GLY A 15 26.54 4.89 -61.89
N LEU A 16 25.62 3.94 -61.95
CA LEU A 16 25.96 2.53 -61.88
C LEU A 16 25.55 1.79 -63.15
N THR A 17 25.00 2.48 -64.14
CA THR A 17 24.50 1.83 -65.34
C THR A 17 25.58 1.76 -66.42
N GLN A 18 25.46 0.75 -67.27
CA GLN A 18 26.44 0.54 -68.32
C GLN A 18 26.32 1.57 -69.44
N ALA A 19 25.12 2.12 -69.63
CA ALA A 19 24.92 3.24 -70.56
C ALA A 19 25.68 4.48 -70.10
N PHE A 20 25.74 4.69 -68.78
CA PHE A 20 26.64 5.70 -68.26
C PHE A 20 28.08 5.29 -68.43
N ALA A 21 28.37 4.00 -68.30
CA ALA A 21 29.75 3.55 -68.28
C ALA A 21 30.43 3.68 -69.64
N ILE A 22 29.67 3.61 -70.73
CA ILE A 22 30.26 3.85 -72.04
C ILE A 22 29.89 5.21 -72.61
N GLY A 23 29.04 5.97 -71.91
CA GLY A 23 28.79 7.34 -72.31
C GLY A 23 27.55 7.58 -73.14
N GLU A 24 26.42 7.02 -72.74
CA GLU A 24 25.13 7.34 -73.35
C GLU A 24 24.14 7.69 -72.25
N LEU A 25 23.66 8.93 -72.27
CA LEU A 25 22.86 9.45 -71.18
C LEU A 25 21.48 9.90 -71.62
N LYS A 26 21.17 9.84 -72.92
CA LYS A 26 19.88 10.29 -73.42
C LYS A 26 18.83 9.18 -73.35
N ASN A 27 19.14 8.03 -73.94
CA ASN A 27 18.19 6.92 -74.03
C ASN A 27 18.85 5.62 -73.57
N GLN A 28 18.08 4.55 -73.69
CA GLN A 28 18.51 3.22 -73.27
C GLN A 28 19.37 2.57 -74.33
N LEU A 29 19.98 1.44 -73.96
CA LEU A 29 20.70 0.64 -74.92
C LEU A 29 19.78 -0.47 -75.43
N SER A 30 19.81 -0.71 -76.73
CA SER A 30 18.88 -1.67 -77.32
C SER A 30 19.47 -3.07 -77.33
N VAL A 31 18.60 -4.06 -77.10
CA VAL A 31 19.00 -5.45 -77.20
C VAL A 31 19.17 -5.86 -78.66
N GLY A 32 18.28 -5.35 -79.52
CA GLY A 32 18.34 -5.73 -80.92
C GLY A 32 19.36 -4.96 -81.71
N ALA A 33 20.51 -5.59 -81.92
CA ALA A 33 21.62 -5.04 -82.67
C ALA A 33 22.50 -6.21 -83.09
N LEU A 34 23.61 -5.95 -83.76
CA LEU A 34 24.52 -7.02 -84.11
C LEU A 34 25.25 -7.50 -82.86
N GLN A 35 25.22 -8.80 -82.66
CA GLN A 35 25.64 -9.41 -81.41
C GLN A 35 26.68 -10.49 -81.69
N LEU A 36 27.56 -10.71 -80.72
CA LEU A 36 28.64 -11.69 -80.86
C LEU A 36 28.89 -12.33 -79.50
N PRO A 37 28.56 -13.61 -79.33
CA PRO A 37 28.66 -14.23 -78.01
C PRO A 37 30.10 -14.50 -77.61
N LEU A 38 30.32 -14.61 -76.30
CA LEU A 38 31.63 -15.06 -75.81
C LEU A 38 31.49 -15.73 -74.46
N GLN A 39 32.63 -15.88 -73.79
CA GLN A 39 32.74 -16.62 -72.55
C GLN A 39 33.94 -16.08 -71.78
N PHE A 40 33.68 -15.34 -70.72
CA PHE A 40 34.73 -14.91 -69.81
C PHE A 40 35.03 -16.05 -68.84
N THR A 41 36.31 -16.18 -68.47
CA THR A 41 36.68 -17.17 -67.47
C THR A 41 37.75 -16.73 -66.50
N ARG A 42 38.21 -15.48 -66.54
CA ARG A 42 39.28 -15.01 -65.67
C ARG A 42 38.98 -13.58 -65.26
N THR A 43 39.77 -13.08 -64.31
CA THR A 43 39.77 -11.68 -63.94
C THR A 43 41.09 -11.35 -63.24
N PHE A 44 41.50 -10.10 -63.38
CA PHE A 44 42.57 -9.52 -62.60
C PHE A 44 41.92 -8.87 -61.39
N SER A 45 42.02 -9.49 -60.24
CA SER A 45 41.43 -8.92 -59.05
C SER A 45 42.45 -8.96 -57.93
N ALA A 46 42.45 -7.94 -57.08
CA ALA A 46 43.32 -7.93 -55.94
C ALA A 46 42.70 -8.76 -54.82
N SER A 47 43.55 -9.31 -53.96
CA SER A 47 43.05 -10.09 -52.84
C SER A 47 42.45 -9.18 -51.79
N MET A 48 41.56 -9.74 -50.99
CA MET A 48 41.06 -9.07 -49.80
C MET A 48 42.03 -9.28 -48.64
N THR A 49 41.66 -8.77 -47.47
CA THR A 49 42.31 -8.85 -46.15
C THR A 49 43.84 -8.77 -46.18
N SER A 50 44.37 -7.89 -47.03
CA SER A 50 45.81 -7.77 -47.24
C SER A 50 46.43 -7.01 -46.06
N GLU A 51 46.67 -7.72 -44.97
CA GLU A 51 47.21 -7.13 -43.74
C GLU A 51 48.50 -7.87 -43.41
N LEU A 52 49.62 -7.37 -43.91
CA LEU A 52 50.91 -8.02 -43.73
C LEU A 52 51.97 -7.00 -43.38
N LEU A 53 53.07 -7.49 -42.82
CA LEU A 53 54.25 -6.68 -42.53
C LEU A 53 55.42 -7.21 -43.34
N TRP A 54 56.12 -6.32 -44.03
CA TRP A 54 57.23 -6.69 -44.89
C TRP A 54 58.51 -6.01 -44.40
N GLU A 55 59.58 -6.79 -44.28
CA GLU A 55 60.84 -6.30 -43.75
C GLU A 55 61.61 -5.59 -44.85
N VAL A 56 61.94 -4.32 -44.63
CA VAL A 56 62.60 -3.48 -45.62
C VAL A 56 63.98 -3.08 -45.14
N GLY A 57 64.64 -3.98 -44.42
CA GLY A 57 65.99 -3.72 -43.94
C GLY A 57 67.05 -3.89 -45.02
N LYS A 58 68.24 -4.38 -44.66
CA LYS A 58 69.26 -4.59 -45.68
C LYS A 58 68.85 -5.70 -46.65
N GLY A 59 68.85 -6.95 -46.17
CA GLY A 59 68.72 -8.15 -46.99
C GLY A 59 69.53 -8.08 -48.28
N ASN A 60 68.80 -8.13 -49.39
CA ASN A 60 69.24 -7.52 -50.64
C ASN A 60 68.17 -6.50 -51.04
N ILE A 61 68.50 -5.63 -51.98
CA ILE A 61 67.49 -4.70 -52.48
C ILE A 61 66.54 -5.49 -53.38
N ASP A 62 65.28 -5.60 -52.94
CA ASP A 62 64.30 -6.45 -53.58
C ASP A 62 63.59 -5.67 -54.68
N PRO A 63 63.88 -5.99 -55.95
CA PRO A 63 63.41 -5.13 -57.04
C PRO A 63 61.92 -5.19 -57.27
N VAL A 64 61.28 -6.34 -57.01
CA VAL A 64 59.83 -6.40 -57.12
C VAL A 64 59.18 -5.67 -55.95
N MET A 65 59.80 -5.69 -54.77
CA MET A 65 59.17 -5.13 -53.58
C MET A 65 59.21 -3.61 -53.60
N TYR A 66 60.35 -3.02 -53.96
CA TYR A 66 60.40 -1.56 -54.01
C TYR A 66 59.60 -0.99 -55.17
N ALA A 67 59.49 -1.72 -56.28
CA ALA A 67 58.64 -1.28 -57.38
C ALA A 67 57.16 -1.41 -57.02
N ARG A 68 56.80 -2.46 -56.27
CA ARG A 68 55.44 -2.60 -55.76
C ARG A 68 55.10 -1.48 -54.80
N LEU A 69 56.06 -1.04 -53.99
CA LEU A 69 55.79 0.08 -53.09
C LEU A 69 55.72 1.40 -53.85
N PHE A 70 56.46 1.52 -54.96
CA PHE A 70 56.26 2.68 -55.84
C PHE A 70 54.87 2.69 -56.45
N PHE A 71 54.36 1.52 -56.83
CA PHE A 71 53.00 1.43 -57.34
C PHE A 71 51.98 1.75 -56.25
N GLN A 72 52.22 1.30 -55.02
CA GLN A 72 51.32 1.61 -53.91
C GLN A 72 51.30 3.10 -53.61
N TYR A 73 52.46 3.76 -53.69
CA TYR A 73 52.49 5.22 -53.52
C TYR A 73 51.81 5.94 -54.68
N ALA A 74 52.01 5.46 -55.91
CA ALA A 74 51.39 6.09 -57.07
C ALA A 74 49.88 5.92 -57.08
N GLN A 75 49.38 4.85 -56.46
CA GLN A 75 47.93 4.70 -56.32
C GLN A 75 47.40 5.54 -55.17
N ALA A 76 47.87 5.28 -53.95
CA ALA A 76 47.26 5.87 -52.75
C ALA A 76 47.56 7.36 -52.63
N GLY A 77 48.60 7.84 -53.31
CA GLY A 77 48.84 9.26 -53.33
C GLY A 77 48.23 9.91 -54.55
N GLY A 78 48.21 9.18 -55.67
CA GLY A 78 47.86 9.77 -56.95
C GLY A 78 48.88 10.83 -57.29
N ALA A 79 48.41 12.09 -57.32
CA ALA A 79 49.25 13.29 -57.21
C ALA A 79 50.29 13.39 -58.31
N LEU A 80 49.81 13.56 -59.56
CA LEU A 80 50.64 13.63 -60.77
C LEU A 80 51.47 12.35 -60.92
N SER A 81 50.75 11.29 -61.27
CA SER A 81 51.16 9.90 -61.13
C SER A 81 52.38 9.49 -61.95
N VAL A 82 52.69 8.19 -61.88
CA VAL A 82 54.03 7.61 -61.86
C VAL A 82 55.00 8.11 -62.95
N ASP A 83 54.52 8.72 -64.04
CA ASP A 83 55.43 9.18 -65.09
C ASP A 83 56.33 10.31 -64.59
N GLU A 84 55.75 11.35 -64.02
CA GLU A 84 56.53 12.42 -63.41
C GLU A 84 57.28 11.94 -62.17
N LEU A 85 56.73 10.94 -61.47
CA LEU A 85 57.41 10.36 -60.31
C LEU A 85 58.74 9.72 -60.70
N VAL A 86 58.75 8.95 -61.79
CA VAL A 86 59.97 8.29 -62.19
C VAL A 86 60.88 9.24 -62.98
N ASN A 87 60.33 10.31 -63.55
CA ASN A 87 61.19 11.39 -64.06
C ASN A 87 61.94 12.08 -62.93
N GLN A 88 61.24 12.36 -61.82
CA GLN A 88 61.89 12.85 -60.61
C GLN A 88 62.91 11.87 -60.07
N PHE A 89 62.61 10.57 -60.17
CA PHE A 89 63.53 9.56 -59.68
C PHE A 89 64.79 9.50 -60.53
N THR A 90 64.66 9.67 -61.84
CA THR A 90 65.84 9.73 -62.69
C THR A 90 66.67 10.98 -62.44
N GLU A 91 66.01 12.13 -62.23
CA GLU A 91 66.75 13.35 -61.89
C GLU A 91 67.44 13.20 -60.53
N TYR A 92 66.78 12.54 -59.58
CA TYR A 92 67.37 12.29 -58.27
C TYR A 92 68.55 11.34 -58.35
N HIS A 93 68.45 10.33 -59.23
CA HIS A 93 69.55 9.39 -59.39
C HIS A 93 70.74 10.04 -60.09
N GLN A 94 70.47 10.93 -61.04
CA GLN A 94 71.55 11.67 -61.69
C GLN A 94 72.17 12.69 -60.75
N SER A 95 71.36 13.27 -59.86
CA SER A 95 71.85 14.32 -58.97
C SER A 95 72.67 13.72 -57.83
N THR A 96 72.25 12.58 -57.30
CA THR A 96 72.86 12.05 -56.09
C THR A 96 73.70 10.80 -56.35
N ALA A 97 73.12 9.76 -56.95
CA ALA A 97 73.86 8.52 -57.13
C ALA A 97 74.83 8.56 -58.29
N CYS A 98 74.74 9.58 -59.15
CA CYS A 98 75.67 9.73 -60.25
C CYS A 98 76.76 10.77 -60.00
N ASN A 99 76.77 11.38 -58.82
CA ASN A 99 77.78 12.36 -58.47
C ASN A 99 78.73 11.75 -57.45
N PRO A 100 80.04 11.66 -57.73
CA PRO A 100 80.95 11.06 -56.75
C PRO A 100 81.20 11.88 -55.50
N GLU A 101 80.69 13.12 -55.44
CA GLU A 101 80.90 13.97 -54.26
C GLU A 101 80.21 13.39 -53.03
N ILE A 102 78.97 12.91 -53.20
CA ILE A 102 78.23 12.34 -52.08
C ILE A 102 78.84 11.01 -51.65
N TRP A 103 79.42 10.28 -52.61
CA TRP A 103 80.11 9.03 -52.27
C TRP A 103 81.40 9.29 -51.50
N ARG A 104 82.16 10.32 -51.90
CA ARG A 104 83.33 10.74 -51.14
C ARG A 104 82.94 11.23 -49.75
N LYS A 105 81.80 11.92 -49.63
CA LYS A 105 81.35 12.40 -48.34
C LYS A 105 80.93 11.26 -47.42
N LEU A 106 80.28 10.23 -47.97
CA LEU A 106 79.91 9.08 -47.16
C LEU A 106 81.14 8.27 -46.74
N THR A 107 82.10 8.09 -47.65
CA THR A 107 83.31 7.37 -47.29
C THR A 107 84.18 8.15 -46.30
N ALA A 108 84.12 9.48 -46.34
CA ALA A 108 84.77 10.27 -45.30
C ALA A 108 84.02 10.19 -43.99
N TYR A 109 82.70 10.03 -44.04
CA TYR A 109 81.91 9.88 -42.82
C TYR A 109 82.20 8.55 -42.14
N ILE A 110 82.46 7.50 -42.93
CA ILE A 110 82.68 6.19 -42.32
C ILE A 110 84.15 5.79 -42.23
N THR A 111 85.06 6.59 -42.77
CA THR A 111 86.48 6.24 -42.81
C THR A 111 87.36 7.20 -42.03
N GLY A 112 87.36 8.49 -42.38
CA GLY A 112 88.34 9.46 -41.97
C GLY A 112 88.70 10.34 -43.15
N SER A 113 89.98 10.68 -43.26
CA SER A 113 90.43 11.52 -44.37
C SER A 113 91.89 11.25 -44.70
N SER A 114 92.12 10.91 -45.98
CA SER A 114 93.45 10.79 -46.60
C SER A 114 94.35 9.79 -45.87
N ASN A 115 93.83 8.59 -45.63
CA ASN A 115 94.57 7.59 -44.89
C ASN A 115 94.50 6.25 -45.61
N ARG A 116 95.53 5.43 -45.40
CA ARG A 116 95.58 4.09 -45.93
C ARG A 116 95.01 3.15 -44.88
N ALA A 117 93.68 3.05 -44.83
CA ALA A 117 93.02 2.13 -43.92
C ALA A 117 93.18 0.69 -44.43
N ILE A 118 92.73 -0.27 -43.63
CA ILE A 118 92.78 -1.67 -44.06
C ILE A 118 91.40 -2.30 -43.85
N LYS A 119 91.20 -3.41 -44.54
CA LYS A 119 89.87 -4.00 -44.65
C LYS A 119 89.51 -4.77 -43.38
N ALA A 120 88.35 -4.45 -42.81
CA ALA A 120 87.68 -5.13 -41.70
C ALA A 120 88.47 -5.12 -40.40
N ASP A 121 89.54 -4.33 -40.31
CA ASP A 121 90.35 -4.26 -39.10
C ASP A 121 90.55 -2.83 -38.60
N ALA A 122 90.71 -1.87 -39.50
CA ALA A 122 90.84 -0.47 -39.12
C ALA A 122 89.62 0.35 -39.50
N VAL A 123 88.64 -0.25 -40.16
CA VAL A 123 87.36 0.40 -40.44
C VAL A 123 86.27 -0.45 -39.81
N GLY A 124 85.68 0.06 -38.73
CA GLY A 124 84.62 -0.66 -38.05
C GLY A 124 83.29 -0.48 -38.72
N LYS A 125 82.41 -1.44 -38.49
CA LYS A 125 81.14 -1.45 -39.19
C LYS A 125 80.18 -0.42 -38.61
N VAL A 126 79.44 0.24 -39.50
CA VAL A 126 78.59 1.37 -39.18
C VAL A 126 77.14 0.94 -39.43
N PRO A 127 76.19 1.24 -38.55
CA PRO A 127 74.80 0.80 -38.75
C PRO A 127 74.15 1.51 -39.91
N PRO A 128 73.21 0.85 -40.59
CA PRO A 128 72.53 1.47 -41.74
C PRO A 128 71.68 2.67 -41.38
N THR A 129 71.24 2.79 -40.12
CA THR A 129 70.47 3.95 -39.71
C THR A 129 71.30 5.22 -39.72
N ALA A 130 72.59 5.11 -39.40
CA ALA A 130 73.48 6.27 -39.39
C ALA A 130 73.71 6.79 -40.80
N ILE A 131 73.99 5.90 -41.74
CA ILE A 131 74.17 6.35 -43.12
C ILE A 131 72.84 6.73 -43.75
N LEU A 132 71.72 6.22 -43.22
CA LEU A 132 70.41 6.66 -43.69
C LEU A 132 70.15 8.10 -43.27
N GLU A 133 70.49 8.45 -42.02
CA GLU A 133 70.36 9.84 -41.58
C GLU A 133 71.35 10.75 -42.30
N GLN A 134 72.55 10.24 -42.60
CA GLN A 134 73.51 11.01 -43.36
C GLN A 134 73.03 11.25 -44.79
N LEU A 135 72.36 10.26 -45.38
CA LEU A 135 71.73 10.45 -46.69
C LEU A 135 70.53 11.37 -46.64
N ARG A 136 69.81 11.41 -45.51
CA ARG A 136 68.77 12.42 -45.35
C ARG A 136 69.36 13.82 -45.34
N THR A 137 70.51 13.99 -44.69
CA THR A 137 71.15 15.30 -44.64
C THR A 137 71.78 15.68 -45.97
N LEU A 138 72.29 14.69 -46.72
CA LEU A 138 72.97 14.99 -47.97
C LEU A 138 72.02 15.13 -49.15
N ALA A 139 70.96 14.33 -49.22
CA ALA A 139 70.02 14.38 -50.33
C ALA A 139 68.68 14.92 -49.86
N PRO A 140 68.34 16.17 -50.15
CA PRO A 140 67.06 16.75 -49.68
C PRO A 140 65.87 16.38 -50.57
N SER A 141 65.33 15.18 -50.36
CA SER A 141 64.17 14.75 -51.11
C SER A 141 62.92 14.79 -50.25
N GLU A 142 61.78 14.56 -50.91
CA GLU A 142 60.50 14.56 -50.21
C GLU A 142 60.10 13.17 -49.74
N HIS A 143 60.58 12.14 -50.43
CA HIS A 143 60.05 10.79 -50.28
C HIS A 143 61.04 9.93 -49.53
N GLU A 144 60.56 9.28 -48.47
CA GLU A 144 61.41 8.44 -47.63
C GLU A 144 61.83 7.17 -48.35
N LEU A 145 61.01 6.70 -49.29
CA LEU A 145 61.35 5.50 -50.05
C LEU A 145 62.55 5.72 -50.97
N PHE A 146 62.75 6.96 -51.43
CA PHE A 146 63.99 7.30 -52.14
C PHE A 146 65.20 7.08 -51.25
N HIS A 147 65.11 7.51 -49.99
CA HIS A 147 66.23 7.37 -49.08
C HIS A 147 66.47 5.92 -48.70
N HIS A 148 65.41 5.13 -48.58
CA HIS A 148 65.60 3.70 -48.29
C HIS A 148 66.14 2.95 -49.49
N ILE A 149 65.73 3.35 -50.70
CA ILE A 149 66.16 2.64 -51.90
C ILE A 149 67.59 3.03 -52.26
N THR A 150 68.09 4.16 -51.76
CA THR A 150 69.52 4.40 -51.82
C THR A 150 70.25 3.74 -50.66
N THR A 151 69.57 3.59 -49.52
CA THR A 151 70.21 3.08 -48.31
C THR A 151 70.55 1.59 -48.43
N ASP A 152 69.61 0.79 -48.92
CA ASP A 152 69.92 -0.63 -49.08
C ASP A 152 70.90 -0.87 -50.22
N PHE A 153 70.93 0.04 -51.20
CA PHE A 153 71.93 0.00 -52.25
C PHE A 153 73.33 0.24 -51.70
N VAL A 154 73.50 1.30 -50.91
CA VAL A 154 74.82 1.59 -50.35
C VAL A 154 75.18 0.62 -49.24
N CYS A 155 74.21 -0.10 -48.68
CA CYS A 155 74.55 -1.23 -47.82
C CYS A 155 75.05 -2.42 -48.62
N HIS A 156 74.44 -2.68 -49.77
CA HIS A 156 74.76 -3.88 -50.52
C HIS A 156 76.08 -3.77 -51.27
N VAL A 157 76.43 -2.57 -51.74
CA VAL A 157 77.58 -2.47 -52.65
C VAL A 157 78.91 -2.63 -51.91
N LEU A 158 79.03 -2.16 -50.67
CA LEU A 158 80.31 -2.10 -49.98
C LEU A 158 80.39 -3.07 -48.81
N SER A 159 79.71 -4.21 -48.88
CA SER A 159 79.75 -5.20 -47.81
C SER A 159 80.23 -6.57 -48.32
N PRO A 160 81.55 -6.74 -48.55
CA PRO A 160 82.08 -8.13 -48.56
C PRO A 160 82.57 -8.52 -47.17
N LEU A 161 81.61 -8.62 -46.23
CA LEU A 161 81.84 -8.60 -44.78
C LEU A 161 82.70 -7.38 -44.41
N GLY A 162 82.11 -6.21 -44.67
CA GLY A 162 82.81 -4.96 -44.60
C GLY A 162 82.33 -3.95 -43.58
N PHE A 163 81.63 -2.94 -44.06
CA PHE A 163 81.51 -1.66 -43.37
C PHE A 163 80.18 -1.49 -42.64
N ILE A 164 79.33 -2.52 -42.60
CA ILE A 164 78.00 -2.39 -42.02
C ILE A 164 77.68 -3.59 -41.13
N LEU A 165 76.77 -3.37 -40.19
CA LEU A 165 76.26 -4.40 -39.31
C LEU A 165 74.87 -4.85 -39.77
N PRO A 166 74.59 -6.16 -39.70
CA PRO A 166 73.30 -6.66 -40.20
C PRO A 166 72.15 -6.57 -39.21
N ASP A 167 72.35 -5.93 -38.06
CA ASP A 167 71.32 -5.94 -37.03
C ASP A 167 70.16 -5.00 -37.37
N ALA A 168 70.45 -3.80 -37.85
CA ALA A 168 69.41 -2.81 -38.06
C ALA A 168 68.60 -3.14 -39.31
N ALA A 169 67.28 -3.22 -39.14
CA ALA A 169 66.36 -3.54 -40.22
C ALA A 169 65.02 -2.91 -39.90
N TYR A 170 64.27 -2.56 -40.94
CA TYR A 170 63.00 -1.87 -40.78
C TYR A 170 61.85 -2.77 -41.23
N VAL A 171 60.63 -2.26 -41.11
CA VAL A 171 59.43 -2.99 -41.48
C VAL A 171 58.42 -1.99 -42.01
N TYR A 172 57.48 -2.48 -42.83
CA TYR A 172 56.48 -1.66 -43.47
C TYR A 172 55.16 -2.42 -43.49
N ARG A 173 54.05 -1.68 -43.48
CA ARG A 173 52.73 -2.27 -43.41
C ARG A 173 52.10 -2.33 -44.79
N VAL A 174 51.61 -3.51 -45.17
CA VAL A 174 50.95 -3.71 -46.46
C VAL A 174 49.53 -3.13 -46.33
N GLY A 175 49.30 -1.99 -46.97
CA GLY A 175 47.99 -1.38 -46.93
C GLY A 175 47.02 -1.97 -47.95
N ARG A 176 45.74 -1.94 -47.60
CA ARG A 176 44.69 -2.48 -48.45
C ARG A 176 44.53 -1.60 -49.70
N THR A 177 44.20 -2.25 -50.82
CA THR A 177 44.16 -1.59 -52.13
C THR A 177 42.80 -1.87 -52.77
N ALA A 178 42.38 -0.94 -53.65
CA ALA A 178 41.22 -1.17 -54.50
C ALA A 178 41.45 -2.38 -55.40
N THR A 179 40.37 -3.13 -55.64
CA THR A 179 40.52 -4.50 -56.11
C THR A 179 40.43 -4.60 -57.63
N TYR A 180 39.79 -3.61 -58.27
CA TYR A 180 39.65 -3.85 -59.69
C TYR A 180 40.40 -2.81 -60.52
N PRO A 181 41.17 -3.24 -61.52
CA PRO A 181 42.14 -2.36 -62.16
C PRO A 181 41.51 -1.40 -63.15
N ASN A 182 41.71 -0.12 -62.89
CA ASN A 182 41.34 0.97 -63.78
C ASN A 182 42.32 0.99 -64.96
N PHE A 183 41.99 1.82 -65.96
CA PHE A 183 42.89 2.05 -67.09
C PHE A 183 44.23 2.65 -66.63
N TYR A 184 44.17 3.65 -65.77
CA TYR A 184 45.37 4.23 -65.21
C TYR A 184 46.08 3.26 -64.28
N ALA A 185 45.33 2.38 -63.61
CA ALA A 185 45.96 1.38 -62.77
C ALA A 185 46.70 0.34 -63.59
N LEU A 186 46.22 0.06 -64.81
CA LEU A 186 46.97 -0.81 -65.72
C LEU A 186 48.25 -0.14 -66.19
N VAL A 187 48.17 1.16 -66.50
CA VAL A 187 49.36 1.93 -66.89
C VAL A 187 50.40 1.92 -65.77
N ASP A 188 49.94 2.06 -64.54
CA ASP A 188 50.86 2.10 -63.41
C ASP A 188 51.42 0.72 -63.08
N CYS A 189 50.67 -0.35 -63.31
CA CYS A 189 51.24 -1.69 -63.17
C CYS A 189 52.25 -2.00 -64.26
N VAL A 190 52.15 -1.34 -65.41
CA VAL A 190 53.19 -1.47 -66.43
C VAL A 190 54.46 -0.75 -65.98
N ARG A 191 54.30 0.47 -65.46
CA ARG A 191 55.46 1.26 -65.03
C ARG A 191 56.16 0.64 -63.81
N ALA A 192 55.42 -0.07 -62.97
CA ALA A 192 56.06 -0.78 -61.87
C ALA A 192 56.94 -1.93 -62.35
N SER A 193 56.53 -2.66 -63.39
CA SER A 193 57.42 -3.67 -63.95
C SER A 193 58.60 -3.06 -64.70
N ASP A 194 58.44 -1.84 -65.21
CA ASP A 194 59.61 -1.09 -65.67
C ASP A 194 60.58 -0.82 -64.52
N LEU A 195 60.05 -0.42 -63.36
CA LEU A 195 60.91 -0.08 -62.23
C LEU A 195 61.60 -1.30 -61.64
N ARG A 196 60.98 -2.47 -61.69
CA ARG A 196 61.70 -3.63 -61.17
C ARG A 196 62.82 -4.05 -62.11
N ARG A 197 62.73 -3.70 -63.39
CA ARG A 197 63.86 -3.92 -64.29
C ARG A 197 64.99 -2.94 -63.98
N MET A 198 64.63 -1.68 -63.72
CA MET A 198 65.59 -0.68 -63.25
C MET A 198 66.32 -1.14 -61.99
N LEU A 199 65.58 -1.65 -61.00
CA LEU A 199 66.20 -2.05 -59.76
C LEU A 199 66.95 -3.37 -59.85
N THR A 200 66.49 -4.32 -60.67
CA THR A 200 67.27 -5.53 -60.83
C THR A 200 68.49 -5.31 -61.71
N ALA A 201 68.58 -4.17 -62.40
CA ALA A 201 69.87 -3.77 -62.95
C ALA A 201 70.73 -3.05 -61.92
N LEU A 202 70.13 -2.28 -61.01
CA LEU A 202 70.91 -1.67 -59.93
C LEU A 202 71.18 -2.61 -58.76
N SER A 203 70.87 -3.91 -58.90
CA SER A 203 71.33 -4.93 -57.99
C SER A 203 72.12 -6.02 -58.70
N SER A 204 72.39 -5.83 -59.99
CA SER A 204 72.90 -6.91 -60.83
C SER A 204 74.41 -7.05 -60.70
N VAL A 205 74.98 -7.82 -61.64
CA VAL A 205 76.41 -8.05 -61.67
C VAL A 205 77.19 -6.79 -62.04
N ASP A 206 76.53 -5.79 -62.64
CA ASP A 206 77.15 -4.48 -62.83
C ASP A 206 77.49 -3.82 -61.50
N SER A 207 76.72 -4.11 -60.45
CA SER A 207 77.06 -3.67 -59.11
C SER A 207 77.77 -4.73 -58.29
N LYS A 208 77.73 -5.99 -58.72
CA LYS A 208 78.45 -7.04 -58.02
C LYS A 208 79.91 -7.17 -58.46
N MET A 209 80.28 -6.55 -59.58
CA MET A 209 81.68 -6.55 -59.99
C MET A 209 82.56 -5.74 -59.06
N LEU A 210 81.98 -4.78 -58.33
CA LEU A 210 82.72 -4.08 -57.28
C LEU A 210 83.12 -5.03 -56.17
N GLN A 211 82.20 -5.90 -55.76
CA GLN A 211 82.55 -6.91 -54.77
C GLN A 211 83.49 -7.95 -55.38
N ALA A 212 83.40 -8.17 -56.69
CA ALA A 212 84.32 -9.09 -57.36
C ALA A 212 85.75 -8.55 -57.40
N THR A 213 85.92 -7.24 -57.50
CA THR A 213 87.27 -6.70 -57.41
C THR A 213 87.67 -6.37 -55.98
N PHE A 214 86.73 -6.40 -55.04
CA PHE A 214 87.03 -6.26 -53.62
C PHE A 214 86.79 -7.55 -52.84
N LYS A 215 86.99 -8.70 -53.47
CA LYS A 215 86.87 -10.00 -52.81
C LYS A 215 87.84 -10.15 -51.65
N ALA A 216 89.13 -10.20 -51.96
CA ALA A 216 90.18 -10.27 -50.95
C ALA A 216 91.31 -9.29 -51.21
N LYS A 217 91.16 -8.40 -52.20
CA LYS A 217 92.23 -7.48 -52.57
C LYS A 217 92.37 -6.32 -51.60
N GLY A 218 91.48 -6.17 -50.63
CA GLY A 218 91.64 -5.14 -49.63
C GLY A 218 91.12 -3.79 -50.08
N ALA A 219 90.41 -3.11 -49.18
CA ALA A 219 89.94 -1.75 -49.39
C ALA A 219 90.88 -0.82 -48.64
N LEU A 220 91.88 -0.30 -49.35
CA LEU A 220 92.97 0.42 -48.69
C LEU A 220 93.10 1.88 -49.07
N ALA A 221 92.17 2.46 -49.83
CA ALA A 221 92.25 3.87 -50.16
C ALA A 221 90.86 4.49 -50.28
N PRO A 222 90.65 5.66 -49.67
CA PRO A 222 89.27 6.19 -49.58
C PRO A 222 88.71 6.72 -50.90
N ALA A 223 89.52 7.46 -51.66
CA ALA A 223 89.05 7.93 -52.97
C ALA A 223 88.93 6.77 -53.95
N LEU A 224 89.82 5.78 -53.86
CA LEU A 224 89.73 4.60 -54.71
C LEU A 224 88.57 3.69 -54.33
N ILE A 225 88.01 3.83 -53.13
CA ILE A 225 86.71 3.24 -52.82
C ILE A 225 85.58 4.06 -53.42
N SER A 226 85.58 5.36 -53.16
CA SER A 226 84.41 6.20 -53.44
C SER A 226 84.19 6.40 -54.92
N GLN A 227 85.26 6.67 -55.67
CA GLN A 227 85.15 6.83 -57.12
C GLN A 227 84.74 5.53 -57.80
N HIS A 228 85.21 4.40 -57.28
CA HIS A 228 84.82 3.11 -57.83
C HIS A 228 83.35 2.81 -57.55
N LEU A 229 82.85 3.21 -56.38
CA LEU A 229 81.42 3.13 -56.09
C LEU A 229 80.61 3.97 -57.06
N ALA A 230 81.04 5.20 -57.31
CA ALA A 230 80.30 6.09 -58.19
C ALA A 230 80.31 5.61 -59.64
N ASN A 231 81.43 5.01 -60.07
CA ASN A 231 81.50 4.44 -61.41
C ASN A 231 80.61 3.22 -61.54
N ALA A 232 80.61 2.33 -60.53
CA ALA A 232 79.73 1.18 -60.58
C ALA A 232 78.26 1.55 -60.44
N ALA A 233 77.96 2.75 -59.93
CA ALA A 233 76.58 3.23 -59.97
C ALA A 233 76.23 3.76 -61.35
N THR A 234 77.11 4.59 -61.94
CA THR A 234 76.77 5.24 -63.21
C THR A 234 76.74 4.27 -64.38
N THR A 235 77.59 3.24 -64.37
CA THR A 235 77.53 2.26 -65.47
C THR A 235 76.26 1.43 -65.41
N ALA A 236 75.84 1.04 -64.20
CA ALA A 236 74.56 0.35 -64.05
C ALA A 236 73.38 1.24 -64.41
N PHE A 237 73.46 2.53 -64.13
CA PHE A 237 72.37 3.42 -64.52
C PHE A 237 72.32 3.65 -66.03
N GLU A 238 73.48 3.76 -66.69
CA GLU A 238 73.50 3.87 -68.15
C GLU A 238 73.02 2.58 -68.81
N ARG A 239 73.35 1.43 -68.24
CA ARG A 239 72.89 0.19 -68.85
C ARG A 239 71.42 -0.09 -68.53
N SER A 240 70.87 0.54 -67.51
CA SER A 240 69.43 0.47 -67.25
C SER A 240 68.66 1.64 -67.83
N ARG A 241 69.32 2.55 -68.53
CA ARG A 241 68.62 3.56 -69.32
C ARG A 241 67.79 2.91 -70.43
N GLY A 242 66.54 3.34 -70.57
CA GLY A 242 65.72 2.88 -71.67
C GLY A 242 64.32 2.47 -71.25
N ASN A 243 63.31 2.98 -71.95
CA ASN A 243 61.92 2.76 -71.57
C ASN A 243 61.07 2.50 -72.81
N PHE A 244 59.90 1.92 -72.58
CA PHE A 244 58.80 1.98 -73.52
C PHE A 244 57.92 3.18 -73.17
N ASP A 245 56.73 3.24 -73.74
CA ASP A 245 55.69 4.14 -73.28
C ASP A 245 54.55 3.28 -72.75
N ALA A 246 54.25 3.42 -71.46
CA ALA A 246 53.17 2.63 -70.86
C ALA A 246 51.82 2.99 -71.46
N ASN A 247 51.60 4.27 -71.74
CA ASN A 247 50.36 4.71 -72.37
C ASN A 247 50.19 4.08 -73.75
N ALA A 248 51.26 4.05 -74.54
CA ALA A 248 51.19 3.49 -75.88
C ALA A 248 51.02 1.97 -75.84
N VAL A 249 51.70 1.31 -74.90
CA VAL A 249 51.58 -0.15 -74.76
C VAL A 249 50.17 -0.54 -74.37
N VAL A 250 49.60 0.13 -73.36
CA VAL A 250 48.28 -0.22 -72.87
C VAL A 250 47.21 0.13 -73.91
N SER A 251 47.31 1.29 -74.55
CA SER A 251 46.31 1.67 -75.54
C SER A 251 46.34 0.76 -76.76
N SER A 252 47.53 0.36 -77.21
CA SER A 252 47.62 -0.56 -78.33
C SER A 252 47.09 -1.94 -77.97
N VAL A 253 47.44 -2.44 -76.79
CA VAL A 253 47.02 -3.79 -76.41
C VAL A 253 45.54 -3.85 -76.04
N LEU A 254 44.92 -2.72 -75.71
CA LEU A 254 43.48 -2.74 -75.56
C LEU A 254 42.75 -2.50 -76.87
N THR A 255 43.37 -1.79 -77.81
CA THR A 255 42.71 -1.58 -79.09
C THR A 255 42.71 -2.83 -79.95
N ILE A 256 43.80 -3.63 -79.88
CA ILE A 256 43.81 -4.86 -80.67
C ILE A 256 43.03 -5.97 -79.99
N LEU A 257 42.55 -5.77 -78.76
CA LEU A 257 41.51 -6.60 -78.19
C LEU A 257 40.12 -6.06 -78.45
N GLY A 258 39.97 -4.75 -78.58
CA GLY A 258 38.71 -4.18 -79.06
C GLY A 258 38.36 -4.64 -80.45
N ARG A 259 39.37 -4.76 -81.33
CA ARG A 259 39.11 -5.30 -82.66
C ARG A 259 38.84 -6.80 -82.65
N LEU A 260 39.20 -7.49 -81.57
CA LEU A 260 38.94 -8.91 -81.46
C LEU A 260 37.60 -9.18 -80.80
N TRP A 261 37.13 -8.21 -80.00
CA TRP A 261 35.88 -8.33 -79.27
C TRP A 261 34.69 -7.76 -80.03
N SER A 262 34.91 -6.71 -80.81
CA SER A 262 33.81 -5.97 -81.41
C SER A 262 33.13 -6.82 -82.48
N PRO A 263 31.80 -6.81 -82.54
CA PRO A 263 31.10 -7.61 -83.56
C PRO A 263 31.25 -7.04 -84.95
N SER A 264 31.40 -5.72 -85.06
CA SER A 264 31.55 -5.03 -86.34
C SER A 264 32.99 -4.68 -86.65
N THR A 265 33.83 -5.69 -86.93
CA THR A 265 35.22 -5.44 -87.29
C THR A 265 35.50 -6.02 -88.66
N PRO A 266 36.09 -5.26 -89.59
CA PRO A 266 36.31 -5.79 -90.95
C PRO A 266 37.35 -6.90 -90.98
N LYS A 267 37.26 -7.70 -92.04
CA LYS A 267 38.13 -8.87 -92.20
C LYS A 267 39.59 -8.47 -92.42
N GLU A 268 39.83 -7.26 -92.93
CA GLU A 268 41.18 -6.75 -93.08
C GLU A 268 41.86 -6.53 -91.74
N LEU A 269 41.08 -6.22 -90.71
CA LEU A 269 41.61 -5.77 -89.42
C LEU A 269 41.47 -6.82 -88.32
N ASP A 270 41.60 -8.10 -88.61
CA ASP A 270 41.39 -9.01 -87.50
C ASP A 270 42.73 -9.49 -86.91
N PRO A 271 42.93 -9.31 -85.61
CA PRO A 271 44.21 -9.68 -85.00
C PRO A 271 44.43 -11.18 -84.91
N SER A 272 43.37 -11.99 -84.96
CA SER A 272 43.56 -13.43 -84.98
C SER A 272 44.15 -13.90 -86.30
N ALA A 273 44.03 -13.09 -87.36
CA ALA A 273 44.75 -13.37 -88.59
C ALA A 273 46.09 -12.66 -88.62
N ARG A 274 46.11 -11.35 -88.36
CA ARG A 274 47.37 -10.61 -88.51
C ARG A 274 48.24 -10.65 -87.25
N LEU A 275 48.07 -11.60 -86.35
CA LEU A 275 49.05 -11.80 -85.30
C LEU A 275 49.66 -13.19 -85.40
N ARG A 276 50.97 -13.27 -85.18
CA ARG A 276 51.70 -14.52 -85.37
C ARG A 276 51.65 -15.39 -84.12
N ASN A 277 52.13 -14.86 -83.00
CA ASN A 277 52.15 -15.59 -81.74
C ASN A 277 50.89 -15.20 -80.98
N THR A 278 49.81 -15.94 -81.23
CA THR A 278 48.49 -15.60 -80.71
C THR A 278 48.20 -16.22 -79.35
N ASN A 279 49.23 -16.68 -78.64
CA ASN A 279 49.01 -17.33 -77.34
C ASN A 279 48.60 -16.30 -76.28
N GLY A 280 49.24 -15.13 -76.28
CA GLY A 280 48.85 -14.09 -75.35
C GLY A 280 47.47 -13.54 -75.66
N ILE A 281 47.10 -13.53 -76.94
CA ILE A 281 45.73 -13.21 -77.34
C ILE A 281 44.73 -14.20 -76.81
N ASP A 282 45.02 -15.50 -76.92
CA ASP A 282 44.13 -16.53 -76.39
C ASP A 282 44.01 -16.43 -74.88
N GLN A 283 45.08 -16.02 -74.22
CA GLN A 283 45.05 -15.83 -72.77
C GLN A 283 44.23 -14.61 -72.37
N LEU A 284 44.41 -13.49 -73.07
CA LEU A 284 43.79 -12.23 -72.69
C LEU A 284 42.43 -11.98 -73.33
N ARG A 285 41.92 -12.90 -74.14
CA ARG A 285 40.67 -12.66 -74.84
C ARG A 285 39.48 -12.69 -73.89
N SER A 286 39.62 -13.37 -72.75
CA SER A 286 38.51 -13.66 -71.85
C SER A 286 38.71 -13.04 -70.48
N ASN A 287 39.01 -11.75 -70.42
CA ASN A 287 39.40 -11.10 -69.17
C ASN A 287 38.49 -9.89 -68.94
N LEU A 288 37.62 -10.01 -67.94
CA LEU A 288 36.57 -9.00 -67.72
C LEU A 288 37.13 -7.70 -67.17
N ALA A 289 38.24 -7.78 -66.42
CA ALA A 289 38.87 -6.57 -65.93
C ALA A 289 39.45 -5.76 -67.09
N LEU A 290 39.99 -6.45 -68.08
CA LEU A 290 40.40 -5.80 -69.31
C LEU A 290 39.21 -5.25 -70.09
N PHE A 291 38.04 -5.89 -69.99
CA PHE A 291 36.86 -5.35 -70.67
C PHE A 291 36.42 -4.03 -70.04
N ILE A 292 36.28 -4.00 -68.71
CA ILE A 292 35.81 -2.79 -68.04
C ILE A 292 36.85 -1.68 -68.14
N ALA A 293 38.15 -2.05 -68.22
CA ALA A 293 39.17 -1.05 -68.44
C ALA A 293 39.15 -0.51 -69.86
N TYR A 294 38.81 -1.36 -70.84
CA TYR A 294 38.64 -0.89 -72.21
C TYR A 294 37.48 0.08 -72.31
N GLN A 295 36.39 -0.20 -71.59
CA GLN A 295 35.25 0.72 -71.57
C GLN A 295 35.61 2.07 -70.97
N ASP A 296 36.35 2.07 -69.85
CA ASP A 296 36.78 3.33 -69.25
C ASP A 296 37.75 4.08 -70.16
N MET A 297 38.64 3.33 -70.84
CA MET A 297 39.57 3.92 -71.79
C MET A 297 38.85 4.63 -72.92
N VAL A 298 37.90 3.94 -73.57
CA VAL A 298 37.25 4.54 -74.73
C VAL A 298 36.28 5.64 -74.31
N LYS A 299 35.77 5.60 -73.08
CA LYS A 299 34.95 6.69 -72.60
C LYS A 299 35.78 7.95 -72.39
N GLN A 300 36.96 7.83 -71.77
CA GLN A 300 37.77 9.02 -71.51
C GLN A 300 38.41 9.55 -72.77
N ARG A 301 38.95 8.67 -73.62
CA ARG A 301 39.62 9.12 -74.83
C ARG A 301 38.63 9.51 -75.92
N GLY A 302 37.78 8.57 -76.33
CA GLY A 302 36.93 8.75 -77.48
C GLY A 302 37.42 8.02 -78.72
N ARG A 303 38.72 7.79 -78.83
CA ARG A 303 39.30 7.10 -79.97
C ARG A 303 40.40 6.18 -79.48
N ALA A 304 41.21 5.70 -80.43
CA ALA A 304 42.30 4.77 -80.17
C ALA A 304 43.20 4.75 -81.40
N GLU A 305 44.45 4.32 -81.21
CA GLU A 305 45.43 4.29 -82.29
C GLU A 305 46.10 2.92 -82.38
N VAL A 306 46.95 2.78 -83.40
CA VAL A 306 47.43 1.50 -83.88
C VAL A 306 48.90 1.28 -83.55
N ILE A 307 49.53 2.22 -82.84
CA ILE A 307 50.91 2.70 -82.98
C ILE A 307 51.94 1.63 -83.37
N PHE A 308 51.91 0.50 -82.68
CA PHE A 308 52.94 -0.51 -82.88
C PHE A 308 52.74 -1.25 -84.21
N SER A 309 53.72 -2.09 -84.56
CA SER A 309 53.69 -2.76 -85.85
C SER A 309 52.65 -3.87 -85.85
N ASP A 310 52.44 -4.44 -87.03
CA ASP A 310 51.25 -5.25 -87.28
C ASP A 310 51.34 -6.62 -86.59
N GLU A 311 52.32 -7.42 -86.97
CA GLU A 311 52.41 -8.79 -86.46
C GLU A 311 53.67 -9.08 -85.67
N GLU A 312 54.69 -8.22 -85.76
CA GLU A 312 55.95 -8.54 -85.13
C GLU A 312 56.12 -7.85 -83.79
N LEU A 313 55.83 -6.55 -83.74
CA LEU A 313 56.07 -5.80 -82.52
C LEU A 313 55.01 -6.12 -81.47
N SER A 314 53.79 -6.39 -81.89
CA SER A 314 52.79 -6.88 -80.94
C SER A 314 52.96 -8.34 -80.60
N SER A 315 53.89 -9.04 -81.25
CA SER A 315 54.29 -10.37 -80.82
C SER A 315 55.55 -10.32 -79.94
N THR A 316 55.89 -9.14 -79.44
CA THR A 316 56.85 -9.00 -78.34
C THR A 316 56.43 -7.99 -77.28
N ILE A 317 55.39 -7.18 -77.53
CA ILE A 317 54.87 -6.28 -76.51
C ILE A 317 53.83 -7.00 -75.65
N ILE A 318 53.03 -7.88 -76.28
CA ILE A 318 52.01 -8.63 -75.54
C ILE A 318 52.59 -9.54 -74.45
N PRO A 319 53.69 -10.27 -74.66
CA PRO A 319 54.29 -10.97 -73.49
C PRO A 319 54.88 -10.03 -72.45
N TRP A 320 55.24 -8.80 -72.82
CA TRP A 320 55.72 -7.86 -71.81
C TRP A 320 54.55 -7.32 -70.99
N PHE A 321 53.40 -7.11 -71.63
CA PHE A 321 52.20 -6.77 -70.89
C PHE A 321 51.74 -7.91 -69.98
N ILE A 322 51.91 -9.16 -70.43
CA ILE A 322 51.61 -10.32 -69.59
C ILE A 322 52.53 -10.35 -68.36
N GLU A 323 53.82 -10.06 -68.53
CA GLU A 323 54.73 -10.01 -67.38
C GLU A 323 54.36 -8.88 -66.43
N ALA A 324 54.06 -7.70 -66.99
CA ALA A 324 53.70 -6.53 -66.20
C ALA A 324 52.44 -6.72 -65.37
N MET A 325 51.42 -7.39 -65.93
CA MET A 325 50.23 -7.68 -65.14
C MET A 325 50.34 -9.00 -64.37
N SER A 326 51.39 -9.78 -64.57
CA SER A 326 51.48 -11.03 -63.82
C SER A 326 52.26 -10.89 -62.53
N GLU A 327 53.36 -10.13 -62.51
CA GLU A 327 54.27 -10.20 -61.38
C GLU A 327 54.03 -9.12 -60.34
N VAL A 328 54.10 -7.84 -60.72
CA VAL A 328 54.31 -6.79 -59.73
C VAL A 328 53.01 -6.42 -59.03
N SER A 329 51.88 -6.55 -59.73
CA SER A 329 50.62 -6.06 -59.23
C SER A 329 50.08 -6.92 -58.08
N PRO A 330 49.29 -6.33 -57.18
CA PRO A 330 48.41 -7.15 -56.33
C PRO A 330 47.23 -7.72 -57.09
N PHE A 331 46.99 -7.25 -58.31
CA PHE A 331 45.91 -7.70 -59.18
C PHE A 331 46.28 -9.06 -59.70
N LYS A 332 45.92 -10.11 -58.97
CA LYS A 332 46.30 -11.46 -59.32
C LYS A 332 45.24 -12.06 -60.24
N LEU A 333 45.68 -12.96 -61.11
CA LEU A 333 44.77 -13.66 -62.00
C LEU A 333 43.96 -14.69 -61.22
N ARG A 334 42.65 -14.51 -61.18
CA ARG A 334 41.76 -15.40 -60.47
C ARG A 334 40.62 -15.80 -61.39
N PRO A 335 40.14 -17.03 -61.28
CA PRO A 335 38.91 -17.41 -62.00
C PRO A 335 37.71 -16.63 -61.50
N ILE A 336 36.77 -16.38 -62.43
CA ILE A 336 35.70 -15.42 -62.19
C ILE A 336 34.65 -15.95 -61.21
N ASN A 337 34.63 -17.25 -60.94
CA ASN A 337 33.70 -17.78 -59.95
C ASN A 337 34.18 -17.48 -58.53
N GLU A 338 35.46 -17.13 -58.38
CA GLU A 338 36.06 -16.95 -57.08
C GLU A 338 36.45 -15.51 -56.79
N THR A 339 35.88 -14.53 -57.48
CA THR A 339 36.16 -13.15 -57.16
C THR A 339 35.06 -12.50 -56.33
N THR A 340 33.84 -13.03 -56.36
CA THR A 340 32.72 -12.55 -55.55
C THR A 340 32.01 -13.74 -54.92
N SER A 341 32.76 -14.62 -54.27
CA SER A 341 32.17 -15.72 -53.52
C SER A 341 31.55 -15.27 -52.21
N TYR A 342 31.76 -14.02 -51.81
CA TYR A 342 31.24 -13.48 -50.56
C TYR A 342 29.98 -12.65 -50.76
N ILE A 343 29.65 -12.27 -51.99
CA ILE A 343 28.42 -11.54 -52.25
C ILE A 343 27.24 -12.50 -52.14
N GLY A 344 26.25 -12.11 -51.35
CA GLY A 344 25.02 -12.88 -51.22
C GLY A 344 23.83 -12.01 -51.57
N GLN A 345 22.66 -12.65 -51.66
CA GLN A 345 21.46 -12.03 -52.20
C GLN A 345 20.23 -12.69 -51.59
N THR A 346 19.22 -11.89 -51.27
CA THR A 346 17.98 -12.42 -50.69
C THR A 346 16.79 -11.63 -51.24
N SER A 347 15.71 -12.32 -51.58
CA SER A 347 14.53 -11.71 -52.15
C SER A 347 13.41 -11.64 -51.12
N ALA A 348 12.59 -10.61 -51.22
CA ALA A 348 11.37 -10.47 -50.43
C ALA A 348 10.19 -10.56 -51.39
N ILE A 349 9.43 -11.64 -51.27
CA ILE A 349 8.45 -12.05 -52.25
C ILE A 349 7.09 -11.50 -51.80
N ASP A 350 6.14 -11.38 -52.73
CA ASP A 350 4.79 -11.02 -52.30
C ASP A 350 3.74 -12.08 -52.64
N HIS A 351 3.50 -12.39 -53.91
CA HIS A 351 2.29 -13.12 -54.26
C HIS A 351 2.57 -14.45 -54.95
N MET A 352 3.29 -14.44 -56.05
CA MET A 352 3.29 -15.56 -56.99
C MET A 352 4.70 -16.07 -57.27
N GLY A 353 5.71 -15.24 -57.01
CA GLY A 353 7.08 -15.57 -57.31
C GLY A 353 7.83 -14.35 -57.75
N GLN A 354 7.10 -13.28 -57.99
CA GLN A 354 7.72 -12.02 -58.37
C GLN A 354 8.17 -11.26 -57.13
N PRO A 355 9.43 -10.86 -57.02
CA PRO A 355 9.91 -10.28 -55.77
C PRO A 355 9.48 -8.83 -55.58
N SER A 356 9.05 -8.50 -54.37
CA SER A 356 8.87 -7.10 -54.02
C SER A 356 10.20 -6.40 -53.88
N HIS A 357 11.13 -7.02 -53.13
CA HIS A 357 12.41 -6.39 -52.88
C HIS A 357 13.52 -7.41 -53.04
N VAL A 358 14.75 -6.90 -53.12
CA VAL A 358 15.92 -7.75 -53.29
C VAL A 358 17.09 -7.02 -52.66
N VAL A 359 17.82 -7.74 -51.81
CA VAL A 359 18.93 -7.18 -51.06
C VAL A 359 20.21 -7.93 -51.41
N VAL A 360 21.28 -7.18 -51.62
CA VAL A 360 22.59 -7.71 -51.96
C VAL A 360 23.57 -7.27 -50.88
N TYR A 361 24.31 -8.22 -50.32
CA TYR A 361 25.18 -7.90 -49.20
C TYR A 361 26.51 -8.63 -49.35
N GLU A 362 27.45 -8.28 -48.48
CA GLU A 362 28.72 -8.99 -48.33
C GLU A 362 28.65 -9.77 -47.03
N ASP A 363 29.13 -11.00 -47.05
CA ASP A 363 29.09 -11.86 -45.87
C ASP A 363 30.41 -11.73 -45.12
N TRP A 364 30.52 -10.69 -44.32
CA TRP A 364 31.67 -10.46 -43.46
C TRP A 364 31.65 -11.36 -42.24
N GLN A 365 32.70 -11.23 -41.44
CA GLN A 365 32.74 -11.77 -40.09
C GLN A 365 33.53 -10.81 -39.21
N PHE A 366 33.01 -10.60 -38.02
CA PHE A 366 33.50 -9.55 -37.12
C PHE A 366 34.90 -9.89 -36.61
N ALA A 367 35.86 -9.03 -36.94
CA ALA A 367 37.21 -9.16 -36.42
C ALA A 367 37.22 -8.64 -34.99
N LYS A 368 37.44 -9.53 -34.03
CA LYS A 368 37.31 -9.19 -32.62
C LYS A 368 38.64 -9.38 -31.89
N GLU A 369 39.55 -8.44 -32.13
CA GLU A 369 40.83 -8.27 -31.45
C GLU A 369 41.27 -6.85 -31.72
N ILE A 370 41.84 -6.20 -30.70
CA ILE A 370 42.26 -4.81 -30.82
C ILE A 370 43.71 -4.73 -30.34
N THR A 371 44.58 -4.26 -31.22
CA THR A 371 45.97 -4.00 -30.85
C THR A 371 46.09 -2.60 -30.25
N ALA A 372 46.97 -2.48 -29.27
CA ALA A 372 47.21 -1.22 -28.58
C ALA A 372 48.71 -1.06 -28.40
N PHE A 373 49.31 -0.15 -29.15
CA PHE A 373 50.74 0.10 -29.09
C PHE A 373 51.01 1.34 -28.26
N THR A 374 52.31 1.65 -28.13
CA THR A 374 52.73 2.95 -27.62
C THR A 374 54.03 3.35 -28.31
N PRO A 375 54.22 4.63 -28.61
CA PRO A 375 55.45 5.05 -29.31
C PRO A 375 56.60 5.33 -28.35
N VAL A 376 57.70 4.61 -28.56
CA VAL A 376 58.93 4.77 -27.80
C VAL A 376 60.03 5.16 -28.76
N LYS A 377 60.72 6.26 -28.47
CA LYS A 377 61.64 6.87 -29.42
C LYS A 377 63.02 7.06 -28.81
N LEU A 378 64.03 7.18 -29.68
CA LEU A 378 65.36 7.61 -29.28
C LEU A 378 65.77 8.92 -29.95
N ALA A 379 65.71 8.98 -31.27
CA ALA A 379 66.09 10.19 -31.99
C ALA A 379 64.90 11.13 -32.13
N ASN A 380 65.19 12.38 -32.44
CA ASN A 380 64.15 13.38 -32.61
C ASN A 380 63.51 13.25 -34.00
N ASN A 381 62.39 13.96 -34.16
CA ASN A 381 61.58 14.22 -35.36
C ASN A 381 61.49 13.09 -36.39
N SER A 382 61.33 11.86 -35.91
CA SER A 382 61.32 10.69 -36.78
C SER A 382 59.94 10.08 -36.79
N ASN A 383 59.43 9.80 -38.00
CA ASN A 383 58.27 8.94 -38.16
C ASN A 383 58.54 7.55 -37.60
N GLN A 384 59.76 7.06 -37.79
CA GLN A 384 60.15 5.71 -37.41
C GLN A 384 60.34 5.64 -35.91
N ARG A 385 59.33 5.14 -35.21
CA ARG A 385 59.38 4.96 -33.77
C ARG A 385 59.43 3.47 -33.46
N PHE A 386 59.98 3.14 -32.31
CA PHE A 386 59.67 1.87 -31.67
C PHE A 386 58.20 1.90 -31.32
N LEU A 387 57.51 0.80 -31.55
CA LEU A 387 56.14 0.66 -31.09
C LEU A 387 56.06 -0.51 -30.15
N ASP A 388 55.90 -0.23 -28.87
CA ASP A 388 55.86 -1.26 -27.85
C ASP A 388 54.41 -1.72 -27.70
N VAL A 389 54.19 -3.02 -27.86
CA VAL A 389 52.85 -3.57 -27.77
C VAL A 389 52.46 -3.62 -26.29
N GLU A 390 51.17 -3.56 -26.02
CA GLU A 390 50.68 -3.59 -24.64
C GLU A 390 49.66 -4.70 -24.49
N PRO A 391 49.99 -5.79 -23.79
CA PRO A 391 48.98 -6.76 -23.41
C PRO A 391 48.14 -6.21 -22.26
N GLY A 392 47.16 -6.99 -21.85
CA GLY A 392 46.29 -6.54 -20.79
C GLY A 392 45.15 -5.71 -21.32
N ILE A 393 45.45 -4.48 -21.78
CA ILE A 393 44.43 -3.61 -22.38
C ILE A 393 43.87 -4.25 -23.64
N SER A 394 44.74 -4.84 -24.46
CA SER A 394 44.31 -5.55 -25.66
C SER A 394 43.40 -6.72 -25.31
N ASP A 395 43.70 -7.41 -24.22
CA ASP A 395 42.87 -8.55 -23.82
C ASP A 395 41.53 -8.10 -23.26
N ARG A 396 41.49 -6.96 -22.56
CA ARG A 396 40.23 -6.42 -22.08
C ARG A 396 39.31 -6.03 -23.24
N MET A 397 39.87 -5.31 -24.21
CA MET A 397 39.07 -4.91 -25.38
C MET A 397 38.64 -6.12 -26.20
N SER A 398 39.51 -7.12 -26.34
CA SER A 398 39.13 -8.33 -27.08
C SER A 398 38.06 -9.12 -26.35
N ALA A 399 38.12 -9.18 -25.02
CA ALA A 399 37.13 -9.92 -24.25
C ALA A 399 35.79 -9.20 -24.23
N THR A 400 35.78 -7.88 -24.42
CA THR A 400 34.50 -7.19 -24.60
C THR A 400 33.96 -7.40 -26.01
N LEU A 401 34.83 -7.35 -27.02
CA LEU A 401 34.37 -7.50 -28.40
C LEU A 401 33.92 -8.92 -28.75
N ALA A 402 34.40 -9.94 -28.05
CA ALA A 402 34.05 -11.31 -28.43
C ALA A 402 32.57 -11.67 -28.25
N PRO A 403 31.81 -11.11 -27.28
CA PRO A 403 30.35 -11.25 -27.39
C PRO A 403 29.69 -10.30 -28.38
N ILE A 404 30.33 -9.19 -28.75
CA ILE A 404 29.68 -8.23 -29.64
C ILE A 404 29.69 -8.74 -31.08
N GLY A 405 30.73 -9.49 -31.43
CA GLY A 405 30.83 -10.04 -32.77
C GLY A 405 29.83 -11.14 -33.06
N ASN A 406 29.33 -11.80 -32.03
CA ASN A 406 28.30 -12.81 -32.25
C ASN A 406 26.91 -12.22 -32.34
N THR A 407 26.74 -10.96 -31.94
CA THR A 407 25.44 -10.31 -32.00
C THR A 407 25.39 -9.14 -32.97
N PHE A 408 26.45 -8.92 -33.74
CA PHE A 408 26.36 -8.01 -34.89
C PHE A 408 26.86 -8.69 -36.16
N ALA A 409 26.44 -9.94 -36.36
CA ALA A 409 26.75 -10.66 -37.59
C ALA A 409 25.92 -10.12 -38.75
N VAL A 410 26.51 -10.18 -39.95
CA VAL A 410 25.88 -9.55 -41.11
C VAL A 410 24.72 -10.39 -41.63
N SER A 411 24.77 -11.70 -41.39
CA SER A 411 23.70 -12.57 -41.88
C SER A 411 22.44 -12.46 -41.04
N ALA A 412 22.48 -11.75 -39.91
CA ALA A 412 21.31 -11.54 -39.08
C ALA A 412 20.78 -10.12 -39.16
N PHE A 413 21.13 -9.38 -40.21
CA PHE A 413 20.54 -8.07 -40.49
C PHE A 413 19.59 -8.16 -41.66
N VAL A 414 19.98 -8.96 -42.66
CA VAL A 414 19.21 -9.06 -43.89
C VAL A 414 17.94 -9.87 -43.67
N LYS A 415 17.94 -10.77 -42.70
CA LYS A 415 16.70 -11.45 -42.33
C LYS A 415 15.71 -10.48 -41.71
N ASN A 416 16.20 -9.52 -40.94
CA ASN A 416 15.32 -8.47 -40.43
C ASN A 416 14.84 -7.57 -41.56
N ARG A 417 15.70 -7.30 -42.54
CA ARG A 417 15.29 -6.52 -43.71
C ARG A 417 14.17 -7.20 -44.48
N THR A 418 14.35 -8.48 -44.77
CA THR A 418 13.34 -9.22 -45.52
C THR A 418 12.07 -9.42 -44.72
N ALA A 419 12.16 -9.59 -43.40
CA ALA A 419 10.95 -9.70 -42.60
C ALA A 419 10.16 -8.39 -42.57
N VAL A 420 10.86 -7.25 -42.46
CA VAL A 420 10.20 -5.95 -42.47
C VAL A 420 9.52 -5.70 -43.82
N TYR A 421 10.25 -5.96 -44.91
CA TYR A 421 9.67 -5.70 -46.22
C TYR A 421 8.62 -6.71 -46.64
N GLU A 422 8.65 -7.93 -46.10
CA GLU A 422 7.54 -8.85 -46.35
C GLU A 422 6.32 -8.45 -45.53
N ALA A 423 6.53 -7.89 -44.34
CA ALA A 423 5.37 -7.49 -43.55
C ALA A 423 4.68 -6.24 -44.09
N VAL A 424 5.44 -5.24 -44.54
CA VAL A 424 4.78 -3.97 -44.85
C VAL A 424 4.34 -3.85 -46.31
N SER A 425 4.50 -4.87 -47.13
CA SER A 425 4.15 -4.71 -48.53
C SER A 425 2.65 -4.88 -48.76
N GLN A 426 2.18 -6.11 -48.59
CA GLN A 426 0.76 -6.51 -48.63
C GLN A 426 0.05 -6.02 -49.90
N ARG A 427 0.78 -6.01 -51.02
CA ARG A 427 0.26 -5.50 -52.29
C ARG A 427 0.89 -6.28 -53.44
N GLY A 428 0.44 -5.97 -54.65
CA GLY A 428 1.10 -6.45 -55.85
C GLY A 428 2.03 -5.37 -56.41
N THR A 429 3.22 -5.79 -56.81
CA THR A 429 4.27 -4.85 -57.19
C THR A 429 4.29 -4.51 -58.68
N VAL A 430 3.14 -4.60 -59.35
CA VAL A 430 3.02 -3.96 -60.66
C VAL A 430 3.10 -2.45 -60.50
N ASN A 431 2.40 -1.93 -59.49
CA ASN A 431 2.46 -0.51 -59.15
C ASN A 431 3.66 -0.25 -58.23
N SER A 432 3.70 0.95 -57.65
CA SER A 432 4.77 1.44 -56.76
C SER A 432 6.13 1.40 -57.45
N ASN A 433 6.13 1.59 -58.77
CA ASN A 433 7.32 1.62 -59.63
C ASN A 433 8.16 0.34 -59.51
N GLY A 434 7.49 -0.81 -59.62
CA GLY A 434 8.13 -2.11 -59.69
C GLY A 434 8.85 -2.49 -58.42
N ALA A 435 9.79 -3.40 -58.56
CA ALA A 435 10.62 -3.82 -57.44
C ALA A 435 11.63 -2.73 -57.08
N GLU A 436 12.24 -2.89 -55.92
CA GLU A 436 13.34 -2.03 -55.50
C GLU A 436 14.47 -2.88 -54.95
N MET A 437 15.68 -2.34 -55.01
CA MET A 437 16.87 -3.08 -54.64
C MET A 437 17.70 -2.25 -53.69
N THR A 438 18.23 -2.89 -52.66
CA THR A 438 19.13 -2.26 -51.73
C THR A 438 20.43 -3.07 -51.65
N LEU A 439 21.54 -2.35 -51.51
CA LEU A 439 22.81 -3.04 -51.46
C LEU A 439 23.77 -2.28 -50.55
N GLY A 440 24.45 -3.04 -49.69
CA GLY A 440 25.33 -2.48 -48.69
C GLY A 440 26.68 -3.13 -48.69
N PHE A 441 27.73 -2.33 -48.87
CA PHE A 441 29.09 -2.83 -49.09
C PHE A 441 30.04 -2.30 -48.02
N PRO A 442 30.25 -3.07 -46.95
CA PRO A 442 31.18 -2.62 -45.91
C PRO A 442 32.62 -2.65 -46.34
N SER A 443 32.97 -3.33 -47.43
CA SER A 443 34.33 -3.24 -47.94
C SER A 443 34.59 -1.92 -48.65
N VAL A 444 33.56 -1.15 -48.94
CA VAL A 444 33.74 0.22 -49.44
C VAL A 444 33.62 1.22 -48.31
N VAL A 445 32.70 0.95 -47.37
CA VAL A 445 32.60 1.78 -46.17
C VAL A 445 33.88 1.71 -45.34
N GLU A 446 34.55 0.54 -45.32
CA GLU A 446 35.80 0.36 -44.61
C GLU A 446 36.93 1.15 -45.24
N ARG A 447 36.97 1.21 -46.58
CA ARG A 447 38.01 1.99 -47.24
C ARG A 447 37.80 3.48 -47.06
N ASP A 448 36.54 3.94 -47.05
CA ASP A 448 36.30 5.34 -46.73
C ASP A 448 36.64 5.67 -45.29
N TYR A 449 36.42 4.74 -44.36
CA TYR A 449 36.86 4.95 -42.98
C TYR A 449 38.38 4.96 -42.86
N ALA A 450 39.06 4.09 -43.61
CA ALA A 450 40.51 4.03 -43.56
C ALA A 450 41.15 5.29 -44.13
N LEU A 451 40.53 5.88 -45.14
CA LEU A 451 41.07 7.09 -45.76
C LEU A 451 40.52 8.36 -45.15
N ASP A 452 39.81 8.26 -44.02
CA ASP A 452 39.13 9.38 -43.34
C ASP A 452 38.19 10.13 -44.27
N ARG A 453 37.39 9.37 -45.01
CA ARG A 453 36.39 9.93 -45.91
C ARG A 453 35.00 9.51 -45.44
N ASP A 454 34.01 10.31 -45.79
CA ASP A 454 32.62 9.98 -45.50
C ASP A 454 32.18 8.87 -46.45
N PRO A 455 31.68 7.74 -45.95
CA PRO A 455 31.09 6.74 -46.85
C PRO A 455 29.80 7.20 -47.50
N MET A 456 29.11 8.19 -46.94
CA MET A 456 27.84 8.65 -47.46
C MET A 456 27.96 9.86 -48.40
N VAL A 457 29.09 10.02 -49.09
CA VAL A 457 29.19 11.02 -50.14
C VAL A 457 29.32 10.39 -51.53
N ALA A 458 29.90 9.20 -51.65
CA ALA A 458 29.91 8.50 -52.93
C ALA A 458 28.54 7.90 -53.22
N ILE A 459 27.84 7.49 -52.16
CA ILE A 459 26.50 6.91 -52.30
C ILE A 459 25.52 7.98 -52.78
N ALA A 460 25.70 9.22 -52.34
CA ALA A 460 24.90 10.31 -52.88
C ALA A 460 25.29 10.67 -54.31
N ALA A 461 26.49 10.28 -54.75
CA ALA A 461 26.93 10.54 -56.12
C ALA A 461 26.57 9.42 -57.07
N LEU A 462 26.24 8.23 -56.57
CA LEU A 462 25.85 7.13 -57.46
C LEU A 462 24.48 7.36 -58.09
N ARG A 463 23.66 8.24 -57.52
CA ARG A 463 22.35 8.48 -58.09
C ARG A 463 22.43 9.32 -59.36
N THR A 464 23.14 10.44 -59.30
CA THR A 464 23.21 11.35 -60.42
C THR A 464 24.48 11.19 -61.24
N GLY A 465 25.40 10.31 -60.82
CA GLY A 465 26.57 10.01 -61.61
C GLY A 465 27.72 10.98 -61.53
N ILE A 466 27.44 12.28 -61.62
CA ILE A 466 28.48 13.27 -61.77
C ILE A 466 29.06 13.63 -60.41
N VAL A 467 30.29 14.13 -60.42
CA VAL A 467 30.98 14.57 -59.22
C VAL A 467 31.04 16.09 -59.23
N ASP A 468 31.40 16.65 -58.08
CA ASP A 468 31.44 18.09 -57.89
C ASP A 468 32.88 18.57 -57.98
N GLU A 469 33.10 19.63 -58.76
CA GLU A 469 34.44 20.16 -58.99
C GLU A 469 34.91 21.11 -57.91
N SER A 470 34.11 21.32 -56.85
CA SER A 470 34.48 22.25 -55.79
C SER A 470 35.64 21.70 -54.96
N LEU A 471 35.67 20.39 -54.73
CA LEU A 471 36.75 19.77 -53.99
C LEU A 471 38.01 19.64 -54.85
N GLU A 472 39.09 19.17 -54.23
CA GLU A 472 40.39 19.15 -54.87
C GLU A 472 40.59 17.89 -55.70
N ALA A 473 41.79 17.77 -56.27
CA ALA A 473 42.07 16.72 -57.24
C ALA A 473 42.15 15.34 -56.58
N ARG A 474 42.81 15.23 -55.43
CA ARG A 474 42.90 13.93 -54.79
C ARG A 474 41.57 13.51 -54.16
N ALA A 475 40.74 14.48 -53.76
CA ALA A 475 39.39 14.15 -53.30
C ALA A 475 38.54 13.65 -54.45
N SER A 476 38.70 14.26 -55.64
CA SER A 476 37.99 13.78 -56.82
C SER A 476 38.46 12.39 -57.22
N ASN A 477 39.75 12.12 -57.08
CA ASN A 477 40.27 10.80 -57.42
C ASN A 477 39.79 9.74 -56.44
N ASP A 478 39.78 10.05 -55.15
CA ASP A 478 39.31 9.10 -54.16
C ASP A 478 37.80 8.93 -54.21
N LEU A 479 37.09 9.89 -54.79
CA LEU A 479 35.66 9.71 -55.02
C LEU A 479 35.41 8.84 -56.24
N LYS A 480 36.11 9.11 -57.33
CA LYS A 480 35.87 8.40 -58.59
C LYS A 480 36.35 6.96 -58.57
N ARG A 481 37.42 6.65 -57.82
CA ARG A 481 37.83 5.26 -57.71
C ARG A 481 36.83 4.44 -56.90
N SER A 482 36.27 5.04 -55.85
CA SER A 482 35.21 4.39 -55.09
C SER A 482 33.94 4.25 -55.92
N MET A 483 33.67 5.21 -56.82
CA MET A 483 32.53 5.10 -57.70
C MET A 483 32.73 3.99 -58.73
N PHE A 484 33.95 3.80 -59.20
CA PHE A 484 34.27 2.71 -60.12
C PHE A 484 34.21 1.34 -59.44
N ASN A 485 34.53 1.26 -58.15
CA ASN A 485 34.58 -0.05 -57.50
C ASN A 485 33.21 -0.71 -57.38
N TYR A 486 32.16 0.09 -57.13
CA TYR A 486 30.79 -0.44 -57.14
C TYR A 486 30.43 -1.01 -58.50
N TYR A 487 30.73 -0.26 -59.57
CA TYR A 487 30.43 -0.69 -60.92
C TYR A 487 31.19 -1.95 -61.30
N ALA A 488 32.43 -2.09 -60.84
CA ALA A 488 33.17 -3.30 -61.19
C ALA A 488 32.65 -4.51 -60.42
N ALA A 489 32.27 -4.33 -59.15
CA ALA A 489 31.76 -5.44 -58.37
C ALA A 489 30.41 -5.92 -58.89
N VAL A 490 29.57 -4.98 -59.33
CA VAL A 490 28.26 -5.33 -59.88
C VAL A 490 28.40 -6.15 -61.17
N MET A 491 29.30 -5.73 -62.06
CA MET A 491 29.47 -6.47 -63.31
C MET A 491 30.11 -7.82 -63.08
N HIS A 492 31.08 -7.92 -62.16
CA HIS A 492 31.67 -9.22 -61.86
C HIS A 492 30.65 -10.18 -61.26
N TYR A 493 29.75 -9.67 -60.42
CA TYR A 493 28.74 -10.54 -59.83
C TYR A 493 27.71 -10.98 -60.87
N ALA A 494 27.32 -10.05 -61.76
CA ALA A 494 26.37 -10.37 -62.83
C ALA A 494 26.93 -11.40 -63.80
N VAL A 495 28.19 -11.23 -64.24
CA VAL A 495 28.79 -12.18 -65.17
C VAL A 495 29.08 -13.50 -64.48
N ALA A 496 29.45 -13.47 -63.20
CA ALA A 496 29.78 -14.69 -62.50
C ALA A 496 28.56 -15.55 -62.22
N HIS A 497 27.38 -14.95 -62.11
CA HIS A 497 26.17 -15.75 -61.96
C HIS A 497 25.29 -15.82 -63.19
N ASN A 498 25.70 -15.24 -64.32
CA ASN A 498 25.04 -15.46 -65.60
C ASN A 498 26.11 -15.60 -66.67
N PRO A 499 26.55 -16.83 -66.96
CA PRO A 499 27.73 -17.01 -67.83
C PRO A 499 27.49 -16.66 -69.29
N GLU A 500 26.25 -16.80 -69.75
CA GLU A 500 25.91 -16.60 -71.15
C GLU A 500 25.84 -15.13 -71.52
N VAL A 501 26.97 -14.53 -71.90
CA VAL A 501 27.02 -13.11 -72.21
C VAL A 501 27.44 -12.90 -73.66
N VAL A 502 26.91 -11.85 -74.24
CA VAL A 502 27.04 -11.59 -75.68
C VAL A 502 27.44 -10.14 -75.87
N VAL A 503 28.61 -9.91 -76.45
CA VAL A 503 29.12 -8.56 -76.64
C VAL A 503 28.43 -7.92 -77.85
N SER A 504 27.96 -6.69 -77.67
CA SER A 504 27.34 -5.91 -78.73
C SER A 504 28.01 -4.56 -78.78
N GLU A 505 27.79 -3.84 -79.87
CA GLU A 505 28.45 -2.56 -80.07
C GLU A 505 27.42 -1.47 -80.29
N HIS A 506 27.49 -0.43 -79.48
CA HIS A 506 26.59 0.70 -79.58
C HIS A 506 26.92 1.53 -80.81
N GLN A 507 25.91 1.82 -81.62
CA GLN A 507 26.09 2.69 -82.76
C GLN A 507 25.86 4.13 -82.35
N GLY A 508 26.96 4.86 -82.23
CA GLY A 508 26.91 6.26 -81.83
C GLY A 508 26.62 7.16 -83.00
N VAL A 509 26.06 8.34 -82.73
CA VAL A 509 25.59 9.20 -83.80
C VAL A 509 26.75 10.01 -84.40
N ALA A 510 27.47 10.74 -83.57
CA ALA A 510 28.39 11.77 -84.05
C ALA A 510 29.82 11.23 -84.07
N ALA A 511 30.11 10.42 -85.10
CA ALA A 511 31.46 10.13 -85.60
C ALA A 511 32.38 9.52 -84.55
N GLU A 512 32.05 8.31 -84.11
CA GLU A 512 32.90 7.60 -83.17
C GLU A 512 33.16 6.19 -83.70
N GLN A 513 34.17 5.55 -83.09
CA GLN A 513 34.49 4.17 -83.41
C GLN A 513 33.51 3.18 -82.79
N GLY A 514 32.65 3.63 -81.89
CA GLY A 514 31.71 2.75 -81.25
C GLY A 514 32.31 2.07 -80.03
N SER A 515 31.47 1.93 -79.01
CA SER A 515 31.90 1.36 -77.73
C SER A 515 31.12 0.09 -77.46
N LEU A 516 31.77 -0.83 -76.75
CA LEU A 516 31.24 -2.16 -76.56
C LEU A 516 30.46 -2.25 -75.26
N TYR A 517 29.42 -3.07 -75.25
CA TYR A 517 28.70 -3.38 -74.03
C TYR A 517 28.24 -4.83 -74.08
N LEU A 518 28.17 -5.45 -72.92
CA LEU A 518 27.61 -6.79 -72.85
C LEU A 518 26.09 -6.74 -72.89
N VAL A 519 25.49 -7.86 -73.29
CA VAL A 519 24.09 -8.12 -73.00
C VAL A 519 24.00 -9.50 -72.36
N TRP A 520 22.98 -9.68 -71.53
CA TRP A 520 22.72 -10.91 -70.79
C TRP A 520 21.46 -11.59 -71.30
N ASN A 521 21.55 -12.91 -71.40
CA ASN A 521 20.47 -13.78 -71.83
C ASN A 521 20.13 -14.69 -70.65
N VAL A 522 19.29 -14.22 -69.75
CA VAL A 522 18.93 -15.02 -68.58
C VAL A 522 17.52 -15.53 -68.78
N ARG A 523 17.24 -16.75 -68.37
CA ARG A 523 15.91 -17.30 -68.56
C ARG A 523 15.22 -17.45 -67.22
N THR A 524 13.91 -17.18 -67.21
CA THR A 524 13.19 -16.96 -65.98
C THR A 524 11.78 -17.54 -66.10
N GLU A 525 11.34 -18.26 -65.06
CA GLU A 525 9.95 -18.72 -64.99
C GLU A 525 9.12 -17.73 -64.17
N LEU A 526 8.98 -16.53 -64.73
CA LEU A 526 8.13 -15.49 -64.16
C LEU A 526 7.34 -14.87 -65.29
N ARG A 527 6.05 -14.72 -65.09
CA ARG A 527 5.19 -14.21 -66.15
C ARG A 527 5.09 -12.70 -66.17
N ILE A 528 5.59 -11.99 -65.15
CA ILE A 528 5.47 -10.54 -65.11
C ILE A 528 6.88 -9.96 -65.04
N PRO A 529 7.24 -8.97 -65.85
CA PRO A 529 8.62 -8.49 -65.87
C PRO A 529 8.87 -7.37 -64.87
N VAL A 530 10.12 -7.24 -64.46
CA VAL A 530 10.59 -6.12 -63.66
C VAL A 530 11.55 -5.31 -64.51
N GLY A 531 11.70 -4.02 -64.17
CA GLY A 531 12.47 -3.16 -65.07
C GLY A 531 11.65 -2.88 -66.31
N TYR A 532 12.32 -2.45 -67.37
CA TYR A 532 11.67 -2.48 -68.67
C TYR A 532 12.59 -3.13 -69.69
N ASN A 533 12.45 -4.44 -69.81
CA ASN A 533 12.79 -5.24 -70.95
C ASN A 533 11.68 -6.27 -71.05
N ALA A 534 11.61 -7.00 -72.15
CA ALA A 534 10.45 -7.82 -72.46
C ALA A 534 10.74 -9.26 -72.05
N ILE A 535 9.93 -9.77 -71.11
CA ILE A 535 10.10 -11.12 -70.59
C ILE A 535 9.61 -12.16 -71.57
N GLU A 536 8.84 -11.77 -72.58
CA GLU A 536 7.98 -12.73 -73.27
C GLU A 536 8.79 -13.59 -74.23
N GLY A 537 8.63 -14.90 -74.06
CA GLY A 537 9.42 -15.90 -74.73
C GLY A 537 9.93 -16.98 -73.81
N GLY A 538 9.71 -16.85 -72.50
CA GLY A 538 10.32 -17.73 -71.53
C GLY A 538 11.71 -17.33 -71.11
N SER A 539 12.18 -16.16 -71.55
CA SER A 539 13.54 -15.70 -71.27
C SER A 539 13.59 -14.20 -71.46
N ILE A 540 14.65 -13.60 -70.92
CA ILE A 540 14.78 -12.15 -70.86
C ILE A 540 16.22 -11.75 -71.16
N ARG A 541 16.38 -10.77 -72.06
CA ARG A 541 17.69 -10.25 -72.44
C ARG A 541 17.79 -8.80 -72.04
N THR A 542 18.96 -8.41 -71.52
CA THR A 542 19.07 -7.10 -70.90
C THR A 542 20.48 -6.53 -71.02
N PRO A 543 20.60 -5.22 -71.22
CA PRO A 543 21.92 -4.59 -71.25
C PRO A 543 22.50 -4.40 -69.87
N GLU A 544 21.66 -4.04 -68.91
CA GLU A 544 22.10 -3.54 -67.61
C GLU A 544 22.47 -4.69 -66.67
N PRO A 545 23.45 -4.49 -65.79
CA PRO A 545 23.86 -5.60 -64.92
C PRO A 545 23.06 -5.71 -63.64
N LEU A 546 22.13 -4.79 -63.37
CA LEU A 546 21.36 -4.88 -62.12
C LEU A 546 20.11 -5.72 -62.31
N GLU A 547 19.43 -5.55 -63.46
CA GLU A 547 18.24 -6.36 -63.74
C GLU A 547 18.59 -7.82 -63.89
N ALA A 548 19.82 -8.12 -64.32
CA ALA A 548 20.25 -9.51 -64.39
C ALA A 548 20.44 -10.11 -63.00
N ILE A 549 20.81 -9.29 -62.03
CA ILE A 549 20.89 -9.75 -60.64
C ILE A 549 19.50 -10.00 -60.08
N ALA A 550 18.55 -9.11 -60.41
CA ALA A 550 17.21 -9.17 -59.83
C ALA A 550 16.44 -10.42 -60.22
N TYR A 551 16.71 -11.03 -61.36
CA TYR A 551 16.04 -12.27 -61.72
C TYR A 551 16.71 -13.52 -61.15
N ASN A 552 17.66 -13.38 -60.23
CA ASN A 552 18.26 -14.57 -59.66
C ASN A 552 17.36 -15.17 -58.59
N LYS A 553 17.73 -16.37 -58.17
CA LYS A 553 17.20 -16.96 -56.96
C LYS A 553 18.04 -16.45 -55.78
N PRO A 554 17.55 -16.60 -54.54
CA PRO A 554 18.37 -16.15 -53.39
C PRO A 554 19.66 -16.93 -53.25
N ILE A 555 20.78 -16.21 -53.33
CA ILE A 555 22.13 -16.77 -53.40
C ILE A 555 22.75 -16.73 -52.02
N GLN A 556 23.05 -17.89 -51.48
CA GLN A 556 23.79 -17.96 -50.23
C GLN A 556 25.28 -17.78 -50.51
N PRO A 557 26.00 -17.06 -49.65
CA PRO A 557 27.42 -16.83 -49.91
C PRO A 557 28.25 -18.09 -49.72
N SER A 558 29.18 -18.32 -50.64
CA SER A 558 30.06 -19.47 -50.54
C SER A 558 31.09 -19.33 -49.45
N GLU A 559 31.77 -18.19 -49.40
CA GLU A 559 32.85 -17.95 -48.46
C GLU A 559 32.57 -16.71 -47.64
N VAL A 560 32.92 -16.77 -46.36
CA VAL A 560 32.90 -15.61 -45.49
C VAL A 560 34.05 -14.70 -45.89
N LEU A 561 34.00 -13.47 -45.44
CA LEU A 561 35.07 -12.51 -45.71
C LEU A 561 35.67 -12.12 -44.36
N GLN A 562 36.75 -12.77 -43.99
CA GLN A 562 37.36 -12.59 -42.67
C GLN A 562 38.42 -11.51 -42.71
N ALA A 563 38.42 -10.64 -41.70
CA ALA A 563 39.47 -9.64 -41.56
C ALA A 563 40.60 -10.22 -40.72
N LYS A 564 41.81 -10.16 -41.24
CA LYS A 564 42.98 -10.58 -40.49
C LYS A 564 43.57 -9.38 -39.75
N VAL A 565 43.91 -9.61 -38.50
CA VAL A 565 44.40 -8.55 -37.61
C VAL A 565 45.88 -8.34 -37.88
N LEU A 566 46.35 -7.11 -37.67
CA LEU A 566 47.75 -6.78 -37.82
C LEU A 566 48.53 -7.38 -36.66
N ASP A 567 49.59 -8.12 -36.99
CA ASP A 567 50.41 -8.78 -35.97
C ASP A 567 51.60 -7.88 -35.66
N LEU A 568 51.53 -7.16 -34.55
CA LEU A 568 52.63 -6.30 -34.13
C LEU A 568 53.67 -7.02 -33.29
N ALA A 569 53.25 -8.04 -32.53
CA ALA A 569 54.12 -8.67 -31.54
C ALA A 569 55.19 -9.57 -32.17
N ASN A 570 55.18 -9.73 -33.49
CA ASN A 570 56.20 -10.56 -34.13
C ASN A 570 57.19 -9.70 -34.91
N HIS A 571 56.76 -8.57 -35.45
CA HIS A 571 57.59 -7.77 -36.35
C HIS A 571 57.58 -6.30 -35.96
N THR A 572 57.43 -6.00 -34.68
CA THR A 572 57.31 -4.63 -34.22
C THR A 572 58.14 -4.36 -32.98
N THR A 573 58.59 -5.42 -32.28
CA THR A 573 59.12 -5.29 -30.93
C THR A 573 60.47 -4.57 -30.87
N SER A 574 61.25 -4.61 -31.95
CA SER A 574 62.53 -3.91 -31.94
C SER A 574 62.86 -3.24 -33.27
N ILE A 575 61.84 -2.86 -34.06
CA ILE A 575 62.00 -2.58 -35.48
C ILE A 575 61.29 -1.27 -35.78
N HIS A 576 61.97 -0.35 -36.48
CA HIS A 576 61.33 0.91 -36.86
C HIS A 576 60.28 0.69 -37.96
N ILE A 577 59.47 1.71 -38.19
CA ILE A 577 58.08 1.54 -38.63
C ILE A 577 57.65 2.69 -39.54
N TRP A 578 56.65 2.40 -40.40
CA TRP A 578 55.89 3.18 -41.38
C TRP A 578 55.12 4.35 -40.73
N PRO A 579 54.38 5.20 -41.48
CA PRO A 579 53.49 6.16 -40.81
C PRO A 579 52.32 5.54 -40.07
N TRP A 580 52.62 5.12 -38.84
CA TRP A 580 51.72 4.65 -37.80
C TRP A 580 50.71 5.69 -37.33
N HIS A 581 50.90 6.97 -37.65
CA HIS A 581 50.19 8.03 -36.93
C HIS A 581 48.74 8.11 -37.34
N GLU A 582 48.45 8.03 -38.62
CA GLU A 582 47.08 8.29 -39.05
C GLU A 582 46.26 7.02 -39.11
N ALA A 583 46.90 5.85 -39.02
CA ALA A 583 46.16 4.61 -38.92
C ALA A 583 45.83 4.24 -37.48
N SER A 584 45.86 5.19 -36.57
CA SER A 584 45.42 5.01 -35.19
C SER A 584 44.95 6.35 -34.63
N THR A 585 44.21 6.27 -33.52
CA THR A 585 43.74 7.45 -32.82
C THR A 585 44.14 7.36 -31.36
N GLU A 586 43.98 8.47 -30.64
CA GLU A 586 44.29 8.51 -29.23
C GLU A 586 43.27 7.71 -28.43
N PHE A 587 43.54 7.54 -27.14
CA PHE A 587 42.71 6.72 -26.27
C PHE A 587 42.24 7.55 -25.09
N ALA A 588 41.06 8.17 -25.22
CA ALA A 588 40.56 9.08 -24.21
C ALA A 588 39.04 9.14 -24.32
N TYR A 589 38.36 9.05 -23.17
CA TYR A 589 36.90 9.10 -23.17
C TYR A 589 36.40 9.63 -21.84
N GLU A 590 35.53 10.63 -21.91
CA GLU A 590 34.92 11.23 -20.72
C GLU A 590 33.41 11.08 -20.83
N ASP A 591 32.75 10.72 -19.73
CA ASP A 591 31.30 10.63 -19.74
C ASP A 591 30.79 10.91 -18.34
N ALA A 592 29.47 10.92 -18.18
CA ALA A 592 28.85 11.21 -16.90
C ALA A 592 27.51 10.51 -16.80
N TYR A 593 27.16 10.08 -15.59
CA TYR A 593 25.87 9.50 -15.29
C TYR A 593 25.16 10.43 -14.31
N SER A 594 23.85 10.53 -14.43
CA SER A 594 23.09 11.42 -13.56
C SER A 594 21.74 10.79 -13.28
N VAL A 595 21.28 10.96 -12.04
CA VAL A 595 20.05 10.33 -11.60
C VAL A 595 19.46 11.16 -10.47
N THR A 596 18.14 11.29 -10.47
CA THR A 596 17.44 12.02 -9.42
C THR A 596 16.78 11.01 -8.51
N ILE A 597 17.30 10.89 -7.29
CA ILE A 597 16.78 9.97 -6.28
C ILE A 597 16.27 10.79 -5.11
N ARG A 598 15.00 10.55 -4.73
CA ARG A 598 14.32 11.23 -3.62
C ARG A 598 14.32 12.75 -3.86
N ASN A 599 14.15 13.12 -5.13
CA ASN A 599 14.25 14.50 -5.63
C ASN A 599 15.59 15.14 -5.25
N LYS A 600 16.67 14.40 -5.44
CA LYS A 600 18.04 14.90 -5.25
C LYS A 600 18.86 14.43 -6.44
N ARG A 601 19.50 15.37 -7.14
CA ARG A 601 20.22 15.01 -8.35
C ARG A 601 21.66 14.68 -8.02
N TYR A 602 22.10 13.51 -8.47
CA TYR A 602 23.43 12.96 -8.19
C TYR A 602 24.10 12.62 -9.50
N THR A 603 25.38 12.98 -9.62
CA THR A 603 26.11 12.96 -10.88
C THR A 603 27.48 12.36 -10.65
N ALA A 604 27.86 11.39 -11.49
CA ALA A 604 29.15 10.75 -11.39
C ALA A 604 29.86 10.83 -12.73
N GLU A 605 30.99 11.53 -12.76
CA GLU A 605 31.81 11.61 -13.97
C GLU A 605 32.70 10.37 -14.05
N VAL A 606 33.20 10.10 -15.25
CA VAL A 606 33.98 8.89 -15.49
C VAL A 606 34.95 9.15 -16.63
N LYS A 607 36.17 8.60 -16.48
CA LYS A 607 37.24 8.69 -17.45
C LYS A 607 37.52 7.32 -18.04
N GLU A 608 38.41 7.29 -19.04
CA GLU A 608 38.66 6.11 -19.84
C GLU A 608 39.49 5.04 -19.14
N PHE A 609 40.37 5.44 -18.21
CA PHE A 609 41.34 4.52 -17.64
C PHE A 609 40.83 3.84 -16.38
N GLU A 610 39.88 4.47 -15.71
CA GLU A 610 39.23 3.89 -14.55
C GLU A 610 38.35 2.71 -14.91
N LEU A 611 37.99 2.57 -16.19
CA LEU A 611 37.14 1.49 -16.64
C LEU A 611 37.94 0.25 -16.99
N LEU A 612 39.20 0.42 -17.39
CA LEU A 612 40.11 -0.69 -17.57
C LEU A 612 40.77 -1.13 -16.28
N GLY A 613 40.53 -0.43 -15.18
CA GLY A 613 41.19 -0.75 -13.94
C GLY A 613 42.64 -0.34 -13.89
N LEU A 614 43.00 0.74 -14.57
CA LEU A 614 44.38 1.21 -14.63
C LEU A 614 44.56 2.31 -13.60
N GLY A 615 45.54 2.14 -12.71
CA GLY A 615 45.80 3.17 -11.73
C GLY A 615 46.44 4.40 -12.34
N GLN A 616 47.48 4.21 -13.14
CA GLN A 616 48.15 5.32 -13.80
C GLN A 616 47.35 5.79 -15.01
N ARG A 617 47.10 7.09 -15.06
CA ARG A 617 46.53 7.66 -16.26
C ARG A 617 47.65 8.02 -17.22
N ARG A 618 47.32 8.01 -18.51
CA ARG A 618 48.36 8.07 -19.51
C ARG A 618 47.80 8.61 -20.81
N GLU A 619 48.61 9.39 -21.51
CA GLU A 619 48.28 9.90 -22.84
C GLU A 619 49.04 9.15 -23.93
N ARG A 620 50.06 8.39 -23.55
CA ARG A 620 51.02 7.83 -24.49
C ARG A 620 50.47 6.62 -25.25
N VAL A 621 49.30 6.10 -24.85
CA VAL A 621 48.70 4.99 -25.58
C VAL A 621 47.90 5.49 -26.77
N ARG A 622 47.83 4.66 -27.82
CA ARG A 622 47.00 4.90 -28.98
C ARG A 622 46.40 3.58 -29.44
N ILE A 623 45.17 3.68 -29.96
CA ILE A 623 44.40 2.53 -30.40
C ILE A 623 44.31 2.56 -31.92
N LEU A 624 44.65 1.45 -32.56
CA LEU A 624 44.54 1.35 -34.01
C LEU A 624 43.07 1.36 -34.41
N LYS A 625 42.75 1.98 -35.55
CA LYS A 625 41.36 2.22 -35.91
C LYS A 625 40.68 0.92 -36.37
N PRO A 626 39.52 0.57 -35.80
CA PRO A 626 38.74 -0.63 -36.22
C PRO A 626 37.71 -0.32 -37.29
N THR A 627 38.20 -0.14 -38.52
CA THR A 627 37.36 0.36 -39.60
C THR A 627 36.34 -0.68 -40.08
N VAL A 628 36.72 -1.96 -40.10
CA VAL A 628 35.79 -3.00 -40.52
C VAL A 628 34.63 -3.15 -39.54
N ALA A 629 34.94 -3.13 -38.23
CA ALA A 629 33.90 -3.27 -37.22
C ALA A 629 33.04 -2.01 -37.14
N HIS A 630 33.64 -0.84 -37.33
CA HIS A 630 32.88 0.40 -37.36
C HIS A 630 31.95 0.42 -38.57
N ALA A 631 32.40 -0.13 -39.70
CA ALA A 631 31.56 -0.23 -40.89
C ALA A 631 30.35 -1.14 -40.65
N ILE A 632 30.58 -2.29 -40.01
CA ILE A 632 29.50 -3.23 -39.74
C ILE A 632 28.46 -2.61 -38.81
N ILE A 633 28.91 -1.94 -37.75
CA ILE A 633 27.94 -1.38 -36.80
C ILE A 633 27.26 -0.14 -37.38
N GLN A 634 27.92 0.61 -38.27
CA GLN A 634 27.24 1.73 -38.92
C GLN A 634 26.16 1.25 -39.88
N MET A 635 26.43 0.17 -40.62
CA MET A 635 25.42 -0.39 -41.51
C MET A 635 24.24 -0.95 -40.74
N TRP A 636 24.52 -1.62 -39.61
CA TRP A 636 23.48 -2.10 -38.71
C TRP A 636 22.60 -0.96 -38.19
N TYR A 637 23.23 0.13 -37.72
CA TYR A 637 22.48 1.26 -37.18
C TYR A 637 21.59 1.91 -38.24
N SER A 638 22.13 2.09 -39.45
CA SER A 638 21.35 2.74 -40.49
C SER A 638 20.17 1.87 -40.92
N TRP A 639 20.40 0.56 -41.09
CA TRP A 639 19.29 -0.33 -41.45
C TRP A 639 18.26 -0.46 -40.33
N PHE A 640 18.71 -0.41 -39.07
CA PHE A 640 17.79 -0.48 -37.95
C PHE A 640 16.91 0.75 -37.83
N VAL A 641 17.46 1.93 -38.13
CA VAL A 641 16.62 3.12 -38.09
C VAL A 641 15.67 3.15 -39.28
N GLU A 642 16.12 2.65 -40.44
CA GLU A 642 15.26 2.61 -41.61
C GLU A 642 14.10 1.63 -41.43
N ASP A 643 14.33 0.55 -40.67
CA ASP A 643 13.24 -0.39 -40.38
C ASP A 643 12.13 0.26 -39.56
N ASP A 644 12.50 1.00 -38.52
CA ASP A 644 11.52 1.70 -37.71
C ASP A 644 10.84 2.82 -38.48
N ARG A 645 11.55 3.47 -39.41
CA ARG A 645 10.92 4.49 -40.22
C ARG A 645 9.86 3.89 -41.15
N THR A 646 10.17 2.74 -41.77
CA THR A 646 9.19 2.13 -42.67
C THR A 646 8.02 1.55 -41.90
N LEU A 647 8.24 1.01 -40.71
CA LEU A 647 7.13 0.49 -39.91
C LEU A 647 6.22 1.61 -39.41
N ALA A 648 6.82 2.71 -38.91
CA ALA A 648 6.01 3.82 -38.44
C ALA A 648 5.33 4.56 -39.58
N ALA A 649 5.89 4.47 -40.79
CA ALA A 649 5.22 5.08 -41.94
C ALA A 649 4.11 4.19 -42.47
N ALA A 650 4.28 2.88 -42.36
CA ALA A 650 3.29 1.96 -42.90
C ALA A 650 2.10 1.77 -41.95
N ARG A 651 2.26 2.08 -40.66
CA ARG A 651 1.10 1.96 -39.78
C ARG A 651 0.07 3.04 -40.05
N ARG A 652 0.49 4.23 -40.45
CA ARG A 652 -0.46 5.34 -40.62
C ARG A 652 -1.31 5.20 -41.86
N THR A 653 -0.96 4.32 -42.79
CA THR A 653 -1.69 4.18 -44.03
C THR A 653 -2.37 2.83 -44.18
N SER A 654 -2.67 2.15 -43.08
CA SER A 654 -3.26 0.81 -43.19
C SER A 654 -4.78 0.88 -43.32
N ARG A 655 -5.42 1.60 -42.38
CA ARG A 655 -6.89 1.62 -42.22
C ARG A 655 -7.43 0.20 -42.06
N ASP A 656 -6.80 -0.57 -41.16
CA ASP A 656 -7.12 -1.97 -40.92
C ASP A 656 -6.60 -2.36 -39.56
N ASP A 657 -7.46 -2.96 -38.73
CA ASP A 657 -7.11 -3.16 -37.33
C ASP A 657 -6.09 -4.27 -37.14
N ALA A 658 -6.23 -5.40 -37.84
CA ALA A 658 -5.28 -6.48 -37.65
C ALA A 658 -3.94 -6.23 -38.35
N GLU A 659 -3.85 -5.17 -39.16
CA GLU A 659 -2.56 -4.73 -39.69
C GLU A 659 -1.92 -3.67 -38.80
N LYS A 660 -2.74 -2.79 -38.22
CA LYS A 660 -2.20 -1.84 -37.24
C LYS A 660 -1.69 -2.56 -36.01
N LEU A 661 -2.36 -3.63 -35.60
CA LEU A 661 -1.86 -4.43 -34.49
C LEU A 661 -0.62 -5.23 -34.89
N ALA A 662 -0.50 -5.62 -36.15
CA ALA A 662 0.68 -6.35 -36.58
C ALA A 662 1.91 -5.45 -36.57
N ILE A 663 1.74 -4.21 -37.02
CA ILE A 663 2.87 -3.28 -37.02
C ILE A 663 3.21 -2.82 -35.61
N ASP A 664 2.20 -2.53 -34.79
CA ASP A 664 2.43 -2.22 -33.38
C ASP A 664 2.99 -3.39 -32.59
N GLY A 665 2.81 -4.62 -33.04
CA GLY A 665 3.45 -5.72 -32.37
C GLY A 665 4.88 -5.87 -32.80
N ARG A 666 5.13 -5.63 -34.09
CA ARG A 666 6.47 -5.77 -34.65
C ARG A 666 7.43 -4.72 -34.08
N ARG A 667 6.94 -3.50 -33.87
CA ARG A 667 7.79 -2.45 -33.31
C ARG A 667 8.19 -2.75 -31.87
N MET A 668 7.25 -3.18 -31.05
CA MET A 668 7.52 -3.61 -29.69
C MET A 668 8.50 -4.78 -29.67
N GLN A 669 8.31 -5.71 -30.59
CA GLN A 669 9.11 -6.92 -30.67
C GLN A 669 10.52 -6.64 -31.14
N ASN A 670 10.75 -5.53 -31.84
CA ASN A 670 12.12 -5.12 -32.18
C ASN A 670 12.78 -4.33 -31.05
N ALA A 671 12.00 -3.46 -30.40
CA ALA A 671 12.54 -2.62 -29.32
C ALA A 671 13.00 -3.44 -28.13
N VAL A 672 12.27 -4.51 -27.77
CA VAL A 672 12.72 -5.31 -26.65
C VAL A 672 14.00 -6.10 -27.00
N THR A 673 14.19 -6.47 -28.27
CA THR A 673 15.43 -7.16 -28.63
C THR A 673 16.61 -6.22 -28.64
N LEU A 674 16.41 -4.95 -29.01
CA LEU A 674 17.50 -3.98 -28.90
C LEU A 674 17.87 -3.75 -27.45
N LEU A 675 16.88 -3.68 -26.56
CA LEU A 675 17.15 -3.55 -25.13
C LEU A 675 17.93 -4.74 -24.60
N ARG A 676 17.58 -5.95 -25.04
CA ARG A 676 18.29 -7.12 -24.57
C ARG A 676 19.74 -7.15 -25.07
N LYS A 677 19.96 -6.70 -26.31
CA LYS A 677 21.32 -6.67 -26.86
C LYS A 677 22.21 -5.65 -26.16
N ILE A 678 21.69 -4.43 -25.93
CA ILE A 678 22.46 -3.41 -25.25
C ILE A 678 22.75 -3.81 -23.81
N GLU A 679 21.81 -4.51 -23.15
CA GLU A 679 22.10 -4.90 -21.77
C GLU A 679 23.06 -6.08 -21.70
N MET A 680 23.01 -6.99 -22.68
CA MET A 680 24.04 -8.03 -22.77
C MET A 680 25.41 -7.46 -23.04
N ILE A 681 25.51 -6.33 -23.75
CA ILE A 681 26.79 -5.65 -23.87
C ILE A 681 27.17 -4.98 -22.55
N GLY A 682 26.20 -4.33 -21.90
CA GLY A 682 26.47 -3.57 -20.69
C GLY A 682 26.77 -4.41 -19.47
N THR A 683 26.55 -5.73 -19.54
CA THR A 683 26.94 -6.61 -18.45
C THR A 683 28.12 -7.50 -18.83
N THR A 684 28.95 -7.07 -19.78
CA THR A 684 30.25 -7.70 -20.05
C THR A 684 31.31 -7.06 -19.17
N GLY A 685 32.58 -7.26 -19.53
CA GLY A 685 33.71 -6.70 -18.80
C GLY A 685 33.71 -5.21 -18.55
N ILE A 686 33.85 -4.41 -19.61
CA ILE A 686 34.00 -2.97 -19.42
C ILE A 686 32.65 -2.35 -19.05
N GLY A 687 31.56 -2.92 -19.53
CA GLY A 687 30.24 -2.44 -19.14
C GLY A 687 29.97 -2.69 -17.67
N ALA A 688 30.33 -3.88 -17.17
CA ALA A 688 30.15 -4.19 -15.76
C ALA A 688 31.05 -3.32 -14.90
N SER A 689 32.26 -3.04 -15.37
CA SER A 689 33.14 -2.12 -14.65
C SER A 689 32.58 -0.71 -14.57
N ALA A 690 31.96 -0.22 -15.66
CA ALA A 690 31.37 1.11 -15.61
C ALA A 690 30.14 1.14 -14.72
N VAL A 691 29.40 0.03 -14.69
CA VAL A 691 28.24 -0.10 -13.79
C VAL A 691 28.69 -0.04 -12.34
N HIS A 692 29.72 -0.82 -11.97
CA HIS A 692 30.21 -0.83 -10.60
C HIS A 692 30.80 0.52 -10.20
N LEU A 693 31.50 1.18 -11.12
CA LEU A 693 32.10 2.47 -10.82
C LEU A 693 31.05 3.55 -10.62
N ALA A 694 30.06 3.61 -11.52
CA ALA A 694 29.05 4.65 -11.40
C ALA A 694 28.11 4.40 -10.22
N GLN A 695 27.90 3.15 -9.83
CA GLN A 695 27.13 2.91 -8.62
C GLN A 695 27.94 3.27 -7.37
N SER A 696 29.24 2.94 -7.36
CA SER A 696 30.05 3.15 -6.17
C SER A 696 30.30 4.63 -5.91
N ARG A 697 30.49 5.43 -6.97
CA ARG A 697 30.69 6.86 -6.73
C ARG A 697 29.43 7.54 -6.24
N ILE A 698 28.26 7.12 -6.70
CA ILE A 698 27.03 7.70 -6.19
C ILE A 698 26.76 7.21 -4.76
N VAL A 699 27.15 5.99 -4.41
CA VAL A 699 27.01 5.51 -3.04
C VAL A 699 27.90 6.32 -2.10
N ASP A 700 29.16 6.53 -2.49
CA ASP A 700 30.07 7.29 -1.63
C ASP A 700 29.65 8.74 -1.53
N GLN A 701 29.18 9.33 -2.63
CA GLN A 701 28.68 10.70 -2.63
C GLN A 701 27.44 10.84 -1.76
N MET A 702 26.56 9.84 -1.79
CA MET A 702 25.31 9.95 -1.06
C MET A 702 25.51 9.68 0.43
N ALA A 703 26.45 8.80 0.78
CA ALA A 703 26.76 8.58 2.18
C ALA A 703 27.51 9.77 2.76
N GLY A 704 28.33 10.45 1.95
CA GLY A 704 28.88 11.72 2.39
C GLY A 704 27.83 12.81 2.53
N ARG A 705 26.81 12.78 1.67
CA ARG A 705 25.67 13.68 1.82
C ARG A 705 24.92 13.43 3.13
N GLY A 706 24.76 12.18 3.51
CA GLY A 706 24.20 11.88 4.81
C GLY A 706 22.89 11.12 4.80
N LEU A 707 22.67 10.34 3.76
CA LEU A 707 21.43 9.59 3.63
C LEU A 707 21.70 8.35 2.78
N ILE A 708 21.22 7.21 3.25
CA ILE A 708 21.71 5.92 2.79
C ILE A 708 20.55 5.05 2.27
N ASP A 709 19.59 5.67 1.59
CA ASP A 709 18.54 4.96 0.86
C ASP A 709 19.01 4.40 -0.49
N ASP A 710 20.32 4.22 -0.67
CA ASP A 710 20.92 4.06 -1.98
C ASP A 710 20.81 2.61 -2.45
N SER A 711 21.25 1.67 -1.62
CA SER A 711 21.26 0.27 -2.04
C SER A 711 19.84 -0.27 -2.18
N SER A 712 18.88 0.38 -1.55
CA SER A 712 17.49 0.10 -1.84
C SER A 712 17.09 0.69 -3.18
N ASP A 713 17.20 2.02 -3.32
CA ASP A 713 16.51 2.71 -4.40
C ASP A 713 17.22 2.60 -5.74
N LEU A 714 18.47 2.14 -5.78
CA LEU A 714 19.16 2.02 -7.06
C LEU A 714 19.21 0.61 -7.61
N HIS A 715 18.57 -0.36 -6.97
CA HIS A 715 18.49 -1.71 -7.53
C HIS A 715 17.02 -1.99 -7.73
N VAL A 716 16.47 -1.49 -8.83
CA VAL A 716 15.03 -1.44 -9.03
C VAL A 716 14.78 -1.27 -10.53
N GLY A 717 13.55 -1.55 -10.96
CA GLY A 717 13.25 -1.87 -12.35
C GLY A 717 13.55 -0.80 -13.37
N ILE A 718 13.55 0.46 -12.98
CA ILE A 718 13.90 1.52 -13.91
C ILE A 718 15.36 1.92 -13.78
N ASN A 719 15.81 2.14 -12.55
CA ASN A 719 17.15 2.64 -12.33
C ASN A 719 18.21 1.56 -12.39
N ARG A 720 17.86 0.31 -12.69
CA ARG A 720 18.92 -0.60 -13.13
C ARG A 720 18.96 -0.75 -14.64
N HIS A 721 17.81 -0.66 -15.33
CA HIS A 721 17.84 -0.67 -16.79
C HIS A 721 18.50 0.57 -17.34
N ARG A 722 18.31 1.70 -16.66
CA ARG A 722 18.96 2.95 -17.04
C ARG A 722 20.48 2.83 -16.98
N ILE A 723 21.02 2.26 -15.89
CA ILE A 723 22.46 2.19 -15.75
C ILE A 723 23.07 1.11 -16.66
N ARG A 724 22.35 0.00 -16.91
CA ARG A 724 22.90 -1.01 -17.81
C ARG A 724 22.91 -0.51 -19.25
N ILE A 725 21.86 0.21 -19.67
CA ILE A 725 21.80 0.72 -21.04
C ILE A 725 22.80 1.84 -21.24
N TRP A 726 22.97 2.70 -20.23
CA TRP A 726 24.02 3.72 -20.28
C TRP A 726 25.41 3.11 -20.42
N ALA A 727 25.69 2.04 -19.67
CA ALA A 727 27.02 1.43 -19.76
C ALA A 727 27.23 0.74 -21.09
N GLY A 728 26.19 0.07 -21.61
CA GLY A 728 26.31 -0.61 -22.89
C GLY A 728 26.46 0.35 -24.05
N LEU A 729 25.96 1.57 -23.92
CA LEU A 729 26.24 2.59 -24.92
C LEU A 729 27.58 3.28 -24.71
N ALA A 730 28.02 3.46 -23.45
CA ALA A 730 29.26 4.16 -23.22
C ALA A 730 30.48 3.33 -23.58
N VAL A 731 30.38 2.00 -23.57
CA VAL A 731 31.50 1.22 -24.09
C VAL A 731 31.63 1.37 -25.61
N LEU A 732 30.51 1.47 -26.32
CA LEU A 732 30.58 1.71 -27.76
C LEU A 732 31.03 3.13 -28.07
N GLN A 733 30.72 4.10 -27.22
CA GLN A 733 31.27 5.43 -27.46
C GLN A 733 32.74 5.53 -27.07
N MET A 734 33.19 4.77 -26.04
CA MET A 734 34.61 4.86 -25.70
C MET A 734 35.46 4.12 -26.70
N MET A 735 34.86 3.24 -27.48
CA MET A 735 35.55 2.77 -28.66
C MET A 735 35.34 3.73 -29.82
N GLY A 736 35.68 3.28 -31.01
CA GLY A 736 35.33 4.08 -32.15
C GLY A 736 34.01 3.72 -32.77
N LEU A 737 33.34 2.68 -32.26
CA LEU A 737 32.31 1.98 -33.02
C LEU A 737 31.02 2.77 -33.19
N LEU A 738 30.77 3.78 -32.38
CA LEU A 738 29.48 4.45 -32.48
C LEU A 738 29.58 5.85 -31.90
N SER A 739 28.86 6.77 -32.54
CA SER A 739 28.93 8.18 -32.21
C SER A 739 27.89 8.55 -31.15
N ARG A 740 28.08 9.73 -30.55
CA ARG A 740 27.24 10.09 -29.42
C ARG A 740 25.84 10.50 -29.85
N SER A 741 25.71 11.18 -31.00
CA SER A 741 24.38 11.53 -31.48
C SER A 741 23.62 10.30 -31.93
N GLU A 742 24.34 9.31 -32.48
CA GLU A 742 23.71 8.04 -32.84
C GLU A 742 23.24 7.30 -31.60
N ALA A 743 24.03 7.35 -30.53
CA ALA A 743 23.62 6.73 -29.27
C ALA A 743 22.41 7.44 -28.67
N GLU A 744 22.34 8.76 -28.83
CA GLU A 744 21.23 9.50 -28.24
C GLU A 744 19.92 9.27 -29.02
N ALA A 745 20.01 9.15 -30.34
CA ALA A 745 18.80 8.81 -31.11
C ALA A 745 18.36 7.38 -30.85
N LEU A 746 19.33 6.47 -30.71
CA LEU A 746 19.02 5.07 -30.43
C LEU A 746 18.47 4.92 -29.01
N THR A 747 18.80 5.85 -28.11
CA THR A 747 18.17 5.94 -26.81
C THR A 747 16.72 6.43 -26.92
N LYS A 748 16.50 7.48 -27.73
CA LYS A 748 15.16 8.04 -27.89
C LYS A 748 14.17 7.04 -28.48
N VAL A 749 14.66 6.07 -29.27
CA VAL A 749 13.81 4.98 -29.75
C VAL A 749 13.21 4.18 -28.58
N LEU A 750 14.05 3.75 -27.64
CA LEU A 750 13.54 2.99 -26.49
C LEU A 750 12.76 3.88 -25.55
N GLY A 751 13.10 5.16 -25.49
CA GLY A 751 12.33 6.08 -24.66
C GLY A 751 10.93 6.31 -25.18
N ASP A 752 10.74 6.20 -26.50
CA ASP A 752 9.42 6.38 -27.09
C ASP A 752 8.63 5.09 -27.22
N SER A 753 9.30 3.94 -27.30
CA SER A 753 8.56 2.68 -27.47
C SER A 753 7.92 2.20 -26.18
N ASN A 754 8.27 2.79 -25.04
CA ASN A 754 7.77 2.44 -23.70
C ASN A 754 8.10 0.97 -23.36
N ALA A 755 9.19 0.48 -23.93
CA ALA A 755 9.66 -0.86 -23.65
C ALA A 755 10.64 -0.90 -22.50
N LEU A 756 10.86 0.23 -21.84
CA LEU A 756 11.73 0.24 -20.68
C LEU A 756 10.95 -0.14 -19.43
N GLY A 757 9.66 0.19 -19.39
CA GLY A 757 8.82 -0.09 -18.25
C GLY A 757 7.84 -1.22 -18.43
N MET A 758 7.99 -2.05 -19.46
CA MET A 758 7.12 -3.19 -19.67
C MET A 758 7.89 -4.49 -19.77
N VAL A 759 9.04 -4.58 -19.09
CA VAL A 759 9.90 -5.74 -19.20
C VAL A 759 10.19 -6.39 -17.85
N VAL A 760 10.07 -5.63 -16.74
CA VAL A 760 11.03 -5.59 -15.63
C VAL A 760 11.50 -6.96 -15.14
N ALA A 761 12.78 -7.21 -15.39
CA ALA A 761 13.67 -8.27 -14.90
C ALA A 761 14.99 -7.99 -15.59
N THR A 762 16.09 -8.53 -15.10
CA THR A 762 17.37 -8.34 -15.78
C THR A 762 18.21 -9.59 -15.60
N THR A 763 18.64 -10.17 -16.71
CA THR A 763 19.53 -11.32 -16.71
C THR A 763 20.96 -10.81 -16.79
N ASP A 764 21.67 -10.85 -15.66
CA ASP A 764 23.02 -10.31 -15.57
C ASP A 764 24.06 -11.40 -15.76
N ILE A 765 25.25 -10.97 -16.18
CA ILE A 765 26.43 -11.82 -16.27
C ILE A 765 27.39 -11.52 -15.13
N ASP A 766 27.11 -10.46 -14.35
CA ASP A 766 27.90 -9.97 -13.22
C ASP A 766 29.33 -9.63 -13.62
N MET B 1 -8.35 -14.89 27.84
CA MET B 1 -9.11 -15.09 29.07
C MET B 1 -10.52 -14.50 28.96
N PHE B 2 -11.52 -15.36 28.79
CA PHE B 2 -12.90 -14.92 28.78
C PHE B 2 -13.64 -15.62 29.91
N ASN B 3 -14.19 -14.83 30.82
CA ASN B 3 -14.82 -15.33 32.03
C ASN B 3 -16.33 -15.30 31.87
N LEU B 4 -16.97 -16.42 32.19
CA LEU B 4 -18.42 -16.50 32.06
C LEU B 4 -18.99 -17.26 33.24
N LYS B 5 -20.26 -16.97 33.52
CA LYS B 5 -21.03 -17.67 34.52
C LYS B 5 -21.81 -18.76 33.81
N VAL B 6 -21.62 -20.01 34.23
CA VAL B 6 -22.30 -21.13 33.58
C VAL B 6 -23.78 -21.17 33.92
N LYS B 7 -24.23 -20.36 34.87
CA LYS B 7 -25.62 -20.39 35.30
C LYS B 7 -26.45 -19.36 34.57
N ASP B 8 -25.99 -18.11 34.55
CA ASP B 8 -26.65 -17.03 33.82
C ASP B 8 -25.96 -16.94 32.46
N LEU B 9 -26.09 -17.99 31.68
CA LEU B 9 -25.32 -18.10 30.44
C LEU B 9 -25.91 -17.23 29.34
N ASN B 10 -27.18 -16.86 29.46
CA ASN B 10 -27.80 -15.92 28.52
C ASN B 10 -27.12 -14.56 28.58
N GLY B 11 -27.26 -13.86 29.72
CA GLY B 11 -26.62 -12.57 29.86
C GLY B 11 -25.12 -12.62 30.00
N SER B 12 -24.57 -13.80 30.31
CA SER B 12 -23.13 -13.93 30.45
C SER B 12 -22.45 -14.12 29.09
N ALA B 13 -22.77 -15.21 28.39
CA ALA B 13 -22.14 -15.51 27.09
C ALA B 13 -23.22 -15.88 26.10
N ARG B 14 -23.84 -14.88 25.48
CA ARG B 14 -24.88 -15.15 24.51
C ARG B 14 -24.30 -15.53 23.15
N GLY B 15 -23.08 -15.10 22.84
CA GLY B 15 -22.51 -15.35 21.54
C GLY B 15 -22.17 -16.80 21.25
N LEU B 16 -22.19 -17.66 22.26
CA LEU B 16 -21.92 -19.08 22.05
C LEU B 16 -23.08 -19.97 22.44
N THR B 17 -24.27 -19.43 22.63
CA THR B 17 -25.36 -20.26 23.10
C THR B 17 -26.29 -20.63 21.94
N GLN B 18 -26.87 -21.82 22.05
CA GLN B 18 -27.66 -22.37 20.98
C GLN B 18 -29.02 -21.72 20.87
N ALA B 19 -29.51 -21.15 21.97
CA ALA B 19 -30.71 -20.32 21.93
C ALA B 19 -30.52 -19.14 21.00
N PHE B 20 -29.36 -18.47 21.10
CA PHE B 20 -29.04 -17.43 20.14
C PHE B 20 -28.78 -17.99 18.76
N ALA B 21 -28.29 -19.22 18.67
CA ALA B 21 -28.01 -19.80 17.35
C ALA B 21 -29.27 -20.09 16.56
N ILE B 22 -30.38 -20.39 17.22
CA ILE B 22 -31.64 -20.61 16.51
C ILE B 22 -32.70 -19.55 16.87
N GLY B 23 -32.27 -18.36 17.25
CA GLY B 23 -33.16 -17.22 17.26
C GLY B 23 -33.92 -16.91 18.53
N GLU B 24 -33.35 -17.19 19.69
CA GLU B 24 -33.99 -16.86 20.97
C GLU B 24 -33.24 -15.71 21.63
N LEU B 25 -33.74 -14.50 21.41
CA LEU B 25 -33.23 -13.36 22.16
C LEU B 25 -33.62 -13.42 23.63
N LYS B 26 -34.75 -14.05 23.94
CA LYS B 26 -35.14 -14.29 25.32
C LYS B 26 -34.43 -15.53 25.84
N ASN B 27 -34.66 -15.85 27.12
CA ASN B 27 -34.07 -17.04 27.71
C ASN B 27 -34.95 -18.27 27.53
N GLN B 28 -36.14 -18.10 26.97
CA GLN B 28 -37.13 -19.16 26.91
C GLN B 28 -36.70 -20.21 25.90
N LEU B 29 -36.18 -21.34 26.38
CA LEU B 29 -35.93 -22.50 25.54
C LEU B 29 -36.18 -23.75 26.36
N SER B 30 -36.82 -24.73 25.74
CA SER B 30 -37.41 -25.85 26.46
C SER B 30 -36.36 -26.86 26.88
N VAL B 31 -36.72 -27.65 27.89
CA VAL B 31 -36.05 -28.90 28.21
C VAL B 31 -36.65 -29.91 27.26
N GLY B 32 -36.06 -31.10 27.18
CA GLY B 32 -36.38 -32.05 26.13
C GLY B 32 -37.75 -32.68 26.21
N ALA B 33 -38.77 -31.90 25.86
CA ALA B 33 -40.16 -32.37 25.88
C ALA B 33 -40.37 -33.52 24.90
N LEU B 34 -40.20 -33.27 23.60
CA LEU B 34 -40.42 -34.28 22.58
C LEU B 34 -39.11 -34.50 21.83
N GLN B 35 -38.70 -35.76 21.71
CA GLN B 35 -37.30 -36.07 21.48
C GLN B 35 -37.12 -37.13 20.41
N LEU B 36 -35.94 -37.13 19.77
CA LEU B 36 -35.60 -38.15 18.78
C LEU B 36 -34.09 -38.33 18.67
N PRO B 37 -33.55 -39.48 19.05
CA PRO B 37 -32.10 -39.63 19.20
C PRO B 37 -31.35 -39.73 17.88
N LEU B 38 -30.09 -39.35 17.92
CA LEU B 38 -29.26 -39.31 16.71
C LEU B 38 -27.81 -39.55 17.10
N GLN B 39 -27.05 -40.10 16.17
CA GLN B 39 -25.64 -40.37 16.39
C GLN B 39 -24.83 -39.82 15.22
N PHE B 40 -24.08 -38.76 15.48
CA PHE B 40 -23.22 -38.13 14.48
C PHE B 40 -21.89 -38.83 14.45
N THR B 41 -21.35 -39.04 13.26
CA THR B 41 -20.06 -39.72 13.16
C THR B 41 -19.10 -39.11 12.17
N ARG B 42 -19.45 -38.06 11.44
CA ARG B 42 -18.55 -37.41 10.49
C ARG B 42 -18.72 -35.91 10.58
N THR B 43 -17.78 -35.19 9.97
CA THR B 43 -17.88 -33.75 9.84
C THR B 43 -17.04 -33.28 8.67
N PHE B 44 -17.48 -32.18 8.05
CA PHE B 44 -16.74 -31.49 6.99
C PHE B 44 -15.86 -30.44 7.66
N SER B 45 -14.61 -30.79 7.90
CA SER B 45 -13.70 -29.78 8.42
C SER B 45 -12.67 -29.42 7.37
N ALA B 46 -12.18 -28.19 7.47
CA ALA B 46 -11.06 -27.80 6.63
C ALA B 46 -9.78 -28.40 7.17
N SER B 47 -8.72 -28.29 6.38
CA SER B 47 -7.43 -28.81 6.80
C SER B 47 -6.75 -27.84 7.76
N MET B 48 -5.48 -28.11 8.02
CA MET B 48 -4.63 -27.19 8.77
C MET B 48 -4.10 -26.16 7.79
N THR B 49 -4.94 -25.16 7.51
CA THR B 49 -4.67 -24.22 6.43
C THR B 49 -4.58 -22.81 6.99
N SER B 50 -3.45 -22.15 6.75
CA SER B 50 -3.20 -20.76 7.09
C SER B 50 -2.92 -19.99 5.80
N GLU B 51 -2.77 -18.68 5.91
CA GLU B 51 -2.65 -17.84 4.73
C GLU B 51 -1.25 -17.92 4.15
N LEU B 52 -1.13 -17.58 2.87
CA LEU B 52 0.13 -17.70 2.15
C LEU B 52 0.12 -16.79 0.94
N LEU B 53 1.25 -16.75 0.25
CA LEU B 53 1.47 -15.90 -0.91
C LEU B 53 1.55 -16.76 -2.16
N TRP B 54 0.90 -16.31 -3.23
CA TRP B 54 0.89 -17.06 -4.48
C TRP B 54 1.03 -16.08 -5.63
N GLU B 55 1.79 -16.48 -6.65
CA GLU B 55 2.11 -15.60 -7.75
C GLU B 55 1.36 -15.99 -9.02
N VAL B 56 0.94 -14.98 -9.78
CA VAL B 56 0.03 -15.16 -10.90
C VAL B 56 0.63 -14.81 -12.24
N GLY B 57 1.79 -14.16 -12.28
CA GLY B 57 2.31 -13.63 -13.54
C GLY B 57 2.89 -14.67 -14.48
N LYS B 58 3.01 -15.91 -14.05
CA LYS B 58 3.67 -16.94 -14.85
C LYS B 58 2.64 -17.64 -15.73
N GLY B 59 3.14 -18.54 -16.58
CA GLY B 59 2.29 -19.24 -17.54
C GLY B 59 1.49 -20.40 -16.98
N ASN B 60 1.46 -20.60 -15.66
CA ASN B 60 0.69 -21.69 -15.10
C ASN B 60 -0.76 -21.27 -14.84
N ILE B 61 -1.65 -22.24 -14.84
CA ILE B 61 -3.02 -22.05 -14.37
C ILE B 61 -3.29 -23.14 -13.34
N ASP B 62 -3.35 -22.74 -12.07
CA ASP B 62 -3.69 -23.67 -11.00
C ASP B 62 -5.15 -23.44 -10.64
N PRO B 63 -6.03 -24.39 -10.97
CA PRO B 63 -7.48 -24.10 -10.91
C PRO B 63 -8.01 -23.94 -9.50
N VAL B 64 -7.48 -24.71 -8.53
CA VAL B 64 -7.95 -24.65 -7.16
C VAL B 64 -7.59 -23.30 -6.53
N MET B 65 -6.48 -22.71 -6.96
CA MET B 65 -6.06 -21.49 -6.29
C MET B 65 -6.50 -20.24 -7.03
N TYR B 66 -6.84 -20.36 -8.33
CA TYR B 66 -7.66 -19.30 -8.92
C TYR B 66 -9.06 -19.29 -8.33
N ALA B 67 -9.59 -20.47 -7.99
CA ALA B 67 -10.85 -20.52 -7.24
C ALA B 67 -10.70 -19.83 -5.88
N ARG B 68 -9.58 -20.07 -5.20
CA ARG B 68 -9.31 -19.44 -3.91
C ARG B 68 -9.15 -17.92 -4.03
N LEU B 69 -8.51 -17.44 -5.10
CA LEU B 69 -8.43 -16.00 -5.33
C LEU B 69 -9.81 -15.42 -5.64
N PHE B 70 -10.70 -16.19 -6.28
CA PHE B 70 -12.08 -15.73 -6.42
C PHE B 70 -12.78 -15.63 -5.08
N PHE B 71 -12.55 -16.59 -4.19
CA PHE B 71 -13.10 -16.52 -2.83
C PHE B 71 -12.68 -15.25 -2.12
N GLN B 72 -11.39 -14.94 -2.18
CA GLN B 72 -10.91 -13.79 -1.44
C GLN B 72 -11.31 -12.47 -2.10
N TYR B 73 -11.39 -12.43 -3.43
CA TYR B 73 -11.79 -11.20 -4.08
C TYR B 73 -13.28 -10.94 -3.91
N ALA B 74 -14.09 -11.98 -3.85
CA ALA B 74 -15.53 -11.78 -3.70
C ALA B 74 -15.89 -11.49 -2.26
N GLN B 75 -15.40 -12.30 -1.33
CA GLN B 75 -15.72 -12.12 0.08
C GLN B 75 -14.89 -11.01 0.71
N ALA B 76 -13.58 -11.20 0.75
CA ALA B 76 -12.73 -10.27 1.48
C ALA B 76 -12.44 -8.99 0.71
N GLY B 77 -12.95 -8.84 -0.49
CA GLY B 77 -12.82 -7.60 -1.21
C GLY B 77 -14.01 -6.67 -1.12
N GLY B 78 -15.06 -7.09 -0.41
CA GLY B 78 -16.26 -6.29 -0.32
C GLY B 78 -17.21 -6.46 -1.49
N ALA B 79 -16.99 -7.45 -2.35
CA ALA B 79 -17.87 -7.69 -3.48
C ALA B 79 -19.11 -8.46 -3.04
N LEU B 80 -19.93 -8.88 -4.01
CA LEU B 80 -21.24 -9.43 -3.70
C LEU B 80 -21.16 -10.85 -3.15
N SER B 81 -20.69 -11.79 -3.97
CA SER B 81 -20.62 -13.20 -3.63
C SER B 81 -19.82 -13.89 -4.71
N VAL B 82 -19.25 -15.06 -4.36
CA VAL B 82 -18.53 -15.80 -5.39
C VAL B 82 -19.51 -16.43 -6.38
N ASP B 83 -20.79 -16.58 -6.00
CA ASP B 83 -21.80 -17.02 -6.95
C ASP B 83 -21.99 -16.00 -8.08
N GLU B 84 -22.16 -14.73 -7.72
CA GLU B 84 -22.27 -13.67 -8.72
C GLU B 84 -20.95 -13.48 -9.47
N LEU B 85 -19.83 -13.73 -8.79
CA LEU B 85 -18.53 -13.57 -9.42
C LEU B 85 -18.33 -14.62 -10.52
N VAL B 86 -18.67 -15.87 -10.23
CA VAL B 86 -18.57 -16.92 -11.24
C VAL B 86 -19.60 -16.71 -12.34
N ASN B 87 -20.76 -16.10 -12.04
CA ASN B 87 -21.73 -15.82 -13.09
C ASN B 87 -21.21 -14.77 -14.08
N GLN B 88 -20.61 -13.70 -13.57
CA GLN B 88 -20.04 -12.70 -14.47
C GLN B 88 -18.81 -13.23 -15.20
N PHE B 89 -18.08 -14.15 -14.59
CA PHE B 89 -16.95 -14.76 -15.30
C PHE B 89 -17.41 -15.66 -16.43
N THR B 90 -18.52 -16.37 -16.24
CA THR B 90 -19.07 -17.15 -17.35
C THR B 90 -19.56 -16.26 -18.47
N GLU B 91 -20.14 -15.09 -18.14
CA GLU B 91 -20.56 -14.16 -19.19
C GLU B 91 -19.34 -13.62 -19.96
N TYR B 92 -18.29 -13.24 -19.24
CA TYR B 92 -17.04 -12.78 -19.86
C TYR B 92 -16.41 -13.83 -20.76
N HIS B 93 -16.28 -15.06 -20.25
CA HIS B 93 -15.66 -16.12 -21.02
C HIS B 93 -16.50 -16.49 -22.23
N GLN B 94 -17.82 -16.39 -22.13
CA GLN B 94 -18.67 -16.61 -23.30
C GLN B 94 -18.44 -15.53 -24.36
N SER B 95 -18.35 -14.28 -23.93
CA SER B 95 -18.12 -13.20 -24.88
C SER B 95 -16.75 -13.26 -25.55
N THR B 96 -15.71 -13.74 -24.87
CA THR B 96 -14.43 -13.85 -25.55
C THR B 96 -14.23 -15.17 -26.27
N ALA B 97 -15.03 -16.20 -25.98
CA ALA B 97 -14.83 -17.48 -26.65
C ALA B 97 -15.74 -17.61 -27.87
N CYS B 98 -16.88 -16.96 -27.86
CA CYS B 98 -17.78 -16.95 -29.01
C CYS B 98 -17.56 -15.73 -29.90
N ASN B 99 -16.33 -15.25 -29.99
CA ASN B 99 -15.99 -14.08 -30.78
C ASN B 99 -14.70 -14.37 -31.52
N PRO B 100 -14.72 -14.53 -32.85
CA PRO B 100 -13.51 -14.90 -33.57
C PRO B 100 -12.56 -13.75 -33.85
N GLU B 101 -13.00 -12.50 -33.68
CA GLU B 101 -12.16 -11.37 -34.04
C GLU B 101 -11.06 -11.15 -33.01
N ILE B 102 -11.37 -11.38 -31.74
CA ILE B 102 -10.40 -11.18 -30.67
C ILE B 102 -9.24 -12.14 -30.79
N TRP B 103 -9.50 -13.40 -31.10
CA TRP B 103 -8.40 -14.35 -31.19
C TRP B 103 -7.62 -14.24 -32.48
N ARG B 104 -7.99 -13.33 -33.37
CA ARG B 104 -7.17 -12.95 -34.50
C ARG B 104 -6.39 -11.68 -34.25
N LYS B 105 -7.02 -10.69 -33.61
CA LYS B 105 -6.35 -9.41 -33.36
C LYS B 105 -5.18 -9.55 -32.41
N LEU B 106 -5.38 -10.25 -31.30
CA LEU B 106 -4.25 -10.42 -30.39
C LEU B 106 -3.40 -11.64 -30.72
N THR B 107 -3.53 -12.21 -31.91
CA THR B 107 -2.42 -13.01 -32.44
C THR B 107 -1.65 -12.27 -33.52
N ALA B 108 -2.35 -11.39 -34.25
CA ALA B 108 -1.67 -10.43 -35.10
C ALA B 108 -0.72 -9.55 -34.31
N TYR B 109 -1.12 -9.14 -33.11
CA TYR B 109 -0.22 -8.34 -32.29
C TYR B 109 0.98 -9.14 -31.81
N ILE B 110 0.77 -10.33 -31.27
CA ILE B 110 1.87 -11.03 -30.64
C ILE B 110 2.64 -11.93 -31.59
N THR B 111 2.30 -11.93 -32.88
CA THR B 111 3.13 -12.54 -33.89
C THR B 111 3.73 -11.53 -34.86
N GLY B 112 3.06 -10.40 -35.07
CA GLY B 112 3.57 -9.34 -35.89
C GLY B 112 3.13 -9.36 -37.33
N SER B 113 2.40 -10.40 -37.74
CA SER B 113 2.01 -10.59 -39.13
C SER B 113 0.52 -10.91 -39.20
N SER B 114 -0.20 -10.16 -40.02
CA SER B 114 -1.64 -10.39 -40.17
C SER B 114 -1.94 -11.51 -41.17
N ASN B 115 -1.33 -11.44 -42.36
CA ASN B 115 -1.70 -12.33 -43.46
C ASN B 115 -0.65 -13.38 -43.78
N ARG B 116 0.62 -13.12 -43.58
CA ARG B 116 1.65 -13.98 -44.13
C ARG B 116 2.28 -14.83 -43.03
N ALA B 117 2.76 -16.01 -43.43
CA ALA B 117 3.32 -16.96 -42.48
C ALA B 117 4.63 -16.46 -41.90
N ILE B 118 5.00 -17.02 -40.75
CA ILE B 118 6.24 -16.66 -40.10
C ILE B 118 7.20 -17.84 -40.22
N LYS B 119 8.47 -17.52 -40.42
CA LYS B 119 9.49 -18.55 -40.54
C LYS B 119 9.92 -19.01 -39.16
N ALA B 120 10.58 -20.17 -39.10
CA ALA B 120 10.92 -20.77 -37.81
C ALA B 120 12.08 -20.05 -37.14
N ASP B 121 12.86 -19.28 -37.90
CA ASP B 121 14.01 -18.61 -37.33
C ASP B 121 13.71 -17.18 -36.90
N ALA B 122 12.77 -16.51 -37.57
CA ALA B 122 12.47 -15.11 -37.28
C ALA B 122 11.37 -15.02 -36.22
N VAL B 123 11.67 -15.59 -35.06
CA VAL B 123 10.75 -15.69 -33.94
C VAL B 123 11.25 -14.77 -32.84
N GLY B 124 10.45 -13.75 -32.51
CA GLY B 124 10.80 -12.80 -31.47
C GLY B 124 10.06 -13.09 -30.17
N LYS B 125 10.12 -12.13 -29.26
CA LYS B 125 9.64 -12.30 -27.90
C LYS B 125 8.84 -11.07 -27.48
N VAL B 126 7.65 -11.29 -26.93
CA VAL B 126 6.84 -10.20 -26.38
C VAL B 126 6.48 -10.55 -24.94
N PRO B 127 6.74 -9.66 -23.98
CA PRO B 127 6.46 -9.98 -22.57
C PRO B 127 4.96 -10.00 -22.30
N PRO B 128 4.52 -10.76 -21.29
CA PRO B 128 3.08 -10.89 -21.04
C PRO B 128 2.41 -9.64 -20.50
N THR B 129 3.19 -8.69 -19.97
CA THR B 129 2.60 -7.42 -19.57
C THR B 129 2.03 -6.66 -20.77
N ALA B 130 2.68 -6.76 -21.92
CA ALA B 130 2.20 -6.06 -23.11
C ALA B 130 0.91 -6.68 -23.64
N ILE B 131 0.83 -8.00 -23.61
CA ILE B 131 -0.36 -8.66 -24.13
C ILE B 131 -1.52 -8.45 -23.16
N LEU B 132 -1.21 -8.30 -21.86
CA LEU B 132 -2.25 -7.95 -20.90
C LEU B 132 -2.76 -6.53 -21.14
N GLU B 133 -1.85 -5.60 -21.45
CA GLU B 133 -2.24 -4.21 -21.64
C GLU B 133 -3.05 -4.01 -22.89
N GLN B 134 -2.87 -4.85 -23.91
CA GLN B 134 -3.79 -4.74 -25.04
C GLN B 134 -5.01 -5.62 -24.93
N LEU B 135 -4.98 -6.67 -24.10
CA LEU B 135 -6.18 -7.44 -23.85
C LEU B 135 -7.18 -6.63 -23.06
N ARG B 136 -6.68 -5.74 -22.19
CA ARG B 136 -7.55 -4.79 -21.47
C ARG B 136 -8.31 -3.88 -22.43
N THR B 137 -7.72 -3.55 -23.56
CA THR B 137 -8.41 -2.70 -24.53
C THR B 137 -9.32 -3.50 -25.45
N LEU B 138 -8.88 -4.66 -25.93
CA LEU B 138 -9.69 -5.43 -26.86
C LEU B 138 -10.90 -6.07 -26.20
N ALA B 139 -10.70 -6.76 -25.08
CA ALA B 139 -11.79 -7.44 -24.39
C ALA B 139 -12.00 -6.83 -23.03
N PRO B 140 -12.76 -5.74 -22.92
CA PRO B 140 -12.80 -4.98 -21.67
C PRO B 140 -13.62 -5.68 -20.60
N SER B 141 -13.17 -5.51 -19.36
CA SER B 141 -13.92 -5.90 -18.18
C SER B 141 -13.54 -4.95 -17.06
N GLU B 142 -14.14 -5.17 -15.90
CA GLU B 142 -13.87 -4.35 -14.74
C GLU B 142 -13.15 -5.12 -13.64
N HIS B 143 -12.77 -6.36 -13.89
CA HIS B 143 -12.14 -7.20 -12.89
C HIS B 143 -10.82 -7.67 -13.48
N GLU B 144 -9.71 -7.29 -12.84
CA GLU B 144 -8.37 -7.63 -13.33
C GLU B 144 -8.12 -9.13 -13.33
N LEU B 145 -8.83 -9.86 -12.48
CA LEU B 145 -8.60 -11.28 -12.30
C LEU B 145 -9.15 -12.11 -13.45
N PHE B 146 -9.86 -11.47 -14.39
CA PHE B 146 -10.25 -12.14 -15.62
C PHE B 146 -9.18 -11.95 -16.68
N HIS B 147 -8.56 -10.77 -16.68
CA HIS B 147 -7.52 -10.49 -17.64
C HIS B 147 -6.27 -11.29 -17.34
N HIS B 148 -6.01 -11.53 -16.06
CA HIS B 148 -4.91 -12.43 -15.69
C HIS B 148 -5.17 -13.86 -16.15
N ILE B 149 -6.39 -14.32 -16.00
CA ILE B 149 -6.69 -15.72 -16.32
C ILE B 149 -6.79 -15.92 -17.83
N THR B 150 -7.01 -14.85 -18.60
CA THR B 150 -6.92 -14.98 -20.05
C THR B 150 -5.46 -14.91 -20.50
N THR B 151 -4.70 -13.99 -19.91
CA THR B 151 -3.29 -13.79 -20.23
C THR B 151 -2.48 -15.06 -20.03
N ASP B 152 -2.60 -15.68 -18.87
CA ASP B 152 -1.72 -16.85 -18.72
C ASP B 152 -2.27 -18.10 -19.40
N PHE B 153 -3.54 -18.12 -19.79
CA PHE B 153 -4.03 -19.12 -20.73
C PHE B 153 -3.31 -19.01 -22.08
N VAL B 154 -3.24 -17.80 -22.64
CA VAL B 154 -2.61 -17.70 -23.95
C VAL B 154 -1.09 -17.85 -23.83
N CYS B 155 -0.50 -17.46 -22.68
CA CYS B 155 0.92 -17.68 -22.48
C CYS B 155 1.22 -19.16 -22.29
N HIS B 156 0.29 -19.91 -21.70
CA HIS B 156 0.46 -21.35 -21.59
C HIS B 156 0.43 -22.01 -22.96
N VAL B 157 -0.48 -21.59 -23.83
CA VAL B 157 -0.58 -22.26 -25.12
C VAL B 157 0.48 -21.76 -26.12
N LEU B 158 1.14 -20.63 -25.86
CA LEU B 158 2.22 -20.17 -26.74
C LEU B 158 3.62 -20.36 -26.19
N SER B 159 3.77 -20.75 -24.92
CA SER B 159 5.10 -20.88 -24.34
C SER B 159 6.02 -21.94 -24.97
N PRO B 160 5.55 -23.12 -25.45
CA PRO B 160 6.48 -23.96 -26.23
C PRO B 160 6.86 -23.38 -27.58
N LEU B 161 6.03 -22.51 -28.15
CA LEU B 161 6.34 -21.92 -29.44
C LEU B 161 7.39 -20.83 -29.37
N GLY B 162 7.61 -20.25 -28.20
CA GLY B 162 8.68 -19.28 -28.05
C GLY B 162 8.32 -17.86 -28.45
N PHE B 163 7.06 -17.47 -28.28
CA PHE B 163 6.64 -16.13 -28.65
C PHE B 163 6.58 -15.17 -27.47
N ILE B 164 6.94 -15.61 -26.27
CA ILE B 164 6.75 -14.83 -25.05
C ILE B 164 8.02 -14.83 -24.20
N LEU B 165 8.25 -13.71 -23.51
CA LEU B 165 9.37 -13.63 -22.57
C LEU B 165 9.00 -14.21 -21.21
N PRO B 166 9.90 -14.96 -20.61
CA PRO B 166 9.61 -15.57 -19.32
C PRO B 166 9.98 -14.70 -18.13
N ASP B 167 10.16 -13.39 -18.34
CA ASP B 167 10.84 -12.57 -17.36
C ASP B 167 9.98 -12.18 -16.16
N ALA B 168 8.79 -11.62 -16.37
CA ALA B 168 8.10 -10.92 -15.29
C ALA B 168 7.40 -11.91 -14.35
N ALA B 169 7.25 -11.51 -13.08
CA ALA B 169 6.47 -12.25 -12.10
C ALA B 169 5.75 -11.26 -11.21
N TYR B 170 4.78 -11.77 -10.43
CA TYR B 170 3.76 -10.91 -9.83
C TYR B 170 2.95 -11.67 -8.79
N VAL B 171 2.81 -11.18 -7.55
CA VAL B 171 2.35 -12.03 -6.45
C VAL B 171 1.28 -11.33 -5.59
N TYR B 172 0.24 -12.10 -5.22
CA TYR B 172 -0.83 -11.72 -4.31
C TYR B 172 -0.77 -12.58 -3.06
N ARG B 173 -1.53 -12.21 -2.03
CA ARG B 173 -1.70 -13.07 -0.86
C ARG B 173 -3.04 -13.76 -0.95
N VAL B 174 -3.12 -14.97 -0.40
CA VAL B 174 -4.41 -15.62 -0.23
C VAL B 174 -4.70 -15.61 1.26
N GLY B 175 -5.96 -15.81 1.63
CA GLY B 175 -6.39 -15.52 2.98
C GLY B 175 -6.56 -16.73 3.85
N ARG B 176 -7.26 -16.51 4.95
CA ARG B 176 -7.47 -17.50 5.99
C ARG B 176 -8.81 -18.20 5.77
N THR B 177 -8.77 -19.52 5.68
CA THR B 177 -9.96 -20.30 5.39
C THR B 177 -10.59 -20.75 6.71
N ALA B 178 -11.91 -20.62 6.82
CA ALA B 178 -12.61 -21.10 7.99
C ALA B 178 -12.61 -22.62 8.03
N THR B 179 -12.79 -23.17 9.21
CA THR B 179 -12.77 -24.62 9.34
C THR B 179 -14.13 -25.24 9.17
N TYR B 180 -15.18 -24.56 9.62
CA TYR B 180 -16.49 -25.15 9.72
C TYR B 180 -17.46 -24.45 8.78
N PRO B 181 -18.15 -25.19 7.92
CA PRO B 181 -18.87 -24.59 6.78
C PRO B 181 -20.20 -23.97 7.17
N ASN B 182 -20.37 -22.71 6.79
CA ASN B 182 -21.66 -22.03 6.82
C ASN B 182 -22.50 -22.52 5.65
N PHE B 183 -23.79 -22.15 5.67
CA PHE B 183 -24.65 -22.36 4.51
C PHE B 183 -24.07 -21.71 3.26
N TYR B 184 -23.66 -20.44 3.38
CA TYR B 184 -23.08 -19.72 2.26
C TYR B 184 -21.77 -20.34 1.82
N ALA B 185 -20.99 -20.87 2.75
CA ALA B 185 -19.78 -21.57 2.35
C ALA B 185 -20.08 -22.86 1.60
N LEU B 186 -21.20 -23.51 1.90
CA LEU B 186 -21.57 -24.71 1.14
C LEU B 186 -22.00 -24.36 -0.28
N VAL B 187 -22.77 -23.27 -0.41
CA VAL B 187 -23.12 -22.72 -1.72
C VAL B 187 -21.87 -22.41 -2.53
N ASP B 188 -20.88 -21.79 -1.88
CA ASP B 188 -19.66 -21.42 -2.57
C ASP B 188 -18.80 -22.62 -2.92
N CYS B 189 -18.84 -23.68 -2.10
CA CYS B 189 -18.11 -24.87 -2.45
C CYS B 189 -18.78 -25.65 -3.57
N VAL B 190 -20.07 -25.39 -3.82
CA VAL B 190 -20.71 -25.98 -5.00
C VAL B 190 -20.37 -25.16 -6.26
N ARG B 191 -20.33 -23.82 -6.15
CA ARG B 191 -19.93 -23.02 -7.33
C ARG B 191 -18.46 -23.16 -7.68
N ALA B 192 -17.60 -23.36 -6.68
CA ALA B 192 -16.16 -23.47 -6.93
C ALA B 192 -15.81 -24.74 -7.66
N SER B 193 -16.61 -25.80 -7.49
CA SER B 193 -16.37 -27.03 -8.25
C SER B 193 -16.68 -26.84 -9.73
N ASP B 194 -17.74 -26.07 -10.03
CA ASP B 194 -18.07 -25.80 -11.42
C ASP B 194 -17.05 -24.88 -12.07
N LEU B 195 -16.53 -23.91 -11.32
CA LEU B 195 -15.41 -23.11 -11.81
C LEU B 195 -14.15 -23.94 -12.00
N ARG B 196 -13.93 -24.95 -11.16
CA ARG B 196 -12.75 -25.79 -11.32
C ARG B 196 -12.89 -26.68 -12.55
N ARG B 197 -14.11 -27.12 -12.84
CA ARG B 197 -14.37 -27.85 -14.08
C ARG B 197 -14.22 -26.96 -15.31
N MET B 198 -14.58 -25.68 -15.19
CA MET B 198 -14.26 -24.69 -16.21
C MET B 198 -12.76 -24.62 -16.47
N LEU B 199 -11.98 -24.40 -15.41
CA LEU B 199 -10.59 -24.04 -15.58
C LEU B 199 -9.69 -25.22 -15.90
N THR B 200 -10.05 -26.43 -15.48
CA THR B 200 -9.20 -27.57 -15.80
C THR B 200 -9.31 -28.01 -17.25
N ALA B 201 -10.25 -27.46 -18.02
CA ALA B 201 -10.25 -27.69 -19.46
C ALA B 201 -9.31 -26.71 -20.16
N LEU B 202 -9.18 -25.50 -19.62
CA LEU B 202 -8.17 -24.58 -20.12
C LEU B 202 -6.78 -25.03 -19.76
N SER B 203 -6.62 -25.71 -18.63
CA SER B 203 -5.28 -26.11 -18.19
C SER B 203 -4.71 -27.26 -19.00
N SER B 204 -5.49 -27.90 -19.86
CA SER B 204 -5.06 -29.08 -20.57
C SER B 204 -4.76 -28.83 -22.04
N VAL B 205 -4.64 -27.58 -22.46
CA VAL B 205 -4.42 -27.28 -23.87
C VAL B 205 -2.92 -27.34 -24.15
N ASP B 206 -2.53 -28.13 -25.14
CA ASP B 206 -1.14 -28.50 -25.30
C ASP B 206 -0.42 -27.84 -26.47
N SER B 207 -1.10 -27.65 -27.62
CA SER B 207 -0.53 -27.17 -28.88
C SER B 207 0.63 -28.05 -29.36
N LYS B 208 0.55 -29.35 -29.05
CA LYS B 208 1.57 -30.29 -29.51
C LYS B 208 1.51 -30.49 -31.02
N MET B 209 0.30 -30.54 -31.57
CA MET B 209 0.14 -30.71 -33.02
C MET B 209 0.61 -29.47 -33.76
N LEU B 210 0.35 -28.29 -33.17
CA LEU B 210 0.78 -27.03 -33.78
C LEU B 210 2.30 -26.91 -33.74
N GLN B 211 2.92 -27.31 -32.64
CA GLN B 211 4.38 -27.32 -32.55
C GLN B 211 4.98 -28.35 -33.49
N ALA B 212 4.31 -29.50 -33.66
CA ALA B 212 4.82 -30.55 -34.53
C ALA B 212 4.78 -30.14 -35.99
N THR B 213 3.68 -29.53 -36.44
CA THR B 213 3.65 -29.05 -37.82
C THR B 213 4.52 -27.82 -38.02
N PHE B 214 4.76 -27.03 -36.97
CA PHE B 214 5.74 -25.94 -37.03
C PHE B 214 7.13 -26.48 -37.30
N LYS B 215 7.55 -27.50 -36.55
CA LYS B 215 8.86 -28.09 -36.73
C LYS B 215 8.97 -28.85 -38.05
N ALA B 216 7.90 -29.51 -38.48
CA ALA B 216 7.97 -30.33 -39.68
C ALA B 216 7.96 -29.48 -40.95
N LYS B 217 7.13 -28.43 -40.98
CA LYS B 217 7.05 -27.63 -42.20
C LYS B 217 8.07 -26.49 -42.20
N GLY B 218 8.26 -25.81 -41.07
CA GLY B 218 9.13 -24.66 -40.97
C GLY B 218 8.38 -23.36 -40.84
N ALA B 219 7.09 -23.35 -41.14
CA ALA B 219 6.28 -22.16 -41.09
C ALA B 219 4.86 -22.51 -40.69
N LEU B 220 4.11 -21.48 -40.30
CA LEU B 220 2.68 -21.60 -40.05
C LEU B 220 2.01 -20.25 -40.21
N ALA B 221 0.77 -20.30 -40.69
CA ALA B 221 -0.02 -19.11 -40.86
C ALA B 221 -0.60 -18.70 -39.51
N PRO B 222 -0.89 -17.40 -39.32
CA PRO B 222 -1.56 -16.99 -38.06
C PRO B 222 -2.98 -17.51 -37.92
N ALA B 223 -3.62 -17.98 -38.99
CA ALA B 223 -4.97 -18.52 -38.90
C ALA B 223 -5.00 -19.86 -38.19
N LEU B 224 -3.92 -20.64 -38.23
CA LEU B 224 -3.86 -21.87 -37.47
C LEU B 224 -3.81 -21.60 -35.97
N ILE B 225 -3.05 -20.57 -35.57
CA ILE B 225 -3.01 -20.18 -34.16
C ILE B 225 -4.37 -19.64 -33.73
N SER B 226 -4.98 -18.82 -34.58
CA SER B 226 -6.27 -18.23 -34.22
C SER B 226 -7.39 -19.26 -34.18
N GLN B 227 -7.28 -20.35 -34.94
CA GLN B 227 -8.21 -21.45 -34.76
C GLN B 227 -7.90 -22.29 -33.54
N HIS B 228 -6.62 -22.54 -33.28
CA HIS B 228 -6.27 -23.47 -32.22
C HIS B 228 -6.46 -22.89 -30.84
N LEU B 229 -6.50 -21.56 -30.74
CA LEU B 229 -6.90 -20.98 -29.47
C LEU B 229 -8.42 -20.89 -29.31
N ALA B 230 -9.11 -20.46 -30.35
CA ALA B 230 -10.56 -20.29 -30.26
C ALA B 230 -11.32 -21.60 -30.31
N ASN B 231 -10.64 -22.72 -30.57
CA ASN B 231 -11.27 -24.02 -30.35
C ASN B 231 -11.21 -24.40 -28.88
N ALA B 232 -10.08 -24.17 -28.24
CA ALA B 232 -9.91 -24.56 -26.84
C ALA B 232 -10.73 -23.69 -25.91
N ALA B 233 -10.87 -22.41 -26.26
CA ALA B 233 -11.73 -21.52 -25.49
C ALA B 233 -13.17 -22.00 -25.49
N THR B 234 -13.64 -22.49 -26.64
CA THR B 234 -15.00 -23.01 -26.69
C THR B 234 -15.12 -24.40 -26.08
N THR B 235 -14.04 -25.17 -26.04
CA THR B 235 -14.14 -26.44 -25.31
C THR B 235 -14.26 -26.23 -23.81
N ALA B 236 -13.70 -25.14 -23.28
CA ALA B 236 -13.98 -24.83 -21.88
C ALA B 236 -15.37 -24.22 -21.71
N PHE B 237 -15.79 -23.38 -22.65
CA PHE B 237 -17.15 -22.84 -22.61
C PHE B 237 -18.23 -23.91 -22.71
N GLU B 238 -17.97 -25.03 -23.39
CA GLU B 238 -18.93 -26.13 -23.41
C GLU B 238 -19.01 -26.83 -22.06
N ARG B 239 -17.90 -26.89 -21.32
CA ARG B 239 -17.97 -27.37 -19.94
C ARG B 239 -18.70 -26.39 -19.03
N SER B 240 -18.68 -25.10 -19.38
CA SER B 240 -19.26 -24.09 -18.51
C SER B 240 -20.78 -24.14 -18.46
N ARG B 241 -21.40 -24.77 -19.46
CA ARG B 241 -22.82 -24.56 -19.72
C ARG B 241 -23.64 -25.75 -19.24
N GLY B 242 -24.82 -25.46 -18.71
CA GLY B 242 -25.72 -26.51 -18.24
C GLY B 242 -25.56 -26.90 -16.78
N ASN B 243 -25.68 -25.95 -15.88
CA ASN B 243 -25.44 -26.18 -14.45
C ASN B 243 -26.66 -25.85 -13.61
N PHE B 244 -26.62 -26.33 -12.37
CA PHE B 244 -27.64 -26.16 -11.35
C PHE B 244 -27.36 -24.92 -10.51
N ASP B 245 -28.39 -24.38 -9.87
CA ASP B 245 -28.17 -23.33 -8.89
C ASP B 245 -27.53 -23.94 -7.66
N ALA B 246 -26.41 -23.38 -7.20
CA ALA B 246 -25.82 -23.86 -5.98
C ALA B 246 -26.72 -23.57 -4.78
N ASN B 247 -27.39 -22.41 -4.81
CA ASN B 247 -28.34 -22.06 -3.76
C ASN B 247 -29.49 -23.04 -3.72
N ALA B 248 -30.09 -23.33 -4.88
CA ALA B 248 -31.23 -24.23 -4.93
C ALA B 248 -30.84 -25.68 -4.84
N VAL B 249 -29.55 -26.02 -4.93
CA VAL B 249 -29.15 -27.38 -4.64
C VAL B 249 -28.94 -27.56 -3.14
N VAL B 250 -28.22 -26.62 -2.52
CA VAL B 250 -27.92 -26.76 -1.09
C VAL B 250 -29.17 -26.55 -0.24
N SER B 251 -30.03 -25.60 -0.61
CA SER B 251 -31.25 -25.38 0.15
C SER B 251 -32.23 -26.53 0.02
N SER B 252 -32.14 -27.32 -1.05
CA SER B 252 -33.06 -28.42 -1.21
C SER B 252 -32.52 -29.67 -0.54
N VAL B 253 -31.20 -29.82 -0.50
CA VAL B 253 -30.63 -30.97 0.18
C VAL B 253 -30.55 -30.76 1.68
N LEU B 254 -30.59 -29.52 2.16
CA LEU B 254 -30.66 -29.28 3.60
C LEU B 254 -32.08 -29.31 4.13
N THR B 255 -33.06 -28.97 3.31
CA THR B 255 -34.45 -29.00 3.77
C THR B 255 -34.96 -30.43 3.93
N ILE B 256 -34.56 -31.35 3.04
CA ILE B 256 -35.05 -32.72 3.21
C ILE B 256 -34.31 -33.40 4.35
N LEU B 257 -33.06 -32.99 4.61
CA LEU B 257 -32.40 -33.45 5.83
C LEU B 257 -33.05 -32.88 7.07
N GLY B 258 -33.57 -31.66 7.02
CA GLY B 258 -34.37 -31.16 8.13
C GLY B 258 -35.63 -31.97 8.34
N ARG B 259 -36.33 -32.28 7.27
CA ARG B 259 -37.59 -33.01 7.38
C ARG B 259 -37.41 -34.48 7.73
N LEU B 260 -36.23 -35.06 7.57
CA LEU B 260 -36.01 -36.39 8.13
C LEU B 260 -35.08 -36.39 9.33
N TRP B 261 -34.71 -35.22 9.85
CA TRP B 261 -34.11 -35.11 11.18
C TRP B 261 -35.15 -34.88 12.25
N SER B 262 -36.11 -34.00 11.99
CA SER B 262 -37.02 -33.52 13.02
C SER B 262 -37.95 -34.62 13.51
N PRO B 263 -38.39 -34.56 14.77
CA PRO B 263 -39.35 -35.56 15.26
C PRO B 263 -40.80 -35.20 15.02
N SER B 264 -41.12 -33.97 14.66
CA SER B 264 -42.49 -33.49 14.56
C SER B 264 -42.77 -32.93 13.18
N THR B 265 -42.35 -33.61 12.14
CA THR B 265 -42.73 -33.19 10.81
C THR B 265 -44.17 -33.62 10.53
N PRO B 266 -44.92 -32.86 9.75
CA PRO B 266 -46.24 -33.32 9.31
C PRO B 266 -46.12 -34.54 8.42
N LYS B 267 -47.17 -35.35 8.46
CA LYS B 267 -47.23 -36.56 7.63
C LYS B 267 -47.33 -36.22 6.14
N GLU B 268 -47.93 -35.08 5.81
CA GLU B 268 -48.09 -34.62 4.43
C GLU B 268 -46.74 -34.36 3.77
N LEU B 269 -46.02 -33.36 4.26
CA LEU B 269 -44.69 -33.04 3.77
C LEU B 269 -43.69 -33.88 4.55
N ASP B 270 -43.23 -34.95 3.94
CA ASP B 270 -42.46 -35.99 4.59
C ASP B 270 -41.79 -36.78 3.47
N PRO B 271 -40.47 -36.96 3.48
CA PRO B 271 -39.81 -37.72 2.42
C PRO B 271 -40.25 -39.18 2.38
N SER B 272 -40.60 -39.62 1.18
CA SER B 272 -41.07 -40.98 0.94
C SER B 272 -39.90 -41.95 1.00
N ALA B 273 -40.18 -43.23 0.73
CA ALA B 273 -39.17 -44.24 0.97
C ALA B 273 -38.22 -44.39 -0.21
N ARG B 274 -38.44 -43.66 -1.30
CA ARG B 274 -37.45 -43.70 -2.37
C ARG B 274 -36.28 -42.78 -2.07
N LEU B 275 -36.55 -41.48 -1.84
CA LEU B 275 -35.46 -40.54 -1.67
C LEU B 275 -34.75 -40.75 -0.34
N ARG B 276 -35.48 -41.23 0.66
CA ARG B 276 -34.89 -41.65 1.92
C ARG B 276 -33.90 -42.79 1.72
N ASN B 277 -34.12 -43.64 0.72
CA ASN B 277 -33.19 -44.70 0.41
C ASN B 277 -32.21 -44.30 -0.70
N THR B 278 -32.05 -42.98 -0.92
CA THR B 278 -31.04 -42.49 -1.84
C THR B 278 -29.65 -42.86 -1.32
N ASN B 279 -28.81 -43.36 -2.22
CA ASN B 279 -27.45 -43.75 -1.86
C ASN B 279 -26.63 -42.54 -1.46
N GLY B 280 -26.39 -42.41 -0.14
CA GLY B 280 -25.64 -41.31 0.41
C GLY B 280 -26.36 -40.54 1.50
N ILE B 281 -27.69 -40.62 1.55
CA ILE B 281 -28.46 -39.96 2.61
C ILE B 281 -28.13 -40.57 3.97
N ASP B 282 -27.80 -41.86 4.01
CA ASP B 282 -27.40 -42.47 5.26
C ASP B 282 -26.05 -41.93 5.77
N GLN B 283 -25.26 -41.31 4.89
CA GLN B 283 -24.02 -40.70 5.32
C GLN B 283 -24.18 -39.20 5.58
N LEU B 284 -25.00 -38.52 4.80
CA LEU B 284 -25.28 -37.12 5.05
C LEU B 284 -26.22 -36.91 6.22
N ARG B 285 -26.82 -37.98 6.73
CA ARG B 285 -27.76 -37.88 7.85
C ARG B 285 -27.03 -37.86 9.18
N SER B 286 -25.88 -38.52 9.27
CA SER B 286 -25.09 -38.64 10.48
C SER B 286 -23.90 -37.70 10.45
N ASN B 287 -24.11 -36.48 9.97
CA ASN B 287 -23.04 -35.51 9.75
C ASN B 287 -23.39 -34.24 10.50
N LEU B 288 -22.37 -33.59 11.06
CA LEU B 288 -22.56 -32.57 12.08
C LEU B 288 -22.36 -31.14 11.56
N ALA B 289 -21.39 -30.95 10.67
CA ALA B 289 -21.22 -29.68 9.99
C ALA B 289 -22.46 -29.33 9.18
N LEU B 290 -23.14 -30.34 8.65
CA LEU B 290 -24.42 -30.10 8.00
C LEU B 290 -25.52 -29.74 9.00
N PHE B 291 -25.44 -30.22 10.25
CA PHE B 291 -26.46 -29.81 11.22
C PHE B 291 -26.32 -28.34 11.56
N ILE B 292 -25.11 -27.89 11.85
CA ILE B 292 -24.92 -26.49 12.20
C ILE B 292 -25.12 -25.59 10.99
N ALA B 293 -24.87 -26.10 9.77
CA ALA B 293 -25.21 -25.32 8.58
C ALA B 293 -26.71 -25.24 8.37
N TYR B 294 -27.46 -26.29 8.76
CA TYR B 294 -28.91 -26.24 8.68
C TYR B 294 -29.48 -25.22 9.65
N GLN B 295 -28.94 -25.19 10.88
CA GLN B 295 -29.33 -24.18 11.86
C GLN B 295 -29.07 -22.78 11.34
N ASP B 296 -27.93 -22.56 10.69
CA ASP B 296 -27.63 -21.23 10.18
C ASP B 296 -28.52 -20.88 8.99
N MET B 297 -28.85 -21.86 8.15
CA MET B 297 -29.76 -21.65 7.03
C MET B 297 -31.12 -21.18 7.48
N VAL B 298 -31.74 -21.91 8.41
CA VAL B 298 -33.07 -21.54 8.85
C VAL B 298 -33.02 -20.32 9.77
N LYS B 299 -31.86 -20.01 10.35
CA LYS B 299 -31.68 -18.76 11.09
C LYS B 299 -31.75 -17.57 10.15
N GLN B 300 -30.96 -17.60 9.08
CA GLN B 300 -30.88 -16.49 8.13
C GLN B 300 -32.16 -16.35 7.32
N ARG B 301 -32.54 -17.42 6.63
CA ARG B 301 -33.67 -17.38 5.72
C ARG B 301 -35.01 -17.26 6.44
N GLY B 302 -35.14 -17.94 7.57
CA GLY B 302 -36.39 -18.00 8.31
C GLY B 302 -37.19 -19.23 8.03
N ARG B 303 -37.25 -19.65 6.77
CA ARG B 303 -38.02 -20.81 6.34
C ARG B 303 -37.24 -21.55 5.26
N ALA B 304 -37.93 -22.45 4.56
CA ALA B 304 -37.36 -23.20 3.45
C ALA B 304 -38.48 -23.69 2.54
N GLU B 305 -38.21 -23.70 1.24
CA GLU B 305 -39.16 -24.18 0.25
C GLU B 305 -38.43 -25.04 -0.77
N VAL B 306 -39.12 -26.03 -1.30
CA VAL B 306 -38.56 -26.92 -2.31
C VAL B 306 -38.98 -26.43 -3.69
N ILE B 307 -38.07 -26.58 -4.65
CA ILE B 307 -38.29 -26.19 -6.03
C ILE B 307 -38.25 -27.40 -6.95
N PHE B 308 -37.36 -28.33 -6.68
CA PHE B 308 -37.14 -29.47 -7.54
C PHE B 308 -38.28 -30.47 -7.45
N SER B 309 -38.33 -31.36 -8.43
CA SER B 309 -39.31 -32.44 -8.41
C SER B 309 -38.91 -33.44 -7.34
N ASP B 310 -39.75 -33.58 -6.33
CA ASP B 310 -39.39 -34.26 -5.09
C ASP B 310 -39.36 -35.77 -5.20
N GLU B 311 -39.36 -36.36 -6.39
CA GLU B 311 -39.45 -37.80 -6.45
C GLU B 311 -38.27 -38.42 -7.21
N GLU B 312 -37.88 -37.82 -8.31
CA GLU B 312 -36.85 -38.36 -9.18
C GLU B 312 -35.78 -37.36 -9.51
N LEU B 313 -36.10 -36.07 -9.54
CA LEU B 313 -35.10 -35.04 -9.70
C LEU B 313 -34.24 -34.95 -8.46
N SER B 314 -34.85 -34.73 -7.30
CA SER B 314 -34.12 -34.63 -6.04
C SER B 314 -33.42 -35.91 -5.64
N SER B 315 -33.82 -37.05 -6.16
CA SER B 315 -33.07 -38.29 -5.96
C SER B 315 -31.90 -38.44 -6.93
N THR B 316 -31.64 -37.44 -7.78
CA THR B 316 -30.40 -37.33 -8.53
C THR B 316 -29.80 -35.93 -8.53
N ILE B 317 -30.28 -35.03 -7.68
CA ILE B 317 -29.56 -33.80 -7.33
C ILE B 317 -28.63 -34.07 -6.16
N ILE B 318 -29.04 -34.96 -5.26
CA ILE B 318 -28.23 -35.28 -4.09
C ILE B 318 -26.84 -35.82 -4.41
N PRO B 319 -26.64 -36.78 -5.34
CA PRO B 319 -25.25 -37.21 -5.59
C PRO B 319 -24.41 -36.19 -6.31
N TRP B 320 -25.01 -35.16 -6.90
CA TRP B 320 -24.23 -34.05 -7.43
C TRP B 320 -23.60 -33.24 -6.31
N PHE B 321 -24.37 -32.98 -5.24
CA PHE B 321 -23.84 -32.36 -4.04
C PHE B 321 -22.83 -33.25 -3.33
N ILE B 322 -23.06 -34.56 -3.35
CA ILE B 322 -22.10 -35.49 -2.76
C ILE B 322 -20.78 -35.46 -3.53
N GLU B 323 -20.85 -35.35 -4.86
CA GLU B 323 -19.63 -35.22 -5.65
C GLU B 323 -18.94 -33.88 -5.44
N ALA B 324 -19.72 -32.81 -5.29
CA ALA B 324 -19.14 -31.49 -5.03
C ALA B 324 -18.40 -31.45 -3.71
N MET B 325 -18.92 -32.14 -2.70
CA MET B 325 -18.23 -32.21 -1.42
C MET B 325 -17.04 -33.16 -1.46
N SER B 326 -17.23 -34.37 -2.01
CA SER B 326 -16.21 -35.41 -2.01
C SER B 326 -15.08 -35.15 -2.99
N GLU B 327 -15.24 -34.19 -3.88
CA GLU B 327 -14.12 -33.67 -4.65
C GLU B 327 -13.12 -32.99 -3.71
N VAL B 328 -11.86 -32.88 -4.15
CA VAL B 328 -10.87 -32.08 -3.43
C VAL B 328 -11.37 -30.65 -3.32
N SER B 329 -11.60 -30.24 -2.08
CA SER B 329 -12.33 -29.05 -1.72
C SER B 329 -11.58 -28.50 -0.51
N PRO B 330 -11.92 -27.35 0.05
CA PRO B 330 -11.38 -27.05 1.37
C PRO B 330 -11.90 -27.98 2.45
N PHE B 331 -13.15 -28.43 2.32
CA PHE B 331 -13.87 -29.12 3.36
C PHE B 331 -13.89 -30.62 3.08
N LYS B 332 -13.31 -31.39 3.99
CA LYS B 332 -13.13 -32.82 3.80
C LYS B 332 -13.84 -33.53 4.95
N LEU B 333 -14.37 -34.72 4.69
CA LEU B 333 -15.07 -35.45 5.74
C LEU B 333 -14.09 -36.25 6.57
N ARG B 334 -14.23 -36.11 7.88
CA ARG B 334 -13.34 -36.71 8.87
C ARG B 334 -14.21 -37.24 10.00
N PRO B 335 -13.69 -38.17 10.80
CA PRO B 335 -14.42 -38.56 12.01
C PRO B 335 -14.45 -37.44 13.03
N ILE B 336 -15.47 -37.49 13.89
CA ILE B 336 -15.78 -36.40 14.82
C ILE B 336 -14.76 -36.27 15.94
N ASN B 337 -13.94 -37.29 16.16
CA ASN B 337 -12.95 -37.25 17.23
C ASN B 337 -11.65 -36.59 16.79
N GLU B 338 -11.55 -36.20 15.52
CA GLU B 338 -10.29 -35.75 14.96
C GLU B 338 -10.18 -34.23 14.94
N THR B 339 -11.31 -33.54 14.82
CA THR B 339 -11.28 -32.13 14.45
C THR B 339 -11.02 -31.17 15.61
N THR B 340 -11.19 -31.59 16.86
CA THR B 340 -11.18 -30.67 17.99
C THR B 340 -10.31 -31.24 19.11
N SER B 341 -9.08 -31.61 18.79
CA SER B 341 -8.22 -32.29 19.74
C SER B 341 -7.18 -31.40 20.37
N TYR B 342 -7.18 -30.11 20.07
CA TYR B 342 -6.28 -29.17 20.71
C TYR B 342 -6.90 -28.52 21.94
N ILE B 343 -8.19 -28.71 22.17
CA ILE B 343 -8.86 -28.18 23.35
C ILE B 343 -8.45 -29.00 24.56
N GLY B 344 -8.25 -28.33 25.69
CA GLY B 344 -8.07 -29.00 26.97
C GLY B 344 -9.01 -28.43 28.01
N GLN B 345 -9.14 -29.15 29.13
CA GLN B 345 -10.08 -28.79 30.17
C GLN B 345 -9.53 -29.19 31.53
N THR B 346 -9.73 -28.35 32.55
CA THR B 346 -9.45 -28.73 33.93
C THR B 346 -10.49 -28.04 34.81
N SER B 347 -10.63 -28.49 36.05
CA SER B 347 -11.61 -27.90 36.95
C SER B 347 -11.10 -27.90 38.39
N ALA B 348 -11.74 -27.09 39.23
CA ALA B 348 -11.41 -26.96 40.64
C ALA B 348 -12.53 -27.56 41.48
N ILE B 349 -12.19 -28.55 42.30
CA ILE B 349 -13.14 -29.54 42.79
C ILE B 349 -13.39 -29.32 44.28
N ASP B 350 -14.65 -29.45 44.67
CA ASP B 350 -15.08 -29.39 46.07
C ASP B 350 -14.82 -30.74 46.75
N HIS B 351 -15.18 -30.86 48.03
CA HIS B 351 -15.06 -32.14 48.71
C HIS B 351 -16.16 -33.11 48.27
N MET B 352 -17.31 -32.58 47.84
CA MET B 352 -18.36 -33.43 47.30
C MET B 352 -18.07 -33.85 45.87
N GLY B 353 -17.18 -33.15 45.19
CA GLY B 353 -16.84 -33.49 43.83
C GLY B 353 -17.26 -32.41 42.85
N GLN B 354 -17.92 -31.39 43.34
CA GLN B 354 -18.52 -30.43 42.44
C GLN B 354 -17.52 -29.38 42.00
N PRO B 355 -17.59 -28.95 40.74
CA PRO B 355 -16.65 -27.94 40.27
C PRO B 355 -17.03 -26.56 40.76
N SER B 356 -16.01 -25.75 40.98
CA SER B 356 -16.16 -24.34 41.31
C SER B 356 -15.73 -23.45 40.16
N HIS B 357 -14.58 -23.74 39.57
CA HIS B 357 -14.12 -23.07 38.36
C HIS B 357 -13.69 -24.12 37.36
N VAL B 358 -14.01 -23.88 36.10
CA VAL B 358 -13.64 -24.80 35.02
C VAL B 358 -12.96 -24.00 33.94
N VAL B 359 -11.80 -24.48 33.50
CA VAL B 359 -10.96 -23.78 32.54
C VAL B 359 -10.88 -24.64 31.28
N VAL B 360 -11.11 -23.97 30.14
CA VAL B 360 -11.06 -24.59 28.82
C VAL B 360 -10.07 -23.77 28.00
N TYR B 361 -9.12 -24.44 27.36
CA TYR B 361 -8.03 -23.70 26.74
C TYR B 361 -7.62 -24.34 25.42
N GLU B 362 -6.97 -23.55 24.57
CA GLU B 362 -6.39 -24.10 23.35
C GLU B 362 -4.90 -24.36 23.51
N ASP B 363 -4.44 -25.52 23.05
CA ASP B 363 -3.04 -25.84 23.14
C ASP B 363 -2.29 -25.41 21.89
N TRP B 364 -1.33 -24.51 22.08
CA TRP B 364 -0.65 -23.85 20.99
C TRP B 364 0.81 -24.25 20.94
N GLN B 365 1.43 -23.94 19.81
CA GLN B 365 2.86 -24.09 19.65
C GLN B 365 3.45 -22.73 19.34
N PHE B 366 4.49 -22.36 20.07
CA PHE B 366 5.07 -21.03 19.99
C PHE B 366 5.85 -20.92 18.68
N ALA B 367 5.43 -20.03 17.80
CA ALA B 367 6.21 -19.79 16.60
C ALA B 367 7.36 -18.84 16.90
N LYS B 368 8.54 -19.20 16.41
CA LYS B 368 9.76 -18.56 16.86
C LYS B 368 10.67 -18.17 15.70
N GLU B 369 10.08 -17.73 14.59
CA GLU B 369 10.83 -17.14 13.49
C GLU B 369 10.28 -15.75 13.22
N ILE B 370 11.09 -14.92 12.57
CA ILE B 370 10.77 -13.49 12.42
C ILE B 370 11.54 -12.91 11.25
N THR B 371 10.95 -11.95 10.53
CA THR B 371 11.55 -11.41 9.32
C THR B 371 11.53 -9.89 9.32
N ALA B 372 12.56 -9.31 8.72
CA ALA B 372 12.73 -7.87 8.63
C ALA B 372 12.96 -7.50 7.18
N PHE B 373 12.13 -6.61 6.64
CA PHE B 373 12.26 -6.24 5.25
C PHE B 373 12.33 -4.72 5.15
N THR B 374 12.52 -4.25 3.92
CA THR B 374 12.49 -2.83 3.60
C THR B 374 11.66 -2.63 2.33
N PRO B 375 10.76 -1.67 2.30
CA PRO B 375 9.95 -1.44 1.09
C PRO B 375 10.62 -0.50 0.09
N VAL B 376 10.63 -0.93 -1.17
CA VAL B 376 11.31 -0.21 -2.26
C VAL B 376 10.29 0.07 -3.35
N LYS B 377 10.04 1.35 -3.62
CA LYS B 377 9.06 1.73 -4.64
C LYS B 377 9.56 1.38 -6.04
N LEU B 378 8.62 1.44 -7.00
CA LEU B 378 8.94 1.36 -8.42
C LEU B 378 8.85 2.72 -9.10
N ALA B 379 7.72 3.40 -8.93
CA ALA B 379 7.53 4.74 -9.46
C ALA B 379 6.57 5.49 -8.55
N ASN B 380 6.67 6.81 -8.57
CA ASN B 380 5.86 7.63 -7.70
C ASN B 380 4.41 7.61 -8.15
N ASN B 381 3.51 7.69 -7.16
CA ASN B 381 2.05 7.52 -7.32
C ASN B 381 1.73 6.18 -8.00
N SER B 382 2.41 5.12 -7.57
CA SER B 382 2.14 3.78 -8.03
C SER B 382 2.52 2.83 -6.90
N ASN B 383 1.55 2.05 -6.43
CA ASN B 383 1.74 1.18 -5.27
C ASN B 383 2.21 -0.21 -5.64
N GLN B 384 2.97 -0.32 -6.73
CA GLN B 384 3.46 -1.59 -7.26
C GLN B 384 4.68 -2.12 -6.54
N ARG B 385 5.05 -1.53 -5.40
CA ARG B 385 6.38 -1.65 -4.80
C ARG B 385 6.69 -3.06 -4.38
N PHE B 386 7.99 -3.36 -4.27
CA PHE B 386 8.44 -4.65 -3.79
C PHE B 386 9.52 -4.44 -2.73
N LEU B 387 9.77 -5.49 -1.97
CA LEU B 387 10.32 -5.34 -0.63
C LEU B 387 11.35 -6.42 -0.36
N ASP B 388 12.47 -5.99 0.22
CA ASP B 388 13.69 -6.78 0.31
C ASP B 388 13.90 -7.25 1.73
N VAL B 389 14.11 -8.55 1.90
CA VAL B 389 14.36 -9.12 3.22
C VAL B 389 15.81 -8.82 3.59
N GLU B 390 16.08 -8.77 4.90
CA GLU B 390 17.42 -8.46 5.41
C GLU B 390 17.86 -9.52 6.39
N PRO B 391 18.70 -10.47 6.01
CA PRO B 391 19.33 -11.33 7.01
C PRO B 391 20.38 -10.54 7.78
N GLY B 392 20.71 -11.05 8.97
CA GLY B 392 21.55 -10.32 9.88
C GLY B 392 20.82 -9.40 10.82
N ILE B 393 19.53 -9.16 10.57
CA ILE B 393 18.63 -8.60 11.57
C ILE B 393 17.56 -9.61 11.96
N SER B 394 16.95 -10.25 10.97
CA SER B 394 15.96 -11.29 11.22
C SER B 394 16.62 -12.49 11.89
N ASP B 395 17.89 -12.73 11.59
CA ASP B 395 18.62 -13.82 12.22
C ASP B 395 18.88 -13.53 13.69
N ARG B 396 19.22 -12.27 14.02
CA ARG B 396 19.39 -11.87 15.41
C ARG B 396 18.11 -12.03 16.20
N MET B 397 17.00 -11.54 15.65
CA MET B 397 15.76 -11.60 16.40
C MET B 397 15.19 -13.00 16.47
N SER B 398 15.46 -13.83 15.46
CA SER B 398 15.10 -15.24 15.53
C SER B 398 15.91 -15.96 16.60
N ALA B 399 17.20 -15.63 16.71
CA ALA B 399 18.04 -16.27 17.71
C ALA B 399 17.74 -15.75 19.11
N THR B 400 17.08 -14.61 19.21
CA THR B 400 16.63 -14.13 20.52
C THR B 400 15.30 -14.74 20.90
N LEU B 401 14.39 -14.88 19.92
CA LEU B 401 13.06 -15.40 20.20
C LEU B 401 13.05 -16.92 20.37
N ALA B 402 14.07 -17.62 19.86
CA ALA B 402 14.11 -19.08 20.03
C ALA B 402 14.30 -19.57 21.46
N PRO B 403 15.09 -18.93 22.35
CA PRO B 403 15.02 -19.35 23.76
C PRO B 403 13.74 -18.94 24.48
N ILE B 404 13.06 -17.88 24.05
CA ILE B 404 11.84 -17.45 24.76
C ILE B 404 10.70 -18.40 24.47
N GLY B 405 10.77 -19.15 23.37
CA GLY B 405 9.74 -20.12 23.11
C GLY B 405 9.88 -21.39 23.92
N ASN B 406 11.02 -21.59 24.56
CA ASN B 406 11.24 -22.77 25.37
C ASN B 406 10.86 -22.57 26.82
N THR B 407 10.24 -21.44 27.15
CA THR B 407 9.83 -21.16 28.52
C THR B 407 8.38 -20.71 28.64
N PHE B 408 7.64 -20.63 27.53
CA PHE B 408 6.28 -20.12 27.53
C PHE B 408 5.24 -21.13 27.03
N ALA B 409 5.26 -22.34 27.58
CA ALA B 409 4.26 -23.34 27.21
C ALA B 409 2.87 -22.93 27.69
N VAL B 410 1.85 -23.54 27.08
CA VAL B 410 0.47 -23.19 27.38
C VAL B 410 -0.13 -24.12 28.44
N SER B 411 0.38 -25.35 28.54
CA SER B 411 -0.08 -26.25 29.59
C SER B 411 0.37 -25.76 30.96
N ALA B 412 1.54 -25.13 31.02
CA ALA B 412 2.11 -24.60 32.26
C ALA B 412 1.50 -23.29 32.67
N PHE B 413 0.41 -22.85 32.07
CA PHE B 413 -0.37 -21.70 32.53
C PHE B 413 -1.64 -22.13 33.25
N VAL B 414 -2.39 -23.06 32.64
CA VAL B 414 -3.52 -23.68 33.32
C VAL B 414 -3.06 -24.52 34.50
N LYS B 415 -1.85 -25.07 34.41
CA LYS B 415 -1.27 -25.82 35.51
C LYS B 415 -0.93 -24.92 36.69
N ASN B 416 -0.89 -23.61 36.48
CA ASN B 416 -0.63 -22.67 37.54
C ASN B 416 -1.93 -22.07 38.07
N ARG B 417 -2.91 -21.88 37.17
CA ARG B 417 -4.28 -21.58 37.57
C ARG B 417 -4.82 -22.61 38.55
N THR B 418 -4.61 -23.89 38.28
CA THR B 418 -5.14 -24.93 39.15
C THR B 418 -4.48 -24.93 40.52
N ALA B 419 -3.17 -24.66 40.58
CA ALA B 419 -2.48 -24.56 41.86
C ALA B 419 -2.95 -23.38 42.69
N VAL B 420 -3.25 -22.26 42.02
CA VAL B 420 -3.89 -21.12 42.70
C VAL B 420 -5.23 -21.53 43.29
N TYR B 421 -6.09 -22.14 42.47
CA TYR B 421 -7.43 -22.45 42.93
C TYR B 421 -7.48 -23.61 43.91
N GLU B 422 -6.42 -24.40 44.00
CA GLU B 422 -6.35 -25.41 45.06
C GLU B 422 -5.72 -24.85 46.32
N ALA B 423 -4.88 -23.81 46.19
CA ALA B 423 -4.25 -23.24 47.37
C ALA B 423 -5.13 -22.22 48.07
N VAL B 424 -6.12 -21.63 47.40
CA VAL B 424 -6.94 -20.63 48.09
C VAL B 424 -8.31 -21.18 48.45
N SER B 425 -8.49 -22.49 48.32
CA SER B 425 -9.79 -23.10 48.57
C SER B 425 -10.08 -23.22 50.06
N GLN B 426 -11.33 -22.98 50.44
CA GLN B 426 -11.78 -23.20 51.80
C GLN B 426 -12.33 -24.62 51.91
N ARG B 427 -12.94 -24.96 53.04
CA ARG B 427 -13.68 -26.21 53.17
C ARG B 427 -15.17 -25.89 53.35
N GLY B 428 -15.86 -25.81 52.22
CA GLY B 428 -17.28 -25.51 52.18
C GLY B 428 -17.81 -25.67 50.76
N THR B 429 -19.00 -26.25 50.64
CA THR B 429 -19.54 -26.61 49.33
C THR B 429 -19.99 -25.38 48.56
N VAL B 430 -20.20 -25.58 47.26
CA VAL B 430 -20.53 -24.50 46.34
C VAL B 430 -21.96 -24.72 45.86
N ASN B 431 -22.86 -23.81 46.26
CA ASN B 431 -24.27 -24.00 45.98
C ASN B 431 -24.86 -22.75 45.37
N SER B 432 -24.29 -21.59 45.70
CA SER B 432 -24.89 -20.30 45.35
C SER B 432 -24.87 -20.01 43.87
N ASN B 433 -23.95 -20.61 43.14
CA ASN B 433 -23.80 -20.31 41.72
C ASN B 433 -23.15 -21.51 41.05
N GLY B 434 -23.30 -21.58 39.74
CA GLY B 434 -22.63 -22.62 38.98
C GLY B 434 -21.13 -22.36 38.90
N ALA B 435 -20.42 -23.39 38.45
CA ALA B 435 -18.97 -23.33 38.33
C ALA B 435 -18.57 -22.36 37.23
N GLU B 436 -17.91 -21.26 37.59
CA GLU B 436 -17.60 -20.26 36.59
C GLU B 436 -16.51 -20.76 35.65
N MET B 437 -16.66 -20.42 34.37
CA MET B 437 -15.83 -20.99 33.34
C MET B 437 -14.95 -19.90 32.77
N THR B 438 -13.64 -20.13 32.77
CA THR B 438 -12.75 -19.32 31.98
C THR B 438 -12.32 -20.09 30.75
N LEU B 439 -12.35 -19.42 29.61
CA LEU B 439 -11.88 -20.03 28.37
C LEU B 439 -10.76 -19.18 27.80
N GLY B 440 -9.60 -19.80 27.69
CA GLY B 440 -8.39 -19.20 27.17
C GLY B 440 -8.12 -19.62 25.75
N PHE B 441 -8.52 -18.73 24.85
CA PHE B 441 -8.34 -18.87 23.41
C PHE B 441 -7.38 -17.75 23.04
N PRO B 442 -6.12 -18.07 22.74
CA PRO B 442 -5.21 -17.04 22.23
C PRO B 442 -5.58 -16.54 20.86
N SER B 443 -6.41 -17.25 20.10
CA SER B 443 -6.73 -16.87 18.74
C SER B 443 -7.58 -15.60 18.66
N VAL B 444 -8.38 -15.33 19.69
CA VAL B 444 -9.18 -14.10 19.72
C VAL B 444 -8.28 -12.88 19.77
N VAL B 445 -7.35 -12.87 20.73
CA VAL B 445 -6.43 -11.75 20.89
C VAL B 445 -5.43 -11.72 19.75
N GLU B 446 -5.14 -12.88 19.16
CA GLU B 446 -4.23 -12.92 18.02
C GLU B 446 -4.84 -12.28 16.78
N ARG B 447 -6.14 -12.48 16.55
CA ARG B 447 -6.76 -11.77 15.45
C ARG B 447 -6.98 -10.30 15.79
N ASP B 448 -7.13 -9.98 17.08
CA ASP B 448 -7.22 -8.58 17.48
C ASP B 448 -5.91 -7.84 17.23
N TYR B 449 -4.79 -8.53 17.33
CA TYR B 449 -3.50 -7.93 16.99
C TYR B 449 -3.31 -7.90 15.49
N ALA B 450 -3.73 -8.96 14.80
CA ALA B 450 -3.52 -9.07 13.36
C ALA B 450 -4.34 -8.07 12.56
N LEU B 451 -5.53 -7.69 13.02
CA LEU B 451 -6.35 -6.77 12.27
C LEU B 451 -6.35 -5.36 12.84
N ASP B 452 -5.55 -5.10 13.89
CA ASP B 452 -5.50 -3.84 14.63
C ASP B 452 -6.89 -3.45 15.13
N ARG B 453 -7.44 -4.31 15.98
CA ARG B 453 -8.78 -4.18 16.50
C ARG B 453 -8.73 -4.09 18.03
N ASP B 454 -9.60 -3.28 18.59
CA ASP B 454 -9.75 -3.18 20.04
C ASP B 454 -10.25 -4.52 20.59
N PRO B 455 -9.65 -5.05 21.67
CA PRO B 455 -10.18 -6.30 22.24
C PRO B 455 -11.53 -6.17 22.92
N MET B 456 -11.94 -4.95 23.26
CA MET B 456 -13.23 -4.73 23.89
C MET B 456 -14.38 -5.12 22.99
N VAL B 457 -14.23 -4.92 21.68
CA VAL B 457 -15.35 -5.19 20.79
C VAL B 457 -15.51 -6.69 20.53
N ALA B 458 -14.41 -7.45 20.56
CA ALA B 458 -14.53 -8.89 20.43
C ALA B 458 -15.09 -9.52 21.68
N ILE B 459 -14.68 -9.02 22.85
CA ILE B 459 -15.24 -9.51 24.10
C ILE B 459 -16.71 -9.12 24.21
N ALA B 460 -17.07 -7.94 23.70
CA ALA B 460 -18.48 -7.55 23.65
C ALA B 460 -19.28 -8.39 22.67
N ALA B 461 -18.68 -8.81 21.55
CA ALA B 461 -19.39 -9.66 20.61
C ALA B 461 -19.66 -11.03 21.20
N LEU B 462 -18.67 -11.62 21.87
CA LEU B 462 -18.90 -12.90 22.53
C LEU B 462 -19.86 -12.77 23.72
N ARG B 463 -19.90 -11.62 24.36
CA ARG B 463 -20.77 -11.47 25.53
C ARG B 463 -22.21 -11.24 25.13
N THR B 464 -22.49 -10.18 24.39
CA THR B 464 -23.89 -9.88 24.08
C THR B 464 -24.33 -10.40 22.72
N GLY B 465 -23.49 -11.17 22.03
CA GLY B 465 -23.93 -11.87 20.84
C GLY B 465 -23.78 -11.08 19.57
N ILE B 466 -24.01 -9.78 19.62
CA ILE B 466 -24.09 -8.95 18.43
C ILE B 466 -22.73 -8.30 18.18
N VAL B 467 -22.47 -7.98 16.91
CA VAL B 467 -21.24 -7.29 16.53
C VAL B 467 -21.55 -5.81 16.37
N ASP B 468 -20.49 -5.02 16.29
CA ASP B 468 -20.63 -3.57 16.21
C ASP B 468 -20.75 -3.13 14.76
N GLU B 469 -21.49 -2.06 14.54
CA GLU B 469 -21.70 -1.52 13.21
C GLU B 469 -20.81 -0.33 12.89
N SER B 470 -20.08 0.19 13.89
CA SER B 470 -19.25 1.36 13.65
C SER B 470 -17.97 0.99 12.90
N LEU B 471 -17.39 -0.16 13.21
CA LEU B 471 -16.12 -0.52 12.61
C LEU B 471 -16.34 -1.04 11.18
N GLU B 472 -15.25 -1.11 10.43
CA GLU B 472 -15.34 -1.27 8.98
C GLU B 472 -15.60 -2.72 8.60
N ALA B 473 -15.74 -2.93 7.29
CA ALA B 473 -16.15 -4.23 6.78
C ALA B 473 -15.05 -5.26 6.89
N ARG B 474 -13.79 -4.87 6.70
CA ARG B 474 -12.71 -5.85 6.69
C ARG B 474 -12.36 -6.33 8.09
N ALA B 475 -12.93 -5.73 9.13
CA ALA B 475 -12.80 -6.25 10.49
C ALA B 475 -14.10 -6.87 10.98
N SER B 476 -15.25 -6.34 10.55
CA SER B 476 -16.52 -6.94 10.96
C SER B 476 -16.76 -8.28 10.28
N ASN B 477 -16.37 -8.40 9.01
CA ASN B 477 -16.55 -9.66 8.30
C ASN B 477 -15.61 -10.73 8.79
N ASP B 478 -14.52 -10.37 9.46
CA ASP B 478 -13.68 -11.37 10.10
C ASP B 478 -14.13 -11.65 11.52
N LEU B 479 -14.73 -10.66 12.20
CA LEU B 479 -15.29 -10.89 13.52
C LEU B 479 -16.45 -11.88 13.47
N LYS B 480 -17.33 -11.74 12.47
CA LYS B 480 -18.50 -12.63 12.40
C LYS B 480 -18.11 -14.03 11.98
N ARG B 481 -17.13 -14.15 11.07
CA ARG B 481 -16.60 -15.45 10.69
C ARG B 481 -15.91 -16.15 11.85
N SER B 482 -15.14 -15.39 12.65
CA SER B 482 -14.48 -15.94 13.82
C SER B 482 -15.49 -16.39 14.87
N MET B 483 -16.57 -15.63 15.04
CA MET B 483 -17.58 -15.96 16.04
C MET B 483 -18.37 -17.21 15.66
N PHE B 484 -18.70 -17.36 14.37
CA PHE B 484 -19.30 -18.61 13.91
C PHE B 484 -18.36 -19.79 14.13
N ASN B 485 -17.06 -19.58 13.91
CA ASN B 485 -16.10 -20.66 14.15
C ASN B 485 -16.04 -21.06 15.61
N TYR B 486 -16.17 -20.11 16.54
CA TYR B 486 -16.10 -20.50 17.95
C TYR B 486 -17.34 -21.27 18.38
N TYR B 487 -18.53 -20.84 17.93
CA TYR B 487 -19.75 -21.60 18.21
C TYR B 487 -19.67 -23.03 17.66
N ALA B 488 -19.23 -23.17 16.40
CA ALA B 488 -19.16 -24.49 15.79
C ALA B 488 -18.12 -25.39 16.45
N ALA B 489 -16.98 -24.83 16.88
CA ALA B 489 -15.94 -25.65 17.48
C ALA B 489 -16.33 -26.11 18.87
N VAL B 490 -17.07 -25.26 19.61
CA VAL B 490 -17.62 -25.66 20.90
C VAL B 490 -18.59 -26.84 20.73
N MET B 491 -19.46 -26.78 19.71
CA MET B 491 -20.39 -27.89 19.56
C MET B 491 -19.73 -29.17 19.05
N HIS B 492 -18.68 -29.06 18.24
CA HIS B 492 -17.93 -30.27 17.87
C HIS B 492 -17.25 -30.89 19.06
N TYR B 493 -16.70 -30.07 19.97
CA TYR B 493 -16.07 -30.60 21.17
C TYR B 493 -17.10 -31.25 22.10
N ALA B 494 -18.24 -30.60 22.28
CA ALA B 494 -19.27 -31.10 23.18
C ALA B 494 -19.89 -32.39 22.66
N VAL B 495 -20.15 -32.49 21.36
CA VAL B 495 -20.71 -33.73 20.83
C VAL B 495 -19.65 -34.83 20.77
N ALA B 496 -18.39 -34.49 20.53
CA ALA B 496 -17.38 -35.54 20.51
C ALA B 496 -17.02 -36.05 21.90
N HIS B 497 -17.34 -35.28 22.94
CA HIS B 497 -17.10 -35.74 24.31
C HIS B 497 -18.37 -36.13 25.05
N ASN B 498 -19.54 -35.98 24.43
CA ASN B 498 -20.78 -36.56 24.92
C ASN B 498 -21.57 -37.07 23.73
N PRO B 499 -21.26 -38.28 23.25
CA PRO B 499 -21.87 -38.74 21.99
C PRO B 499 -23.34 -39.13 22.10
N GLU B 500 -24.00 -38.87 23.22
CA GLU B 500 -25.38 -39.28 23.46
C GLU B 500 -26.30 -38.09 23.23
N VAL B 501 -26.59 -37.81 21.97
CA VAL B 501 -27.28 -36.59 21.59
C VAL B 501 -28.65 -36.90 20.99
N VAL B 502 -29.62 -36.05 21.30
CA VAL B 502 -31.03 -36.31 21.01
C VAL B 502 -31.67 -35.03 20.50
N VAL B 503 -32.22 -35.08 19.29
CA VAL B 503 -32.65 -33.88 18.58
C VAL B 503 -34.09 -33.55 18.97
N SER B 504 -34.33 -32.34 19.45
CA SER B 504 -35.66 -31.85 19.70
C SER B 504 -36.06 -30.88 18.58
N GLU B 505 -37.18 -30.18 18.78
CA GLU B 505 -37.64 -29.19 17.82
C GLU B 505 -38.29 -28.03 18.57
N HIS B 506 -37.77 -26.83 18.38
CA HIS B 506 -38.24 -25.68 19.14
C HIS B 506 -39.52 -25.13 18.52
N GLN B 507 -40.59 -25.09 19.30
CA GLN B 507 -41.82 -24.50 18.83
C GLN B 507 -42.56 -23.76 19.94
N GLY B 508 -41.84 -23.20 20.89
CA GLY B 508 -42.45 -22.40 21.94
C GLY B 508 -42.98 -21.07 21.45
N VAL B 509 -42.08 -20.15 21.10
CA VAL B 509 -42.49 -18.92 20.43
C VAL B 509 -42.72 -19.19 18.95
N ALA B 510 -41.80 -19.93 18.33
CA ALA B 510 -41.94 -20.50 16.98
C ALA B 510 -42.12 -19.42 15.93
N ALA B 511 -41.09 -18.59 15.76
CA ALA B 511 -41.07 -17.62 14.66
C ALA B 511 -40.74 -18.27 13.32
N GLU B 512 -40.54 -19.58 13.32
CA GLU B 512 -40.22 -20.40 12.16
C GLU B 512 -41.20 -21.56 12.09
N GLN B 513 -41.04 -22.39 11.07
CA GLN B 513 -41.80 -23.63 11.02
C GLN B 513 -41.14 -24.68 11.91
N GLY B 514 -39.91 -25.05 11.60
CA GLY B 514 -39.17 -25.96 12.43
C GLY B 514 -37.71 -25.59 12.53
N SER B 515 -37.22 -25.35 13.75
CA SER B 515 -35.81 -25.08 13.96
C SER B 515 -35.30 -25.98 15.08
N LEU B 516 -34.32 -26.82 14.74
CA LEU B 516 -33.93 -27.94 15.56
C LEU B 516 -32.84 -27.54 16.54
N TYR B 517 -32.70 -28.33 17.60
CA TYR B 517 -31.59 -28.17 18.53
C TYR B 517 -31.33 -29.49 19.22
N LEU B 518 -30.07 -29.78 19.48
CA LEU B 518 -29.71 -30.98 20.20
C LEU B 518 -30.00 -30.81 21.69
N VAL B 519 -30.06 -31.95 22.40
CA VAL B 519 -29.87 -31.98 23.84
C VAL B 519 -28.90 -33.12 24.13
N TRP B 520 -28.26 -33.05 25.30
CA TRP B 520 -27.30 -34.04 25.74
C TRP B 520 -27.85 -34.83 26.92
N ASN B 521 -27.35 -36.05 27.09
CA ASN B 521 -27.80 -36.97 28.12
C ASN B 521 -26.62 -37.44 28.95
N VAL B 522 -25.84 -36.48 29.47
CA VAL B 522 -24.64 -36.81 30.22
C VAL B 522 -25.01 -37.29 31.62
N ARG B 523 -24.38 -38.38 32.05
CA ARG B 523 -24.53 -38.90 33.40
C ARG B 523 -23.46 -38.27 34.29
N THR B 524 -23.83 -37.97 35.53
CA THR B 524 -23.06 -37.01 36.30
C THR B 524 -22.54 -37.53 37.65
N GLU B 525 -23.33 -38.35 38.37
CA GLU B 525 -23.08 -38.73 39.78
C GLU B 525 -22.85 -37.52 40.67
N LEU B 526 -23.57 -36.43 40.43
CA LEU B 526 -23.54 -35.29 41.33
C LEU B 526 -24.95 -35.01 41.81
N ARG B 527 -25.11 -33.95 42.59
CA ARG B 527 -26.36 -33.73 43.30
C ARG B 527 -26.88 -32.31 43.16
N ILE B 528 -26.00 -31.32 43.09
CA ILE B 528 -26.38 -29.92 42.98
C ILE B 528 -26.02 -29.46 41.57
N PRO B 529 -26.95 -28.91 40.81
CA PRO B 529 -26.66 -28.58 39.42
C PRO B 529 -25.83 -27.31 39.26
N VAL B 530 -24.80 -27.42 38.44
CA VAL B 530 -24.13 -26.22 37.91
C VAL B 530 -24.94 -25.77 36.71
N GLY B 531 -25.04 -24.47 36.52
CA GLY B 531 -26.02 -24.04 35.54
C GLY B 531 -27.39 -24.03 36.17
N TYR B 532 -28.43 -24.06 35.33
CA TYR B 532 -29.79 -24.21 35.84
C TYR B 532 -30.52 -25.25 34.99
N ASN B 533 -30.67 -26.42 35.57
CA ASN B 533 -31.50 -27.50 35.08
C ASN B 533 -31.93 -28.32 36.29
N ALA B 534 -32.46 -29.50 36.05
CA ALA B 534 -32.75 -30.45 37.12
C ALA B 534 -31.81 -31.64 36.96
N ILE B 535 -31.29 -32.14 38.08
CA ILE B 535 -30.29 -33.20 38.05
C ILE B 535 -30.92 -34.58 38.21
N GLU B 536 -32.25 -34.68 38.07
CA GLU B 536 -33.00 -35.87 38.50
C GLU B 536 -32.69 -37.10 37.67
N GLY B 537 -32.44 -38.21 38.35
CA GLY B 537 -32.44 -39.52 37.73
C GLY B 537 -31.07 -40.09 37.43
N GLY B 538 -30.01 -39.52 38.00
CA GLY B 538 -28.67 -39.98 37.70
C GLY B 538 -28.04 -39.38 36.47
N SER B 539 -28.75 -38.52 35.75
CA SER B 539 -28.23 -37.89 34.54
C SER B 539 -29.02 -36.62 34.30
N ILE B 540 -28.43 -35.68 33.58
CA ILE B 540 -29.03 -34.38 33.33
C ILE B 540 -29.26 -34.24 31.82
N ARG B 541 -30.32 -33.52 31.46
CA ARG B 541 -30.59 -33.19 30.07
C ARG B 541 -30.33 -31.70 29.94
N THR B 542 -29.29 -31.36 29.18
CA THR B 542 -29.07 -29.93 29.02
C THR B 542 -29.08 -29.53 27.55
N PRO B 543 -29.62 -28.37 27.22
CA PRO B 543 -29.72 -27.98 25.81
C PRO B 543 -28.45 -27.33 25.29
N GLU B 544 -27.64 -26.81 26.20
CA GLU B 544 -26.55 -25.90 25.87
C GLU B 544 -25.23 -26.64 25.77
N PRO B 545 -24.38 -26.28 24.80
CA PRO B 545 -23.14 -27.01 24.61
C PRO B 545 -22.06 -26.70 25.62
N LEU B 546 -22.25 -25.71 26.48
CA LEU B 546 -21.22 -25.28 27.41
C LEU B 546 -21.37 -25.94 28.77
N GLU B 547 -22.60 -26.16 29.23
CA GLU B 547 -22.81 -26.92 30.45
C GLU B 547 -22.36 -28.37 30.31
N ALA B 548 -22.54 -28.95 29.12
CA ALA B 548 -22.04 -30.30 28.86
C ALA B 548 -20.52 -30.38 28.91
N ILE B 549 -19.83 -29.25 28.72
CA ILE B 549 -18.42 -29.16 29.02
C ILE B 549 -18.21 -28.97 30.52
N ALA B 550 -19.11 -28.25 31.19
CA ALA B 550 -19.00 -28.02 32.62
C ALA B 550 -19.26 -29.26 33.46
N TYR B 551 -19.71 -30.37 32.87
CA TYR B 551 -19.83 -31.63 33.59
C TYR B 551 -18.78 -32.67 33.20
N ASN B 552 -17.81 -32.33 32.36
CA ASN B 552 -16.83 -33.33 31.97
C ASN B 552 -15.76 -33.52 33.04
N LYS B 553 -14.77 -34.33 32.71
CA LYS B 553 -13.56 -34.60 33.45
C LYS B 553 -12.43 -33.77 32.85
N PRO B 554 -11.23 -33.73 33.43
CA PRO B 554 -10.09 -33.13 32.74
C PRO B 554 -9.70 -33.89 31.47
N ILE B 555 -9.55 -33.15 30.37
CA ILE B 555 -9.20 -33.70 29.06
C ILE B 555 -7.84 -33.14 28.66
N GLN B 556 -7.02 -33.97 28.03
CA GLN B 556 -5.67 -33.62 27.66
C GLN B 556 -5.54 -33.45 26.14
N PRO B 557 -5.00 -32.34 25.67
CA PRO B 557 -4.90 -32.14 24.21
C PRO B 557 -3.84 -33.02 23.59
N SER B 558 -4.20 -33.65 22.48
CA SER B 558 -3.28 -34.52 21.76
C SER B 558 -2.55 -33.83 20.62
N GLU B 559 -3.04 -32.70 20.15
CA GLU B 559 -2.47 -31.99 19.02
C GLU B 559 -2.25 -30.54 19.41
N VAL B 560 -1.11 -29.99 19.03
CA VAL B 560 -0.92 -28.56 19.16
C VAL B 560 -1.67 -27.85 18.03
N LEU B 561 -1.85 -26.56 18.19
CA LEU B 561 -2.41 -25.72 17.16
C LEU B 561 -1.33 -24.81 16.59
N GLN B 562 -1.19 -24.81 15.27
CA GLN B 562 -0.01 -24.28 14.61
C GLN B 562 -0.37 -23.14 13.67
N ALA B 563 0.34 -22.03 13.80
CA ALA B 563 0.27 -20.94 12.83
C ALA B 563 1.66 -20.73 12.23
N LYS B 564 1.70 -20.61 10.90
CA LYS B 564 2.97 -20.55 10.20
C LYS B 564 3.22 -19.13 9.72
N VAL B 565 4.48 -18.81 9.50
CA VAL B 565 4.89 -17.46 9.16
C VAL B 565 4.83 -17.30 7.64
N LEU B 566 4.67 -16.05 7.20
CA LEU B 566 4.50 -15.75 5.79
C LEU B 566 5.87 -15.75 5.10
N ASP B 567 5.85 -15.94 3.78
CA ASP B 567 7.04 -16.32 3.03
C ASP B 567 7.53 -15.15 2.17
N LEU B 568 8.51 -14.42 2.67
CA LEU B 568 9.12 -13.33 1.92
C LEU B 568 10.47 -13.71 1.32
N ALA B 569 11.05 -14.83 1.74
CA ALA B 569 12.43 -15.12 1.37
C ALA B 569 12.52 -15.82 0.02
N ASN B 570 11.57 -16.69 -0.29
CA ASN B 570 11.62 -17.51 -1.50
C ASN B 570 11.40 -16.67 -2.76
N HIS B 571 10.25 -16.03 -2.87
CA HIS B 571 10.04 -15.10 -3.96
C HIS B 571 10.36 -13.70 -3.47
N THR B 572 11.58 -13.26 -3.76
CA THR B 572 12.08 -11.95 -3.43
C THR B 572 12.29 -11.05 -4.63
N THR B 573 11.96 -11.49 -5.83
CA THR B 573 12.11 -10.68 -7.03
C THR B 573 10.79 -10.15 -7.57
N SER B 574 9.67 -10.80 -7.25
CA SER B 574 8.37 -10.38 -7.71
C SER B 574 7.96 -9.08 -7.04
N ILE B 575 6.97 -8.40 -7.62
CA ILE B 575 6.47 -7.18 -6.98
C ILE B 575 5.24 -7.53 -6.17
N HIS B 576 5.01 -6.77 -5.12
CA HIS B 576 4.03 -7.14 -4.10
C HIS B 576 2.89 -6.14 -4.08
N ILE B 577 1.67 -6.64 -4.24
CA ILE B 577 0.50 -5.79 -4.31
C ILE B 577 -0.37 -5.91 -3.06
N TRP B 578 -0.30 -7.03 -2.35
CA TRP B 578 -1.04 -7.24 -1.13
C TRP B 578 -0.63 -6.23 -0.06
N PRO B 579 -1.51 -5.90 0.89
CA PRO B 579 -1.14 -4.91 1.90
C PRO B 579 -0.10 -5.41 2.89
N TRP B 580 1.13 -4.98 2.65
CA TRP B 580 2.27 -5.30 3.51
C TRP B 580 2.31 -4.41 4.74
N HIS B 581 1.57 -3.30 4.73
CA HIS B 581 1.68 -2.33 5.80
C HIS B 581 0.82 -2.68 7.00
N GLU B 582 -0.27 -3.40 6.79
CA GLU B 582 -1.08 -3.84 7.91
C GLU B 582 -0.41 -5.01 8.63
N ALA B 583 0.40 -5.79 7.92
CA ALA B 583 1.05 -6.96 8.47
C ALA B 583 2.52 -6.74 8.77
N SER B 584 2.96 -5.49 8.89
CA SER B 584 4.32 -5.17 9.29
C SER B 584 4.27 -3.99 10.23
N THR B 585 5.31 -3.84 11.03
CA THR B 585 5.35 -2.82 12.05
C THR B 585 6.68 -2.08 12.04
N GLU B 586 6.63 -0.83 12.49
CA GLU B 586 7.81 0.00 12.62
C GLU B 586 8.55 -0.35 13.91
N PHE B 587 9.86 -0.36 13.83
CA PHE B 587 10.70 -0.92 14.88
C PHE B 587 11.74 0.11 15.33
N ALA B 588 11.45 0.83 16.41
CA ALA B 588 12.39 1.80 16.96
C ALA B 588 12.13 1.91 18.46
N TYR B 589 13.16 2.21 19.24
CA TYR B 589 13.07 1.97 20.67
C TYR B 589 14.18 2.71 21.40
N GLU B 590 13.89 3.15 22.62
CA GLU B 590 14.85 3.80 23.50
C GLU B 590 14.63 3.33 24.93
N ASP B 591 15.70 3.00 25.63
CA ASP B 591 15.54 2.59 27.02
C ASP B 591 16.71 3.13 27.83
N ALA B 592 16.61 3.04 29.16
CA ALA B 592 17.61 3.64 30.04
C ALA B 592 17.63 2.93 31.37
N TYR B 593 18.83 2.74 31.91
CA TYR B 593 19.03 2.00 33.16
C TYR B 593 19.64 2.91 34.22
N SER B 594 19.01 2.96 35.39
CA SER B 594 19.45 3.86 36.43
C SER B 594 19.76 3.10 37.70
N VAL B 595 20.85 3.48 38.36
CA VAL B 595 21.29 2.84 39.60
C VAL B 595 21.92 3.90 40.49
N THR B 596 21.69 3.79 41.79
CA THR B 596 22.27 4.73 42.75
C THR B 596 23.50 4.08 43.36
N ILE B 597 24.63 4.78 43.29
CA ILE B 597 25.90 4.33 43.86
C ILE B 597 26.32 5.37 44.88
N ARG B 598 26.01 5.11 46.16
CA ARG B 598 26.38 5.96 47.30
C ARG B 598 25.86 7.38 47.12
N ASN B 599 24.53 7.49 47.12
CA ASN B 599 23.78 8.74 47.09
C ASN B 599 23.99 9.52 45.79
N LYS B 600 24.31 8.80 44.71
CA LYS B 600 24.43 9.40 43.39
C LYS B 600 23.83 8.48 42.34
N ARG B 601 22.94 9.05 41.52
CA ARG B 601 22.19 8.32 40.51
C ARG B 601 22.92 8.37 39.17
N TYR B 602 23.03 7.23 38.51
CA TYR B 602 23.74 7.06 37.26
C TYR B 602 22.78 6.45 36.26
N THR B 603 22.65 7.08 35.09
CA THR B 603 21.72 6.67 34.06
C THR B 603 22.47 6.31 32.80
N ALA B 604 22.00 5.27 32.12
CA ALA B 604 22.66 4.73 30.94
C ALA B 604 21.63 4.53 29.85
N GLU B 605 21.63 5.38 28.83
CA GLU B 605 20.68 5.24 27.74
C GLU B 605 21.15 4.19 26.75
N VAL B 606 20.21 3.68 25.97
CA VAL B 606 20.53 2.68 24.95
C VAL B 606 19.46 2.77 23.87
N LYS B 607 19.89 2.50 22.63
CA LYS B 607 19.06 2.55 21.44
C LYS B 607 19.04 1.17 20.80
N GLU B 608 18.17 1.00 19.80
CA GLU B 608 17.95 -0.34 19.25
C GLU B 608 19.03 -0.76 18.25
N PHE B 609 19.60 0.18 17.51
CA PHE B 609 20.64 -0.16 16.55
C PHE B 609 21.94 -0.53 17.23
N GLU B 610 22.17 0.01 18.42
CA GLU B 610 23.34 -0.37 19.21
C GLU B 610 23.21 -1.79 19.71
N LEU B 611 21.98 -2.26 19.90
CA LEU B 611 21.75 -3.63 20.34
C LEU B 611 21.80 -4.59 19.16
N LEU B 612 21.33 -4.15 17.99
CA LEU B 612 21.22 -5.04 16.84
C LEU B 612 22.52 -5.24 16.10
N GLY B 613 23.63 -4.70 16.58
CA GLY B 613 24.88 -4.82 15.88
C GLY B 613 25.08 -3.78 14.79
N LEU B 614 24.20 -2.79 14.71
CA LEU B 614 24.33 -1.76 13.69
C LEU B 614 25.11 -0.59 14.26
N GLY B 615 25.66 0.23 13.38
CA GLY B 615 26.31 1.45 13.80
C GLY B 615 25.47 2.65 13.43
N GLN B 616 24.78 2.55 12.31
CA GLN B 616 23.99 3.63 11.76
C GLN B 616 22.51 3.37 12.00
N ARG B 617 21.78 4.40 12.39
CA ARG B 617 20.34 4.29 12.54
C ARG B 617 19.68 4.17 11.18
N ARG B 618 19.23 2.98 10.84
CA ARG B 618 18.43 2.82 9.64
C ARG B 618 16.95 2.99 9.98
N GLU B 619 16.23 3.64 9.07
CA GLU B 619 14.87 4.06 9.35
C GLU B 619 13.84 3.53 8.38
N ARG B 620 14.20 2.63 7.47
CA ARG B 620 13.23 2.16 6.49
C ARG B 620 12.68 0.78 6.86
N VAL B 621 13.33 0.10 7.81
CA VAL B 621 13.11 -1.33 7.94
C VAL B 621 11.90 -1.60 8.83
N ARG B 622 11.19 -2.68 8.52
CA ARG B 622 9.92 -3.01 9.14
C ARG B 622 9.92 -4.50 9.44
N ILE B 623 9.30 -4.87 10.56
CA ILE B 623 9.26 -6.24 11.04
C ILE B 623 7.90 -6.82 10.72
N LEU B 624 7.84 -8.02 10.19
CA LEU B 624 6.56 -8.68 10.01
C LEU B 624 6.08 -9.16 11.38
N LYS B 625 4.83 -8.81 11.72
CA LYS B 625 4.38 -8.81 13.12
C LYS B 625 4.27 -10.23 13.70
N PRO B 626 4.73 -10.45 14.94
CA PRO B 626 4.67 -11.75 15.63
C PRO B 626 3.42 -11.96 16.49
N THR B 627 2.30 -12.22 15.82
CA THR B 627 1.01 -12.17 16.51
C THR B 627 0.79 -13.38 17.41
N VAL B 628 1.32 -14.54 17.02
CA VAL B 628 1.20 -15.73 17.86
C VAL B 628 2.03 -15.61 19.14
N ALA B 629 3.27 -15.14 19.04
CA ALA B 629 4.11 -14.90 20.20
C ALA B 629 3.49 -13.86 21.12
N HIS B 630 3.00 -12.77 20.54
CA HIS B 630 2.41 -11.70 21.32
C HIS B 630 1.12 -12.14 22.00
N ALA B 631 0.36 -13.03 21.36
CA ALA B 631 -0.89 -13.48 21.96
C ALA B 631 -0.65 -14.41 23.13
N ILE B 632 0.31 -15.33 22.99
CA ILE B 632 0.67 -16.22 24.09
C ILE B 632 1.20 -15.44 25.28
N ILE B 633 2.05 -14.44 25.03
CA ILE B 633 2.57 -13.61 26.11
C ILE B 633 1.49 -12.76 26.75
N GLN B 634 0.50 -12.30 25.98
CA GLN B 634 -0.58 -11.52 26.57
C GLN B 634 -1.49 -12.37 27.45
N MET B 635 -1.74 -13.62 27.04
CA MET B 635 -2.56 -14.51 27.88
C MET B 635 -1.84 -14.85 29.18
N TRP B 636 -0.52 -15.09 29.09
CA TRP B 636 0.30 -15.32 30.28
C TRP B 636 0.27 -14.14 31.23
N TYR B 637 0.39 -12.91 30.70
CA TYR B 637 0.39 -11.73 31.55
C TYR B 637 -0.94 -11.53 32.25
N SER B 638 -2.04 -11.63 31.50
CA SER B 638 -3.36 -11.41 32.10
C SER B 638 -3.66 -12.47 33.15
N TRP B 639 -3.19 -13.70 32.94
CA TRP B 639 -3.41 -14.71 33.96
C TRP B 639 -2.56 -14.50 35.20
N PHE B 640 -1.31 -14.04 35.03
CA PHE B 640 -0.46 -13.77 36.19
C PHE B 640 -1.05 -12.65 37.05
N VAL B 641 -1.54 -11.59 36.40
CA VAL B 641 -2.10 -10.47 37.15
C VAL B 641 -3.41 -10.87 37.82
N GLU B 642 -4.21 -11.73 37.18
CA GLU B 642 -5.47 -12.14 37.79
C GLU B 642 -5.24 -13.05 38.98
N ASP B 643 -4.28 -13.97 38.89
CA ASP B 643 -3.97 -14.86 40.01
C ASP B 643 -3.46 -14.07 41.21
N ASP B 644 -2.59 -13.10 40.97
CA ASP B 644 -2.12 -12.27 42.06
C ASP B 644 -3.23 -11.44 42.69
N ARG B 645 -4.18 -10.96 41.90
CA ARG B 645 -5.28 -10.20 42.48
C ARG B 645 -6.21 -11.08 43.31
N THR B 646 -6.42 -12.33 42.90
CA THR B 646 -7.28 -13.20 43.70
C THR B 646 -6.60 -13.63 45.00
N LEU B 647 -5.29 -13.85 45.00
CA LEU B 647 -4.60 -14.18 46.24
C LEU B 647 -4.53 -12.99 47.18
N ALA B 648 -4.40 -11.78 46.63
CA ALA B 648 -4.46 -10.60 47.47
C ALA B 648 -5.86 -10.35 47.99
N ALA B 649 -6.87 -10.87 47.31
CA ALA B 649 -8.24 -10.73 47.80
C ALA B 649 -8.56 -11.78 48.85
N ALA B 650 -7.90 -12.95 48.80
CA ALA B 650 -8.20 -14.01 49.75
C ALA B 650 -7.33 -13.97 51.00
N ARG B 651 -6.12 -13.42 50.90
CA ARG B 651 -5.24 -13.31 52.06
C ARG B 651 -5.82 -12.38 53.11
N ARG B 652 -6.63 -11.40 52.70
CA ARG B 652 -7.22 -10.46 53.65
C ARG B 652 -8.35 -11.10 54.44
N THR B 653 -9.08 -12.03 53.84
CA THR B 653 -10.23 -12.64 54.50
C THR B 653 -10.02 -14.12 54.76
N SER B 654 -8.75 -14.54 54.90
CA SER B 654 -8.44 -15.93 55.25
C SER B 654 -9.02 -16.30 56.60
N ARG B 655 -8.60 -15.59 57.66
CA ARG B 655 -9.06 -15.77 59.05
C ARG B 655 -8.81 -17.19 59.54
N ASP B 656 -7.53 -17.51 59.59
CA ASP B 656 -6.98 -18.85 59.83
C ASP B 656 -5.50 -18.61 60.05
N ASP B 657 -4.74 -19.69 60.25
CA ASP B 657 -3.30 -19.54 60.39
C ASP B 657 -2.50 -20.35 59.37
N ALA B 658 -2.76 -21.66 59.26
CA ALA B 658 -2.04 -22.48 58.30
C ALA B 658 -2.40 -22.13 56.87
N GLU B 659 -3.67 -21.81 56.61
CA GLU B 659 -4.10 -21.40 55.29
C GLU B 659 -3.50 -20.04 54.92
N LYS B 660 -3.27 -19.19 55.90
CA LYS B 660 -2.68 -17.88 55.67
C LYS B 660 -1.20 -18.00 55.32
N LEU B 661 -0.49 -18.89 56.01
CA LEU B 661 0.89 -19.16 55.66
C LEU B 661 0.99 -19.83 54.29
N ALA B 662 -0.02 -20.60 53.91
CA ALA B 662 -0.03 -21.23 52.58
C ALA B 662 -0.19 -20.19 51.48
N ILE B 663 -1.06 -19.21 51.68
CA ILE B 663 -1.27 -18.14 50.70
C ILE B 663 -0.01 -17.29 50.54
N ASP B 664 0.64 -16.95 51.67
CA ASP B 664 1.87 -16.16 51.61
C ASP B 664 3.01 -16.91 50.94
N GLY B 665 3.19 -18.19 51.26
CA GLY B 665 4.21 -18.98 50.61
C GLY B 665 3.94 -19.18 49.13
N ARG B 666 2.65 -19.20 48.75
CA ARG B 666 2.31 -19.31 47.34
C ARG B 666 2.70 -18.05 46.59
N ARG B 667 2.45 -16.87 47.17
CA ARG B 667 2.85 -15.62 46.53
C ARG B 667 4.36 -15.51 46.38
N MET B 668 5.12 -15.91 47.41
CA MET B 668 6.58 -15.82 47.33
C MET B 668 7.14 -16.77 46.29
N GLN B 669 6.63 -18.01 46.26
CA GLN B 669 7.06 -18.98 45.25
C GLN B 669 6.70 -18.52 43.85
N ASN B 670 5.60 -17.79 43.73
CA ASN B 670 5.14 -17.30 42.43
C ASN B 670 6.08 -16.23 41.89
N ALA B 671 6.39 -15.24 42.73
CA ALA B 671 7.21 -14.11 42.29
C ALA B 671 8.66 -14.51 42.03
N VAL B 672 9.20 -15.48 42.76
CA VAL B 672 10.60 -15.82 42.48
C VAL B 672 10.75 -16.58 41.16
N THR B 673 9.73 -17.36 40.77
CA THR B 673 9.79 -18.03 39.47
C THR B 673 9.60 -17.05 38.33
N LEU B 674 8.76 -16.03 38.55
CA LEU B 674 8.68 -14.93 37.58
C LEU B 674 10.02 -14.22 37.42
N LEU B 675 10.71 -13.96 38.53
CA LEU B 675 11.99 -13.26 38.44
C LEU B 675 13.05 -14.10 37.73
N ARG B 676 13.11 -15.39 38.04
CA ARG B 676 14.07 -16.28 37.37
C ARG B 676 13.77 -16.42 35.89
N LYS B 677 12.49 -16.36 35.52
CA LYS B 677 12.10 -16.43 34.11
C LYS B 677 12.58 -15.21 33.33
N ILE B 678 12.31 -14.00 33.85
CA ILE B 678 12.76 -12.78 33.17
C ILE B 678 14.29 -12.71 33.13
N GLU B 679 14.95 -13.16 34.20
CA GLU B 679 16.41 -13.12 34.22
C GLU B 679 17.01 -14.14 33.25
N MET B 680 16.33 -15.27 33.04
CA MET B 680 16.80 -16.22 32.03
C MET B 680 16.59 -15.68 30.63
N ILE B 681 15.56 -14.86 30.43
CA ILE B 681 15.42 -14.15 29.16
C ILE B 681 16.57 -13.17 28.96
N GLY B 682 16.99 -12.49 30.03
CA GLY B 682 18.01 -11.46 29.87
C GLY B 682 19.44 -11.95 29.73
N THR B 683 19.66 -13.21 29.35
CA THR B 683 20.98 -13.69 28.99
C THR B 683 21.09 -14.07 27.53
N THR B 684 20.07 -13.78 26.73
CA THR B 684 20.04 -14.11 25.31
C THR B 684 20.84 -13.11 24.49
N GLY B 685 20.66 -13.14 23.17
CA GLY B 685 21.47 -12.35 22.27
C GLY B 685 21.33 -10.85 22.41
N ILE B 686 20.10 -10.33 22.45
CA ILE B 686 19.91 -8.89 22.54
C ILE B 686 20.15 -8.47 23.99
N GLY B 687 19.77 -9.35 24.92
CA GLY B 687 19.89 -9.02 26.33
C GLY B 687 21.31 -8.91 26.81
N ALA B 688 22.17 -9.85 26.40
CA ALA B 688 23.57 -9.82 26.81
C ALA B 688 24.29 -8.61 26.22
N SER B 689 23.95 -8.26 24.99
CA SER B 689 24.51 -7.07 24.38
C SER B 689 24.03 -5.80 25.07
N ALA B 690 22.79 -5.78 25.56
CA ALA B 690 22.33 -4.62 26.32
C ALA B 690 23.04 -4.51 27.64
N VAL B 691 23.34 -5.64 28.28
CA VAL B 691 24.15 -5.65 29.49
C VAL B 691 25.53 -5.08 29.23
N HIS B 692 26.21 -5.60 28.20
CA HIS B 692 27.57 -5.18 27.92
C HIS B 692 27.66 -3.76 27.40
N LEU B 693 26.55 -3.18 26.95
CA LEU B 693 26.59 -1.77 26.60
C LEU B 693 26.21 -0.85 27.75
N ALA B 694 25.24 -1.25 28.58
CA ALA B 694 24.80 -0.37 29.66
C ALA B 694 25.83 -0.31 30.78
N GLN B 695 26.54 -1.42 31.02
CA GLN B 695 27.64 -1.39 31.95
C GLN B 695 28.73 -0.41 31.51
N SER B 696 29.05 -0.38 30.23
CA SER B 696 30.05 0.54 29.72
C SER B 696 29.58 1.99 29.84
N ARG B 697 28.29 2.24 29.61
CA ARG B 697 27.79 3.60 29.80
C ARG B 697 27.73 4.02 31.26
N ILE B 698 27.63 3.07 32.18
CA ILE B 698 27.67 3.42 33.61
C ILE B 698 29.11 3.70 34.05
N VAL B 699 30.04 2.83 33.65
CA VAL B 699 31.41 2.88 34.17
C VAL B 699 32.13 4.14 33.71
N ASP B 700 31.90 4.59 32.47
CA ASP B 700 32.58 5.81 32.02
C ASP B 700 31.91 7.08 32.51
N GLN B 701 31.05 6.98 33.50
CA GLN B 701 30.39 8.11 34.11
C GLN B 701 30.79 8.24 35.57
N MET B 702 31.34 7.18 36.16
CA MET B 702 32.02 7.21 37.45
C MET B 702 33.47 7.62 37.33
N ALA B 703 33.86 8.23 36.21
CA ALA B 703 35.25 8.52 35.94
C ALA B 703 35.80 9.66 36.78
N GLY B 704 35.02 10.71 37.01
CA GLY B 704 35.55 11.84 37.74
C GLY B 704 35.65 11.64 39.23
N ARG B 705 34.83 10.77 39.80
CA ARG B 705 34.74 10.56 41.24
C ARG B 705 35.54 9.31 41.59
N GLY B 706 36.66 9.52 42.28
CA GLY B 706 37.47 8.38 42.69
C GLY B 706 36.81 7.65 43.84
N LEU B 707 36.48 6.38 43.59
CA LEU B 707 35.77 5.58 44.58
C LEU B 707 36.47 4.24 44.71
N ILE B 708 36.35 3.66 45.88
CA ILE B 708 37.06 2.43 46.20
C ILE B 708 36.24 1.25 45.74
N ASP B 709 36.89 0.34 45.02
CA ASP B 709 36.30 -0.91 44.56
C ASP B 709 35.76 -1.72 45.73
N ASP B 710 34.59 -2.33 45.51
CA ASP B 710 33.85 -2.99 46.57
C ASP B 710 34.26 -4.47 46.61
N SER B 711 33.54 -5.26 47.42
CA SER B 711 34.03 -6.56 47.91
C SER B 711 34.21 -7.58 46.80
N SER B 712 33.47 -7.44 45.70
CA SER B 712 33.52 -8.29 44.52
C SER B 712 33.27 -9.76 44.83
N ASP B 713 32.46 -10.05 45.85
CA ASP B 713 31.96 -11.38 46.11
C ASP B 713 30.44 -11.46 45.98
N LEU B 714 29.73 -10.63 46.75
CA LEU B 714 28.29 -10.51 46.62
C LEU B 714 27.88 -9.32 45.76
N HIS B 715 28.68 -8.25 45.75
CA HIS B 715 28.29 -7.03 45.07
C HIS B 715 28.23 -7.23 43.56
N VAL B 716 29.15 -8.03 43.01
CA VAL B 716 29.12 -8.39 41.60
C VAL B 716 27.87 -9.20 41.30
N GLY B 717 27.52 -10.13 42.18
CA GLY B 717 26.34 -10.96 41.95
C GLY B 717 25.04 -10.18 42.01
N ILE B 718 24.94 -9.23 42.94
CA ILE B 718 23.72 -8.43 43.07
C ILE B 718 23.56 -7.51 41.88
N ASN B 719 24.65 -6.86 41.45
CA ASN B 719 24.49 -5.93 40.34
C ASN B 719 24.31 -6.68 39.02
N ARG B 720 24.83 -7.90 38.93
CA ARG B 720 24.58 -8.76 37.80
C ARG B 720 23.12 -9.19 37.72
N HIS B 721 22.55 -9.61 38.85
CA HIS B 721 21.15 -10.02 38.81
C HIS B 721 20.21 -8.84 38.62
N ARG B 722 20.66 -7.62 38.89
CA ARG B 722 19.75 -6.51 38.61
C ARG B 722 19.83 -6.06 37.15
N ILE B 723 21.05 -6.05 36.58
CA ILE B 723 21.19 -5.67 35.17
C ILE B 723 20.56 -6.72 34.26
N ARG B 724 20.56 -8.01 34.65
CA ARG B 724 19.95 -9.01 33.78
C ARG B 724 18.43 -8.91 33.79
N ILE B 725 17.82 -8.54 34.92
CA ILE B 725 16.37 -8.35 34.97
C ILE B 725 15.97 -7.15 34.13
N TRP B 726 16.78 -6.09 34.18
CA TRP B 726 16.50 -4.94 33.31
C TRP B 726 16.58 -5.30 31.83
N ALA B 727 17.62 -6.03 31.42
CA ALA B 727 17.76 -6.42 30.02
C ALA B 727 16.64 -7.36 29.59
N GLY B 728 16.21 -8.26 30.47
CA GLY B 728 15.14 -9.17 30.14
C GLY B 728 13.80 -8.50 29.96
N LEU B 729 13.52 -7.45 30.73
CA LEU B 729 12.32 -6.67 30.42
C LEU B 729 12.50 -5.84 29.17
N ALA B 730 13.71 -5.32 28.92
CA ALA B 730 13.89 -4.40 27.80
C ALA B 730 13.77 -5.09 26.45
N VAL B 731 14.19 -6.35 26.34
CA VAL B 731 14.09 -7.03 25.05
C VAL B 731 12.63 -7.34 24.69
N LEU B 732 11.81 -7.74 25.67
CA LEU B 732 10.40 -7.96 25.40
C LEU B 732 9.64 -6.66 25.25
N GLN B 733 10.17 -5.56 25.80
CA GLN B 733 9.65 -4.25 25.47
C GLN B 733 9.95 -3.87 24.02
N MET B 734 11.17 -4.14 23.53
CA MET B 734 11.57 -3.62 22.22
C MET B 734 11.00 -4.43 21.08
N MET B 735 10.92 -5.75 21.21
CA MET B 735 10.05 -6.50 20.33
C MET B 735 8.64 -6.16 20.79
N GLY B 736 7.64 -6.31 19.94
CA GLY B 736 6.32 -5.86 20.33
C GLY B 736 5.59 -6.65 21.41
N LEU B 737 6.27 -7.59 22.05
CA LEU B 737 5.67 -8.63 22.86
C LEU B 737 5.17 -8.17 24.22
N LEU B 738 5.29 -6.87 24.55
CA LEU B 738 4.91 -6.40 25.88
C LEU B 738 4.76 -4.90 25.84
N SER B 739 3.65 -4.40 26.36
CA SER B 739 3.43 -2.97 26.43
C SER B 739 4.17 -2.36 27.61
N ARG B 740 4.34 -1.04 27.59
CA ARG B 740 5.10 -0.42 28.67
C ARG B 740 4.28 -0.34 29.94
N SER B 741 2.96 -0.26 29.82
CA SER B 741 2.09 -0.28 31.00
C SER B 741 2.16 -1.61 31.70
N GLU B 742 2.22 -2.69 30.93
CA GLU B 742 2.22 -4.00 31.55
C GLU B 742 3.62 -4.40 32.01
N ALA B 743 4.66 -3.92 31.35
CA ALA B 743 6.01 -4.07 31.90
C ALA B 743 6.17 -3.28 33.20
N GLU B 744 5.54 -2.12 33.30
CA GLU B 744 5.65 -1.31 34.49
C GLU B 744 4.86 -1.89 35.65
N ALA B 745 3.68 -2.44 35.37
CA ALA B 745 2.90 -3.10 36.42
C ALA B 745 3.57 -4.40 36.86
N LEU B 746 4.18 -5.12 35.93
CA LEU B 746 4.91 -6.32 36.27
C LEU B 746 6.15 -6.01 37.10
N THR B 747 6.79 -4.87 36.83
CA THR B 747 7.91 -4.43 37.66
C THR B 747 7.44 -4.05 39.06
N LYS B 748 6.26 -3.43 39.18
CA LYS B 748 5.72 -3.11 40.49
C LYS B 748 5.41 -4.37 41.30
N VAL B 749 4.85 -5.39 40.64
CA VAL B 749 4.57 -6.66 41.31
C VAL B 749 5.86 -7.35 41.75
N LEU B 750 6.89 -7.32 40.92
CA LEU B 750 8.17 -7.90 41.32
C LEU B 750 8.88 -7.05 42.37
N GLY B 751 8.62 -5.76 42.43
CA GLY B 751 9.32 -4.91 43.36
C GLY B 751 8.74 -4.91 44.75
N ASP B 752 7.41 -5.03 44.85
CA ASP B 752 6.79 -4.99 46.17
C ASP B 752 6.82 -6.33 46.89
N SER B 753 7.46 -7.34 46.33
CA SER B 753 7.59 -8.62 47.01
C SER B 753 8.96 -8.82 47.65
N ASN B 754 9.91 -7.92 47.38
CA ASN B 754 11.33 -8.09 47.66
C ASN B 754 11.84 -9.42 47.09
N ALA B 755 11.49 -9.66 45.82
CA ALA B 755 11.81 -10.91 45.16
C ALA B 755 13.29 -11.04 44.86
N LEU B 756 13.96 -9.94 44.50
CA LEU B 756 15.41 -9.99 44.29
C LEU B 756 16.13 -10.22 45.61
N GLY B 757 15.57 -9.70 46.71
CA GLY B 757 16.13 -10.00 48.02
C GLY B 757 15.95 -11.45 48.42
N MET B 758 14.80 -12.04 48.10
CA MET B 758 14.61 -13.45 48.39
C MET B 758 15.39 -14.36 47.47
N VAL B 759 15.81 -13.86 46.31
CA VAL B 759 16.66 -14.65 45.42
C VAL B 759 18.13 -14.56 45.84
N VAL B 760 18.58 -13.36 46.23
CA VAL B 760 19.94 -13.22 46.73
C VAL B 760 20.10 -13.83 48.10
N ALA B 761 19.01 -14.04 48.85
CA ALA B 761 19.10 -14.70 50.14
C ALA B 761 19.36 -16.20 50.02
N THR B 762 19.28 -16.74 48.82
CA THR B 762 19.72 -18.11 48.55
C THR B 762 21.00 -18.15 47.71
N THR B 763 21.73 -17.03 47.63
CA THR B 763 23.12 -17.03 47.19
C THR B 763 24.07 -16.59 48.29
N ASP B 764 23.63 -16.63 49.55
CA ASP B 764 24.48 -16.55 50.72
C ASP B 764 24.65 -17.94 51.29
N ILE B 765 25.57 -18.08 52.23
CA ILE B 765 25.76 -19.31 53.00
C ILE B 765 25.88 -18.94 54.46
N ASP B 766 25.03 -19.51 55.30
CA ASP B 766 25.15 -19.28 56.74
C ASP B 766 25.83 -20.47 57.43
N PRO C 293 27.78 14.93 -22.52
CA PRO C 293 27.50 13.62 -21.94
C PRO C 293 26.27 13.00 -22.56
N THR C 294 26.20 11.67 -22.54
CA THR C 294 25.07 10.96 -23.12
C THR C 294 23.81 11.24 -22.32
N SER C 295 22.85 11.93 -22.93
CA SER C 295 21.62 12.30 -22.26
C SER C 295 20.69 11.09 -22.18
N MET C 296 19.95 11.00 -21.09
CA MET C 296 18.98 9.94 -20.86
C MET C 296 17.59 10.51 -20.64
N LYS C 297 17.34 11.74 -21.10
CA LYS C 297 16.08 12.42 -20.82
C LYS C 297 14.93 11.83 -21.62
N ALA C 298 15.21 11.38 -22.85
CA ALA C 298 14.15 10.73 -23.63
C ALA C 298 13.81 9.36 -23.05
N LEU C 299 14.81 8.65 -22.53
CA LEU C 299 14.59 7.36 -21.90
C LEU C 299 13.97 7.51 -20.52
N ASP C 300 14.02 8.72 -19.95
CA ASP C 300 13.60 8.90 -18.57
C ASP C 300 12.09 8.91 -18.42
N HIS C 301 11.37 9.44 -19.41
CA HIS C 301 9.93 9.65 -19.26
C HIS C 301 9.17 8.42 -19.76
N THR C 302 9.10 7.41 -18.90
CA THR C 302 8.38 6.18 -19.20
C THR C 302 7.25 6.01 -18.19
N SER C 303 6.61 4.84 -18.26
CA SER C 303 5.46 4.51 -17.43
C SER C 303 5.47 3.01 -17.18
N ILE C 304 5.05 2.62 -15.98
CA ILE C 304 5.01 1.21 -15.59
C ILE C 304 3.57 0.74 -15.68
N ALA C 305 3.37 -0.48 -16.19
CA ALA C 305 2.04 -1.03 -16.43
C ALA C 305 1.34 -1.27 -15.10
N SER C 306 0.43 -0.37 -14.74
CA SER C 306 -0.23 -0.44 -13.46
C SER C 306 -1.29 -1.54 -13.47
N VAL C 307 -1.43 -2.21 -12.34
CA VAL C 307 -2.37 -3.31 -12.18
C VAL C 307 -2.79 -3.41 -10.71
N ALA C 308 -4.10 -3.43 -10.47
CA ALA C 308 -4.95 -3.26 -9.31
C ALA C 308 -4.81 -4.41 -8.33
N PRO C 309 -5.00 -4.14 -7.04
CA PRO C 309 -4.99 -5.20 -6.04
C PRO C 309 -6.33 -5.92 -5.98
N LEU C 310 -6.38 -6.93 -5.11
CA LEU C 310 -7.66 -7.54 -4.78
C LEU C 310 -8.30 -6.84 -3.60
N GLU C 311 -7.48 -6.23 -2.74
CA GLU C 311 -7.91 -5.58 -1.50
C GLU C 311 -7.24 -4.21 -1.44
N ARG C 312 -8.01 -3.18 -1.11
CA ARG C 312 -7.41 -1.85 -1.04
C ARG C 312 -6.83 -1.59 0.36
N GLY C 313 -6.42 -0.35 0.56
CA GLY C 313 -5.78 0.09 1.78
C GLY C 313 -4.29 0.26 1.60
N SER C 314 -3.68 0.92 2.59
CA SER C 314 -2.23 1.17 2.64
C SER C 314 -1.72 1.94 1.41
N VAL C 315 -2.18 3.18 1.28
CA VAL C 315 -1.90 3.91 0.05
C VAL C 315 -0.96 5.07 0.33
N ASP C 316 -1.39 5.99 1.19
CA ASP C 316 -0.64 7.22 1.43
C ASP C 316 0.44 7.03 2.49
N THR C 317 0.71 5.79 2.92
CA THR C 317 1.59 5.47 4.03
C THR C 317 3.05 5.32 3.61
N ASP C 318 3.45 5.90 2.49
CA ASP C 318 4.74 5.59 1.90
C ASP C 318 5.90 6.20 2.68
N ASP C 319 5.76 7.45 3.13
CA ASP C 319 6.87 8.17 3.75
C ASP C 319 6.38 8.80 5.07
N ARG C 320 6.42 8.00 6.14
CA ARG C 320 6.06 8.45 7.48
C ARG C 320 6.97 7.77 8.48
N ASN C 321 7.34 8.50 9.53
CA ASN C 321 8.22 8.00 10.58
C ASN C 321 7.85 8.68 11.89
N SER C 322 7.29 7.89 12.83
CA SER C 322 7.02 8.41 14.16
C SER C 322 8.24 8.24 15.05
N ALA C 323 8.20 8.86 16.23
CA ALA C 323 9.32 8.84 17.15
C ALA C 323 9.49 7.47 17.78
N PRO C 324 10.70 7.12 18.22
CA PRO C 324 10.89 5.83 18.90
C PRO C 324 10.18 5.81 20.25
N ARG C 325 9.66 4.64 20.59
CA ARG C 325 8.94 4.49 21.84
C ARG C 325 9.92 4.21 22.96
N ARG C 326 9.57 4.66 24.16
CA ARG C 326 10.42 4.50 25.33
C ARG C 326 10.15 3.18 26.03
N GLY C 327 11.04 2.83 26.94
CA GLY C 327 10.79 1.73 27.83
C GLY C 327 10.18 2.20 29.14
N ALA C 328 9.70 1.24 29.92
CA ALA C 328 9.16 1.55 31.22
C ALA C 328 10.27 1.92 32.18
N ASN C 329 9.91 2.64 33.24
CA ASN C 329 10.89 2.99 34.25
C ASN C 329 11.23 1.75 35.09
N PHE C 330 12.48 1.67 35.53
CA PHE C 330 12.95 0.50 36.25
C PHE C 330 13.25 0.90 37.69
N SER C 331 13.01 -0.03 38.60
CA SER C 331 13.27 0.19 40.02
C SER C 331 13.58 -1.11 40.74
N MET D 1 -56.93 -23.18 20.53
CA MET D 1 -57.45 -22.02 21.26
C MET D 1 -56.51 -20.83 21.12
N LEU D 2 -57.02 -19.65 21.47
CA LEU D 2 -56.18 -18.47 21.53
C LEU D 2 -55.25 -18.57 22.74
N LEU D 3 -54.06 -17.99 22.61
CA LEU D 3 -53.10 -18.01 23.70
C LEU D 3 -53.61 -17.15 24.87
N PRO D 4 -53.27 -17.52 26.10
CA PRO D 4 -53.66 -16.67 27.25
C PRO D 4 -52.95 -15.33 27.28
N VAL D 5 -51.67 -15.30 26.90
CA VAL D 5 -50.91 -14.05 26.85
C VAL D 5 -51.50 -13.11 25.81
N VAL D 6 -51.97 -13.66 24.70
CA VAL D 6 -52.63 -12.85 23.67
C VAL D 6 -54.00 -12.42 24.14
N ALA D 7 -54.73 -13.31 24.83
CA ALA D 7 -56.11 -13.04 25.20
C ALA D 7 -56.23 -11.97 26.26
N ARG D 8 -55.26 -11.92 27.20
CA ARG D 8 -55.25 -10.91 28.26
C ARG D 8 -55.13 -9.50 27.72
N ALA D 9 -54.55 -9.32 26.53
CA ALA D 9 -54.47 -8.02 25.89
C ALA D 9 -55.52 -7.84 24.81
N ALA D 10 -56.06 -8.92 24.25
CA ALA D 10 -57.00 -8.81 23.14
C ALA D 10 -58.44 -8.67 23.58
N VAL D 11 -58.83 -9.29 24.71
CA VAL D 11 -60.24 -9.27 25.11
C VAL D 11 -60.70 -7.93 25.68
N PRO D 12 -60.02 -7.28 26.66
CA PRO D 12 -60.56 -6.01 27.15
C PRO D 12 -60.45 -4.87 26.15
N ALA D 13 -59.54 -4.93 25.19
CA ALA D 13 -59.47 -3.89 24.16
C ALA D 13 -60.69 -3.96 23.24
N ILE D 14 -61.07 -5.16 22.82
CA ILE D 14 -62.26 -5.34 21.99
C ILE D 14 -63.51 -4.98 22.77
N GLU D 15 -63.58 -5.37 24.05
CA GLU D 15 -64.75 -5.05 24.86
C GLU D 15 -64.86 -3.54 25.13
N SER D 16 -63.71 -2.86 25.26
CA SER D 16 -63.70 -1.41 25.37
C SER D 16 -64.17 -0.74 24.08
N ALA D 17 -63.79 -1.28 22.92
CA ALA D 17 -64.28 -0.73 21.67
C ALA D 17 -65.78 -0.97 21.49
N ILE D 18 -66.26 -2.11 22.00
CA ILE D 18 -67.71 -2.40 21.99
C ILE D 18 -68.45 -1.39 22.83
N ALA D 19 -67.96 -1.14 24.05
CA ALA D 19 -68.57 -0.13 24.92
C ALA D 19 -68.41 1.28 24.38
N ALA D 20 -67.40 1.52 23.53
CA ALA D 20 -67.31 2.79 22.83
C ALA D 20 -68.43 2.94 21.81
N THR D 21 -68.51 2.03 20.84
CA THR D 21 -69.60 2.14 19.87
C THR D 21 -70.11 0.79 19.37
N PRO D 22 -71.42 0.64 19.18
CA PRO D 22 -71.96 -0.63 18.69
C PRO D 22 -72.10 -0.73 17.17
N GLY D 23 -71.92 0.37 16.45
CA GLY D 23 -71.80 0.29 15.01
C GLY D 23 -70.64 -0.57 14.55
N LEU D 24 -69.53 -0.53 15.28
CA LEU D 24 -68.44 -1.45 15.04
C LEU D 24 -68.79 -2.89 15.41
N VAL D 25 -69.70 -3.11 16.36
CA VAL D 25 -70.15 -4.46 16.67
C VAL D 25 -70.93 -5.04 15.50
N SER D 26 -71.84 -4.24 14.94
CA SER D 26 -72.56 -4.65 13.72
C SER D 26 -71.59 -4.84 12.55
N ARG D 27 -70.56 -3.99 12.47
CA ARG D 27 -69.62 -4.07 11.36
C ARG D 27 -68.77 -5.34 11.43
N ILE D 28 -68.27 -5.70 12.61
CA ILE D 28 -67.48 -6.92 12.73
C ILE D 28 -68.36 -8.17 12.66
N ALA D 29 -69.64 -8.06 13.03
CA ALA D 29 -70.55 -9.19 12.81
C ALA D 29 -70.81 -9.42 11.34
N ALA D 30 -70.91 -8.34 10.55
CA ALA D 30 -71.05 -8.49 9.12
C ALA D 30 -69.76 -8.94 8.46
N ALA D 31 -68.61 -8.57 9.05
CA ALA D 31 -67.33 -8.89 8.44
C ALA D 31 -66.92 -10.34 8.67
N ILE D 32 -67.09 -10.84 9.89
CA ILE D 32 -66.70 -12.23 10.17
C ILE D 32 -67.81 -13.19 9.80
N GLY D 33 -69.05 -12.87 10.15
CA GLY D 33 -70.18 -13.72 9.89
C GLY D 33 -70.75 -14.39 11.11
N SER D 34 -70.41 -13.92 12.30
CA SER D 34 -70.93 -14.43 13.55
C SER D 34 -72.27 -13.78 13.84
N LYS D 35 -72.88 -14.19 14.94
CA LYS D 35 -74.09 -13.53 15.42
C LYS D 35 -73.71 -12.15 15.96
N VAL D 36 -74.66 -11.21 15.85
CA VAL D 36 -74.37 -9.80 16.12
C VAL D 36 -74.15 -9.49 17.59
N SER D 37 -74.40 -10.44 18.49
CA SER D 37 -74.28 -10.14 19.90
C SER D 37 -72.81 -10.11 20.33
N PRO D 38 -72.48 -9.26 21.31
CA PRO D 38 -71.09 -9.18 21.80
C PRO D 38 -70.58 -10.48 22.40
N SER D 39 -71.45 -11.27 23.03
CA SER D 39 -71.03 -12.56 23.59
C SER D 39 -70.67 -13.53 22.48
N ALA D 40 -71.41 -13.50 21.36
CA ALA D 40 -71.11 -14.40 20.26
C ALA D 40 -69.82 -14.01 19.55
N ILE D 41 -69.62 -12.70 19.32
CA ILE D 41 -68.36 -12.33 18.65
C ILE D 41 -67.17 -12.53 19.60
N LEU D 42 -67.38 -12.38 20.91
CA LEU D 42 -66.29 -12.60 21.85
C LEU D 42 -65.97 -14.09 21.98
N ALA D 43 -66.98 -14.95 21.87
CA ALA D 43 -66.74 -16.39 21.86
C ALA D 43 -66.06 -16.83 20.58
N ALA D 44 -66.29 -16.12 19.47
CA ALA D 44 -65.51 -16.38 18.27
C ALA D 44 -64.06 -15.93 18.41
N VAL D 45 -63.84 -14.77 19.03
CA VAL D 45 -62.49 -14.22 19.21
C VAL D 45 -61.66 -15.11 20.13
N LYS D 46 -62.25 -15.57 21.24
CA LYS D 46 -61.52 -16.41 22.18
C LYS D 46 -61.24 -17.80 21.61
N SER D 47 -61.95 -18.20 20.56
CA SER D 47 -61.77 -19.53 19.99
C SER D 47 -60.77 -19.54 18.84
N ASN D 48 -60.87 -18.59 17.91
CA ASN D 48 -60.08 -18.67 16.69
C ASN D 48 -59.14 -17.48 16.60
N PRO D 49 -57.82 -17.70 16.53
CA PRO D 49 -56.89 -16.57 16.40
C PRO D 49 -56.97 -15.84 15.08
N VAL D 50 -57.41 -16.50 14.00
CA VAL D 50 -57.64 -15.78 12.75
C VAL D 50 -58.77 -14.77 12.92
N VAL D 51 -59.85 -15.17 13.59
CA VAL D 51 -60.99 -14.28 13.80
C VAL D 51 -60.61 -13.18 14.79
N ALA D 52 -59.76 -13.51 15.77
CA ALA D 52 -59.25 -12.48 16.68
C ALA D 52 -58.40 -11.45 15.94
N GLY D 53 -57.57 -11.90 14.99
CA GLY D 53 -56.81 -10.97 14.17
C GLY D 53 -57.68 -10.13 13.25
N LEU D 54 -58.76 -10.72 12.72
CA LEU D 54 -59.68 -9.96 11.87
C LEU D 54 -60.39 -8.87 12.65
N THR D 55 -60.81 -9.17 13.89
CA THR D 55 -61.45 -8.16 14.72
C THR D 55 -60.47 -7.07 15.14
N LEU D 56 -59.25 -7.46 15.54
CA LEU D 56 -58.21 -6.51 15.90
C LEU D 56 -57.65 -5.75 14.70
N ALA D 57 -57.99 -6.15 13.48
CA ALA D 57 -57.78 -5.30 12.31
C ALA D 57 -58.97 -4.42 11.99
N GLN D 58 -60.19 -4.86 12.32
CA GLN D 58 -61.36 -4.02 12.14
C GLN D 58 -61.39 -2.83 13.08
N ILE D 59 -60.96 -3.00 14.33
CA ILE D 59 -60.72 -1.85 15.21
C ILE D 59 -59.21 -1.63 15.25
N GLY D 60 -58.78 -0.42 14.88
CA GLY D 60 -57.37 -0.20 14.65
C GLY D 60 -56.76 0.97 15.39
N SER D 61 -57.61 1.87 15.89
CA SER D 61 -57.11 3.00 16.66
C SER D 61 -56.64 2.54 18.05
N THR D 62 -57.40 1.63 18.67
CA THR D 62 -57.13 1.23 20.03
C THR D 62 -56.63 -0.20 20.16
N GLY D 63 -56.68 -0.99 19.09
CA GLY D 63 -56.27 -2.38 19.17
C GLY D 63 -54.96 -2.69 18.48
N TYR D 64 -54.15 -1.65 18.25
CA TYR D 64 -52.94 -1.83 17.45
C TYR D 64 -51.87 -2.60 18.21
N ASP D 65 -51.69 -2.30 19.50
CA ASP D 65 -50.66 -2.98 20.28
C ASP D 65 -51.02 -4.45 20.51
N ALA D 66 -52.30 -4.72 20.80
CA ALA D 66 -52.75 -6.10 20.96
C ALA D 66 -52.68 -6.86 19.64
N TYR D 67 -52.96 -6.17 18.52
CA TYR D 67 -52.86 -6.77 17.20
C TYR D 67 -51.42 -7.15 16.87
N GLN D 68 -50.48 -6.25 17.13
CA GLN D 68 -49.08 -6.55 16.87
C GLN D 68 -48.54 -7.60 17.84
N GLN D 69 -49.07 -7.66 19.06
CA GLN D 69 -48.64 -8.71 19.98
C GLN D 69 -49.16 -10.08 19.56
N LEU D 70 -50.39 -10.13 19.02
CA LEU D 70 -50.87 -11.37 18.40
C LEU D 70 -50.01 -11.76 17.21
N LEU D 71 -49.56 -10.77 16.44
CA LEU D 71 -48.72 -11.06 15.28
C LEU D 71 -47.33 -11.52 15.70
N GLU D 72 -46.85 -11.05 16.85
CA GLU D 72 -45.62 -11.59 17.43
C GLU D 72 -45.79 -13.03 17.85
N ASN D 73 -46.76 -13.30 18.72
CA ASN D 73 -46.89 -14.60 19.36
C ASN D 73 -47.39 -15.68 18.41
N HIS D 74 -48.15 -15.33 17.37
CA HIS D 74 -48.59 -16.29 16.36
C HIS D 74 -47.98 -15.88 15.02
N PRO D 75 -46.84 -16.44 14.65
CA PRO D 75 -46.33 -16.19 13.29
C PRO D 75 -46.97 -17.08 12.24
N GLU D 76 -47.64 -18.16 12.64
CA GLU D 76 -48.32 -19.03 11.68
C GLU D 76 -49.55 -18.37 11.09
N VAL D 77 -50.21 -17.48 11.84
CA VAL D 77 -51.44 -16.86 11.39
C VAL D 77 -51.19 -15.74 10.39
N ALA D 78 -49.93 -15.34 10.22
CA ALA D 78 -49.61 -14.09 9.52
C ALA D 78 -49.89 -14.20 8.02
N GLU D 79 -49.60 -15.37 7.42
CA GLU D 79 -49.86 -15.56 6.00
C GLU D 79 -51.34 -15.49 5.66
N MET D 80 -52.16 -16.23 6.41
CA MET D 80 -53.60 -16.24 6.14
C MET D 80 -54.24 -14.92 6.51
N LEU D 81 -53.73 -14.25 7.54
CA LEU D 81 -54.27 -12.96 7.95
C LEU D 81 -53.92 -11.88 6.92
N LYS D 82 -52.71 -11.93 6.36
CA LYS D 82 -52.32 -11.03 5.29
C LYS D 82 -53.10 -11.30 4.01
N ASP D 83 -53.40 -12.57 3.73
CA ASP D 83 -54.18 -12.89 2.54
C ASP D 83 -55.63 -12.42 2.66
N LEU D 84 -56.26 -12.64 3.81
CA LEU D 84 -57.63 -12.20 3.98
C LEU D 84 -57.76 -10.69 4.14
N SER D 85 -56.76 -10.02 4.71
CA SER D 85 -56.78 -8.57 4.85
C SER D 85 -55.92 -7.99 3.73
N PHE D 86 -56.52 -7.82 2.55
CA PHE D 86 -55.80 -7.34 1.38
C PHE D 86 -56.71 -6.42 0.56
N LYS D 87 -56.16 -5.28 0.16
CA LYS D 87 -56.85 -4.33 -0.70
C LYS D 87 -55.92 -3.89 -1.82
N ALA D 88 -56.50 -3.68 -2.99
CA ALA D 88 -55.71 -3.21 -4.14
C ALA D 88 -55.51 -1.72 -4.04
N ASP D 89 -54.27 -1.28 -4.17
CA ASP D 89 -53.96 0.14 -4.12
C ASP D 89 -54.37 0.81 -5.42
N GLU D 90 -54.90 2.03 -5.32
CA GLU D 90 -55.28 2.78 -6.50
C GLU D 90 -54.03 3.28 -7.22
N ILE D 91 -53.81 2.79 -8.42
CA ILE D 91 -52.61 3.12 -9.17
C ILE D 91 -52.88 4.42 -9.94
N GLN D 92 -51.80 5.15 -10.25
CA GLN D 92 -51.81 6.45 -10.89
C GLN D 92 -51.81 6.31 -12.41
N PRO D 93 -52.49 7.21 -13.12
CA PRO D 93 -52.55 7.11 -14.59
C PRO D 93 -51.24 7.39 -15.29
N ASP D 94 -50.50 8.39 -14.82
CA ASP D 94 -49.25 8.79 -15.44
C ASP D 94 -48.04 8.03 -14.91
N PHE D 95 -48.26 6.93 -14.18
CA PHE D 95 -47.18 6.37 -13.38
C PHE D 95 -46.17 5.61 -14.22
N ILE D 96 -46.62 4.65 -15.02
CA ILE D 96 -45.68 3.82 -15.77
C ILE D 96 -45.10 4.61 -16.94
N GLY D 97 -45.86 5.57 -17.49
CA GLY D 97 -45.31 6.44 -18.50
C GLY D 97 -44.28 7.40 -17.94
N ASN D 98 -44.45 7.82 -16.69
CA ASN D 98 -43.42 8.63 -16.04
C ASN D 98 -42.22 7.77 -15.66
N LEU D 99 -42.45 6.50 -15.36
CA LEU D 99 -41.37 5.61 -14.95
C LEU D 99 -40.48 5.24 -16.12
N GLY D 100 -41.06 5.10 -17.31
CA GLY D 100 -40.27 4.72 -18.48
C GLY D 100 -39.25 5.75 -18.93
N GLN D 101 -39.35 6.98 -18.43
CA GLN D 101 -38.42 8.05 -18.74
C GLN D 101 -37.11 7.95 -17.96
N TYR D 102 -37.01 7.02 -17.01
CA TYR D 102 -35.94 7.00 -16.03
C TYR D 102 -34.96 5.86 -16.27
N ARG D 103 -35.14 5.10 -17.35
CA ARG D 103 -34.20 4.08 -17.75
C ARG D 103 -32.84 4.68 -18.14
N GLU D 104 -32.85 5.91 -18.65
CA GLU D 104 -31.61 6.63 -18.96
C GLU D 104 -30.82 6.98 -17.70
N GLU D 105 -31.50 7.21 -16.58
CA GLU D 105 -30.90 7.68 -15.34
C GLU D 105 -30.42 6.53 -14.46
N LEU D 106 -31.28 5.51 -14.27
CA LEU D 106 -30.92 4.40 -13.41
C LEU D 106 -29.77 3.57 -13.98
N GLU D 107 -29.64 3.51 -15.30
CA GLU D 107 -28.54 2.77 -15.92
C GLU D 107 -27.21 3.44 -15.63
N LEU D 108 -27.18 4.77 -15.66
CA LEU D 108 -25.97 5.52 -15.35
C LEU D 108 -25.61 5.40 -13.87
N VAL D 109 -26.63 5.40 -12.99
CA VAL D 109 -26.39 5.22 -11.56
C VAL D 109 -25.79 3.85 -11.28
N GLU D 110 -26.33 2.81 -11.90
CA GLU D 110 -25.82 1.47 -11.64
C GLU D 110 -24.46 1.24 -12.28
N ASP D 111 -24.19 1.89 -13.42
CA ASP D 111 -22.86 1.80 -14.00
C ASP D 111 -21.82 2.51 -13.14
N ALA D 112 -22.18 3.61 -12.51
CA ALA D 112 -21.26 4.27 -11.58
C ALA D 112 -21.03 3.43 -10.34
N ALA D 113 -22.06 2.75 -9.85
CA ALA D 113 -21.91 1.91 -8.66
C ALA D 113 -21.05 0.69 -8.95
N ARG D 114 -21.12 0.15 -10.18
CA ARG D 114 -20.25 -0.97 -10.55
C ARG D 114 -18.77 -0.59 -10.50
N PHE D 115 -18.45 0.65 -10.86
CA PHE D 115 -17.06 1.09 -10.79
C PHE D 115 -16.63 1.38 -9.36
N VAL D 116 -17.47 2.09 -8.61
CA VAL D 116 -17.06 2.55 -7.28
C VAL D 116 -17.02 1.39 -6.30
N GLY D 117 -18.08 0.57 -6.25
CA GLY D 117 -18.24 -0.36 -5.16
C GLY D 117 -19.69 -0.60 -4.81
N GLY D 118 -20.09 -0.27 -3.60
CA GLY D 118 -21.49 -0.30 -3.27
C GLY D 118 -22.16 1.04 -3.48
N MET D 119 -23.48 1.04 -3.32
CA MET D 119 -24.23 2.29 -3.35
C MET D 119 -23.88 3.16 -2.15
N SER D 120 -23.52 2.53 -1.02
CA SER D 120 -23.03 3.28 0.13
C SER D 120 -21.72 3.99 -0.19
N ASN D 121 -20.84 3.30 -0.92
CA ASN D 121 -19.59 3.91 -1.37
C ASN D 121 -19.84 5.03 -2.35
N LEU D 122 -20.87 4.90 -3.20
CA LEU D 122 -21.18 5.96 -4.15
C LEU D 122 -21.72 7.19 -3.43
N ILE D 123 -22.57 6.99 -2.42
CA ILE D 123 -23.11 8.10 -1.64
C ILE D 123 -21.99 8.80 -0.88
N ARG D 124 -21.07 8.03 -0.30
CA ARG D 124 -19.98 8.65 0.47
C ARG D 124 -19.00 9.37 -0.44
N LEU D 125 -18.74 8.83 -1.63
CA LEU D 125 -17.84 9.51 -2.57
C LEU D 125 -18.49 10.77 -3.14
N ARG D 126 -19.81 10.76 -3.36
CA ARG D 126 -20.49 11.96 -3.82
C ARG D 126 -20.48 13.04 -2.74
N GLN D 127 -20.64 12.64 -1.48
CA GLN D 127 -20.54 13.59 -0.37
C GLN D 127 -19.14 14.17 -0.25
N ALA D 128 -18.10 13.34 -0.45
CA ALA D 128 -16.73 13.83 -0.34
C ALA D 128 -16.39 14.78 -1.48
N LEU D 129 -16.82 14.48 -2.70
CA LEU D 129 -16.56 15.41 -3.79
C LEU D 129 -17.52 16.59 -3.80
N GLU D 130 -18.56 16.56 -2.98
CA GLU D 130 -19.37 17.74 -2.74
C GLU D 130 -18.83 18.59 -1.59
N LEU D 131 -17.91 18.02 -0.80
CA LEU D 131 -17.43 18.65 0.42
C LEU D 131 -16.49 19.83 0.11
N ASP D 132 -16.45 20.77 1.05
CA ASP D 132 -15.66 22.00 0.97
C ASP D 132 -14.15 21.67 1.01
N ILE D 133 -13.34 22.66 0.61
CA ILE D 133 -11.91 22.47 0.43
C ILE D 133 -11.16 22.62 1.76
N LYS D 134 -11.77 23.33 2.71
CA LYS D 134 -11.16 23.59 4.02
C LYS D 134 -10.90 22.32 4.78
N TYR D 135 -11.77 21.32 4.62
CA TYR D 135 -11.56 20.03 5.27
C TYR D 135 -10.36 19.30 4.69
N TYR D 136 -10.13 19.45 3.39
CA TYR D 136 -8.94 18.85 2.78
C TYR D 136 -7.69 19.54 3.27
N GLY D 137 -7.73 20.86 3.40
CA GLY D 137 -6.60 21.58 3.98
C GLY D 137 -6.35 21.24 5.44
N LEU D 138 -7.41 20.97 6.19
CA LEU D 138 -7.28 20.58 7.59
C LEU D 138 -6.62 19.20 7.70
N LYS D 139 -7.01 18.26 6.84
CA LYS D 139 -6.41 16.94 6.90
C LYS D 139 -4.95 16.98 6.46
N MET D 140 -4.65 17.84 5.47
CA MET D 140 -3.25 18.03 5.07
C MET D 140 -2.42 18.62 6.20
N GLN D 141 -3.00 19.51 7.00
CA GLN D 141 -2.19 20.12 8.04
C GLN D 141 -1.97 19.17 9.21
N LEU D 142 -3.00 18.39 9.58
CA LEU D 142 -2.77 17.35 10.59
C LEU D 142 -1.78 16.30 10.13
N ASN D 143 -1.74 15.98 8.84
CA ASN D 143 -0.70 15.09 8.35
C ASN D 143 0.66 15.78 8.33
N ASP D 144 0.68 17.10 8.16
CA ASP D 144 1.95 17.82 8.14
C ASP D 144 2.57 17.89 9.53
N MET D 145 1.75 18.02 10.55
CA MET D 145 2.28 18.03 11.91
C MET D 145 2.68 16.65 12.40
N GLY D 146 2.35 15.59 11.69
CA GLY D 146 2.69 14.25 12.11
C GLY D 146 1.59 13.55 12.87
N TYR D 147 0.41 13.44 12.26
CA TYR D 147 -0.72 12.77 12.89
C TYR D 147 -1.46 11.94 11.84
N ARG D 148 -1.41 10.62 12.00
CA ARG D 148 -2.22 9.76 11.15
C ARG D 148 -3.44 9.26 11.91
N MET E 1 -40.85 -4.24 5.19
CA MET E 1 -41.64 -4.50 6.38
C MET E 1 -40.87 -4.26 7.67
N LEU E 2 -41.51 -3.58 8.61
CA LEU E 2 -40.94 -3.30 9.91
C LEU E 2 -41.41 -4.36 10.91
N LEU E 3 -40.50 -4.79 11.78
CA LEU E 3 -40.84 -5.84 12.74
C LEU E 3 -41.79 -5.30 13.81
N PRO E 4 -42.72 -6.14 14.31
CA PRO E 4 -43.70 -5.65 15.28
C PRO E 4 -43.12 -5.25 16.62
N VAL E 5 -41.98 -5.82 17.03
CA VAL E 5 -41.36 -5.47 18.30
C VAL E 5 -40.93 -4.01 18.30
N VAL E 6 -40.38 -3.54 17.17
CA VAL E 6 -40.10 -2.12 17.01
C VAL E 6 -41.39 -1.34 16.82
N ALA E 7 -42.31 -1.88 16.00
CA ALA E 7 -43.48 -1.12 15.54
C ALA E 7 -44.42 -0.73 16.67
N ARG E 8 -44.54 -1.60 17.70
CA ARG E 8 -45.38 -1.34 18.86
C ARG E 8 -45.03 -0.06 19.59
N ALA E 9 -43.73 0.23 19.72
CA ALA E 9 -43.31 1.49 20.33
C ALA E 9 -42.99 2.58 19.32
N ALA E 10 -42.85 2.23 18.04
CA ALA E 10 -42.45 3.21 17.05
C ALA E 10 -43.62 3.99 16.47
N VAL E 11 -44.74 3.30 16.20
CA VAL E 11 -45.91 3.94 15.59
C VAL E 11 -46.60 4.99 16.48
N PRO E 12 -46.96 4.73 17.76
CA PRO E 12 -47.73 5.77 18.47
C PRO E 12 -46.92 6.99 18.85
N ALA E 13 -45.60 6.90 18.92
CA ALA E 13 -44.79 8.08 19.17
C ALA E 13 -44.81 9.03 17.97
N ILE E 14 -44.72 8.48 16.77
CA ILE E 14 -44.82 9.27 15.55
C ILE E 14 -46.23 9.85 15.42
N GLU E 15 -47.24 9.04 15.76
CA GLU E 15 -48.63 9.52 15.72
C GLU E 15 -48.88 10.64 16.72
N SER E 16 -48.27 10.56 17.90
CA SER E 16 -48.42 11.62 18.90
C SER E 16 -47.66 12.87 18.49
N ALA E 17 -46.53 12.72 17.79
CA ALA E 17 -45.81 13.88 17.29
C ALA E 17 -46.60 14.59 16.19
N ILE E 18 -47.28 13.81 15.33
CA ILE E 18 -48.15 14.39 14.31
C ILE E 18 -49.35 15.09 14.95
N ALA E 19 -49.92 14.47 15.99
CA ALA E 19 -51.01 15.12 16.72
C ALA E 19 -50.55 16.36 17.48
N ALA E 20 -49.26 16.42 17.83
CA ALA E 20 -48.71 17.64 18.40
C ALA E 20 -48.59 18.73 17.35
N THR E 21 -47.98 18.42 16.21
CA THR E 21 -47.90 19.43 15.14
C THR E 21 -47.94 18.80 13.75
N PRO E 22 -48.63 19.44 12.79
CA PRO E 22 -48.63 18.92 11.42
C PRO E 22 -47.59 19.59 10.55
N GLY E 23 -46.88 20.58 11.11
CA GLY E 23 -45.86 21.27 10.35
C GLY E 23 -44.63 20.42 10.08
N LEU E 24 -44.44 19.36 10.87
CA LEU E 24 -43.38 18.40 10.62
C LEU E 24 -43.78 17.32 9.63
N VAL E 25 -45.08 17.20 9.33
CA VAL E 25 -45.54 16.18 8.39
C VAL E 25 -45.13 16.55 6.97
N SER E 26 -45.23 17.83 6.61
CA SER E 26 -44.74 18.28 5.31
C SER E 26 -43.22 18.17 5.23
N ARG E 27 -42.53 18.36 6.36
CA ARG E 27 -41.08 18.22 6.40
C ARG E 27 -40.66 16.78 6.15
N ILE E 28 -41.30 15.82 6.82
CA ILE E 28 -40.93 14.42 6.62
C ILE E 28 -41.43 13.90 5.28
N ALA E 29 -42.50 14.49 4.73
CA ALA E 29 -42.96 14.09 3.39
C ALA E 29 -41.99 14.58 2.32
N ALA E 30 -41.44 15.78 2.48
CA ALA E 30 -40.45 16.26 1.53
C ALA E 30 -39.10 15.60 1.76
N ALA E 31 -38.86 15.11 2.98
CA ALA E 31 -37.58 14.49 3.28
C ALA E 31 -37.49 13.07 2.74
N ILE E 32 -38.50 12.25 3.02
CA ILE E 32 -38.50 10.89 2.49
C ILE E 32 -38.90 10.89 1.02
N GLY E 33 -39.97 11.60 0.67
CA GLY E 33 -40.39 11.65 -0.71
C GLY E 33 -41.67 10.89 -0.94
N SER E 34 -42.52 10.87 0.08
CA SER E 34 -43.82 10.23 0.02
C SER E 34 -44.91 11.30 -0.03
N LYS E 35 -46.16 10.86 -0.03
CA LYS E 35 -47.28 11.79 -0.06
C LYS E 35 -47.39 12.51 1.28
N VAL E 36 -47.94 13.73 1.23
CA VAL E 36 -48.01 14.57 2.44
C VAL E 36 -49.03 14.08 3.44
N SER E 37 -49.89 13.11 3.07
CA SER E 37 -50.91 12.66 3.98
C SER E 37 -50.34 11.75 5.08
N PRO E 38 -50.87 11.89 6.30
CA PRO E 38 -50.34 11.12 7.44
C PRO E 38 -50.49 9.62 7.30
N SER E 39 -51.56 9.15 6.66
CA SER E 39 -51.73 7.72 6.45
C SER E 39 -50.69 7.19 5.48
N ALA E 40 -50.33 7.97 4.47
CA ALA E 40 -49.31 7.53 3.51
C ALA E 40 -47.92 7.48 4.15
N ILE E 41 -47.57 8.51 4.93
CA ILE E 41 -46.25 8.44 5.55
C ILE E 41 -46.22 7.37 6.67
N LEU E 42 -47.35 7.11 7.32
CA LEU E 42 -47.38 6.06 8.34
C LEU E 42 -47.31 4.67 7.72
N ALA E 43 -47.92 4.50 6.54
CA ALA E 43 -47.77 3.25 5.81
C ALA E 43 -46.33 3.07 5.31
N ALA E 44 -45.67 4.16 4.94
CA ALA E 44 -44.26 4.08 4.56
C ALA E 44 -43.37 3.72 5.74
N VAL E 45 -43.69 4.25 6.92
CA VAL E 45 -42.99 3.88 8.15
C VAL E 45 -43.19 2.40 8.47
N LYS E 46 -44.42 1.91 8.36
CA LYS E 46 -44.70 0.50 8.63
C LYS E 46 -44.08 -0.43 7.60
N SER E 47 -43.93 0.01 6.36
CA SER E 47 -43.43 -0.87 5.31
C SER E 47 -41.91 -0.79 5.13
N ASN E 48 -41.25 0.27 5.61
CA ASN E 48 -39.81 0.40 5.40
C ASN E 48 -39.14 0.88 6.68
N PRO E 49 -38.22 0.10 7.26
CA PRO E 49 -37.51 0.58 8.45
C PRO E 49 -36.53 1.72 8.16
N VAL E 50 -36.08 1.88 6.92
CA VAL E 50 -35.23 3.03 6.59
C VAL E 50 -36.05 4.32 6.64
N VAL E 51 -37.27 4.28 6.11
CA VAL E 51 -38.18 5.43 6.20
C VAL E 51 -38.56 5.69 7.65
N ALA E 52 -38.74 4.62 8.43
CA ALA E 52 -39.02 4.75 9.86
C ALA E 52 -37.87 5.43 10.60
N GLY E 53 -36.63 5.05 10.26
CA GLY E 53 -35.48 5.68 10.88
C GLY E 53 -35.27 7.12 10.45
N LEU E 54 -35.61 7.44 9.21
CA LEU E 54 -35.52 8.85 8.78
C LEU E 54 -36.56 9.71 9.47
N THR E 55 -37.76 9.17 9.72
CA THR E 55 -38.75 9.89 10.51
C THR E 55 -38.30 10.04 11.96
N LEU E 56 -37.70 8.98 12.53
CA LEU E 56 -37.19 9.07 13.90
C LEU E 56 -35.88 9.84 14.00
N ALA E 57 -35.31 10.25 12.88
CA ALA E 57 -34.26 11.26 12.87
C ALA E 57 -34.80 12.67 12.71
N GLN E 58 -35.90 12.83 11.97
CA GLN E 58 -36.54 14.15 11.88
C GLN E 58 -37.16 14.57 13.20
N ILE E 59 -37.80 13.64 13.91
CA ILE E 59 -38.27 13.90 15.27
C ILE E 59 -37.52 12.97 16.22
N GLY E 60 -36.97 13.55 17.27
CA GLY E 60 -36.16 12.78 18.20
C GLY E 60 -36.43 13.17 19.64
N SER E 61 -37.39 14.07 19.84
CA SER E 61 -37.78 14.46 21.19
C SER E 61 -38.46 13.29 21.92
N THR E 62 -39.55 12.79 21.36
CA THR E 62 -40.21 11.62 21.92
C THR E 62 -39.79 10.33 21.24
N GLY E 63 -39.33 10.40 19.99
CA GLY E 63 -38.99 9.21 19.23
C GLY E 63 -37.57 8.72 19.45
N TYR E 64 -36.93 9.17 20.53
CA TYR E 64 -35.56 8.74 20.81
C TYR E 64 -35.53 7.28 21.25
N ASP E 65 -36.50 6.87 22.09
CA ASP E 65 -36.55 5.50 22.56
C ASP E 65 -36.89 4.54 21.43
N ALA E 66 -37.83 4.92 20.57
CA ALA E 66 -38.17 4.10 19.41
C ALA E 66 -37.02 4.04 18.42
N TYR E 67 -36.26 5.14 18.30
CA TYR E 67 -35.07 5.15 17.44
C TYR E 67 -34.02 4.20 17.98
N GLN E 68 -33.82 4.19 19.30
CA GLN E 68 -32.85 3.27 19.90
C GLN E 68 -33.31 1.83 19.76
N GLN E 69 -34.63 1.59 19.80
CA GLN E 69 -35.14 0.23 19.69
C GLN E 69 -34.98 -0.30 18.27
N LEU E 70 -35.26 0.54 17.26
CA LEU E 70 -35.02 0.16 15.87
C LEU E 70 -33.52 0.03 15.59
N LEU E 71 -32.71 0.84 16.26
CA LEU E 71 -31.25 0.74 16.18
C LEU E 71 -30.77 -0.60 16.71
N GLU E 72 -31.26 -1.01 17.88
CA GLU E 72 -30.84 -2.26 18.50
C GLU E 72 -31.39 -3.47 17.76
N ASN E 73 -32.54 -3.33 17.09
CA ASN E 73 -33.07 -4.45 16.35
C ASN E 73 -32.37 -4.62 15.00
N HIS E 74 -32.41 -3.60 14.15
CA HIS E 74 -31.81 -3.74 12.83
C HIS E 74 -30.50 -2.95 12.76
N PRO E 75 -29.38 -3.60 12.42
CA PRO E 75 -28.11 -2.86 12.27
C PRO E 75 -27.95 -2.21 10.90
N GLU E 76 -28.56 -2.84 9.90
CA GLU E 76 -28.34 -2.43 8.51
C GLU E 76 -29.02 -1.11 8.19
N VAL E 77 -30.14 -0.83 8.87
CA VAL E 77 -30.77 0.48 8.74
C VAL E 77 -29.87 1.58 9.30
N ALA E 78 -29.06 1.27 10.31
CA ALA E 78 -28.12 2.24 10.83
C ALA E 78 -26.92 2.41 9.90
N GLU E 79 -26.46 1.31 9.33
CA GLU E 79 -25.32 1.35 8.40
C GLU E 79 -25.67 2.15 7.15
N MET E 80 -26.93 2.09 6.73
CA MET E 80 -27.36 2.90 5.58
C MET E 80 -27.76 4.31 6.01
N LEU E 81 -28.27 4.47 7.23
CA LEU E 81 -28.79 5.75 7.68
C LEU E 81 -27.68 6.71 8.08
N LYS E 82 -26.52 6.21 8.50
CA LYS E 82 -25.38 7.09 8.70
C LYS E 82 -24.93 7.73 7.39
N ASP E 83 -25.03 6.98 6.29
CA ASP E 83 -24.71 7.53 4.97
C ASP E 83 -25.79 8.47 4.46
N LEU E 84 -27.06 8.12 4.67
CA LEU E 84 -28.15 8.96 4.16
C LEU E 84 -28.39 10.19 5.02
N SER E 85 -27.90 10.21 6.25
CA SER E 85 -28.06 11.34 7.15
C SER E 85 -26.67 11.92 7.40
N PHE E 86 -26.31 12.96 6.66
CA PHE E 86 -25.03 13.60 6.80
C PHE E 86 -25.15 15.09 6.50
N LYS E 87 -24.87 15.90 7.50
CA LYS E 87 -24.83 17.35 7.36
C LYS E 87 -23.41 17.81 7.59
N ALA E 88 -22.81 18.44 6.59
CA ALA E 88 -21.46 18.97 6.75
C ALA E 88 -21.50 20.22 7.61
N ASP E 89 -20.82 20.17 8.76
CA ASP E 89 -20.82 21.29 9.68
C ASP E 89 -20.03 22.47 9.11
N GLU E 90 -20.38 23.66 9.57
CA GLU E 90 -19.69 24.87 9.15
C GLU E 90 -18.31 24.94 9.79
N ILE E 91 -17.31 25.27 8.99
CA ILE E 91 -15.94 25.39 9.46
C ILE E 91 -15.60 26.87 9.56
N GLN E 92 -14.83 27.22 10.58
CA GLN E 92 -14.39 28.59 10.73
C GLN E 92 -13.33 28.92 9.69
N PRO E 93 -13.27 30.17 9.24
CA PRO E 93 -12.20 30.55 8.32
C PRO E 93 -10.83 30.60 8.99
N ASP E 94 -10.80 30.82 10.30
CA ASP E 94 -9.56 30.98 11.05
C ASP E 94 -9.05 29.67 11.63
N PHE E 95 -9.64 28.54 11.25
CA PHE E 95 -9.46 27.31 12.03
C PHE E 95 -8.10 26.69 11.77
N ILE E 96 -7.71 26.53 10.51
CA ILE E 96 -6.48 25.82 10.20
C ILE E 96 -5.24 26.68 10.49
N GLY E 97 -5.32 27.98 10.21
CA GLY E 97 -4.24 28.86 10.59
C GLY E 97 -4.16 29.10 12.08
N ASN E 98 -5.30 28.98 12.77
CA ASN E 98 -5.30 29.01 14.21
C ASN E 98 -4.66 27.76 14.78
N LEU E 99 -4.91 26.61 14.14
CA LEU E 99 -4.35 25.34 14.60
C LEU E 99 -2.86 25.25 14.30
N GLY E 100 -2.38 26.01 13.32
CA GLY E 100 -0.95 26.05 13.08
C GLY E 100 -0.13 26.64 14.22
N GLN E 101 -0.75 27.42 15.10
CA GLN E 101 -0.04 28.09 16.17
C GLN E 101 0.20 27.19 17.38
N TYR E 102 -0.24 25.94 17.32
CA TYR E 102 -0.18 25.02 18.44
C TYR E 102 0.78 23.87 18.19
N ARG E 103 1.38 23.85 16.99
CA ARG E 103 2.34 22.82 16.60
C ARG E 103 3.58 22.84 17.46
N GLU E 104 4.01 24.05 17.86
CA GLU E 104 5.18 24.29 18.67
C GLU E 104 5.06 23.74 20.09
N GLU E 105 3.87 23.32 20.48
CA GLU E 105 3.46 23.21 21.87
C GLU E 105 2.85 21.86 22.20
N LEU E 106 2.08 21.30 21.26
CA LEU E 106 1.69 19.89 21.37
C LEU E 106 2.89 18.97 21.31
N GLU E 107 3.92 19.36 20.54
CA GLU E 107 5.18 18.64 20.51
C GLU E 107 5.84 18.62 21.87
N LEU E 108 5.74 19.74 22.60
CA LEU E 108 6.32 19.85 23.92
C LEU E 108 5.56 18.99 24.93
N VAL E 109 4.23 18.95 24.80
CA VAL E 109 3.39 18.06 25.63
C VAL E 109 3.75 16.59 25.40
N GLU E 110 3.90 16.18 24.13
CA GLU E 110 4.27 14.79 23.85
C GLU E 110 5.69 14.45 24.29
N ASP E 111 6.62 15.40 24.18
CA ASP E 111 7.99 15.12 24.60
C ASP E 111 8.08 15.00 26.11
N ALA E 112 7.15 15.65 26.83
CA ALA E 112 7.05 15.39 28.25
C ALA E 112 6.38 14.04 28.53
N ALA E 113 5.34 13.71 27.76
CA ALA E 113 4.54 12.52 28.05
C ALA E 113 5.31 11.23 27.79
N ARG E 114 6.16 11.22 26.77
CA ARG E 114 7.01 10.05 26.51
C ARG E 114 7.98 9.79 27.65
N PHE E 115 8.43 10.84 28.32
CA PHE E 115 9.36 10.65 29.42
C PHE E 115 8.64 10.23 30.69
N VAL E 116 7.49 10.85 30.99
CA VAL E 116 6.80 10.54 32.24
C VAL E 116 6.15 9.17 32.17
N GLY E 117 5.62 8.81 31.01
CA GLY E 117 4.92 7.54 30.91
C GLY E 117 3.63 7.68 30.14
N GLY E 118 2.51 7.52 30.82
CA GLY E 118 1.24 7.80 30.21
C GLY E 118 0.82 9.25 30.35
N MET E 119 -0.30 9.56 29.67
CA MET E 119 -0.97 10.84 29.84
C MET E 119 -1.46 11.01 31.28
N SER E 120 -2.00 9.94 31.86
CA SER E 120 -2.45 9.99 33.25
C SER E 120 -1.27 10.12 34.20
N ASN E 121 -0.13 9.52 33.86
CA ASN E 121 1.08 9.71 34.67
C ASN E 121 1.54 11.15 34.62
N LEU E 122 1.42 11.82 33.47
CA LEU E 122 1.79 13.22 33.40
C LEU E 122 0.84 14.08 34.23
N ILE E 123 -0.46 13.80 34.14
CA ILE E 123 -1.43 14.62 34.87
C ILE E 123 -1.27 14.44 36.37
N ARG E 124 -1.00 13.21 36.81
CA ARG E 124 -0.84 12.96 38.23
C ARG E 124 0.48 13.53 38.75
N LEU E 125 1.54 13.50 37.93
CA LEU E 125 2.79 14.16 38.33
C LEU E 125 2.63 15.68 38.41
N ARG E 126 1.84 16.26 37.50
CA ARG E 126 1.58 17.69 37.54
C ARG E 126 0.80 18.08 38.79
N GLN E 127 -0.19 17.27 39.15
CA GLN E 127 -0.96 17.54 40.37
C GLN E 127 -0.12 17.34 41.62
N ALA E 128 0.76 16.34 41.63
CA ALA E 128 1.59 16.08 42.80
C ALA E 128 2.62 17.17 43.01
N LEU E 129 3.14 17.75 41.93
CA LEU E 129 4.07 18.87 42.12
C LEU E 129 3.34 20.16 42.42
N GLU E 130 2.11 20.31 41.93
CA GLU E 130 1.35 21.53 42.20
C GLU E 130 0.72 21.48 43.60
N LEU E 131 0.74 20.32 44.25
CA LEU E 131 0.15 20.12 45.56
C LEU E 131 0.95 20.88 46.63
N ASP E 132 0.33 21.06 47.80
CA ASP E 132 0.86 21.87 48.88
C ASP E 132 2.00 21.15 49.60
N ILE E 133 2.85 21.93 50.28
CA ILE E 133 4.00 21.40 50.99
C ILE E 133 3.61 20.64 52.26
N LYS E 134 2.50 21.01 52.88
CA LYS E 134 2.07 20.36 54.12
C LYS E 134 1.67 18.91 53.89
N TYR E 135 1.29 18.55 52.66
CA TYR E 135 1.02 17.14 52.37
C TYR E 135 2.32 16.33 52.34
N TYR E 136 3.40 16.92 51.81
CA TYR E 136 4.71 16.29 51.91
C TYR E 136 5.16 16.15 53.36
N GLY E 137 4.86 17.16 54.18
CA GLY E 137 5.22 17.08 55.59
C GLY E 137 4.42 16.04 56.35
N LEU E 138 3.14 15.90 56.01
CA LEU E 138 2.31 14.86 56.59
C LEU E 138 2.79 13.47 56.20
N LYS E 139 3.20 13.31 54.93
CA LYS E 139 3.78 12.05 54.47
C LYS E 139 5.06 11.71 55.23
N MET E 140 5.93 12.71 55.44
CA MET E 140 7.16 12.48 56.19
C MET E 140 6.88 12.17 57.66
N GLN E 141 5.84 12.75 58.24
CA GLN E 141 5.60 12.47 59.65
C GLN E 141 4.95 11.11 59.86
N LEU E 142 4.06 10.69 58.96
CA LEU E 142 3.56 9.32 59.03
C LEU E 142 4.66 8.30 58.78
N ASN E 143 5.66 8.63 57.97
CA ASN E 143 6.78 7.72 57.84
C ASN E 143 7.68 7.76 59.08
N ASP E 144 7.74 8.91 59.75
CA ASP E 144 8.52 9.02 60.98
C ASP E 144 7.92 8.18 62.11
N MET E 145 6.60 8.15 62.20
CA MET E 145 5.98 7.34 63.24
C MET E 145 6.01 5.85 62.96
N GLY E 146 6.41 5.44 61.76
CA GLY E 146 6.50 4.03 61.45
C GLY E 146 5.32 3.47 60.69
N TYR E 147 4.88 4.15 59.63
CA TYR E 147 3.73 3.73 58.86
C TYR E 147 4.05 3.81 57.38
N ARG E 148 3.55 2.83 56.63
CA ARG E 148 3.74 2.78 55.19
C ARG E 148 2.69 1.90 54.54
N MET F 1 -13.35 2.14 48.84
CA MET F 1 -14.40 2.95 48.25
C MET F 1 -15.73 2.23 48.28
N LEU F 2 -16.80 2.97 48.04
CA LEU F 2 -18.15 2.46 48.08
C LEU F 2 -18.59 2.05 46.67
N LEU F 3 -19.27 0.92 46.58
CA LEU F 3 -19.77 0.45 45.29
C LEU F 3 -20.84 1.38 44.76
N PRO F 4 -20.95 1.55 43.44
CA PRO F 4 -22.02 2.41 42.89
C PRO F 4 -23.41 1.84 43.10
N VAL F 5 -23.54 0.50 43.14
CA VAL F 5 -24.83 -0.14 43.36
C VAL F 5 -25.36 0.19 44.75
N VAL F 6 -24.47 0.20 45.74
CA VAL F 6 -24.84 0.66 47.08
C VAL F 6 -25.05 2.16 47.08
N ALA F 7 -24.18 2.89 46.37
CA ALA F 7 -24.12 4.35 46.50
C ALA F 7 -25.36 5.04 45.94
N ARG F 8 -25.92 4.52 44.84
CA ARG F 8 -27.14 5.09 44.25
C ARG F 8 -28.32 5.06 45.21
N ALA F 9 -28.43 4.01 46.02
CA ALA F 9 -29.50 3.93 46.99
C ALA F 9 -29.11 4.49 48.35
N ALA F 10 -27.81 4.72 48.57
CA ALA F 10 -27.36 5.15 49.89
C ALA F 10 -27.30 6.67 50.02
N VAL F 11 -26.73 7.36 49.04
CA VAL F 11 -26.46 8.80 49.13
C VAL F 11 -27.72 9.68 49.19
N PRO F 12 -28.75 9.53 48.32
CA PRO F 12 -29.94 10.38 48.50
C PRO F 12 -30.74 10.07 49.74
N ALA F 13 -30.58 8.88 50.34
CA ALA F 13 -31.22 8.60 51.61
C ALA F 13 -30.65 9.46 52.73
N ILE F 14 -29.32 9.56 52.79
CA ILE F 14 -28.67 10.40 53.79
C ILE F 14 -28.96 11.87 53.53
N GLU F 15 -29.01 12.26 52.25
CA GLU F 15 -29.37 13.63 51.90
C GLU F 15 -30.81 13.96 52.31
N SER F 16 -31.73 13.02 52.13
CA SER F 16 -33.12 13.24 52.52
C SER F 16 -33.27 13.27 54.04
N ALA F 17 -32.44 12.51 54.76
CA ALA F 17 -32.48 12.55 56.21
C ALA F 17 -31.99 13.90 56.74
N ILE F 18 -30.93 14.44 56.14
CA ILE F 18 -30.43 15.76 56.53
C ILE F 18 -31.47 16.83 56.19
N ALA F 19 -32.11 16.71 55.02
CA ALA F 19 -33.19 17.63 54.66
C ALA F 19 -34.42 17.48 55.55
N ALA F 20 -34.61 16.30 56.14
CA ALA F 20 -35.68 16.12 57.12
C ALA F 20 -35.37 16.86 58.41
N THR F 21 -34.23 16.55 59.02
CA THR F 21 -33.87 17.31 60.22
C THR F 21 -32.36 17.56 60.34
N PRO F 22 -31.96 18.75 60.77
CA PRO F 22 -30.54 19.03 60.99
C PRO F 22 -30.04 18.60 62.36
N GLY F 23 -30.92 18.17 63.26
CA GLY F 23 -30.48 17.66 64.55
C GLY F 23 -29.73 16.35 64.46
N LEU F 24 -29.92 15.59 63.39
CA LEU F 24 -29.18 14.36 63.18
C LEU F 24 -27.77 14.61 62.67
N VAL F 25 -27.50 15.81 62.15
CA VAL F 25 -26.19 16.09 61.55
C VAL F 25 -25.11 16.13 62.61
N SER F 26 -25.37 16.85 63.71
CA SER F 26 -24.44 16.87 64.82
C SER F 26 -24.35 15.51 65.51
N ARG F 27 -25.45 14.74 65.48
CA ARG F 27 -25.44 13.39 66.06
C ARG F 27 -24.50 12.47 65.29
N ILE F 28 -24.61 12.46 63.97
CA ILE F 28 -23.75 11.57 63.18
C ILE F 28 -22.33 12.13 63.10
N ALA F 29 -22.15 13.43 63.26
CA ALA F 29 -20.80 13.99 63.32
C ALA F 29 -20.10 13.59 64.61
N ALA F 30 -20.83 13.53 65.73
CA ALA F 30 -20.25 13.02 66.96
C ALA F 30 -20.09 11.51 66.93
N ALA F 31 -20.95 10.81 66.21
CA ALA F 31 -20.90 9.35 66.19
C ALA F 31 -19.75 8.84 65.34
N ILE F 32 -19.50 9.46 64.19
CA ILE F 32 -18.43 9.02 63.32
C ILE F 32 -17.12 9.72 63.67
N GLY F 33 -17.16 11.03 63.83
CA GLY F 33 -15.95 11.77 64.10
C GLY F 33 -15.62 12.73 62.98
N SER F 34 -16.66 13.11 62.24
CA SER F 34 -16.52 14.01 61.11
C SER F 34 -16.76 15.44 61.58
N LYS F 35 -16.58 16.37 60.66
CA LYS F 35 -16.97 17.74 60.91
C LYS F 35 -18.49 17.84 60.77
N VAL F 36 -19.06 18.91 61.33
CA VAL F 36 -20.51 19.09 61.33
C VAL F 36 -21.08 19.47 59.96
N SER F 37 -20.25 19.63 58.94
CA SER F 37 -20.85 19.99 57.66
C SER F 37 -21.32 18.74 56.92
N PRO F 38 -22.49 18.83 56.25
CA PRO F 38 -23.02 17.69 55.51
C PRO F 38 -22.14 17.25 54.35
N SER F 39 -21.38 18.18 53.75
CA SER F 39 -20.41 17.80 52.74
C SER F 39 -19.30 16.95 53.33
N ALA F 40 -18.89 17.23 54.57
CA ALA F 40 -17.86 16.42 55.22
C ALA F 40 -18.38 15.02 55.54
N ILE F 41 -19.59 14.92 56.07
CA ILE F 41 -20.09 13.58 56.39
C ILE F 41 -20.40 12.81 55.10
N LEU F 42 -20.77 13.52 54.02
CA LEU F 42 -21.08 12.85 52.77
C LEU F 42 -19.81 12.36 52.09
N ALA F 43 -18.72 13.12 52.21
CA ALA F 43 -17.42 12.64 51.74
C ALA F 43 -16.95 11.43 52.53
N ALA F 44 -17.21 11.43 53.85
CA ALA F 44 -16.83 10.28 54.67
C ALA F 44 -17.64 9.03 54.31
N VAL F 45 -18.94 9.22 54.01
CA VAL F 45 -19.78 8.11 53.55
C VAL F 45 -19.28 7.57 52.22
N LYS F 46 -19.05 8.44 51.24
CA LYS F 46 -18.63 7.99 49.92
C LYS F 46 -17.22 7.42 49.92
N SER F 47 -16.39 7.75 50.92
CA SER F 47 -15.06 7.18 50.99
C SER F 47 -15.02 5.84 51.72
N ASN F 48 -15.69 5.71 52.87
CA ASN F 48 -15.52 4.53 53.71
C ASN F 48 -16.86 3.84 53.88
N PRO F 49 -16.99 2.58 53.45
CA PRO F 49 -18.27 1.86 53.65
C PRO F 49 -18.60 1.55 55.09
N VAL F 50 -17.60 1.50 55.98
CA VAL F 50 -17.90 1.33 57.41
C VAL F 50 -18.58 2.59 57.94
N VAL F 51 -18.12 3.76 57.51
CA VAL F 51 -18.76 5.02 57.87
C VAL F 51 -20.14 5.12 57.23
N ALA F 52 -20.28 4.59 56.01
CA ALA F 52 -21.59 4.53 55.36
C ALA F 52 -22.57 3.66 56.14
N GLY F 53 -22.10 2.52 56.66
CA GLY F 53 -22.94 1.67 57.48
C GLY F 53 -23.28 2.30 58.82
N LEU F 54 -22.35 3.05 59.41
CA LEU F 54 -22.65 3.74 60.66
C LEU F 54 -23.67 4.86 60.48
N THR F 55 -23.60 5.57 59.34
CA THR F 55 -24.61 6.59 59.07
C THR F 55 -25.98 5.96 58.77
N LEU F 56 -26.01 4.89 57.99
CA LEU F 56 -27.25 4.18 57.74
C LEU F 56 -27.76 3.41 58.96
N ALA F 57 -26.95 3.28 60.01
CA ALA F 57 -27.46 2.81 61.29
C ALA F 57 -27.99 3.94 62.15
N GLN F 58 -27.38 5.13 62.06
CA GLN F 58 -27.87 6.27 62.83
C GLN F 58 -29.22 6.76 62.33
N ILE F 59 -29.39 6.85 61.01
CA ILE F 59 -30.73 7.10 60.48
C ILE F 59 -31.36 5.76 60.17
N GLY F 60 -32.55 5.53 60.71
CA GLY F 60 -33.04 4.16 60.79
C GLY F 60 -34.23 3.80 59.92
N SER F 61 -35.17 4.72 59.73
CA SER F 61 -36.35 4.39 58.94
C SER F 61 -36.04 4.46 57.45
N THR F 62 -35.59 5.61 56.98
CA THR F 62 -35.40 5.87 55.55
C THR F 62 -34.16 5.20 54.97
N GLY F 63 -33.27 4.68 55.81
CA GLY F 63 -32.06 4.06 55.31
C GLY F 63 -31.90 2.60 55.61
N TYR F 64 -32.97 1.91 56.02
CA TYR F 64 -32.84 0.48 56.31
C TYR F 64 -32.66 -0.32 55.04
N ASP F 65 -33.30 0.11 53.94
CA ASP F 65 -33.14 -0.59 52.67
C ASP F 65 -31.73 -0.43 52.13
N ALA F 66 -31.18 0.78 52.21
CA ALA F 66 -29.79 1.00 51.80
C ALA F 66 -28.82 0.29 52.73
N TYR F 67 -29.17 0.17 54.01
CA TYR F 67 -28.36 -0.59 54.96
C TYR F 67 -28.30 -2.07 54.58
N GLN F 68 -29.45 -2.66 54.28
CA GLN F 68 -29.48 -4.07 53.91
C GLN F 68 -28.82 -4.29 52.55
N GLN F 69 -28.90 -3.31 51.66
CA GLN F 69 -28.27 -3.46 50.36
C GLN F 69 -26.75 -3.36 50.46
N LEU F 70 -26.26 -2.47 51.33
CA LEU F 70 -24.83 -2.42 51.65
C LEU F 70 -24.37 -3.72 52.28
N LEU F 71 -25.20 -4.30 53.16
CA LEU F 71 -24.82 -5.54 53.81
C LEU F 71 -24.86 -6.71 52.84
N GLU F 72 -25.69 -6.63 51.80
CA GLU F 72 -25.65 -7.61 50.71
C GLU F 72 -24.35 -7.50 49.92
N ASN F 73 -24.04 -6.31 49.44
CA ASN F 73 -22.93 -6.16 48.51
C ASN F 73 -21.56 -6.11 49.19
N HIS F 74 -21.50 -6.00 50.52
CA HIS F 74 -20.23 -5.99 51.25
C HIS F 74 -20.30 -6.96 52.43
N PRO F 75 -19.83 -8.20 52.25
CA PRO F 75 -19.72 -9.09 53.42
C PRO F 75 -18.54 -8.76 54.32
N GLU F 76 -17.61 -7.92 53.86
CA GLU F 76 -16.40 -7.66 54.63
C GLU F 76 -16.67 -6.65 55.74
N VAL F 77 -17.65 -5.78 55.53
CA VAL F 77 -17.95 -4.71 56.48
C VAL F 77 -18.69 -5.21 57.70
N ALA F 78 -19.21 -6.44 57.67
CA ALA F 78 -20.26 -6.86 58.59
C ALA F 78 -19.71 -7.08 60.00
N GLU F 79 -18.58 -7.78 60.13
CA GLU F 79 -18.05 -8.08 61.47
C GLU F 79 -17.50 -6.82 62.14
N MET F 80 -16.81 -5.97 61.38
CA MET F 80 -16.31 -4.73 61.94
C MET F 80 -17.45 -3.76 62.27
N LEU F 81 -18.53 -3.81 61.49
CA LEU F 81 -19.67 -2.95 61.77
C LEU F 81 -20.43 -3.45 62.99
N LYS F 82 -20.46 -4.77 63.20
CA LYS F 82 -21.06 -5.30 64.41
C LYS F 82 -20.20 -5.00 65.63
N ASP F 83 -18.86 -4.95 65.44
CA ASP F 83 -17.98 -4.59 66.54
C ASP F 83 -18.12 -3.13 66.93
N LEU F 84 -18.18 -2.22 65.95
CA LEU F 84 -18.35 -0.81 66.29
C LEU F 84 -19.75 -0.49 66.78
N SER F 85 -20.78 -0.90 66.05
CA SER F 85 -22.16 -0.55 66.37
C SER F 85 -22.66 -1.54 67.43
N PHE F 86 -22.26 -1.30 68.68
CA PHE F 86 -22.67 -2.16 69.78
C PHE F 86 -23.24 -1.31 70.89
N LYS F 87 -24.40 -1.71 71.41
CA LYS F 87 -24.97 -1.12 72.62
C LYS F 87 -25.44 -2.26 73.52
N ALA F 88 -25.12 -2.14 74.80
CA ALA F 88 -25.41 -3.21 75.74
C ALA F 88 -26.90 -3.26 76.04
N ASP F 89 -27.44 -4.47 76.09
CA ASP F 89 -28.84 -4.66 76.41
C ASP F 89 -29.06 -4.48 77.90
N GLU F 90 -30.16 -3.85 78.27
CA GLU F 90 -30.47 -3.68 79.68
C GLU F 90 -31.08 -4.95 80.23
N ILE F 91 -30.53 -5.41 81.36
CA ILE F 91 -30.94 -6.67 81.96
C ILE F 91 -31.98 -6.39 83.05
N GLN F 92 -32.94 -7.30 83.19
CA GLN F 92 -33.97 -7.15 84.20
C GLN F 92 -33.38 -7.42 85.59
N PRO F 93 -34.00 -6.87 86.65
CA PRO F 93 -33.52 -7.16 88.00
C PRO F 93 -33.63 -8.62 88.42
N ASP F 94 -34.82 -9.20 88.34
CA ASP F 94 -35.05 -10.59 88.73
C ASP F 94 -35.03 -11.54 87.55
N PHE F 95 -34.20 -11.27 86.54
CA PHE F 95 -34.18 -12.13 85.35
C PHE F 95 -33.57 -13.49 85.65
N ILE F 96 -32.36 -13.51 86.19
CA ILE F 96 -31.68 -14.78 86.47
C ILE F 96 -32.32 -15.49 87.67
N GLY F 97 -32.82 -14.72 88.64
CA GLY F 97 -33.53 -15.30 89.75
C GLY F 97 -34.87 -15.88 89.35
N ASN F 98 -35.47 -15.34 88.28
CA ASN F 98 -36.68 -15.92 87.73
C ASN F 98 -36.33 -17.14 86.88
N LEU F 99 -35.19 -17.11 86.20
CA LEU F 99 -34.80 -18.19 85.31
C LEU F 99 -34.37 -19.43 86.09
N GLY F 100 -33.93 -19.24 87.33
CA GLY F 100 -33.56 -20.36 88.17
C GLY F 100 -34.69 -21.31 88.54
N GLN F 101 -35.94 -20.93 88.28
CA GLN F 101 -37.09 -21.74 88.63
C GLN F 101 -37.54 -22.68 87.52
N TYR F 102 -36.80 -22.76 86.42
CA TYR F 102 -37.25 -23.48 85.23
C TYR F 102 -36.40 -24.71 84.94
N ARG F 103 -35.46 -25.04 85.83
CA ARG F 103 -34.71 -26.28 85.74
C ARG F 103 -35.59 -27.50 85.97
N GLU F 104 -36.63 -27.34 86.77
CA GLU F 104 -37.67 -28.36 86.93
C GLU F 104 -38.43 -28.62 85.64
N GLU F 105 -38.66 -27.60 84.81
CA GLU F 105 -39.55 -27.63 83.65
C GLU F 105 -38.83 -28.06 82.37
N LEU F 106 -37.70 -27.42 82.06
CA LEU F 106 -37.06 -27.65 80.77
C LEU F 106 -36.38 -29.01 80.70
N GLU F 107 -35.93 -29.54 81.83
CA GLU F 107 -35.40 -30.90 81.87
C GLU F 107 -36.47 -31.92 81.50
N LEU F 108 -37.67 -31.74 82.05
CA LEU F 108 -38.80 -32.61 81.74
C LEU F 108 -39.20 -32.49 80.28
N VAL F 109 -39.15 -31.27 79.74
CA VAL F 109 -39.48 -31.05 78.32
C VAL F 109 -38.47 -31.75 77.41
N GLU F 110 -37.18 -31.62 77.69
CA GLU F 110 -36.17 -32.25 76.84
C GLU F 110 -36.18 -33.77 76.96
N ASP F 111 -36.46 -34.29 78.17
CA ASP F 111 -36.56 -35.73 78.33
C ASP F 111 -37.78 -36.31 77.62
N ALA F 112 -38.89 -35.56 77.59
CA ALA F 112 -40.04 -36.00 76.80
C ALA F 112 -39.75 -35.92 75.31
N ALA F 113 -39.02 -34.89 74.88
CA ALA F 113 -38.71 -34.73 73.45
C ALA F 113 -37.79 -35.82 72.95
N ARG F 114 -36.87 -36.29 73.80
CA ARG F 114 -36.01 -37.42 73.42
C ARG F 114 -36.81 -38.69 73.14
N PHE F 115 -37.81 -38.98 73.97
CA PHE F 115 -38.62 -40.18 73.76
C PHE F 115 -39.55 -40.03 72.56
N VAL F 116 -40.13 -38.85 72.38
CA VAL F 116 -41.06 -38.65 71.27
C VAL F 116 -40.33 -38.67 69.94
N GLY F 117 -39.26 -37.89 69.81
CA GLY F 117 -38.66 -37.68 68.52
C GLY F 117 -38.10 -36.28 68.40
N GLY F 118 -38.61 -35.52 67.45
CA GLY F 118 -38.28 -34.11 67.40
C GLY F 118 -39.20 -33.27 68.26
N MET F 119 -38.82 -32.00 68.43
CA MET F 119 -39.70 -31.05 69.09
C MET F 119 -40.96 -30.83 68.28
N SER F 120 -40.83 -30.88 66.94
CA SER F 120 -42.00 -30.85 66.06
C SER F 120 -42.89 -32.05 66.29
N ASN F 121 -42.30 -33.23 66.50
CA ASN F 121 -43.10 -34.41 66.78
C ASN F 121 -43.79 -34.31 68.12
N LEU F 122 -43.15 -33.69 69.12
CA LEU F 122 -43.81 -33.51 70.41
C LEU F 122 -44.95 -32.52 70.31
N ILE F 123 -44.80 -31.46 69.51
CA ILE F 123 -45.88 -30.49 69.32
C ILE F 123 -47.06 -31.15 68.60
N ARG F 124 -46.77 -31.96 67.57
CA ARG F 124 -47.83 -32.62 66.83
C ARG F 124 -48.51 -33.70 67.68
N LEU F 125 -47.76 -34.39 68.53
CA LEU F 125 -48.35 -35.39 69.41
C LEU F 125 -49.21 -34.73 70.50
N ARG F 126 -48.77 -33.57 70.99
CA ARG F 126 -49.57 -32.84 71.97
C ARG F 126 -50.87 -32.35 71.35
N GLN F 127 -50.81 -31.90 70.10
CA GLN F 127 -52.03 -31.47 69.43
C GLN F 127 -52.94 -32.65 69.09
N ALA F 128 -52.36 -33.82 68.81
CA ALA F 128 -53.16 -34.99 68.51
C ALA F 128 -53.86 -35.53 69.75
N LEU F 129 -53.22 -35.44 70.91
CA LEU F 129 -53.89 -35.89 72.12
C LEU F 129 -54.74 -34.80 72.75
N GLU F 130 -54.59 -33.56 72.28
CA GLU F 130 -55.52 -32.50 72.67
C GLU F 130 -56.76 -32.49 71.78
N LEU F 131 -56.65 -33.08 70.59
CA LEU F 131 -57.71 -33.01 69.59
C LEU F 131 -58.95 -33.80 70.01
N ASP F 132 -60.10 -33.44 69.42
CA ASP F 132 -61.40 -33.98 69.78
C ASP F 132 -61.54 -35.42 69.30
N ILE F 133 -62.50 -36.14 69.91
CA ILE F 133 -62.69 -37.56 69.64
C ILE F 133 -63.47 -37.80 68.34
N LYS F 134 -64.18 -36.79 67.85
CA LYS F 134 -64.91 -36.93 66.60
C LYS F 134 -63.98 -37.13 65.41
N TYR F 135 -62.76 -36.59 65.48
CA TYR F 135 -61.78 -36.86 64.45
C TYR F 135 -61.31 -38.32 64.48
N TYR F 136 -61.19 -38.89 65.67
CA TYR F 136 -60.88 -40.31 65.80
C TYR F 136 -61.98 -41.17 65.21
N GLY F 137 -63.23 -40.80 65.49
CA GLY F 137 -64.36 -41.53 64.92
C GLY F 137 -64.45 -41.39 63.41
N LEU F 138 -64.07 -40.23 62.88
CA LEU F 138 -64.11 -40.02 61.44
C LEU F 138 -63.00 -40.81 60.75
N LYS F 139 -61.83 -40.88 61.38
CA LYS F 139 -60.76 -41.72 60.85
C LYS F 139 -61.16 -43.19 60.84
N MET F 140 -61.80 -43.65 61.93
CA MET F 140 -62.28 -45.03 61.99
C MET F 140 -63.42 -45.28 60.99
N GLN F 141 -64.19 -44.24 60.65
CA GLN F 141 -65.28 -44.45 59.70
C GLN F 141 -64.76 -44.52 58.27
N LEU F 142 -63.81 -43.63 57.93
CA LEU F 142 -63.18 -43.72 56.62
C LEU F 142 -62.37 -44.99 56.46
N ASN F 143 -61.87 -45.56 57.55
CA ASN F 143 -61.24 -46.87 57.43
C ASN F 143 -62.28 -47.98 57.38
N ASP F 144 -63.47 -47.75 57.96
CA ASP F 144 -64.57 -48.70 57.84
C ASP F 144 -65.09 -48.79 56.42
N MET F 145 -65.01 -47.69 55.68
CA MET F 145 -65.38 -47.70 54.27
C MET F 145 -64.25 -48.16 53.37
N GLY F 146 -63.10 -48.51 53.91
CA GLY F 146 -62.02 -49.01 53.10
C GLY F 146 -61.17 -47.97 52.42
N TYR F 147 -61.24 -46.72 52.86
CA TYR F 147 -60.41 -45.65 52.33
C TYR F 147 -59.20 -45.47 53.22
N ARG F 148 -58.01 -45.48 52.61
CA ARG F 148 -56.77 -45.31 53.35
C ARG F 148 -55.83 -44.34 52.63
N MET G 1 -30.26 -15.29 62.48
CA MET G 1 -30.45 -14.00 61.86
C MET G 1 -31.30 -14.10 60.60
N LEU G 2 -31.95 -13.01 60.24
CA LEU G 2 -32.83 -12.96 59.08
C LEU G 2 -32.04 -12.46 57.88
N LEU G 3 -32.30 -13.07 56.73
CA LEU G 3 -31.61 -12.72 55.50
C LEU G 3 -31.98 -11.30 55.05
N PRO G 4 -31.07 -10.58 54.40
CA PRO G 4 -31.42 -9.23 53.93
C PRO G 4 -32.46 -9.23 52.81
N VAL G 5 -32.45 -10.23 51.95
CA VAL G 5 -33.42 -10.34 50.86
C VAL G 5 -34.83 -10.50 51.43
N VAL G 6 -34.94 -11.25 52.53
CA VAL G 6 -36.23 -11.39 53.20
C VAL G 6 -36.57 -10.13 53.97
N ALA G 7 -35.58 -9.53 54.63
CA ALA G 7 -35.84 -8.44 55.57
C ALA G 7 -36.27 -7.15 54.86
N ARG G 8 -35.75 -6.90 53.65
CA ARG G 8 -36.12 -5.73 52.86
C ARG G 8 -37.60 -5.69 52.51
N ALA G 9 -38.25 -6.85 52.39
CA ALA G 9 -39.68 -6.89 52.15
C ALA G 9 -40.49 -7.27 53.39
N ALA G 10 -39.83 -7.75 54.45
CA ALA G 10 -40.56 -8.15 55.65
C ALA G 10 -40.73 -7.00 56.63
N VAL G 11 -39.73 -6.10 56.72
CA VAL G 11 -39.80 -5.02 57.70
C VAL G 11 -40.87 -3.97 57.41
N PRO G 12 -40.98 -3.35 56.20
CA PRO G 12 -41.93 -2.23 56.07
C PRO G 12 -43.39 -2.63 56.11
N ALA G 13 -43.74 -3.88 55.78
CA ALA G 13 -45.13 -4.32 55.93
C ALA G 13 -45.53 -4.41 57.40
N ILE G 14 -44.62 -4.92 58.24
CA ILE G 14 -44.89 -5.00 59.67
C ILE G 14 -44.94 -3.60 60.28
N GLU G 15 -44.06 -2.70 59.80
CA GLU G 15 -44.10 -1.32 60.27
C GLU G 15 -45.40 -0.62 59.86
N SER G 16 -45.91 -0.95 58.66
CA SER G 16 -47.20 -0.43 58.23
C SER G 16 -48.35 -0.99 59.05
N ALA G 17 -48.27 -2.26 59.47
CA ALA G 17 -49.30 -2.82 60.33
C ALA G 17 -49.29 -2.18 61.72
N ILE G 18 -48.10 -1.89 62.25
CA ILE G 18 -47.97 -1.19 63.52
C ILE G 18 -48.55 0.22 63.41
N ALA G 19 -48.23 0.93 62.32
CA ALA G 19 -48.78 2.27 62.13
C ALA G 19 -50.28 2.23 61.85
N ALA G 20 -50.79 1.11 61.34
CA ALA G 20 -52.23 0.95 61.17
C ALA G 20 -52.93 0.82 62.52
N THR G 21 -52.59 -0.23 63.29
CA THR G 21 -53.26 -0.37 64.57
C THR G 21 -52.39 -0.99 65.65
N PRO G 22 -52.50 -0.55 66.90
CA PRO G 22 -51.79 -1.19 68.01
C PRO G 22 -52.44 -2.44 68.56
N GLY G 23 -53.68 -2.75 68.15
CA GLY G 23 -54.29 -4.01 68.53
C GLY G 23 -53.54 -5.21 67.99
N LEU G 24 -53.06 -5.11 66.74
CA LEU G 24 -52.17 -6.14 66.19
C LEU G 24 -50.83 -6.17 66.90
N VAL G 25 -50.36 -5.04 67.43
CA VAL G 25 -49.10 -5.01 68.17
C VAL G 25 -49.25 -5.77 69.48
N SER G 26 -50.35 -5.53 70.20
CA SER G 26 -50.63 -6.29 71.41
C SER G 26 -50.91 -7.77 71.11
N ARG G 27 -51.52 -8.05 69.96
CA ARG G 27 -51.78 -9.43 69.56
C ARG G 27 -50.48 -10.20 69.31
N ILE G 28 -49.54 -9.60 68.56
CA ILE G 28 -48.29 -10.29 68.31
C ILE G 28 -47.39 -10.33 69.55
N ALA G 29 -47.50 -9.34 70.44
CA ALA G 29 -46.73 -9.40 71.67
C ALA G 29 -47.27 -10.46 72.62
N ALA G 30 -48.57 -10.73 72.57
CA ALA G 30 -49.13 -11.81 73.37
C ALA G 30 -48.87 -13.17 72.72
N ALA G 31 -48.81 -13.21 71.39
CA ALA G 31 -48.65 -14.49 70.69
C ALA G 31 -47.21 -14.98 70.75
N ILE G 32 -46.24 -14.11 70.46
CA ILE G 32 -44.86 -14.53 70.45
C ILE G 32 -44.30 -14.59 71.86
N GLY G 33 -44.47 -13.53 72.64
CA GLY G 33 -43.98 -13.52 74.00
C GLY G 33 -42.82 -12.57 74.22
N SER G 34 -42.82 -11.46 73.50
CA SER G 34 -41.83 -10.42 73.65
C SER G 34 -42.38 -9.31 74.54
N LYS G 35 -41.59 -8.23 74.65
CA LYS G 35 -42.11 -7.01 75.22
C LYS G 35 -43.10 -6.38 74.24
N VAL G 36 -44.03 -5.58 74.76
CA VAL G 36 -45.12 -5.07 73.96
C VAL G 36 -44.69 -3.94 73.03
N SER G 37 -43.47 -3.44 73.17
CA SER G 37 -43.05 -2.28 72.39
C SER G 37 -42.74 -2.65 70.94
N PRO G 38 -43.04 -1.75 70.00
CA PRO G 38 -42.75 -2.02 68.57
C PRO G 38 -41.28 -2.24 68.28
N SER G 39 -40.40 -1.56 69.01
CA SER G 39 -38.97 -1.76 68.83
C SER G 39 -38.55 -3.17 69.23
N ALA G 40 -39.12 -3.69 70.33
CA ALA G 40 -38.77 -5.03 70.78
C ALA G 40 -39.32 -6.10 69.84
N ILE G 41 -40.55 -5.92 69.34
CA ILE G 41 -41.05 -6.96 68.44
C ILE G 41 -40.39 -6.86 67.07
N LEU G 42 -39.97 -5.65 66.66
CA LEU G 42 -39.22 -5.52 65.42
C LEU G 42 -37.82 -6.13 65.56
N ALA G 43 -37.21 -6.01 66.74
CA ALA G 43 -35.96 -6.71 67.02
C ALA G 43 -36.15 -8.22 66.98
N ALA G 44 -37.27 -8.73 67.50
CA ALA G 44 -37.53 -10.17 67.44
C ALA G 44 -37.76 -10.65 66.01
N VAL G 45 -38.42 -9.83 65.18
CA VAL G 45 -38.60 -10.15 63.76
C VAL G 45 -37.25 -10.18 63.04
N LYS G 46 -36.39 -9.19 63.30
CA LYS G 46 -35.09 -9.16 62.66
C LYS G 46 -34.18 -10.28 63.14
N SER G 47 -34.38 -10.74 64.38
CA SER G 47 -33.50 -11.76 64.92
C SER G 47 -33.90 -13.17 64.48
N ASN G 48 -35.18 -13.52 64.64
CA ASN G 48 -35.58 -14.91 64.47
C ASN G 48 -36.51 -15.06 63.28
N PRO G 49 -36.19 -15.92 62.30
CA PRO G 49 -37.12 -16.15 61.18
C PRO G 49 -38.41 -16.83 61.58
N VAL G 50 -38.41 -17.65 62.64
CA VAL G 50 -39.66 -18.26 63.10
C VAL G 50 -40.61 -17.20 63.65
N VAL G 51 -40.07 -16.28 64.46
CA VAL G 51 -40.86 -15.17 64.99
C VAL G 51 -41.30 -14.24 63.87
N ALA G 52 -40.44 -14.06 62.85
CA ALA G 52 -40.81 -13.26 61.69
C ALA G 52 -41.98 -13.86 60.92
N GLY G 53 -41.95 -15.18 60.73
CA GLY G 53 -43.07 -15.84 60.07
C GLY G 53 -44.33 -15.86 60.90
N LEU G 54 -44.20 -15.91 62.23
CA LEU G 54 -45.39 -15.86 63.07
C LEU G 54 -46.03 -14.48 63.06
N THR G 55 -45.22 -13.43 63.00
CA THR G 55 -45.77 -12.08 62.84
C THR G 55 -46.41 -11.90 61.46
N LEU G 56 -45.75 -12.40 60.42
CA LEU G 56 -46.32 -12.34 59.07
C LEU G 56 -47.46 -13.32 58.86
N ALA G 57 -47.78 -14.17 59.85
CA ALA G 57 -49.03 -14.90 59.83
C ALA G 57 -50.11 -14.18 60.65
N GLN G 58 -49.71 -13.49 61.72
CA GLN G 58 -50.70 -12.75 62.51
C GLN G 58 -51.22 -11.53 61.78
N ILE G 59 -50.44 -10.97 60.85
CA ILE G 59 -50.97 -10.03 59.86
C ILE G 59 -51.01 -10.74 58.52
N GLY G 60 -52.16 -10.67 57.85
CA GLY G 60 -52.35 -11.46 56.66
C GLY G 60 -52.81 -10.65 55.46
N SER G 61 -53.09 -9.37 55.68
CA SER G 61 -53.57 -8.53 54.59
C SER G 61 -52.45 -8.14 53.64
N THR G 62 -51.46 -7.41 54.16
CA THR G 62 -50.40 -6.87 53.32
C THR G 62 -49.13 -7.69 53.33
N GLY G 63 -48.91 -8.50 54.36
CA GLY G 63 -47.69 -9.27 54.48
C GLY G 63 -47.71 -10.63 53.82
N TYR G 64 -48.65 -10.89 52.93
CA TYR G 64 -48.71 -12.19 52.28
C TYR G 64 -47.56 -12.38 51.30
N ASP G 65 -47.16 -11.31 50.61
CA ASP G 65 -46.01 -11.37 49.73
C ASP G 65 -44.72 -11.63 50.51
N ALA G 66 -44.56 -10.97 51.65
CA ALA G 66 -43.38 -11.18 52.48
C ALA G 66 -43.38 -12.58 53.10
N TYR G 67 -44.55 -13.11 53.43
CA TYR G 67 -44.63 -14.47 53.95
C TYR G 67 -44.25 -15.49 52.88
N GLN G 68 -44.75 -15.32 51.66
CA GLN G 68 -44.39 -16.24 50.59
C GLN G 68 -42.91 -16.12 50.22
N GLN G 69 -42.35 -14.92 50.29
CA GLN G 69 -40.93 -14.75 49.98
C GLN G 69 -40.05 -15.37 51.06
N LEU G 70 -40.42 -15.19 52.33
CA LEU G 70 -39.72 -15.86 53.44
C LEU G 70 -39.85 -17.38 53.33
N LEU G 71 -40.99 -17.87 52.89
CA LEU G 71 -41.18 -19.31 52.76
C LEU G 71 -40.36 -19.86 51.60
N GLU G 72 -40.24 -19.11 50.51
CA GLU G 72 -39.45 -19.57 49.37
C GLU G 72 -37.96 -19.48 49.67
N ASN G 73 -37.56 -18.54 50.53
CA ASN G 73 -36.16 -18.44 50.90
C ASN G 73 -35.75 -19.37 52.04
N HIS G 74 -36.70 -19.78 52.89
CA HIS G 74 -36.39 -20.66 54.03
C HIS G 74 -37.30 -21.88 53.96
N PRO G 75 -36.85 -22.95 53.30
CA PRO G 75 -37.63 -24.20 53.32
C PRO G 75 -37.54 -24.97 54.63
N GLU G 76 -36.69 -24.52 55.57
CA GLU G 76 -36.47 -25.25 56.80
C GLU G 76 -37.44 -24.82 57.89
N VAL G 77 -37.96 -23.59 57.81
CA VAL G 77 -38.86 -23.06 58.82
C VAL G 77 -40.30 -23.51 58.60
N ALA G 78 -40.57 -24.17 57.47
CA ALA G 78 -41.94 -24.39 57.03
C ALA G 78 -42.70 -25.36 57.93
N GLU G 79 -42.08 -26.50 58.26
CA GLU G 79 -42.77 -27.49 59.09
C GLU G 79 -42.94 -27.02 60.52
N MET G 80 -41.95 -26.32 61.06
CA MET G 80 -42.06 -25.80 62.42
C MET G 80 -43.10 -24.69 62.50
N LEU G 81 -43.20 -23.86 61.45
CA LEU G 81 -44.21 -22.81 61.45
C LEU G 81 -45.60 -23.39 61.25
N LYS G 82 -45.72 -24.46 60.47
CA LYS G 82 -46.99 -25.18 60.34
C LYS G 82 -47.42 -25.78 61.68
N ASP G 83 -46.47 -26.35 62.42
CA ASP G 83 -46.82 -27.00 63.69
C ASP G 83 -47.13 -25.97 64.77
N LEU G 84 -46.49 -24.82 64.76
CA LEU G 84 -46.83 -23.78 65.72
C LEU G 84 -48.15 -23.10 65.37
N SER G 85 -48.36 -22.80 64.09
CA SER G 85 -49.58 -22.13 63.67
C SER G 85 -50.60 -23.20 63.25
N PHE G 86 -51.39 -23.67 64.20
CA PHE G 86 -52.39 -24.69 63.93
C PHE G 86 -53.61 -24.46 64.81
N LYS G 87 -54.77 -24.40 64.19
CA LYS G 87 -56.04 -24.25 64.88
C LYS G 87 -56.97 -25.34 64.40
N ALA G 88 -57.60 -26.05 65.34
CA ALA G 88 -58.45 -27.17 65.01
C ALA G 88 -59.80 -26.68 64.51
N ASP G 89 -60.29 -27.29 63.44
CA ASP G 89 -61.56 -26.91 62.86
C ASP G 89 -62.71 -27.48 63.68
N GLU G 90 -63.83 -26.77 63.70
CA GLU G 90 -64.98 -27.18 64.49
C GLU G 90 -65.83 -28.17 63.71
N ILE G 91 -65.87 -29.41 64.16
CA ILE G 91 -66.60 -30.46 63.46
C ILE G 91 -68.05 -30.45 63.94
N GLN G 92 -68.97 -30.60 62.99
CA GLN G 92 -70.38 -30.67 63.32
C GLN G 92 -70.70 -32.05 63.91
N PRO G 93 -71.67 -32.13 64.83
CA PRO G 93 -71.92 -33.42 65.50
C PRO G 93 -72.55 -34.46 64.59
N ASP G 94 -73.31 -34.03 63.58
CA ASP G 94 -74.00 -34.95 62.69
C ASP G 94 -73.18 -35.32 61.46
N PHE G 95 -71.87 -35.04 61.47
CA PHE G 95 -71.08 -35.20 60.26
C PHE G 95 -70.80 -36.66 59.97
N ILE G 96 -70.46 -37.45 61.00
CA ILE G 96 -70.14 -38.85 60.77
C ILE G 96 -71.39 -39.67 60.46
N GLY G 97 -72.52 -39.34 61.10
CA GLY G 97 -73.76 -40.01 60.78
C GLY G 97 -74.32 -39.55 59.45
N ASN G 98 -73.93 -38.36 59.01
CA ASN G 98 -74.28 -37.91 57.66
C ASN G 98 -73.43 -38.61 56.62
N LEU G 99 -72.15 -38.84 56.95
CA LEU G 99 -71.24 -39.45 55.99
C LEU G 99 -71.46 -40.95 55.88
N GLY G 100 -72.05 -41.56 56.90
CA GLY G 100 -72.33 -42.99 56.82
C GLY G 100 -73.41 -43.38 55.82
N GLN G 101 -74.23 -42.44 55.39
CA GLN G 101 -75.30 -42.71 54.44
C GLN G 101 -74.86 -42.64 53.00
N TYR G 102 -73.56 -42.56 52.74
CA TYR G 102 -73.04 -42.29 51.40
C TYR G 102 -72.19 -43.41 50.87
N ARG G 103 -71.90 -44.42 51.69
CA ARG G 103 -71.29 -45.66 51.25
C ARG G 103 -72.15 -46.39 50.22
N GLU G 104 -73.47 -46.22 50.31
CA GLU G 104 -74.41 -46.75 49.32
C GLU G 104 -74.23 -46.11 47.95
N GLU G 105 -73.65 -44.91 47.88
CA GLU G 105 -73.55 -44.09 46.69
C GLU G 105 -72.15 -44.13 46.07
N LEU G 106 -71.13 -43.93 46.90
CA LEU G 106 -69.76 -43.83 46.41
C LEU G 106 -69.22 -45.14 45.86
N GLU G 107 -69.67 -46.28 46.39
CA GLU G 107 -69.23 -47.56 45.85
C GLU G 107 -69.75 -47.77 44.43
N LEU G 108 -71.01 -47.39 44.21
CA LEU G 108 -71.59 -47.44 42.87
C LEU G 108 -70.87 -46.51 41.91
N VAL G 109 -70.57 -45.28 42.36
CA VAL G 109 -69.87 -44.31 41.51
C VAL G 109 -68.46 -44.79 41.17
N GLU G 110 -67.75 -45.34 42.15
CA GLU G 110 -66.38 -45.78 41.89
C GLU G 110 -66.34 -47.05 41.03
N ASP G 111 -67.36 -47.91 41.10
CA ASP G 111 -67.41 -49.06 40.21
C ASP G 111 -67.72 -48.64 38.77
N ALA G 112 -68.60 -47.65 38.60
CA ALA G 112 -68.85 -47.12 37.26
C ALA G 112 -67.62 -46.44 36.69
N ALA G 113 -66.84 -45.76 37.55
CA ALA G 113 -65.58 -45.17 37.11
C ALA G 113 -64.55 -46.22 36.73
N ARG G 114 -64.51 -47.35 37.45
CA ARG G 114 -63.61 -48.44 37.08
C ARG G 114 -64.01 -49.05 35.74
N PHE G 115 -65.31 -49.10 35.46
CA PHE G 115 -65.74 -49.58 34.14
C PHE G 115 -65.33 -48.63 33.03
N VAL G 116 -65.59 -47.33 33.20
CA VAL G 116 -65.40 -46.38 32.11
C VAL G 116 -63.91 -46.10 31.88
N GLY G 117 -63.14 -45.96 32.96
CA GLY G 117 -61.79 -45.45 32.81
C GLY G 117 -61.47 -44.44 33.88
N GLY G 118 -61.29 -43.19 33.51
CA GLY G 118 -61.08 -42.15 34.49
C GLY G 118 -62.37 -41.53 34.96
N MET G 119 -62.28 -40.80 36.07
CA MET G 119 -63.42 -40.02 36.54
C MET G 119 -63.74 -38.89 35.56
N SER G 120 -62.71 -38.33 34.93
CA SER G 120 -62.92 -37.37 33.86
C SER G 120 -63.62 -38.01 32.67
N ASN G 121 -63.28 -39.27 32.38
CA ASN G 121 -63.97 -40.00 31.32
C ASN G 121 -65.43 -40.25 31.67
N LEU G 122 -65.72 -40.48 32.95
CA LEU G 122 -67.11 -40.67 33.36
C LEU G 122 -67.89 -39.38 33.26
N ILE G 123 -67.27 -38.26 33.63
CA ILE G 123 -67.94 -36.96 33.50
C ILE G 123 -68.21 -36.64 32.04
N ARG G 124 -67.23 -36.91 31.17
CA ARG G 124 -67.40 -36.63 29.75
C ARG G 124 -68.42 -37.56 29.11
N LEU G 125 -68.48 -38.81 29.57
CA LEU G 125 -69.48 -39.76 29.07
C LEU G 125 -70.88 -39.36 29.51
N ARG G 126 -71.02 -38.89 30.75
CA ARG G 126 -72.31 -38.46 31.24
C ARG G 126 -72.80 -37.22 30.50
N GLN G 127 -71.88 -36.29 30.19
CA GLN G 127 -72.26 -35.11 29.43
C GLN G 127 -72.59 -35.44 27.99
N ALA G 128 -71.87 -36.42 27.41
CA ALA G 128 -72.14 -36.82 26.03
C ALA G 128 -73.48 -37.55 25.91
N LEU G 129 -73.86 -38.33 26.91
CA LEU G 129 -75.16 -38.99 26.88
C LEU G 129 -76.28 -38.00 27.20
N GLU G 130 -76.00 -36.98 28.00
CA GLU G 130 -77.03 -36.01 28.36
C GLU G 130 -77.23 -34.95 27.29
N LEU G 131 -76.27 -34.81 26.37
CA LEU G 131 -76.31 -33.83 25.30
C LEU G 131 -77.44 -34.13 24.31
N ASP G 132 -77.85 -33.11 23.56
CA ASP G 132 -78.98 -33.18 22.64
C ASP G 132 -78.67 -34.11 21.46
N ILE G 133 -79.74 -34.55 20.79
CA ILE G 133 -79.65 -35.46 19.65
C ILE G 133 -79.18 -34.74 18.39
N LYS G 134 -79.36 -33.43 18.33
CA LYS G 134 -78.99 -32.66 17.15
C LYS G 134 -77.49 -32.68 16.90
N TYR G 135 -76.69 -32.81 17.97
CA TYR G 135 -75.25 -32.92 17.79
C TYR G 135 -74.87 -34.26 17.21
N TYR G 136 -75.60 -35.33 17.55
CA TYR G 136 -75.43 -36.62 16.91
C TYR G 136 -75.77 -36.54 15.43
N GLY G 137 -76.88 -35.85 15.10
CA GLY G 137 -77.24 -35.68 13.70
C GLY G 137 -76.25 -34.85 12.92
N LEU G 138 -75.65 -33.84 13.55
CA LEU G 138 -74.65 -33.01 12.89
C LEU G 138 -73.36 -33.79 12.67
N LYS G 139 -72.96 -34.61 13.65
CA LYS G 139 -71.81 -35.48 13.48
C LYS G 139 -72.02 -36.48 12.36
N MET G 140 -73.24 -37.04 12.27
CA MET G 140 -73.57 -37.97 11.19
C MET G 140 -73.58 -37.28 9.84
N GLN G 141 -74.01 -36.01 9.79
CA GLN G 141 -74.08 -35.34 8.50
C GLN G 141 -72.70 -34.88 8.02
N LEU G 142 -71.83 -34.45 8.94
CA LEU G 142 -70.46 -34.19 8.55
C LEU G 142 -69.72 -35.45 8.14
N ASN G 143 -70.05 -36.59 8.74
CA ASN G 143 -69.49 -37.83 8.22
C ASN G 143 -70.11 -38.21 6.88
N ASP G 144 -71.35 -37.79 6.64
CA ASP G 144 -72.03 -38.06 5.37
C ASP G 144 -71.39 -37.29 4.22
N MET G 145 -71.13 -36.00 4.41
CA MET G 145 -70.50 -35.18 3.38
C MET G 145 -69.07 -35.58 3.08
N GLY G 146 -68.38 -36.23 4.02
CA GLY G 146 -67.02 -36.65 3.79
C GLY G 146 -65.99 -35.94 4.64
N TYR G 147 -66.38 -35.46 5.82
CA TYR G 147 -65.49 -34.69 6.68
C TYR G 147 -65.33 -35.41 8.02
N ARG G 148 -64.08 -35.68 8.38
CA ARG G 148 -63.80 -36.35 9.64
C ARG G 148 -62.73 -35.64 10.46
N MET H 1 -53.59 -27.28 46.85
CA MET H 1 -52.75 -26.12 47.12
C MET H 1 -52.49 -25.32 45.86
N LEU H 2 -52.85 -24.05 45.90
CA LEU H 2 -52.71 -23.14 44.78
C LEU H 2 -51.32 -22.50 44.83
N LEU H 3 -50.79 -22.19 43.65
CA LEU H 3 -49.49 -21.53 43.57
C LEU H 3 -49.59 -20.09 44.11
N PRO H 4 -48.54 -19.59 44.76
CA PRO H 4 -48.61 -18.24 45.32
C PRO H 4 -48.66 -17.15 44.27
N VAL H 5 -48.01 -17.34 43.12
CA VAL H 5 -48.05 -16.36 42.05
C VAL H 5 -49.46 -16.26 41.46
N VAL H 6 -50.17 -17.39 41.42
CA VAL H 6 -51.58 -17.37 41.00
C VAL H 6 -52.43 -16.75 42.09
N ALA H 7 -52.18 -17.11 43.35
CA ALA H 7 -53.05 -16.73 44.46
C ALA H 7 -52.97 -15.24 44.76
N ARG H 8 -51.80 -14.62 44.55
CA ARG H 8 -51.65 -13.19 44.81
C ARG H 8 -52.44 -12.33 43.83
N ALA H 9 -52.80 -12.87 42.67
CA ALA H 9 -53.71 -12.19 41.77
C ALA H 9 -55.14 -12.74 41.84
N ALA H 10 -55.33 -13.92 42.40
CA ALA H 10 -56.67 -14.50 42.48
C ALA H 10 -57.43 -14.01 43.71
N VAL H 11 -56.81 -14.09 44.88
CA VAL H 11 -57.43 -13.73 46.17
C VAL H 11 -57.91 -12.28 46.24
N PRO H 12 -57.16 -11.24 45.84
CA PRO H 12 -57.77 -9.90 45.83
C PRO H 12 -58.86 -9.72 44.79
N ALA H 13 -58.85 -10.49 43.71
CA ALA H 13 -59.95 -10.40 42.74
C ALA H 13 -61.24 -10.98 43.31
N ILE H 14 -61.14 -12.11 44.02
CA ILE H 14 -62.31 -12.68 44.68
C ILE H 14 -62.79 -11.77 45.80
N GLU H 15 -61.85 -11.16 46.53
CA GLU H 15 -62.20 -10.21 47.57
C GLU H 15 -62.90 -8.97 46.99
N SER H 16 -62.47 -8.53 45.81
CA SER H 16 -63.12 -7.41 45.15
C SER H 16 -64.50 -7.80 44.63
N ALA H 17 -64.69 -9.06 44.23
CA ALA H 17 -66.03 -9.50 43.82
C ALA H 17 -66.98 -9.57 45.02
N ILE H 18 -66.48 -10.00 46.17
CA ILE H 18 -67.28 -10.03 47.39
C ILE H 18 -67.62 -8.61 47.84
N ALA H 19 -66.64 -7.69 47.75
CA ALA H 19 -66.90 -6.29 48.05
C ALA H 19 -67.83 -5.65 47.03
N ALA H 20 -67.86 -6.16 45.80
CA ALA H 20 -68.83 -5.69 44.82
C ALA H 20 -70.24 -6.10 45.22
N THR H 21 -70.50 -7.41 45.32
CA THR H 21 -71.82 -7.84 45.75
C THR H 21 -71.78 -9.14 46.54
N PRO H 22 -72.62 -9.29 47.55
CA PRO H 22 -72.64 -10.55 48.32
C PRO H 22 -73.53 -11.64 47.76
N GLY H 23 -74.32 -11.35 46.72
CA GLY H 23 -75.07 -12.42 46.06
C GLY H 23 -74.18 -13.42 45.36
N LEU H 24 -73.03 -12.98 44.87
CA LEU H 24 -72.04 -13.89 44.29
C LEU H 24 -71.44 -14.83 45.31
N VAL H 25 -71.41 -14.45 46.59
CA VAL H 25 -70.95 -15.36 47.64
C VAL H 25 -71.89 -16.55 47.75
N SER H 26 -73.20 -16.30 47.81
CA SER H 26 -74.17 -17.38 47.82
C SER H 26 -74.17 -18.16 46.50
N ARG H 27 -73.89 -17.47 45.39
CA ARG H 27 -73.83 -18.15 44.09
C ARG H 27 -72.66 -19.13 44.01
N ILE H 28 -71.47 -18.72 44.46
CA ILE H 28 -70.34 -19.64 44.41
C ILE H 28 -70.45 -20.68 45.51
N ALA H 29 -71.18 -20.39 46.59
CA ALA H 29 -71.41 -21.42 47.60
C ALA H 29 -72.37 -22.48 47.09
N ALA H 30 -73.35 -22.09 46.29
CA ALA H 30 -74.22 -23.09 45.67
C ALA H 30 -73.53 -23.81 44.53
N ALA H 31 -72.58 -23.15 43.85
CA ALA H 31 -71.91 -23.76 42.71
C ALA H 31 -70.86 -24.76 43.15
N ILE H 32 -69.93 -24.34 44.00
CA ILE H 32 -68.87 -25.24 44.46
C ILE H 32 -69.44 -26.26 45.45
N GLY H 33 -70.22 -25.80 46.41
CA GLY H 33 -70.76 -26.70 47.41
C GLY H 33 -69.98 -26.67 48.69
N SER H 34 -69.60 -25.46 49.11
CA SER H 34 -68.91 -25.25 50.37
C SER H 34 -69.84 -24.44 51.26
N LYS H 35 -69.35 -24.06 52.43
CA LYS H 35 -70.12 -23.23 53.34
C LYS H 35 -70.22 -21.82 52.77
N VAL H 36 -71.33 -21.14 53.09
CA VAL H 36 -71.64 -19.85 52.48
C VAL H 36 -70.83 -18.71 53.07
N SER H 37 -69.93 -18.98 54.01
CA SER H 37 -69.16 -17.87 54.57
C SER H 37 -67.98 -17.52 53.66
N PRO H 38 -67.66 -16.23 53.55
CA PRO H 38 -66.54 -15.81 52.68
C PRO H 38 -65.20 -16.34 53.12
N SER H 39 -65.00 -16.55 54.42
CA SER H 39 -63.78 -17.19 54.90
C SER H 39 -63.68 -18.63 54.43
N ALA H 40 -64.82 -19.34 54.37
CA ALA H 40 -64.80 -20.72 53.91
C ALA H 40 -64.52 -20.82 52.43
N ILE H 41 -65.12 -19.94 51.61
CA ILE H 41 -64.80 -20.02 50.18
C ILE H 41 -63.38 -19.53 49.90
N LEU H 42 -62.89 -18.57 50.67
CA LEU H 42 -61.52 -18.09 50.49
C LEU H 42 -60.49 -19.10 50.96
N ALA H 43 -60.86 -19.96 51.93
CA ALA H 43 -59.99 -21.07 52.29
C ALA H 43 -60.04 -22.20 51.26
N ALA H 44 -61.21 -22.45 50.67
CA ALA H 44 -61.33 -23.48 49.65
C ALA H 44 -60.55 -23.12 48.39
N VAL H 45 -60.50 -21.83 48.05
CA VAL H 45 -59.72 -21.37 46.89
C VAL H 45 -58.23 -21.65 47.09
N LYS H 46 -57.69 -21.30 48.26
CA LYS H 46 -56.28 -21.55 48.53
C LYS H 46 -55.99 -23.03 48.71
N SER H 47 -56.99 -23.81 49.11
CA SER H 47 -56.75 -25.23 49.30
C SER H 47 -56.75 -26.00 47.98
N ASN H 48 -57.60 -25.65 47.04
CA ASN H 48 -57.78 -26.45 45.82
C ASN H 48 -57.68 -25.56 44.59
N PRO H 49 -56.74 -25.82 43.67
CA PRO H 49 -56.71 -25.03 42.43
C PRO H 49 -57.91 -25.27 41.53
N VAL H 50 -58.54 -26.45 41.61
CA VAL H 50 -59.77 -26.70 40.87
C VAL H 50 -60.88 -25.77 41.37
N VAL H 51 -61.01 -25.64 42.69
CA VAL H 51 -62.00 -24.76 43.29
C VAL H 51 -61.68 -23.31 42.97
N ALA H 52 -60.38 -22.97 42.92
CA ALA H 52 -59.96 -21.62 42.55
C ALA H 52 -60.38 -21.28 41.12
N GLY H 53 -60.12 -22.19 40.18
CA GLY H 53 -60.53 -21.96 38.81
C GLY H 53 -62.04 -21.95 38.62
N LEU H 54 -62.76 -22.75 39.39
CA LEU H 54 -64.22 -22.72 39.32
C LEU H 54 -64.78 -21.40 39.85
N THR H 55 -64.18 -20.84 40.90
CA THR H 55 -64.58 -19.51 41.38
C THR H 55 -64.28 -18.43 40.33
N LEU H 56 -63.08 -18.48 39.75
CA LEU H 56 -62.71 -17.52 38.71
C LEU H 56 -63.50 -17.72 37.41
N ALA H 57 -64.18 -18.85 37.24
CA ALA H 57 -65.13 -19.00 36.15
C ALA H 57 -66.53 -18.57 36.54
N GLN H 58 -66.87 -18.65 37.83
CA GLN H 58 -68.16 -18.12 38.29
C GLN H 58 -68.21 -16.61 38.15
N ILE H 59 -67.23 -15.91 38.70
CA ILE H 59 -67.16 -14.45 38.58
C ILE H 59 -66.33 -14.12 37.34
N GLY H 60 -66.79 -13.16 36.54
CA GLY H 60 -66.26 -13.03 35.20
C GLY H 60 -65.60 -11.73 34.81
N SER H 61 -65.96 -10.62 35.45
CA SER H 61 -65.46 -9.33 35.00
C SER H 61 -64.00 -9.14 35.39
N THR H 62 -63.72 -9.10 36.69
CA THR H 62 -62.37 -8.83 37.17
C THR H 62 -61.52 -10.09 37.28
N GLY H 63 -62.15 -11.26 37.33
CA GLY H 63 -61.43 -12.50 37.51
C GLY H 63 -60.92 -13.14 36.24
N TYR H 64 -61.08 -12.48 35.09
CA TYR H 64 -60.63 -13.07 33.84
C TYR H 64 -59.11 -13.04 33.72
N ASP H 65 -58.48 -11.98 34.21
CA ASP H 65 -57.02 -11.89 34.17
C ASP H 65 -56.37 -12.93 35.07
N ALA H 66 -56.87 -13.06 36.31
CA ALA H 66 -56.39 -14.08 37.22
C ALA H 66 -56.73 -15.48 36.74
N TYR H 67 -57.84 -15.61 36.02
CA TYR H 67 -58.23 -16.90 35.43
C TYR H 67 -57.25 -17.31 34.34
N GLN H 68 -56.87 -16.38 33.47
CA GLN H 68 -55.90 -16.69 32.43
C GLN H 68 -54.53 -16.94 33.03
N GLN H 69 -54.18 -16.27 34.12
CA GLN H 69 -52.91 -16.52 34.78
C GLN H 69 -52.88 -17.90 35.44
N LEU H 70 -54.01 -18.30 36.03
CA LEU H 70 -54.16 -19.65 36.56
C LEU H 70 -54.05 -20.70 35.45
N LEU H 71 -54.65 -20.41 34.30
CA LEU H 71 -54.59 -21.33 33.17
C LEU H 71 -53.19 -21.42 32.59
N GLU H 72 -52.43 -20.32 32.65
CA GLU H 72 -51.01 -20.36 32.31
C GLU H 72 -50.24 -21.28 33.25
N ASN H 73 -50.32 -21.00 34.55
CA ASN H 73 -49.39 -21.63 35.49
C ASN H 73 -49.81 -23.02 35.93
N HIS H 74 -51.07 -23.42 35.70
CA HIS H 74 -51.58 -24.74 36.08
C HIS H 74 -52.03 -25.51 34.85
N PRO H 75 -51.15 -26.32 34.26
CA PRO H 75 -51.57 -27.11 33.08
C PRO H 75 -52.39 -28.34 33.42
N GLU H 76 -52.20 -28.94 34.60
CA GLU H 76 -52.88 -30.18 34.95
C GLU H 76 -54.35 -29.99 35.25
N VAL H 77 -54.75 -28.78 35.67
CA VAL H 77 -56.14 -28.50 35.99
C VAL H 77 -56.98 -28.22 34.74
N ALA H 78 -56.33 -28.10 33.57
CA ALA H 78 -57.01 -27.56 32.39
C ALA H 78 -58.09 -28.49 31.87
N GLU H 79 -57.77 -29.77 31.69
CA GLU H 79 -58.73 -30.73 31.15
C GLU H 79 -59.86 -31.00 32.13
N MET H 80 -59.53 -31.11 33.42
CA MET H 80 -60.56 -31.34 34.44
C MET H 80 -61.47 -30.15 34.59
N LEU H 81 -60.93 -28.94 34.48
CA LEU H 81 -61.76 -27.75 34.63
C LEU H 81 -62.60 -27.52 33.38
N LYS H 82 -62.09 -27.91 32.22
CA LYS H 82 -62.88 -27.90 31.00
C LYS H 82 -64.03 -28.89 31.07
N ASP H 83 -63.81 -30.05 31.71
CA ASP H 83 -64.90 -31.02 31.89
C ASP H 83 -65.93 -30.51 32.87
N LEU H 84 -65.49 -29.96 34.01
CA LEU H 84 -66.42 -29.45 35.01
C LEU H 84 -67.14 -28.19 34.56
N SER H 85 -66.56 -27.41 33.66
CA SER H 85 -67.20 -26.23 33.11
C SER H 85 -67.57 -26.56 31.67
N PHE H 86 -68.73 -27.18 31.50
CA PHE H 86 -69.27 -27.46 30.18
C PHE H 86 -70.74 -27.10 30.17
N LYS H 87 -71.14 -26.34 29.16
CA LYS H 87 -72.55 -26.01 28.95
C LYS H 87 -72.87 -26.17 27.48
N ALA H 88 -74.01 -26.78 27.20
CA ALA H 88 -74.40 -27.08 25.83
C ALA H 88 -74.85 -25.79 25.13
N ASP H 89 -74.31 -25.56 23.95
CA ASP H 89 -74.72 -24.41 23.16
C ASP H 89 -76.09 -24.67 22.55
N GLU H 90 -76.88 -23.60 22.40
CA GLU H 90 -78.21 -23.73 21.82
C GLU H 90 -78.09 -23.95 20.32
N ILE H 91 -78.68 -25.03 19.83
CA ILE H 91 -78.62 -25.35 18.41
C ILE H 91 -79.98 -25.04 17.79
N GLN H 92 -79.94 -24.48 16.59
CA GLN H 92 -81.13 -24.11 15.84
C GLN H 92 -81.62 -25.30 15.01
N PRO H 93 -82.93 -25.44 14.84
CA PRO H 93 -83.45 -26.63 14.15
C PRO H 93 -83.16 -26.65 12.67
N ASP H 94 -83.06 -25.49 12.02
CA ASP H 94 -82.77 -25.40 10.60
C ASP H 94 -81.28 -25.36 10.31
N PHE H 95 -80.43 -25.61 11.31
CA PHE H 95 -78.99 -25.53 11.10
C PHE H 95 -78.48 -26.67 10.25
N ILE H 96 -78.94 -27.89 10.52
CA ILE H 96 -78.44 -29.04 9.76
C ILE H 96 -79.06 -29.08 8.36
N GLY H 97 -80.33 -28.69 8.23
CA GLY H 97 -80.94 -28.64 6.91
C GLY H 97 -80.40 -27.50 6.08
N ASN H 98 -79.99 -26.41 6.75
CA ASN H 98 -79.34 -25.31 6.05
C ASN H 98 -77.91 -25.68 5.68
N LEU H 99 -77.26 -26.51 6.50
CA LEU H 99 -75.90 -26.94 6.20
C LEU H 99 -75.88 -27.92 5.03
N GLY H 100 -76.91 -28.76 4.91
CA GLY H 100 -76.96 -29.74 3.83
C GLY H 100 -77.02 -29.16 2.43
N GLN H 101 -77.37 -27.89 2.29
CA GLN H 101 -77.47 -27.24 0.99
C GLN H 101 -76.14 -26.79 0.43
N TYR H 102 -75.03 -26.96 1.18
CA TYR H 102 -73.78 -26.30 0.86
C TYR H 102 -72.70 -27.25 0.36
N ARG H 103 -73.01 -28.54 0.24
CA ARG H 103 -72.04 -29.53 -0.19
C ARG H 103 -71.64 -29.33 -1.65
N GLU H 104 -72.59 -28.88 -2.47
CA GLU H 104 -72.34 -28.51 -3.86
C GLU H 104 -71.29 -27.41 -3.99
N GLU H 105 -71.27 -26.44 -3.08
CA GLU H 105 -70.30 -25.37 -3.04
C GLU H 105 -68.96 -25.83 -2.50
N LEU H 106 -68.98 -26.56 -1.38
CA LEU H 106 -67.74 -26.96 -0.72
C LEU H 106 -66.95 -27.98 -1.52
N GLU H 107 -67.62 -28.88 -2.26
CA GLU H 107 -66.89 -29.86 -3.07
C GLU H 107 -66.10 -29.19 -4.17
N LEU H 108 -66.69 -28.19 -4.81
CA LEU H 108 -66.02 -27.46 -5.86
C LEU H 108 -64.85 -26.64 -5.32
N VAL H 109 -65.02 -26.07 -4.11
CA VAL H 109 -63.93 -25.32 -3.49
C VAL H 109 -62.77 -26.26 -3.13
N GLU H 110 -63.08 -27.46 -2.64
CA GLU H 110 -62.01 -28.39 -2.28
C GLU H 110 -61.30 -28.93 -3.51
N ASP H 111 -62.01 -29.09 -4.63
CA ASP H 111 -61.37 -29.53 -5.86
C ASP H 111 -60.44 -28.45 -6.42
N ALA H 112 -60.88 -27.20 -6.42
CA ALA H 112 -60.03 -26.11 -6.89
C ALA H 112 -58.83 -25.91 -5.97
N ALA H 113 -59.00 -26.15 -4.68
CA ALA H 113 -57.86 -26.07 -3.75
C ALA H 113 -56.86 -27.18 -4.01
N ARG H 114 -57.34 -28.41 -4.27
CA ARG H 114 -56.44 -29.49 -4.65
C ARG H 114 -55.67 -29.19 -5.92
N PHE H 115 -56.31 -28.52 -6.88
CA PHE H 115 -55.60 -28.16 -8.10
C PHE H 115 -54.53 -27.11 -7.84
N VAL H 116 -54.89 -26.04 -7.13
CA VAL H 116 -53.99 -24.89 -7.06
C VAL H 116 -52.86 -25.13 -6.07
N GLY H 117 -53.17 -25.72 -4.93
CA GLY H 117 -52.19 -25.73 -3.85
C GLY H 117 -52.87 -25.79 -2.51
N GLY H 118 -52.65 -24.79 -1.69
CA GLY H 118 -53.46 -24.63 -0.50
C GLY H 118 -54.62 -23.68 -0.74
N MET H 119 -55.42 -23.50 0.31
CA MET H 119 -56.45 -22.48 0.26
C MET H 119 -55.84 -21.09 0.20
N SER H 120 -54.66 -20.92 0.80
CA SER H 120 -53.93 -19.65 0.67
C SER H 120 -53.51 -19.40 -0.76
N ASN H 121 -53.08 -20.45 -1.47
CA ASN H 121 -52.71 -20.29 -2.87
C ASN H 121 -53.92 -20.02 -3.74
N LEU H 122 -55.07 -20.62 -3.40
CA LEU H 122 -56.31 -20.33 -4.12
C LEU H 122 -56.72 -18.88 -3.93
N ILE H 123 -56.61 -18.37 -2.70
CA ILE H 123 -56.96 -16.97 -2.43
C ILE H 123 -56.01 -16.03 -3.15
N ARG H 124 -54.71 -16.36 -3.18
CA ARG H 124 -53.76 -15.50 -3.87
C ARG H 124 -53.96 -15.53 -5.38
N LEU H 125 -54.33 -16.68 -5.95
CA LEU H 125 -54.60 -16.73 -7.38
C LEU H 125 -55.88 -15.99 -7.73
N ARG H 126 -56.90 -16.08 -6.88
CA ARG H 126 -58.14 -15.36 -7.11
C ARG H 126 -57.93 -13.86 -7.03
N GLN H 127 -57.07 -13.41 -6.11
CA GLN H 127 -56.72 -11.99 -6.04
C GLN H 127 -55.89 -11.55 -7.23
N ALA H 128 -54.98 -12.40 -7.70
CA ALA H 128 -54.13 -12.03 -8.83
C ALA H 128 -54.93 -11.94 -10.11
N LEU H 129 -55.95 -12.78 -10.27
CA LEU H 129 -56.82 -12.63 -11.43
C LEU H 129 -57.80 -11.49 -11.27
N GLU H 130 -58.23 -11.17 -10.04
CA GLU H 130 -59.16 -10.08 -9.83
C GLU H 130 -58.48 -8.71 -9.88
N LEU H 131 -57.15 -8.68 -9.85
CA LEU H 131 -56.39 -7.45 -9.82
C LEU H 131 -56.49 -6.71 -11.17
N ASP H 132 -56.13 -5.42 -11.16
CA ASP H 132 -56.20 -4.56 -12.33
C ASP H 132 -55.12 -4.96 -13.35
N ILE H 133 -55.27 -4.48 -14.57
CA ILE H 133 -54.36 -4.87 -15.66
C ILE H 133 -53.12 -3.98 -15.70
N LYS H 134 -53.20 -2.79 -15.11
CA LYS H 134 -52.04 -1.88 -15.09
C LYS H 134 -50.90 -2.45 -14.26
N TYR H 135 -51.21 -3.32 -13.29
CA TYR H 135 -50.16 -4.01 -12.55
C TYR H 135 -49.43 -5.02 -13.42
N TYR H 136 -50.15 -5.69 -14.33
CA TYR H 136 -49.51 -6.56 -15.31
C TYR H 136 -48.62 -5.75 -16.23
N GLY H 137 -49.10 -4.59 -16.67
CA GLY H 137 -48.26 -3.73 -17.51
C GLY H 137 -47.04 -3.19 -16.81
N LEU H 138 -47.17 -2.90 -15.50
CA LEU H 138 -46.05 -2.41 -14.72
C LEU H 138 -45.00 -3.51 -14.51
N LYS H 139 -45.46 -4.74 -14.28
CA LYS H 139 -44.56 -5.89 -14.20
C LYS H 139 -43.82 -6.09 -15.51
N MET H 140 -44.54 -5.97 -16.64
CA MET H 140 -43.91 -6.08 -17.95
C MET H 140 -42.92 -4.98 -18.22
N GLN H 141 -43.17 -3.77 -17.71
CA GLN H 141 -42.23 -2.69 -18.00
C GLN H 141 -41.00 -2.76 -17.10
N LEU H 142 -41.14 -3.21 -15.85
CA LEU H 142 -39.95 -3.44 -15.04
C LEU H 142 -39.13 -4.61 -15.57
N ASN H 143 -39.76 -5.59 -16.21
CA ASN H 143 -38.96 -6.61 -16.88
C ASN H 143 -38.35 -6.08 -18.17
N ASP H 144 -39.02 -5.12 -18.81
CA ASP H 144 -38.50 -4.49 -20.02
C ASP H 144 -37.25 -3.67 -19.75
N MET H 145 -37.20 -2.98 -18.61
CA MET H 145 -35.99 -2.28 -18.23
C MET H 145 -34.86 -3.24 -17.86
N GLY H 146 -35.18 -4.44 -17.41
CA GLY H 146 -34.18 -5.40 -17.01
C GLY H 146 -34.15 -5.70 -15.52
N TYR H 147 -35.19 -5.30 -14.79
CA TYR H 147 -35.24 -5.49 -13.35
C TYR H 147 -36.13 -6.68 -13.01
N ARG H 148 -35.58 -7.62 -12.24
CA ARG H 148 -36.29 -8.83 -11.85
C ARG H 148 -36.14 -9.12 -10.36
N MET I 1 -18.16 6.04 22.12
CA MET I 1 -19.24 6.98 22.39
C MET I 1 -20.08 6.50 23.57
N LEU I 2 -21.08 7.28 23.93
CA LEU I 2 -21.87 6.99 25.12
C LEU I 2 -22.91 5.91 24.82
N LEU I 3 -23.00 4.93 25.71
CA LEU I 3 -23.95 3.85 25.57
C LEU I 3 -25.38 4.36 25.76
N PRO I 4 -26.37 3.77 25.06
CA PRO I 4 -27.74 4.31 25.15
C PRO I 4 -28.42 4.06 26.47
N VAL I 5 -28.06 2.97 27.17
CA VAL I 5 -28.63 2.70 28.49
C VAL I 5 -28.25 3.80 29.48
N VAL I 6 -27.02 4.31 29.36
CA VAL I 6 -26.61 5.46 30.16
C VAL I 6 -27.21 6.74 29.60
N ALA I 7 -27.29 6.86 28.27
CA ALA I 7 -27.67 8.11 27.63
C ALA I 7 -29.14 8.45 27.85
N ARG I 8 -30.00 7.44 27.94
CA ARG I 8 -31.42 7.66 28.20
C ARG I 8 -31.69 8.19 29.60
N ALA I 9 -30.75 8.03 30.53
CA ALA I 9 -30.81 8.69 31.83
C ALA I 9 -29.98 9.95 31.88
N ALA I 10 -28.97 10.08 31.03
CA ALA I 10 -28.09 11.25 31.06
C ALA I 10 -28.74 12.45 30.40
N VAL I 11 -29.29 12.28 29.20
CA VAL I 11 -29.87 13.36 28.40
C VAL I 11 -31.04 14.09 29.08
N PRO I 12 -32.06 13.44 29.69
CA PRO I 12 -33.10 14.23 30.37
C PRO I 12 -32.62 14.94 31.63
N ALA I 13 -31.57 14.44 32.30
CA ALA I 13 -31.05 15.15 33.47
C ALA I 13 -30.34 16.43 33.05
N ILE I 14 -29.56 16.37 31.96
CA ILE I 14 -28.92 17.57 31.42
C ILE I 14 -29.97 18.54 30.89
N GLU I 15 -31.03 18.01 30.27
CA GLU I 15 -32.12 18.83 29.78
C GLU I 15 -32.85 19.54 30.93
N SER I 16 -33.06 18.84 32.04
CA SER I 16 -33.70 19.44 33.20
C SER I 16 -32.80 20.48 33.86
N ALA I 17 -31.48 20.23 33.87
CA ALA I 17 -30.55 21.21 34.44
C ALA I 17 -30.49 22.48 33.60
N ILE I 18 -30.49 22.33 32.27
CA ILE I 18 -30.46 23.50 31.38
C ILE I 18 -31.78 24.25 31.45
N ALA I 19 -32.91 23.54 31.49
CA ALA I 19 -34.21 24.19 31.61
C ALA I 19 -34.39 24.84 32.98
N ALA I 20 -33.71 24.33 34.01
CA ALA I 20 -33.78 24.94 35.32
C ALA I 20 -32.95 26.22 35.38
N THR I 21 -31.72 26.17 34.86
CA THR I 21 -30.87 27.36 34.88
C THR I 21 -29.94 27.43 33.68
N PRO I 22 -29.70 28.64 33.16
CA PRO I 22 -28.79 28.79 32.02
C PRO I 22 -27.36 29.15 32.41
N GLY I 23 -27.13 29.43 33.69
CA GLY I 23 -25.78 29.73 34.14
C GLY I 23 -24.88 28.51 34.14
N LEU I 24 -25.45 27.34 34.43
CA LEU I 24 -24.68 26.11 34.38
C LEU I 24 -24.31 25.71 32.95
N VAL I 25 -25.05 26.22 31.96
CA VAL I 25 -24.65 26.04 30.56
C VAL I 25 -23.32 26.73 30.31
N SER I 26 -23.17 27.97 30.77
CA SER I 26 -21.90 28.67 30.61
C SER I 26 -20.82 28.05 31.49
N ARG I 27 -21.21 27.49 32.64
CA ARG I 27 -20.24 26.81 33.50
C ARG I 27 -19.66 25.58 32.83
N ILE I 28 -20.51 24.72 32.25
CA ILE I 28 -19.99 23.52 31.60
C ILE I 28 -19.33 23.86 30.27
N ALA I 29 -19.72 24.97 29.63
CA ALA I 29 -19.03 25.41 28.42
C ALA I 29 -17.62 25.89 28.72
N ALA I 30 -17.42 26.57 29.85
CA ALA I 30 -16.07 26.98 30.23
C ALA I 30 -15.28 25.80 30.78
N ALA I 31 -15.96 24.82 31.37
CA ALA I 31 -15.27 23.70 32.00
C ALA I 31 -14.76 22.70 30.97
N ILE I 32 -15.63 22.26 30.06
CA ILE I 32 -15.21 21.25 29.08
C ILE I 32 -14.39 21.90 27.97
N GLY I 33 -14.87 23.02 27.44
CA GLY I 33 -14.25 23.66 26.31
C GLY I 33 -15.05 23.58 25.04
N SER I 34 -16.34 23.29 25.12
CA SER I 34 -17.20 23.25 23.95
C SER I 34 -17.75 24.65 23.70
N LYS I 35 -18.57 24.79 22.66
CA LYS I 35 -19.27 26.03 22.41
C LYS I 35 -20.36 26.21 23.47
N VAL I 36 -20.75 27.46 23.70
CA VAL I 36 -21.70 27.78 24.76
C VAL I 36 -23.12 27.30 24.44
N SER I 37 -23.39 26.86 23.22
CA SER I 37 -24.78 26.53 22.88
C SER I 37 -25.16 25.15 23.43
N PRO I 38 -26.42 25.00 23.86
CA PRO I 38 -26.89 23.71 24.39
C PRO I 38 -26.82 22.57 23.40
N SER I 39 -27.06 22.84 22.12
CA SER I 39 -26.94 21.81 21.09
C SER I 39 -25.51 21.32 20.96
N ALA I 40 -24.53 22.23 21.07
CA ALA I 40 -23.13 21.83 20.96
C ALA I 40 -22.68 21.03 22.17
N ILE I 41 -23.05 21.46 23.38
CA ILE I 41 -22.60 20.69 24.54
C ILE I 41 -23.34 19.36 24.62
N LEU I 42 -24.59 19.30 24.16
CA LEU I 42 -25.31 18.03 24.14
C LEU I 42 -24.74 17.09 23.10
N ALA I 43 -24.29 17.62 21.97
CA ALA I 43 -23.60 16.80 20.97
C ALA I 43 -22.27 16.29 21.49
N ALA I 44 -21.57 17.11 22.27
CA ALA I 44 -20.31 16.66 22.88
C ALA I 44 -20.55 15.55 23.90
N VAL I 45 -21.63 15.67 24.67
CA VAL I 45 -22.01 14.62 25.62
C VAL I 45 -22.36 13.33 24.89
N LYS I 46 -23.18 13.42 23.84
CA LYS I 46 -23.57 12.23 23.09
C LYS I 46 -22.42 11.62 22.31
N SER I 47 -21.39 12.41 21.99
CA SER I 47 -20.23 11.88 21.27
C SER I 47 -19.19 11.26 22.19
N ASN I 48 -18.93 11.85 23.35
CA ASN I 48 -17.80 11.42 24.17
C ASN I 48 -18.24 11.12 25.59
N PRO I 49 -18.04 9.89 26.08
CA PRO I 49 -18.42 9.59 27.48
C PRO I 49 -17.53 10.27 28.52
N VAL I 50 -16.31 10.65 28.18
CA VAL I 50 -15.48 11.43 29.10
C VAL I 50 -16.09 12.82 29.28
N VAL I 51 -16.58 13.41 28.19
CA VAL I 51 -17.24 14.71 28.28
C VAL I 51 -18.57 14.58 29.01
N ALA I 52 -19.27 13.46 28.83
CA ALA I 52 -20.48 13.20 29.60
C ALA I 52 -20.19 13.10 31.10
N GLY I 53 -19.09 12.44 31.46
CA GLY I 53 -18.70 12.36 32.86
C GLY I 53 -18.26 13.69 33.43
N LEU I 54 -17.61 14.53 32.62
CA LEU I 54 -17.24 15.86 33.09
C LEU I 54 -18.46 16.74 33.32
N THR I 55 -19.48 16.62 32.46
CA THR I 55 -20.73 17.36 32.69
C THR I 55 -21.46 16.87 33.93
N LEU I 56 -21.52 15.54 34.12
CA LEU I 56 -22.15 15.00 35.32
C LEU I 56 -21.31 15.21 36.57
N ALA I 57 -20.04 15.58 36.44
CA ALA I 57 -19.28 16.03 37.60
C ALA I 57 -19.51 17.52 37.85
N GLN I 58 -19.83 18.28 36.80
CA GLN I 58 -20.17 19.68 37.01
C GLN I 58 -21.53 19.84 37.70
N ILE I 59 -22.60 19.31 37.11
CA ILE I 59 -23.92 19.37 37.73
C ILE I 59 -24.07 18.18 38.66
N GLY I 60 -24.52 18.44 39.89
CA GLY I 60 -24.42 17.43 40.93
C GLY I 60 -25.69 17.06 41.66
N SER I 61 -26.73 17.89 41.54
CA SER I 61 -27.97 17.62 42.25
C SER I 61 -28.71 16.44 41.62
N THR I 62 -29.10 16.57 40.36
CA THR I 62 -29.85 15.53 39.66
C THR I 62 -28.96 14.66 38.77
N GLY I 63 -27.65 14.90 38.75
CA GLY I 63 -26.75 14.16 37.91
C GLY I 63 -25.98 13.05 38.58
N TYR I 64 -26.22 12.82 39.88
CA TYR I 64 -25.47 11.79 40.60
C TYR I 64 -25.86 10.40 40.14
N ASP I 65 -27.14 10.18 39.86
CA ASP I 65 -27.61 8.86 39.46
C ASP I 65 -27.09 8.49 38.08
N ALA I 66 -27.14 9.43 37.14
CA ALA I 66 -26.58 9.21 35.81
C ALA I 66 -25.07 9.08 35.85
N TYR I 67 -24.42 9.82 36.76
CA TYR I 67 -22.96 9.70 36.93
C TYR I 67 -22.56 8.33 37.44
N GLN I 68 -23.28 7.81 38.43
CA GLN I 68 -22.98 6.48 38.93
C GLN I 68 -23.35 5.39 37.93
N GLN I 69 -24.37 5.63 37.11
CA GLN I 69 -24.73 4.64 36.09
C GLN I 69 -23.69 4.62 34.97
N LEU I 70 -23.13 5.78 34.64
CA LEU I 70 -22.02 5.84 33.69
C LEU I 70 -20.77 5.17 34.28
N LEU I 71 -20.57 5.33 35.58
CA LEU I 71 -19.43 4.67 36.23
C LEU I 71 -19.62 3.15 36.29
N GLU I 72 -20.87 2.69 36.37
CA GLU I 72 -21.15 1.26 36.26
C GLU I 72 -20.86 0.75 34.86
N ASN I 73 -21.50 1.35 33.86
CA ASN I 73 -21.45 0.81 32.50
C ASN I 73 -20.23 1.27 31.71
N HIS I 74 -19.30 2.00 32.32
CA HIS I 74 -18.04 2.36 31.68
C HIS I 74 -16.92 2.23 32.70
N PRO I 75 -16.33 1.04 32.82
CA PRO I 75 -15.25 0.85 33.81
C PRO I 75 -13.94 1.48 33.40
N GLU I 76 -13.73 1.76 32.12
CA GLU I 76 -12.42 2.21 31.65
C GLU I 76 -12.28 3.72 31.64
N VAL I 77 -13.39 4.45 31.82
CA VAL I 77 -13.33 5.90 31.92
C VAL I 77 -12.96 6.34 33.33
N ALA I 78 -12.93 5.42 34.29
CA ALA I 78 -12.98 5.77 35.71
C ALA I 78 -11.68 6.41 36.19
N GLU I 79 -10.54 5.82 35.82
CA GLU I 79 -9.25 6.32 36.30
C GLU I 79 -8.93 7.68 35.69
N MET I 80 -9.17 7.84 34.39
CA MET I 80 -8.92 9.12 33.75
C MET I 80 -9.90 10.18 34.21
N LEU I 81 -11.14 9.79 34.51
CA LEU I 81 -12.12 10.76 34.98
C LEU I 81 -11.82 11.18 36.41
N LYS I 82 -11.24 10.27 37.20
CA LYS I 82 -10.79 10.64 38.53
C LYS I 82 -9.58 11.55 38.48
N ASP I 83 -8.66 11.32 37.54
CA ASP I 83 -7.50 12.18 37.42
C ASP I 83 -7.87 13.57 36.92
N LEU I 84 -8.86 13.66 36.04
CA LEU I 84 -9.35 14.96 35.62
C LEU I 84 -10.20 15.66 36.68
N SER I 85 -10.93 14.90 37.49
CA SER I 85 -11.80 15.47 38.52
C SER I 85 -11.09 15.37 39.86
N PHE I 86 -10.25 16.36 40.16
CA PHE I 86 -9.47 16.37 41.39
C PHE I 86 -9.43 17.77 41.96
N LYS I 87 -10.02 17.92 43.15
CA LYS I 87 -9.87 19.14 43.93
C LYS I 87 -9.13 18.81 45.22
N ALA I 88 -8.02 19.48 45.44
CA ALA I 88 -7.21 19.24 46.62
C ALA I 88 -7.88 19.83 47.84
N ASP I 89 -7.87 19.07 48.94
CA ASP I 89 -8.53 19.49 50.17
C ASP I 89 -7.68 20.54 50.88
N GLU I 90 -8.32 21.38 51.68
CA GLU I 90 -7.62 22.46 52.37
C GLU I 90 -7.13 21.97 53.72
N ILE I 91 -5.83 21.77 53.87
CA ILE I 91 -5.30 21.19 55.09
C ILE I 91 -5.16 22.29 56.15
N GLN I 92 -5.48 21.94 57.39
CA GLN I 92 -5.43 22.89 58.49
C GLN I 92 -3.98 23.15 58.89
N PRO I 93 -3.68 24.30 59.52
CA PRO I 93 -2.30 24.55 59.95
C PRO I 93 -1.88 23.73 61.15
N ASP I 94 -2.83 23.21 61.94
CA ASP I 94 -2.53 22.57 63.20
C ASP I 94 -2.48 21.05 63.12
N PHE I 95 -2.65 20.47 61.92
CA PHE I 95 -2.97 19.06 61.84
C PHE I 95 -1.77 18.17 62.12
N ILE I 96 -0.60 18.51 61.59
CA ILE I 96 0.54 17.61 61.77
C ILE I 96 1.14 17.75 63.17
N GLY I 97 1.10 18.96 63.74
CA GLY I 97 1.47 19.11 65.13
C GLY I 97 0.46 18.48 66.07
N ASN I 98 -0.80 18.41 65.66
CA ASN I 98 -1.81 17.69 66.43
C ASN I 98 -1.57 16.19 66.34
N LEU I 99 -1.16 15.71 65.17
CA LEU I 99 -0.91 14.28 64.98
C LEU I 99 0.33 13.83 65.74
N GLY I 100 1.32 14.72 65.88
CA GLY I 100 2.54 14.42 66.60
C GLY I 100 2.38 14.12 68.08
N GLN I 101 1.19 14.34 68.64
CA GLN I 101 0.93 14.08 70.04
C GLN I 101 0.19 12.77 70.27
N TYR I 102 -0.08 12.00 69.22
CA TYR I 102 -0.86 10.77 69.34
C TYR I 102 0.00 9.53 69.15
N ARG I 103 1.31 9.74 68.95
CA ARG I 103 2.29 8.66 68.89
C ARG I 103 2.38 7.91 70.22
N GLU I 104 2.09 8.59 71.33
CA GLU I 104 2.00 7.96 72.64
C GLU I 104 0.81 6.99 72.73
N GLU I 105 -0.36 7.40 72.24
CA GLU I 105 -1.59 6.61 72.31
C GLU I 105 -1.57 5.42 71.36
N LEU I 106 -1.17 5.65 70.11
CA LEU I 106 -1.30 4.62 69.08
C LEU I 106 -0.34 3.46 69.28
N GLU I 107 0.85 3.71 69.81
CA GLU I 107 1.82 2.63 70.02
C GLU I 107 1.36 1.68 71.11
N LEU I 108 0.77 2.23 72.16
CA LEU I 108 0.21 1.42 73.24
C LEU I 108 -0.97 0.59 72.75
N VAL I 109 -1.82 1.20 71.92
CA VAL I 109 -2.94 0.46 71.31
C VAL I 109 -2.44 -0.68 70.45
N GLU I 110 -1.39 -0.44 69.66
CA GLU I 110 -0.87 -1.50 68.78
C GLU I 110 -0.17 -2.60 69.57
N ASP I 111 0.48 -2.26 70.68
CA ASP I 111 1.10 -3.30 71.51
C ASP I 111 0.05 -4.19 72.16
N ALA I 112 -1.03 -3.61 72.66
CA ALA I 112 -2.10 -4.42 73.23
C ALA I 112 -2.82 -5.24 72.16
N ALA I 113 -2.93 -4.71 70.94
CA ALA I 113 -3.56 -5.48 69.86
C ALA I 113 -2.70 -6.66 69.44
N ARG I 114 -1.38 -6.46 69.38
CA ARG I 114 -0.48 -7.57 69.08
C ARG I 114 -0.47 -8.60 70.21
N PHE I 115 -0.73 -8.18 71.44
CA PHE I 115 -0.90 -9.15 72.52
C PHE I 115 -2.17 -9.96 72.34
N VAL I 116 -3.30 -9.31 72.09
CA VAL I 116 -4.58 -9.99 72.13
C VAL I 116 -4.80 -10.84 70.89
N GLY I 117 -4.54 -10.27 69.71
CA GLY I 117 -5.03 -10.86 68.48
C GLY I 117 -5.18 -9.81 67.41
N GLY I 118 -6.39 -9.63 66.90
CA GLY I 118 -6.66 -8.51 66.03
C GLY I 118 -7.21 -7.32 66.77
N MET I 119 -7.44 -6.25 66.02
CA MET I 119 -8.12 -5.08 66.58
C MET I 119 -9.56 -5.42 66.94
N SER I 120 -10.17 -6.34 66.19
CA SER I 120 -11.52 -6.79 66.53
C SER I 120 -11.52 -7.58 67.83
N ASN I 121 -10.49 -8.39 68.06
CA ASN I 121 -10.37 -9.09 69.33
C ASN I 121 -10.12 -8.14 70.49
N LEU I 122 -9.34 -7.07 70.27
CA LEU I 122 -9.14 -6.07 71.31
C LEU I 122 -10.44 -5.35 71.66
N ILE I 123 -11.24 -5.00 70.64
CA ILE I 123 -12.50 -4.31 70.88
C ILE I 123 -13.48 -5.22 71.60
N ARG I 124 -13.53 -6.50 71.21
CA ARG I 124 -14.44 -7.43 71.85
C ARG I 124 -14.02 -7.73 73.28
N LEU I 125 -12.70 -7.81 73.54
CA LEU I 125 -12.22 -7.99 74.90
C LEU I 125 -12.51 -6.77 75.77
N ARG I 126 -12.37 -5.56 75.22
CA ARG I 126 -12.65 -4.36 76.00
C ARG I 126 -14.13 -4.24 76.33
N GLN I 127 -15.00 -4.61 75.38
CA GLN I 127 -16.44 -4.61 75.65
C GLN I 127 -16.82 -5.68 76.66
N ALA I 128 -16.16 -6.85 76.62
CA ALA I 128 -16.49 -7.90 77.57
C ALA I 128 -16.04 -7.56 78.98
N LEU I 129 -14.89 -6.88 79.11
CA LEU I 129 -14.46 -6.47 80.44
C LEU I 129 -15.25 -5.26 80.94
N GLU I 130 -15.81 -4.47 80.04
CA GLU I 130 -16.65 -3.36 80.44
C GLU I 130 -18.08 -3.78 80.73
N LEU I 131 -18.48 -4.97 80.29
CA LEU I 131 -19.87 -5.43 80.38
C LEU I 131 -20.25 -5.72 81.83
N ASP I 132 -21.56 -5.76 82.09
CA ASP I 132 -22.11 -5.87 83.44
C ASP I 132 -21.87 -7.25 84.03
N ILE I 133 -21.89 -7.31 85.37
CA ILE I 133 -21.61 -8.54 86.12
C ILE I 133 -22.76 -9.53 86.01
N LYS I 134 -23.98 -9.05 85.79
CA LYS I 134 -25.14 -9.92 85.66
C LYS I 134 -25.04 -10.85 84.46
N TYR I 135 -24.31 -10.43 83.43
CA TYR I 135 -24.07 -11.32 82.29
C TYR I 135 -23.14 -12.46 82.66
N TYR I 136 -22.14 -12.19 83.51
CA TYR I 136 -21.29 -13.25 84.04
C TYR I 136 -22.10 -14.23 84.88
N GLY I 137 -23.01 -13.70 85.71
CA GLY I 137 -23.85 -14.57 86.52
C GLY I 137 -24.82 -15.39 85.69
N LEU I 138 -25.35 -14.80 84.61
CA LEU I 138 -26.22 -15.51 83.69
C LEU I 138 -25.48 -16.62 82.95
N LYS I 139 -24.24 -16.36 82.52
CA LYS I 139 -23.43 -17.36 81.85
C LYS I 139 -23.12 -18.53 82.79
N MET I 140 -22.78 -18.22 84.04
CA MET I 140 -22.55 -19.25 85.05
C MET I 140 -23.80 -20.08 85.32
N GLN I 141 -24.97 -19.45 85.35
CA GLN I 141 -26.18 -20.19 85.68
C GLN I 141 -26.65 -21.04 84.51
N LEU I 142 -26.52 -20.53 83.28
CA LEU I 142 -26.85 -21.34 82.11
C LEU I 142 -25.89 -22.52 81.95
N ASN I 143 -24.62 -22.36 82.34
CA ASN I 143 -23.74 -23.51 82.36
C ASN I 143 -24.12 -24.46 83.49
N ASP I 144 -24.65 -23.94 84.59
CA ASP I 144 -25.02 -24.78 85.71
C ASP I 144 -26.25 -25.63 85.40
N MET I 145 -27.17 -25.09 84.57
CA MET I 145 -28.38 -25.84 84.25
C MET I 145 -28.16 -26.92 83.20
N GLY I 146 -26.95 -27.06 82.67
CA GLY I 146 -26.68 -28.06 81.66
C GLY I 146 -26.75 -27.55 80.25
N TYR I 147 -26.49 -26.27 80.01
CA TYR I 147 -26.51 -25.69 78.69
C TYR I 147 -25.15 -25.09 78.37
N ARG I 148 -24.69 -25.31 77.15
CA ARG I 148 -23.38 -24.81 76.72
C ARG I 148 -23.44 -24.23 75.32
N MET J 1 53.93 40.54 5.33
CA MET J 1 53.16 41.15 4.26
C MET J 1 51.68 40.82 4.39
N LEU J 2 50.85 41.85 4.22
CA LEU J 2 49.41 41.69 4.35
C LEU J 2 48.80 41.25 3.02
N LEU J 3 47.74 40.45 3.11
CA LEU J 3 46.99 40.07 1.93
C LEU J 3 46.27 41.30 1.35
N PRO J 4 46.20 41.43 0.02
CA PRO J 4 45.58 42.63 -0.56
C PRO J 4 44.08 42.70 -0.38
N VAL J 5 43.40 41.56 -0.19
CA VAL J 5 41.96 41.55 0.03
C VAL J 5 41.61 42.23 1.35
N VAL J 6 42.41 41.97 2.39
CA VAL J 6 42.24 42.67 3.66
C VAL J 6 42.78 44.10 3.55
N ALA J 7 43.89 44.27 2.80
CA ALA J 7 44.58 45.55 2.73
C ALA J 7 43.75 46.64 2.06
N ARG J 8 42.94 46.27 1.06
CA ARG J 8 42.11 47.26 0.37
C ARG J 8 40.94 47.76 1.23
N ALA J 9 40.68 47.13 2.37
CA ALA J 9 39.77 47.68 3.37
C ALA J 9 40.50 48.25 4.57
N ALA J 10 41.72 47.78 4.85
CA ALA J 10 42.46 48.24 6.02
C ALA J 10 43.13 49.58 5.79
N VAL J 11 43.73 49.76 4.62
CA VAL J 11 44.38 51.02 4.24
C VAL J 11 43.40 52.21 4.20
N PRO J 12 42.19 52.13 3.60
CA PRO J 12 41.28 53.29 3.73
C PRO J 12 40.71 53.49 5.12
N ALA J 13 40.60 52.44 5.95
CA ALA J 13 40.09 52.62 7.30
C ALA J 13 41.11 53.32 8.19
N ILE J 14 42.37 52.91 8.12
CA ILE J 14 43.43 53.59 8.87
C ILE J 14 43.66 54.99 8.31
N GLU J 15 43.53 55.16 6.99
CA GLU J 15 43.63 56.47 6.38
C GLU J 15 42.48 57.39 6.81
N SER J 16 41.28 56.82 7.00
CA SER J 16 40.16 57.60 7.50
C SER J 16 40.33 57.95 8.97
N ALA J 17 40.99 57.08 9.74
CA ALA J 17 41.32 57.42 11.13
C ALA J 17 42.35 58.54 11.19
N ILE J 18 43.30 58.54 10.25
CA ILE J 18 44.28 59.64 10.15
C ILE J 18 43.58 60.95 9.79
N ALA J 19 42.70 60.91 8.79
CA ALA J 19 41.96 62.09 8.37
C ALA J 19 40.95 62.55 9.42
N ALA J 20 40.51 61.65 10.29
CA ALA J 20 39.64 62.04 11.40
C ALA J 20 40.44 62.75 12.49
N THR J 21 41.50 62.11 12.98
CA THR J 21 42.27 62.77 14.04
C THR J 21 43.75 62.38 14.01
N PRO J 22 44.64 63.32 14.34
CA PRO J 22 46.05 62.96 14.53
C PRO J 22 46.38 62.45 15.92
N GLY J 23 45.42 62.50 16.85
CA GLY J 23 45.65 61.94 18.17
C GLY J 23 45.81 60.42 18.14
N LEU J 24 44.99 59.74 17.35
CA LEU J 24 45.18 58.31 17.14
C LEU J 24 46.43 58.02 16.32
N VAL J 25 46.89 58.97 15.49
CA VAL J 25 48.15 58.80 14.78
C VAL J 25 49.32 58.83 15.74
N SER J 26 49.30 59.79 16.68
CA SER J 26 50.32 59.81 17.74
C SER J 26 50.18 58.60 18.65
N ARG J 27 48.95 58.08 18.83
CA ARG J 27 48.76 56.89 19.65
C ARG J 27 49.36 55.65 19.00
N ILE J 28 49.17 55.47 17.69
CA ILE J 28 49.76 54.30 17.04
C ILE J 28 51.27 54.47 16.88
N ALA J 29 51.75 55.72 16.77
CA ALA J 29 53.19 55.96 16.73
C ALA J 29 53.84 55.66 18.08
N ALA J 30 53.12 55.92 19.18
CA ALA J 30 53.65 55.60 20.50
C ALA J 30 53.46 54.12 20.83
N ALA J 31 52.45 53.48 20.25
CA ALA J 31 52.15 52.10 20.58
C ALA J 31 53.05 51.14 19.80
N ILE J 32 53.06 51.25 18.48
CA ILE J 32 53.86 50.34 17.66
C ILE J 32 55.34 50.67 17.80
N GLY J 33 55.68 51.95 17.79
CA GLY J 33 57.05 52.38 17.88
C GLY J 33 57.68 52.76 16.57
N SER J 34 56.89 53.18 15.58
CA SER J 34 57.39 53.60 14.28
C SER J 34 57.31 55.12 14.19
N LYS J 35 57.65 55.64 13.01
CA LYS J 35 57.61 57.07 12.78
C LYS J 35 56.17 57.55 12.70
N VAL J 36 55.93 58.79 13.15
CA VAL J 36 54.58 59.33 13.26
C VAL J 36 53.94 59.64 11.90
N SER J 37 54.72 59.61 10.81
CA SER J 37 54.17 60.01 9.52
C SER J 37 53.26 58.93 8.95
N PRO J 38 52.19 59.33 8.25
CA PRO J 38 51.23 58.36 7.69
C PRO J 38 51.83 57.42 6.67
N SER J 39 52.80 57.88 5.86
CA SER J 39 53.45 57.01 4.90
C SER J 39 54.29 55.93 5.60
N ALA J 40 54.94 56.29 6.71
CA ALA J 40 55.75 55.31 7.43
C ALA J 40 54.88 54.28 8.13
N ILE J 41 53.78 54.71 8.78
CA ILE J 41 52.94 53.71 9.42
C ILE J 41 52.19 52.88 8.38
N LEU J 42 51.91 53.45 7.21
CA LEU J 42 51.27 52.68 6.14
C LEU J 42 52.23 51.66 5.54
N ALA J 43 53.50 52.02 5.38
CA ALA J 43 54.51 51.04 4.96
C ALA J 43 54.68 49.94 5.99
N ALA J 44 54.60 50.28 7.28
CA ALA J 44 54.67 49.27 8.32
C ALA J 44 53.47 48.33 8.30
N VAL J 45 52.28 48.88 8.05
CA VAL J 45 51.05 48.07 7.92
C VAL J 45 51.14 47.13 6.73
N LYS J 46 51.59 47.64 5.58
CA LYS J 46 51.69 46.80 4.39
C LYS J 46 52.84 45.80 4.49
N SER J 47 53.85 46.09 5.31
CA SER J 47 54.98 45.18 5.42
C SER J 47 54.73 44.09 6.45
N ASN J 48 53.99 44.40 7.53
CA ASN J 48 53.80 43.46 8.61
C ASN J 48 52.32 43.37 8.97
N PRO J 49 51.68 42.22 8.80
CA PRO J 49 50.28 42.07 9.25
C PRO J 49 50.14 42.08 10.76
N VAL J 50 51.21 41.80 11.51
CA VAL J 50 51.21 42.00 12.96
C VAL J 50 51.02 43.47 13.28
N VAL J 51 51.77 44.34 12.59
CA VAL J 51 51.62 45.78 12.77
C VAL J 51 50.26 46.25 12.26
N ALA J 52 49.74 45.61 11.21
CA ALA J 52 48.41 45.94 10.70
C ALA J 52 47.34 45.63 11.74
N GLY J 53 47.43 44.47 12.38
CA GLY J 53 46.49 44.12 13.43
C GLY J 53 46.65 44.96 14.69
N LEU J 54 47.88 45.37 15.00
CA LEU J 54 48.08 46.26 16.14
C LEU J 54 47.46 47.64 15.89
N THR J 55 47.58 48.13 14.66
CA THR J 55 46.92 49.40 14.32
C THR J 55 45.40 49.26 14.35
N LEU J 56 44.86 48.17 13.77
CA LEU J 56 43.42 47.96 13.80
C LEU J 56 42.89 47.57 15.17
N ALA J 57 43.78 47.27 16.14
CA ALA J 57 43.36 47.16 17.53
C ALA J 57 43.48 48.48 18.28
N GLN J 58 44.41 49.35 17.87
CA GLN J 58 44.49 50.67 18.46
C GLN J 58 43.29 51.54 18.08
N ILE J 59 42.92 51.55 16.80
CA ILE J 59 41.72 52.27 16.38
C ILE J 59 40.56 51.28 16.31
N GLY J 60 39.40 51.68 16.80
CA GLY J 60 38.28 50.75 16.89
C GLY J 60 36.96 51.30 16.39
N SER J 61 36.97 52.53 15.87
CA SER J 61 35.73 53.14 15.41
C SER J 61 35.27 52.57 14.07
N THR J 62 36.09 52.73 13.03
CA THR J 62 35.77 52.27 11.69
C THR J 62 36.55 51.04 11.26
N GLY J 63 37.70 50.78 11.86
CA GLY J 63 38.53 49.65 11.50
C GLY J 63 38.12 48.33 12.08
N TYR J 64 36.94 48.24 12.69
CA TYR J 64 36.46 46.97 13.23
C TYR J 64 36.13 45.97 12.13
N ASP J 65 35.59 46.45 11.00
CA ASP J 65 35.27 45.57 9.89
C ASP J 65 36.53 45.00 9.24
N ALA J 66 37.52 45.86 8.99
CA ALA J 66 38.80 45.39 8.47
C ALA J 66 39.54 44.53 9.47
N TYR J 67 39.33 44.77 10.77
CA TYR J 67 39.92 43.94 11.80
C TYR J 67 39.31 42.54 11.80
N GLN J 68 37.99 42.45 11.66
CA GLN J 68 37.35 41.14 11.54
C GLN J 68 37.73 40.43 10.25
N GLN J 69 37.95 41.20 9.17
CA GLN J 69 38.39 40.58 7.91
C GLN J 69 39.82 40.05 8.03
N LEU J 70 40.69 40.78 8.76
CA LEU J 70 42.04 40.29 9.02
C LEU J 70 42.01 39.08 9.94
N LEU J 71 41.06 39.04 10.87
CA LEU J 71 40.90 37.87 11.73
C LEU J 71 40.39 36.67 10.95
N GLU J 72 39.57 36.90 9.92
CA GLU J 72 39.16 35.82 9.04
C GLU J 72 40.35 35.31 8.22
N ASN J 73 41.08 36.20 7.55
CA ASN J 73 42.06 35.81 6.57
C ASN J 73 43.48 35.67 7.11
N HIS J 74 43.67 35.80 8.43
CA HIS J 74 44.99 35.62 9.04
C HIS J 74 44.86 34.93 10.39
N PRO J 75 44.83 33.59 10.40
CA PRO J 75 44.78 32.88 11.69
C PRO J 75 46.10 32.82 12.42
N GLU J 76 47.23 33.02 11.71
CA GLU J 76 48.53 32.89 12.35
C GLU J 76 48.81 34.05 13.31
N VAL J 77 48.21 35.21 13.04
CA VAL J 77 48.47 36.40 13.84
C VAL J 77 47.50 36.52 15.02
N ALA J 78 46.46 35.68 15.05
CA ALA J 78 45.33 35.90 15.96
C ALA J 78 45.70 35.67 17.41
N GLU J 79 46.45 34.60 17.70
CA GLU J 79 46.81 34.29 19.08
C GLU J 79 47.81 35.31 19.63
N MET J 80 48.82 35.66 18.83
CA MET J 80 49.81 36.64 19.25
C MET J 80 49.20 38.02 19.40
N LEU J 81 48.19 38.32 18.58
CA LEU J 81 47.51 39.60 18.66
C LEU J 81 46.61 39.68 19.88
N LYS J 82 45.93 38.57 20.22
CA LYS J 82 45.14 38.54 21.45
C LYS J 82 46.03 38.61 22.68
N ASP J 83 47.23 38.02 22.60
CA ASP J 83 48.15 38.08 23.73
C ASP J 83 48.69 39.49 23.93
N LEU J 84 49.11 40.15 22.85
CA LEU J 84 49.67 41.49 23.00
C LEU J 84 48.59 42.54 23.22
N SER J 85 47.34 42.24 22.87
CA SER J 85 46.22 43.14 23.11
C SER J 85 45.30 42.49 24.14
N PHE J 86 45.62 42.70 25.41
CA PHE J 86 44.81 42.19 26.50
C PHE J 86 44.57 43.30 27.52
N LYS J 87 43.35 43.37 28.01
CA LYS J 87 43.00 44.28 29.08
C LYS J 87 42.30 43.52 30.19
N ALA J 88 42.53 43.94 31.42
CA ALA J 88 41.96 43.27 32.58
C ALA J 88 40.53 43.74 32.78
N ASP J 89 39.60 42.80 32.77
CA ASP J 89 38.22 43.11 33.12
C ASP J 89 38.14 43.29 34.62
N GLU J 90 37.57 44.41 35.08
CA GLU J 90 37.50 44.70 36.50
C GLU J 90 36.54 43.76 37.22
N ILE J 91 36.70 43.68 38.53
CA ILE J 91 35.96 42.74 39.36
C ILE J 91 35.36 43.50 40.54
N GLN J 92 34.10 43.18 40.85
CA GLN J 92 33.45 43.80 41.99
C GLN J 92 34.02 43.24 43.29
N PRO J 93 33.98 44.02 44.38
CA PRO J 93 34.50 43.49 45.65
C PRO J 93 33.66 42.39 46.25
N ASP J 94 32.34 42.49 46.17
CA ASP J 94 31.45 41.47 46.74
C ASP J 94 31.07 40.39 45.73
N PHE J 95 31.82 40.25 44.63
CA PHE J 95 31.41 39.35 43.58
C PHE J 95 31.61 37.88 43.97
N ILE J 96 32.78 37.52 44.48
CA ILE J 96 33.00 36.12 44.82
C ILE J 96 32.27 35.75 46.09
N GLY J 97 32.07 36.71 47.00
CA GLY J 97 31.25 36.45 48.17
C GLY J 97 29.77 36.39 47.85
N ASN J 98 29.37 36.93 46.70
CA ASN J 98 27.98 36.79 46.25
C ASN J 98 27.81 35.51 45.45
N LEU J 99 28.85 35.12 44.70
CA LEU J 99 28.86 33.85 43.98
C LEU J 99 28.87 32.66 44.93
N GLY J 100 29.51 32.80 46.09
CA GLY J 100 29.59 31.70 47.03
C GLY J 100 28.27 31.33 47.68
N GLN J 101 27.29 32.22 47.66
CA GLN J 101 26.00 31.94 48.26
C GLN J 101 25.11 31.06 47.39
N TYR J 102 25.50 30.81 46.14
CA TYR J 102 24.64 30.16 45.17
C TYR J 102 24.90 28.66 45.05
N ARG J 103 25.81 28.14 45.87
CA ARG J 103 26.15 26.72 45.83
C ARG J 103 24.99 25.85 46.30
N GLU J 104 24.15 26.38 47.18
CA GLU J 104 22.89 25.76 47.54
C GLU J 104 21.95 25.58 46.34
N GLU J 105 22.00 26.47 45.36
CA GLU J 105 21.13 26.51 44.19
C GLU J 105 21.65 25.66 43.05
N LEU J 106 22.94 25.80 42.72
CA LEU J 106 23.50 25.14 41.55
C LEU J 106 23.57 23.63 41.72
N GLU J 107 23.86 23.14 42.93
CA GLU J 107 23.95 21.70 43.15
C GLU J 107 22.58 21.04 42.98
N LEU J 108 21.53 21.73 43.41
CA LEU J 108 20.16 21.23 43.22
C LEU J 108 19.79 21.22 41.76
N VAL J 109 20.17 22.26 41.01
CA VAL J 109 19.88 22.32 39.58
C VAL J 109 20.63 21.20 38.83
N GLU J 110 21.89 20.95 39.20
CA GLU J 110 22.65 19.89 38.55
C GLU J 110 22.12 18.51 38.91
N ASP J 111 21.61 18.32 40.13
CA ASP J 111 20.98 17.05 40.47
C ASP J 111 19.70 16.81 39.68
N ALA J 112 18.87 17.84 39.52
CA ALA J 112 17.67 17.69 38.71
C ALA J 112 18.01 17.45 37.24
N ALA J 113 19.11 18.03 36.76
CA ALA J 113 19.55 17.75 35.39
C ALA J 113 20.03 16.32 35.23
N ARG J 114 20.78 15.81 36.21
CA ARG J 114 21.18 14.40 36.18
C ARG J 114 19.99 13.47 36.25
N PHE J 115 18.91 13.87 36.94
CA PHE J 115 17.70 13.06 36.95
C PHE J 115 17.02 13.05 35.59
N VAL J 116 16.74 14.22 35.03
CA VAL J 116 15.90 14.29 33.84
C VAL J 116 16.66 13.84 32.60
N GLY J 117 17.85 14.41 32.37
CA GLY J 117 18.55 14.19 31.13
C GLY J 117 19.44 15.35 30.74
N GLY J 118 19.20 15.91 29.57
CA GLY J 118 19.88 17.13 29.20
C GLY J 118 19.32 18.34 29.94
N MET J 119 20.12 19.42 29.91
CA MET J 119 19.63 20.70 30.43
C MET J 119 18.48 21.22 29.59
N SER J 120 18.55 21.01 28.27
CA SER J 120 17.45 21.38 27.39
C SER J 120 16.21 20.53 27.66
N ASN J 121 16.44 19.26 28.05
CA ASN J 121 15.32 18.41 28.45
C ASN J 121 14.68 18.91 29.73
N LEU J 122 15.49 19.39 30.68
CA LEU J 122 14.93 19.98 31.89
C LEU J 122 14.13 21.23 31.59
N ILE J 123 14.63 22.06 30.66
CA ILE J 123 13.93 23.30 30.32
C ILE J 123 12.59 23.00 29.65
N ARG J 124 12.58 22.03 28.73
CA ARG J 124 11.33 21.69 28.06
C ARG J 124 10.35 21.00 29.00
N LEU J 125 10.86 20.22 29.95
CA LEU J 125 9.99 19.60 30.94
C LEU J 125 9.37 20.63 31.89
N ARG J 126 10.17 21.60 32.31
CA ARG J 126 9.66 22.67 33.17
C ARG J 126 8.61 23.50 32.44
N GLN J 127 8.81 23.72 31.13
CA GLN J 127 7.80 24.43 30.34
C GLN J 127 6.52 23.61 30.21
N ALA J 128 6.65 22.29 30.07
CA ALA J 128 5.46 21.46 29.89
C ALA J 128 4.65 21.33 31.17
N LEU J 129 5.32 21.35 32.32
CA LEU J 129 4.57 21.36 33.57
C LEU J 129 4.03 22.75 33.89
N GLU J 130 4.70 23.79 33.40
CA GLU J 130 4.21 25.16 33.55
C GLU J 130 3.03 25.45 32.62
N LEU J 131 2.84 24.61 31.60
CA LEU J 131 1.91 24.87 30.52
C LEU J 131 0.45 24.73 30.99
N ASP J 132 -0.47 25.29 30.22
CA ASP J 132 -1.89 25.26 30.56
C ASP J 132 -2.46 23.86 30.33
N ILE J 133 -3.65 23.62 30.89
CA ILE J 133 -4.27 22.30 30.87
C ILE J 133 -5.09 22.06 29.61
N LYS J 134 -5.56 23.13 28.95
CA LYS J 134 -6.35 22.98 27.74
C LYS J 134 -5.55 22.35 26.61
N TYR J 135 -4.23 22.51 26.64
CA TYR J 135 -3.37 21.82 25.67
C TYR J 135 -3.35 20.33 25.93
N TYR J 136 -3.42 19.92 27.20
CA TYR J 136 -3.54 18.49 27.50
C TYR J 136 -4.88 17.96 27.02
N GLY J 137 -5.94 18.75 27.18
CA GLY J 137 -7.25 18.33 26.69
C GLY J 137 -7.28 18.23 25.17
N LEU J 138 -6.59 19.14 24.48
CA LEU J 138 -6.54 19.11 23.02
C LEU J 138 -5.77 17.90 22.52
N LYS J 139 -4.65 17.57 23.17
CA LYS J 139 -3.88 16.40 22.72
C LYS J 139 -4.62 15.11 23.02
N MET J 140 -5.37 15.08 24.12
CA MET J 140 -6.20 13.91 24.40
C MET J 140 -7.34 13.77 23.39
N GLN J 141 -7.85 14.88 22.87
CA GLN J 141 -8.92 14.74 21.88
C GLN J 141 -8.37 14.32 20.52
N LEU J 142 -7.18 14.81 20.14
CA LEU J 142 -6.55 14.34 18.91
C LEU J 142 -6.18 12.86 19.01
N ASN J 143 -5.78 12.39 20.18
CA ASN J 143 -5.60 10.95 20.33
C ASN J 143 -6.94 10.21 20.35
N ASP J 144 -8.01 10.87 20.78
CA ASP J 144 -9.33 10.25 20.77
C ASP J 144 -9.83 10.00 19.35
N MET J 145 -9.59 10.94 18.44
CA MET J 145 -10.08 10.77 17.07
C MET J 145 -9.30 9.75 16.26
N GLY J 146 -8.23 9.19 16.79
CA GLY J 146 -7.44 8.23 16.05
C GLY J 146 -6.13 8.77 15.52
N TYR J 147 -5.73 9.96 15.94
CA TYR J 147 -4.51 10.58 15.44
C TYR J 147 -3.42 10.48 16.49
N ARG J 148 -2.25 10.02 16.07
CA ARG J 148 -1.14 9.90 16.98
C ARG J 148 0.05 10.75 16.54
N MET K 1 9.29 22.63 -17.31
CA MET K 1 9.04 24.02 -16.95
C MET K 1 10.31 24.86 -17.12
N LEU K 2 10.22 26.14 -16.78
CA LEU K 2 11.36 27.04 -16.86
C LEU K 2 12.25 26.87 -15.63
N LEU K 3 13.55 26.99 -15.84
CA LEU K 3 14.51 26.85 -14.74
C LEU K 3 14.40 28.05 -13.82
N PRO K 4 14.35 27.86 -12.50
CA PRO K 4 14.26 29.02 -11.58
C PRO K 4 15.49 29.88 -11.55
N VAL K 5 16.68 29.28 -11.75
CA VAL K 5 17.94 30.02 -11.71
C VAL K 5 18.00 31.05 -12.83
N VAL K 6 17.53 30.68 -14.02
CA VAL K 6 17.49 31.65 -15.10
C VAL K 6 16.19 32.46 -15.09
N ALA K 7 15.14 31.96 -14.41
CA ALA K 7 13.89 32.70 -14.36
C ALA K 7 14.00 33.93 -13.48
N ARG K 8 14.79 33.84 -12.40
CA ARG K 8 15.03 34.98 -11.52
C ARG K 8 15.74 36.13 -12.22
N ALA K 9 16.49 35.87 -13.28
CA ALA K 9 17.13 36.92 -14.07
C ALA K 9 16.38 37.26 -15.34
N ALA K 10 15.50 36.36 -15.80
CA ALA K 10 14.79 36.59 -17.05
C ALA K 10 13.48 37.35 -16.87
N VAL K 11 12.75 37.07 -15.79
CA VAL K 11 11.44 37.71 -15.61
C VAL K 11 11.52 39.21 -15.26
N PRO K 12 12.35 39.66 -14.29
CA PRO K 12 12.39 41.11 -14.04
C PRO K 12 13.04 41.92 -15.16
N ALA K 13 13.86 41.32 -16.01
CA ALA K 13 14.46 42.04 -17.13
C ALA K 13 13.39 42.42 -18.17
N ILE K 14 12.60 41.44 -18.61
CA ILE K 14 11.52 41.75 -19.54
C ILE K 14 10.39 42.51 -18.85
N GLU K 15 10.24 42.38 -17.53
CA GLU K 15 9.28 43.20 -16.80
C GLU K 15 9.69 44.67 -16.81
N SER K 16 10.98 44.95 -16.60
CA SER K 16 11.49 46.32 -16.69
C SER K 16 11.45 46.84 -18.12
N ALA K 17 11.60 45.95 -19.11
CA ALA K 17 11.48 46.38 -20.51
C ALA K 17 10.05 46.79 -20.86
N ILE K 18 9.06 46.01 -20.39
CA ILE K 18 7.66 46.35 -20.62
C ILE K 18 7.27 47.61 -19.84
N ALA K 19 7.79 47.75 -18.62
CA ALA K 19 7.51 48.96 -17.84
C ALA K 19 8.22 50.18 -18.43
N ALA K 20 9.32 49.98 -19.15
CA ALA K 20 10.01 51.10 -19.79
C ALA K 20 9.28 51.54 -21.05
N THR K 21 8.93 50.60 -21.93
CA THR K 21 8.23 50.96 -23.15
C THR K 21 7.12 49.98 -23.44
N PRO K 22 5.97 50.47 -23.93
CA PRO K 22 4.90 49.58 -24.37
C PRO K 22 4.95 49.24 -25.85
N GLY K 23 6.04 49.59 -26.55
CA GLY K 23 6.13 49.34 -27.98
C GLY K 23 6.48 47.92 -28.36
N LEU K 24 6.75 47.06 -27.39
CA LEU K 24 7.13 45.67 -27.65
C LEU K 24 5.92 44.76 -27.86
N VAL K 25 4.69 45.30 -27.77
CA VAL K 25 3.47 44.50 -27.93
C VAL K 25 3.33 43.96 -29.34
N SER K 26 3.61 44.78 -30.37
CA SER K 26 3.57 44.29 -31.74
C SER K 26 4.68 43.27 -32.00
N ARG K 27 5.83 43.44 -31.33
CA ARG K 27 6.93 42.49 -31.48
C ARG K 27 6.58 41.13 -30.88
N ILE K 28 5.98 41.12 -29.69
CA ILE K 28 5.65 39.84 -29.06
C ILE K 28 4.39 39.24 -29.66
N ALA K 29 3.60 40.04 -30.37
CA ALA K 29 2.45 39.49 -31.08
C ALA K 29 2.86 38.89 -32.41
N ALA K 30 3.84 39.50 -33.09
CA ALA K 30 4.23 39.00 -34.40
C ALA K 30 5.25 37.87 -34.31
N ALA K 31 6.21 37.97 -33.38
CA ALA K 31 7.27 36.98 -33.27
C ALA K 31 6.78 35.70 -32.61
N ILE K 32 5.97 35.81 -31.58
CA ILE K 32 5.50 34.63 -30.84
C ILE K 32 4.13 34.17 -31.34
N GLY K 33 3.18 35.10 -31.45
CA GLY K 33 1.82 34.75 -31.78
C GLY K 33 0.91 34.59 -30.58
N SER K 34 1.35 35.01 -29.40
CA SER K 34 0.55 34.87 -28.20
C SER K 34 -0.55 35.93 -28.12
N LYS K 35 -1.37 35.85 -27.08
CA LYS K 35 -2.46 36.80 -26.90
C LYS K 35 -1.91 38.15 -26.49
N VAL K 36 -2.68 39.20 -26.78
CA VAL K 36 -2.18 40.57 -26.73
C VAL K 36 -1.97 41.08 -25.31
N SER K 37 -2.56 40.44 -24.31
CA SER K 37 -2.47 40.92 -22.94
C SER K 37 -1.06 40.67 -22.39
N PRO K 38 -0.55 41.55 -21.52
CA PRO K 38 0.81 41.37 -20.98
C PRO K 38 0.95 40.21 -20.01
N SER K 39 -0.16 39.67 -19.47
CA SER K 39 -0.08 38.53 -18.57
C SER K 39 0.04 37.22 -19.34
N ALA K 40 -0.62 37.12 -20.49
CA ALA K 40 -0.55 35.92 -21.31
C ALA K 40 0.84 35.70 -21.90
N ILE K 41 1.52 36.77 -22.31
CA ILE K 41 2.87 36.61 -22.85
C ILE K 41 3.85 36.28 -21.74
N LEU K 42 3.62 36.79 -20.52
CA LEU K 42 4.48 36.46 -19.39
C LEU K 42 4.28 35.01 -18.96
N ALA K 43 3.04 34.53 -18.99
CA ALA K 43 2.79 33.11 -18.73
C ALA K 43 3.38 32.23 -19.83
N ALA K 44 3.40 32.74 -21.08
CA ALA K 44 4.03 31.99 -22.17
C ALA K 44 5.54 31.90 -21.99
N VAL K 45 6.16 32.99 -21.51
CA VAL K 45 7.58 32.97 -21.20
C VAL K 45 7.88 32.01 -20.05
N LYS K 46 7.07 32.05 -19.00
CA LYS K 46 7.26 31.16 -17.85
C LYS K 46 6.99 29.70 -18.20
N SER K 47 6.16 29.42 -19.19
CA SER K 47 5.89 28.04 -19.57
C SER K 47 6.92 27.51 -20.56
N ASN K 48 7.29 28.29 -21.57
CA ASN K 48 8.08 27.78 -22.68
C ASN K 48 9.44 28.48 -22.73
N PRO K 49 10.55 27.74 -22.56
CA PRO K 49 11.87 28.38 -22.64
C PRO K 49 12.27 28.82 -24.04
N VAL K 50 11.65 28.28 -25.10
CA VAL K 50 11.90 28.78 -26.44
C VAL K 50 11.29 30.17 -26.60
N VAL K 51 10.08 30.36 -26.07
CA VAL K 51 9.45 31.68 -26.05
C VAL K 51 10.24 32.64 -25.16
N ALA K 52 10.81 32.12 -24.06
CA ALA K 52 11.69 32.94 -23.22
C ALA K 52 12.95 33.37 -23.97
N GLY K 53 13.54 32.48 -24.76
CA GLY K 53 14.70 32.83 -25.55
C GLY K 53 14.38 33.81 -26.67
N LEU K 54 13.17 33.71 -27.24
CA LEU K 54 12.74 34.68 -28.24
C LEU K 54 12.54 36.06 -27.63
N THR K 55 11.97 36.12 -26.42
CA THR K 55 11.82 37.40 -25.74
C THR K 55 13.13 37.97 -25.22
N LEU K 56 14.14 37.12 -24.99
CA LEU K 56 15.47 37.64 -24.68
C LEU K 56 16.26 38.04 -25.91
N ALA K 57 15.95 37.45 -27.07
CA ALA K 57 16.65 37.79 -28.30
C ALA K 57 16.02 38.96 -29.05
N GLN K 58 14.74 39.27 -28.79
CA GLN K 58 14.09 40.39 -29.47
C GLN K 58 14.61 41.75 -29.02
N ILE K 59 15.25 41.84 -27.85
CA ILE K 59 15.80 43.09 -27.34
C ILE K 59 17.27 42.88 -27.00
N GLY K 60 18.01 43.97 -26.98
CA GLY K 60 19.43 43.91 -26.68
C GLY K 60 19.89 44.99 -25.72
N SER K 61 18.95 45.61 -25.02
CA SER K 61 19.30 46.68 -24.09
C SER K 61 19.86 46.12 -22.79
N THR K 62 19.05 45.34 -22.06
CA THR K 62 19.45 44.77 -20.79
C THR K 62 19.37 43.24 -20.74
N GLY K 63 18.69 42.61 -21.70
CA GLY K 63 18.49 41.17 -21.67
C GLY K 63 19.59 40.33 -22.26
N TYR K 64 20.74 40.94 -22.61
CA TYR K 64 21.83 40.18 -23.23
C TYR K 64 22.48 39.24 -22.22
N ASP K 65 22.64 39.69 -20.98
CA ASP K 65 23.21 38.83 -19.93
C ASP K 65 22.28 37.67 -19.61
N ALA K 66 20.97 37.92 -19.59
CA ALA K 66 20.01 36.84 -19.36
C ALA K 66 19.96 35.87 -20.54
N TYR K 67 20.13 36.38 -21.77
CA TYR K 67 20.17 35.50 -22.94
C TYR K 67 21.41 34.62 -22.92
N GLN K 68 22.57 35.18 -22.57
CA GLN K 68 23.77 34.37 -22.46
C GLN K 68 23.70 33.39 -21.30
N GLN K 69 23.03 33.77 -20.21
CA GLN K 69 22.84 32.86 -19.07
C GLN K 69 21.93 31.70 -19.43
N LEU K 70 20.86 31.98 -20.19
CA LEU K 70 19.98 30.91 -20.66
C LEU K 70 20.68 30.03 -21.69
N LEU K 71 21.57 30.62 -22.49
CA LEU K 71 22.36 29.84 -23.45
C LEU K 71 23.34 28.91 -22.73
N GLU K 72 23.93 29.38 -21.63
CA GLU K 72 24.84 28.53 -20.87
C GLU K 72 24.09 27.49 -20.05
N ASN K 73 22.87 27.80 -19.61
CA ASN K 73 22.13 26.86 -18.77
C ASN K 73 21.44 25.76 -19.57
N HIS K 74 20.78 26.10 -20.68
CA HIS K 74 20.04 25.11 -21.46
C HIS K 74 20.62 25.02 -22.86
N PRO K 75 21.52 24.06 -23.12
CA PRO K 75 22.15 23.95 -24.44
C PRO K 75 21.24 23.44 -25.54
N GLU K 76 20.08 22.87 -25.21
CA GLU K 76 19.22 22.26 -26.22
C GLU K 76 18.41 23.30 -27.00
N VAL K 77 18.34 24.54 -26.51
CA VAL K 77 17.62 25.61 -27.21
C VAL K 77 18.57 26.41 -28.10
N ALA K 78 19.85 26.06 -28.13
CA ALA K 78 20.87 26.88 -28.81
C ALA K 78 20.67 26.87 -30.32
N GLU K 79 20.55 25.68 -30.92
CA GLU K 79 20.38 25.59 -32.36
C GLU K 79 19.02 26.12 -32.81
N MET K 80 18.00 25.96 -31.96
CA MET K 80 16.67 26.45 -32.34
C MET K 80 16.59 27.96 -32.28
N LEU K 81 17.24 28.57 -31.28
CA LEU K 81 17.30 30.04 -31.24
C LEU K 81 18.24 30.58 -32.30
N LYS K 82 19.25 29.80 -32.70
CA LYS K 82 20.10 30.22 -33.82
C LYS K 82 19.32 30.16 -35.13
N ASP K 83 18.40 29.21 -35.25
CA ASP K 83 17.60 29.09 -36.47
C ASP K 83 16.53 30.17 -36.53
N LEU K 84 15.81 30.41 -35.43
CA LEU K 84 14.80 31.45 -35.44
C LEU K 84 15.39 32.85 -35.33
N SER K 85 16.67 32.97 -34.97
CA SER K 85 17.35 34.26 -34.90
C SER K 85 18.15 34.43 -36.18
N PHE K 86 17.43 34.74 -37.27
CA PHE K 86 18.04 34.90 -38.58
C PHE K 86 17.39 36.08 -39.28
N LYS K 87 18.18 37.09 -39.60
CA LYS K 87 17.74 38.21 -40.40
C LYS K 87 18.61 38.28 -41.66
N ALA K 88 17.95 38.31 -42.81
CA ALA K 88 18.66 38.33 -44.08
C ALA K 88 19.33 39.68 -44.28
N ASP K 89 20.65 39.70 -44.13
CA ASP K 89 21.47 40.91 -44.29
C ASP K 89 21.39 41.29 -45.76
N GLU K 90 20.94 42.52 -46.01
CA GLU K 90 20.46 42.89 -47.35
C GLU K 90 21.57 42.88 -48.40
N ILE K 91 22.51 43.81 -48.30
CA ILE K 91 23.62 43.91 -49.26
C ILE K 91 24.70 44.78 -48.66
N GLN K 92 25.95 44.40 -48.91
CA GLN K 92 27.08 45.32 -48.79
C GLN K 92 27.54 45.64 -50.21
N PRO K 93 27.70 46.91 -50.57
CA PRO K 93 27.88 47.24 -52.00
C PRO K 93 29.25 46.90 -52.57
N ASP K 94 30.22 46.50 -51.75
CA ASP K 94 31.57 46.30 -52.22
C ASP K 94 31.75 44.88 -52.77
N PHE K 95 33.01 44.50 -53.01
CA PHE K 95 33.30 43.16 -53.49
C PHE K 95 33.62 42.20 -52.34
N ILE K 96 34.32 42.67 -51.32
CA ILE K 96 34.77 41.81 -50.22
C ILE K 96 33.60 41.45 -49.30
N GLY K 97 33.09 40.23 -49.46
CA GLY K 97 32.05 39.69 -48.60
C GLY K 97 32.63 39.10 -47.33
N ASN K 98 32.98 39.96 -46.38
CA ASN K 98 33.66 39.53 -45.16
C ASN K 98 32.75 38.64 -44.30
N LEU K 99 33.39 37.75 -43.55
CA LEU K 99 32.68 36.79 -42.72
C LEU K 99 32.31 37.34 -41.35
N GLY K 100 32.38 38.66 -41.16
CA GLY K 100 31.86 39.25 -39.95
C GLY K 100 30.34 39.32 -39.97
N GLN K 101 29.75 39.33 -41.16
CA GLN K 101 28.30 39.47 -41.25
C GLN K 101 27.69 38.37 -42.11
N TYR K 102 28.38 37.98 -43.17
CA TYR K 102 27.84 37.06 -44.16
C TYR K 102 28.16 35.60 -43.87
N ARG K 103 28.87 35.31 -42.78
CA ARG K 103 29.30 33.95 -42.51
C ARG K 103 28.11 33.04 -42.19
N GLU K 104 27.13 33.57 -41.45
CA GLU K 104 25.94 32.80 -41.12
C GLU K 104 25.13 32.47 -42.38
N GLU K 105 25.02 33.43 -43.29
CA GLU K 105 24.19 33.24 -44.47
C GLU K 105 24.87 32.29 -45.46
N LEU K 106 26.17 32.45 -45.68
CA LEU K 106 26.87 31.50 -46.53
C LEU K 106 26.97 30.11 -45.90
N GLU K 107 27.03 30.02 -44.57
CA GLU K 107 27.00 28.73 -43.90
C GLU K 107 25.64 28.06 -44.03
N LEU K 108 24.57 28.86 -44.00
CA LEU K 108 23.22 28.32 -44.16
C LEU K 108 22.99 27.83 -45.58
N VAL K 109 23.51 28.57 -46.56
CA VAL K 109 23.45 28.14 -47.96
C VAL K 109 24.26 26.85 -48.16
N GLU K 110 25.43 26.75 -47.51
CA GLU K 110 26.21 25.53 -47.68
C GLU K 110 25.63 24.35 -46.90
N ASP K 111 24.88 24.60 -45.83
CA ASP K 111 24.17 23.51 -45.17
C ASP K 111 23.04 22.98 -46.05
N ALA K 112 22.29 23.88 -46.69
CA ALA K 112 21.29 23.45 -47.65
C ALA K 112 21.93 22.74 -48.85
N ALA K 113 23.14 23.14 -49.23
CA ALA K 113 23.84 22.46 -50.31
C ALA K 113 24.31 21.07 -49.90
N ARG K 114 24.76 20.91 -48.66
CA ARG K 114 25.11 19.59 -48.17
C ARG K 114 23.88 18.69 -48.07
N PHE K 115 22.70 19.27 -47.82
CA PHE K 115 21.49 18.46 -47.88
C PHE K 115 21.17 18.03 -49.30
N VAL K 116 21.08 19.00 -50.23
CA VAL K 116 20.53 18.72 -51.55
C VAL K 116 21.54 17.95 -52.41
N GLY K 117 22.77 18.43 -52.47
CA GLY K 117 23.72 17.89 -53.41
C GLY K 117 24.57 18.98 -54.03
N GLY K 118 24.47 19.14 -55.34
CA GLY K 118 25.21 20.19 -56.00
C GLY K 118 24.64 21.56 -55.72
N MET K 119 25.52 22.57 -55.86
CA MET K 119 25.10 23.95 -55.79
C MET K 119 24.15 24.28 -56.93
N SER K 120 24.43 23.75 -58.12
CA SER K 120 23.51 23.90 -59.24
C SER K 120 22.21 23.13 -59.00
N ASN K 121 22.27 22.03 -58.23
CA ASN K 121 21.04 21.33 -57.86
C ASN K 121 20.19 22.17 -56.93
N LEU K 122 20.83 22.90 -56.00
CA LEU K 122 20.07 23.78 -55.12
C LEU K 122 19.45 24.93 -55.89
N ILE K 123 20.21 25.51 -56.83
CA ILE K 123 19.68 26.61 -57.64
C ILE K 123 18.53 26.13 -58.53
N ARG K 124 18.65 24.90 -59.04
CA ARG K 124 17.61 24.32 -59.88
C ARG K 124 16.35 24.04 -59.08
N LEU K 125 16.48 23.55 -57.85
CA LEU K 125 15.31 23.29 -57.01
C LEU K 125 14.66 24.58 -56.53
N ARG K 126 15.48 25.60 -56.23
CA ARG K 126 15.01 26.95 -55.95
C ARG K 126 14.17 27.49 -57.10
N GLN K 127 14.67 27.34 -58.33
CA GLN K 127 13.93 27.82 -59.49
C GLN K 127 12.67 27.00 -59.75
N ALA K 128 12.73 25.68 -59.56
CA ALA K 128 11.56 24.84 -59.81
C ALA K 128 10.44 25.12 -58.82
N LEU K 129 10.79 25.49 -57.58
CA LEU K 129 9.77 25.95 -56.66
C LEU K 129 9.36 27.39 -56.93
N GLU K 130 10.21 28.17 -57.57
CA GLU K 130 9.86 29.53 -57.99
C GLU K 130 8.87 29.55 -59.15
N LEU K 131 8.90 28.52 -60.01
CA LEU K 131 8.06 28.44 -61.22
C LEU K 131 6.57 28.45 -60.91
N ASP K 132 5.80 28.65 -61.98
CA ASP K 132 4.35 28.74 -61.91
C ASP K 132 3.75 27.36 -61.65
N ILE K 133 2.49 27.35 -61.25
CA ILE K 133 1.75 26.11 -61.02
C ILE K 133 1.43 25.41 -62.33
N LYS K 134 1.30 26.15 -63.43
CA LYS K 134 0.79 25.58 -64.68
C LYS K 134 1.78 24.64 -65.34
N TYR K 135 3.06 24.78 -65.03
CA TYR K 135 4.04 23.88 -65.62
C TYR K 135 3.92 22.47 -65.04
N TYR K 136 3.48 22.36 -63.79
CA TYR K 136 3.17 21.05 -63.22
C TYR K 136 2.00 20.40 -63.94
N GLY K 137 0.98 21.17 -64.27
CA GLY K 137 -0.14 20.62 -65.01
C GLY K 137 0.22 20.27 -66.44
N LEU K 138 1.15 21.01 -67.03
CA LEU K 138 1.63 20.69 -68.38
C LEU K 138 2.44 19.39 -68.39
N LYS K 139 3.34 19.24 -67.42
CA LYS K 139 4.10 17.99 -67.30
C LYS K 139 3.19 16.81 -67.01
N MET K 140 2.14 17.05 -66.20
CA MET K 140 1.21 15.99 -65.88
C MET K 140 0.35 15.61 -67.08
N GLN K 141 -0.01 16.58 -67.93
CA GLN K 141 -0.84 16.25 -69.08
C GLN K 141 -0.03 15.59 -70.19
N LEU K 142 1.24 15.98 -70.35
CA LEU K 142 2.11 15.23 -71.26
C LEU K 142 2.35 13.81 -70.76
N ASN K 143 2.52 13.62 -69.45
CA ASN K 143 2.70 12.28 -68.96
C ASN K 143 1.39 11.49 -68.96
N ASP K 144 0.25 12.18 -69.03
CA ASP K 144 -1.04 11.52 -69.14
C ASP K 144 -1.36 11.09 -70.56
N MET K 145 -0.96 11.89 -71.55
CA MET K 145 -1.21 11.51 -72.94
C MET K 145 -0.36 10.33 -73.38
N GLY K 146 0.72 10.00 -72.68
CA GLY K 146 1.56 8.90 -73.08
C GLY K 146 2.94 9.31 -73.55
N TYR K 147 3.53 10.32 -72.92
CA TYR K 147 4.88 10.75 -73.24
C TYR K 147 5.68 10.89 -71.95
N ARG K 148 6.97 10.59 -72.04
CA ARG K 148 7.86 10.72 -70.89
C ARG K 148 9.30 10.89 -71.34
N MET L 1 34.05 31.26 20.41
CA MET L 1 33.20 32.41 20.70
C MET L 1 32.13 32.58 19.62
N LEU L 2 32.10 33.76 19.01
CA LEU L 2 31.16 34.06 17.95
C LEU L 2 31.91 34.17 16.63
N LEU L 3 31.29 33.68 15.57
CA LEU L 3 31.91 33.73 14.26
C LEU L 3 31.94 35.16 13.73
N PRO L 4 33.03 35.56 13.07
CA PRO L 4 33.13 36.94 12.60
C PRO L 4 32.16 37.28 11.48
N VAL L 5 31.77 36.29 10.66
CA VAL L 5 30.76 36.51 9.63
C VAL L 5 29.43 36.87 10.27
N VAL L 6 29.12 36.25 11.41
CA VAL L 6 27.93 36.61 12.16
C VAL L 6 28.12 37.98 12.82
N ALA L 7 29.31 38.24 13.37
CA ALA L 7 29.54 39.45 14.15
C ALA L 7 29.49 40.71 13.30
N ARG L 8 29.98 40.64 12.06
CA ARG L 8 30.00 41.80 11.16
C ARG L 8 28.59 42.25 10.77
N ALA L 9 27.60 41.37 10.87
CA ALA L 9 26.22 41.77 10.63
C ALA L 9 25.43 41.98 11.91
N ALA L 10 25.89 41.40 13.03
CA ALA L 10 25.11 41.48 14.26
C ALA L 10 25.47 42.71 15.08
N VAL L 11 26.78 43.03 15.16
CA VAL L 11 27.22 44.14 16.03
C VAL L 11 26.75 45.51 15.56
N PRO L 12 26.87 45.91 14.27
CA PRO L 12 26.27 47.19 13.89
C PRO L 12 24.75 47.19 13.94
N ALA L 13 24.11 46.03 13.83
CA ALA L 13 22.66 45.95 13.96
C ALA L 13 22.20 46.31 15.37
N ILE L 14 22.83 45.69 16.38
CA ILE L 14 22.46 45.95 17.76
C ILE L 14 22.86 47.36 18.17
N GLU L 15 24.03 47.82 17.70
CA GLU L 15 24.48 49.18 17.99
C GLU L 15 23.58 50.23 17.35
N SER L 16 23.08 49.95 16.14
CA SER L 16 22.17 50.88 15.47
C SER L 16 20.79 50.85 16.12
N ALA L 17 20.37 49.70 16.64
CA ALA L 17 19.09 49.64 17.35
C ALA L 17 19.15 50.41 18.67
N ILE L 18 20.30 50.35 19.35
CA ILE L 18 20.49 51.14 20.56
C ILE L 18 20.54 52.63 20.24
N ALA L 19 21.21 52.99 19.14
CA ALA L 19 21.25 54.39 18.71
C ALA L 19 19.87 54.89 18.27
N ALA L 20 19.03 54.00 17.75
CA ALA L 20 17.68 54.39 17.37
C ALA L 20 16.81 54.59 18.60
N THR L 21 16.85 53.66 19.55
CA THR L 21 16.13 53.83 20.80
C THR L 21 16.88 53.21 21.97
N PRO L 22 16.91 53.89 23.12
CA PRO L 22 17.62 53.37 24.29
C PRO L 22 16.77 52.53 25.24
N GLY L 23 15.45 52.51 25.07
CA GLY L 23 14.59 51.76 25.97
C GLY L 23 14.72 50.26 25.84
N LEU L 24 15.31 49.77 24.75
CA LEU L 24 15.54 48.35 24.57
C LEU L 24 16.76 47.86 25.32
N VAL L 25 17.60 48.77 25.82
CA VAL L 25 18.84 48.38 26.47
C VAL L 25 18.56 47.77 27.84
N SER L 26 17.68 48.40 28.62
CA SER L 26 17.27 47.82 29.89
C SER L 26 16.46 46.55 29.68
N ARG L 27 15.73 46.47 28.57
CA ARG L 27 14.96 45.28 28.25
C ARG L 27 15.85 44.08 27.96
N ILE L 28 16.89 44.26 27.14
CA ILE L 28 17.82 43.16 26.90
C ILE L 28 18.74 42.91 28.08
N ALA L 29 18.96 43.90 28.95
CA ALA L 29 19.72 43.66 30.16
C ALA L 29 18.93 42.82 31.14
N ALA L 30 17.62 43.01 31.20
CA ALA L 30 16.80 42.16 32.05
C ALA L 30 16.59 40.79 31.43
N ALA L 31 16.46 40.71 30.11
CA ALA L 31 16.15 39.44 29.47
C ALA L 31 17.37 38.53 29.43
N ILE L 32 18.54 39.09 29.15
CA ILE L 32 19.75 38.27 29.08
C ILE L 32 20.37 38.10 30.46
N GLY L 33 20.47 39.17 31.23
CA GLY L 33 21.08 39.14 32.53
C GLY L 33 22.41 39.83 32.62
N SER L 34 22.65 40.85 31.82
CA SER L 34 23.90 41.58 31.83
C SER L 34 23.69 42.94 32.49
N LYS L 35 24.79 43.68 32.65
CA LYS L 35 24.73 45.04 33.14
C LYS L 35 24.08 45.92 32.07
N VAL L 36 23.44 47.00 32.52
CA VAL L 36 22.64 47.84 31.62
C VAL L 36 23.51 48.73 30.72
N SER L 37 24.84 48.64 30.81
CA SER L 37 25.64 49.45 29.93
C SER L 37 25.80 48.80 28.55
N PRO L 38 25.78 49.62 27.49
CA PRO L 38 25.90 49.08 26.13
C PRO L 38 27.22 48.40 25.84
N SER L 39 28.31 48.83 26.48
CA SER L 39 29.59 48.13 26.32
C SER L 39 29.53 46.73 26.91
N ALA L 40 28.84 46.56 28.04
CA ALA L 40 28.72 45.25 28.67
C ALA L 40 27.86 44.31 27.84
N ILE L 41 26.72 44.81 27.34
CA ILE L 41 25.87 43.90 26.56
C ILE L 41 26.50 43.61 25.21
N LEU L 42 27.27 44.54 24.64
CA LEU L 42 27.90 44.29 23.35
C LEU L 42 29.08 43.31 23.50
N ALA L 43 29.81 43.39 24.61
CA ALA L 43 30.84 42.40 24.89
C ALA L 43 30.24 41.03 25.15
N ALA L 44 29.06 40.98 25.78
CA ALA L 44 28.35 39.70 25.95
C ALA L 44 27.93 39.11 24.61
N VAL L 45 27.46 39.95 23.69
CA VAL L 45 27.09 39.50 22.35
C VAL L 45 28.30 38.97 21.60
N LYS L 46 29.42 39.68 21.66
CA LYS L 46 30.63 39.24 20.96
C LYS L 46 31.23 37.99 21.61
N SER L 47 30.93 37.74 22.89
CA SER L 47 31.46 36.56 23.57
C SER L 47 30.61 35.32 23.37
N ASN L 48 29.28 35.43 23.34
CA ASN L 48 28.42 34.25 23.39
C ASN L 48 27.39 34.30 22.26
N PRO L 49 27.33 33.30 21.40
CA PRO L 49 26.28 33.29 20.36
C PRO L 49 24.88 33.04 20.89
N VAL L 50 24.73 32.38 22.04
CA VAL L 50 23.40 32.22 22.63
C VAL L 50 22.87 33.57 23.09
N VAL L 51 23.74 34.36 23.74
CA VAL L 51 23.39 35.72 24.15
C VAL L 51 23.16 36.60 22.92
N ALA L 52 23.93 36.36 21.86
CA ALA L 52 23.75 37.13 20.62
C ALA L 52 22.40 36.84 19.98
N GLY L 53 21.99 35.57 19.95
CA GLY L 53 20.69 35.22 19.44
C GLY L 53 19.54 35.70 20.30
N LEU L 54 19.75 35.76 21.62
CA LEU L 54 18.74 36.33 22.49
C LEU L 54 18.57 37.83 22.27
N THR L 55 19.66 38.57 22.06
CA THR L 55 19.55 39.99 21.76
C THR L 55 18.91 40.20 20.39
N LEU L 56 19.32 39.43 19.38
CA LEU L 56 18.73 39.52 18.06
C LEU L 56 17.31 38.98 17.99
N ALA L 57 16.84 38.31 19.04
CA ALA L 57 15.41 38.02 19.17
C ALA L 57 14.66 39.15 19.87
N GLN L 58 15.31 39.81 20.83
CA GLN L 58 14.66 40.91 21.52
C GLN L 58 14.49 42.14 20.62
N ILE L 59 15.42 42.37 19.70
CA ILE L 59 15.22 43.39 18.66
C ILE L 59 14.85 42.67 17.37
N GLY L 60 13.77 43.10 16.73
CA GLY L 60 13.19 42.27 15.69
C GLY L 60 13.12 42.89 14.31
N SER L 61 13.09 44.23 14.24
CA SER L 61 12.98 44.89 12.96
C SER L 61 14.29 44.84 12.19
N THR L 62 15.34 45.43 12.76
CA THR L 62 16.63 45.55 12.10
C THR L 62 17.54 44.36 12.33
N GLY L 63 17.08 43.34 13.04
CA GLY L 63 17.92 42.20 13.35
C GLY L 63 17.51 40.87 12.78
N TYR L 64 16.58 40.84 11.82
CA TYR L 64 16.11 39.55 11.34
C TYR L 64 17.12 38.91 10.40
N ASP L 65 17.76 39.71 9.55
CA ASP L 65 18.78 39.19 8.65
C ASP L 65 19.98 38.67 9.43
N ALA L 66 20.40 39.40 10.47
CA ALA L 66 21.50 38.95 11.31
C ALA L 66 21.14 37.72 12.11
N TYR L 67 19.88 37.63 12.56
CA TYR L 67 19.42 36.45 13.29
C TYR L 67 19.42 35.21 12.40
N GLN L 68 18.90 35.34 11.17
CA GLN L 68 18.86 34.21 10.27
C GLN L 68 20.26 33.84 9.77
N GLN L 69 21.18 34.81 9.72
CA GLN L 69 22.56 34.51 9.35
C GLN L 69 23.29 33.79 10.48
N LEU L 70 23.00 34.16 11.74
CA LEU L 70 23.50 33.40 12.88
C LEU L 70 22.94 31.99 12.89
N LEU L 71 21.67 31.84 12.49
CA LEU L 71 21.06 30.52 12.42
C LEU L 71 21.66 29.69 11.29
N GLU L 72 22.12 30.34 10.23
CA GLU L 72 22.86 29.64 9.18
C GLU L 72 24.22 29.17 9.69
N ASN L 73 25.01 30.08 10.26
CA ASN L 73 26.40 29.76 10.57
C ASN L 73 26.58 28.96 11.86
N HIS L 74 25.62 29.01 12.79
CA HIS L 74 25.68 28.26 14.03
C HIS L 74 24.53 27.26 14.08
N PRO L 75 24.73 26.04 13.60
CA PRO L 75 23.66 25.03 13.69
C PRO L 75 23.48 24.48 15.10
N GLU L 76 24.48 24.59 15.97
CA GLU L 76 24.40 23.95 17.28
C GLU L 76 23.58 24.79 18.25
N VAL L 77 23.31 26.06 17.92
CA VAL L 77 22.65 26.96 18.85
C VAL L 77 21.14 26.90 18.72
N ALA L 78 20.62 26.16 17.73
CA ALA L 78 19.23 26.33 17.29
C ALA L 78 18.24 25.81 18.32
N GLU L 79 18.46 24.58 18.79
CA GLU L 79 17.51 23.97 19.73
C GLU L 79 17.54 24.67 21.08
N MET L 80 18.73 25.03 21.55
CA MET L 80 18.86 25.71 22.84
C MET L 80 18.27 27.11 22.77
N LEU L 81 18.42 27.79 21.64
CA LEU L 81 17.89 29.13 21.50
C LEU L 81 16.38 29.10 21.35
N LYS L 82 15.85 28.07 20.70
CA LYS L 82 14.41 27.92 20.58
C LYS L 82 13.78 27.53 21.91
N ASP L 83 14.51 26.76 22.73
CA ASP L 83 14.01 26.42 24.05
C ASP L 83 14.02 27.61 24.99
N LEU L 84 15.05 28.45 24.91
CA LEU L 84 15.08 29.64 25.76
C LEU L 84 14.09 30.69 25.29
N SER L 85 13.94 30.87 23.99
CA SER L 85 13.02 31.86 23.43
C SER L 85 11.71 31.14 23.10
N PHE L 86 10.81 31.06 24.07
CA PHE L 86 9.56 30.34 23.91
C PHE L 86 8.45 31.06 24.64
N LYS L 87 7.37 31.34 23.92
CA LYS L 87 6.17 31.91 24.51
C LYS L 87 4.96 31.09 24.09
N ALA L 88 4.21 30.62 25.07
CA ALA L 88 3.04 29.78 24.81
C ALA L 88 1.89 30.64 24.32
N ASP L 89 1.28 30.24 23.21
CA ASP L 89 0.13 30.97 22.68
C ASP L 89 -1.09 30.73 23.54
N GLU L 90 -2.03 31.68 23.48
CA GLU L 90 -3.29 31.52 24.18
C GLU L 90 -4.26 30.72 23.33
N ILE L 91 -5.07 29.92 23.99
CA ILE L 91 -5.99 29.01 23.33
C ILE L 91 -7.40 29.58 23.44
N GLN L 92 -8.17 29.44 22.38
CA GLN L 92 -9.56 29.83 22.43
C GLN L 92 -10.34 28.88 23.32
N PRO L 93 -11.42 29.36 23.97
CA PRO L 93 -12.18 28.44 24.82
C PRO L 93 -12.98 27.41 24.05
N ASP L 94 -13.40 27.74 22.82
CA ASP L 94 -14.32 26.91 22.07
C ASP L 94 -13.63 26.02 21.06
N PHE L 95 -12.30 25.94 21.10
CA PHE L 95 -11.55 25.35 19.99
C PHE L 95 -11.70 23.82 19.96
N ILE L 96 -11.59 23.17 21.12
CA ILE L 96 -11.65 21.71 21.15
C ILE L 96 -13.08 21.22 20.94
N GLY L 97 -14.07 21.96 21.45
CA GLY L 97 -15.45 21.60 21.17
C GLY L 97 -15.86 21.86 19.74
N ASN L 98 -15.24 22.87 19.12
CA ASN L 98 -15.49 23.11 17.71
C ASN L 98 -14.77 22.07 16.85
N LEU L 99 -13.64 21.57 17.33
CA LEU L 99 -12.91 20.53 16.63
C LEU L 99 -13.62 19.18 16.69
N GLY L 100 -14.31 18.90 17.80
CA GLY L 100 -15.00 17.62 17.95
C GLY L 100 -16.16 17.39 17.00
N GLN L 101 -16.60 18.43 16.28
CA GLN L 101 -17.69 18.30 15.33
C GLN L 101 -17.23 17.79 13.98
N TYR L 102 -15.93 17.60 13.77
CA TYR L 102 -15.36 17.37 12.46
C TYR L 102 -14.81 15.95 12.32
N ARG L 103 -14.92 15.16 13.40
CA ARG L 103 -14.44 13.78 13.41
C ARG L 103 -15.23 12.89 12.46
N GLU L 104 -16.50 13.22 12.28
CA GLU L 104 -17.42 12.47 11.42
C GLU L 104 -17.14 12.67 9.93
N GLU L 105 -16.22 13.55 9.59
CA GLU L 105 -16.09 14.13 8.28
C GLU L 105 -14.67 14.06 7.75
N LEU L 106 -13.67 14.22 8.61
CA LEU L 106 -12.31 13.85 8.21
C LEU L 106 -12.19 12.36 7.93
N GLU L 107 -13.02 11.54 8.59
CA GLU L 107 -13.05 10.11 8.29
C GLU L 107 -13.65 9.86 6.91
N LEU L 108 -14.63 10.66 6.52
CA LEU L 108 -15.19 10.61 5.18
C LEU L 108 -14.16 10.98 4.13
N VAL L 109 -13.37 12.03 4.41
CA VAL L 109 -12.30 12.44 3.50
C VAL L 109 -11.23 11.35 3.37
N GLU L 110 -10.86 10.72 4.49
CA GLU L 110 -9.87 9.64 4.41
C GLU L 110 -10.40 8.40 3.71
N ASP L 111 -11.70 8.10 3.85
CA ASP L 111 -12.25 6.96 3.13
C ASP L 111 -12.35 7.23 1.64
N ALA L 112 -12.53 8.51 1.26
CA ALA L 112 -12.42 8.87 -0.15
C ALA L 112 -10.98 8.74 -0.63
N ALA L 113 -10.01 9.09 0.23
CA ALA L 113 -8.61 9.07 -0.17
C ALA L 113 -8.09 7.65 -0.34
N ARG L 114 -8.53 6.73 0.52
CA ARG L 114 -8.09 5.34 0.40
C ARG L 114 -8.59 4.70 -0.89
N PHE L 115 -9.71 5.18 -1.42
CA PHE L 115 -10.18 4.70 -2.72
C PHE L 115 -9.43 5.36 -3.86
N VAL L 116 -9.31 6.69 -3.84
CA VAL L 116 -8.75 7.41 -4.98
C VAL L 116 -7.26 7.14 -5.12
N GLY L 117 -6.54 7.16 -4.02
CA GLY L 117 -5.10 7.01 -4.07
C GLY L 117 -4.42 7.94 -3.09
N GLY L 118 -3.59 8.84 -3.58
CA GLY L 118 -3.01 9.83 -2.71
C GLY L 118 -4.01 10.92 -2.37
N MET L 119 -3.64 11.73 -1.39
CA MET L 119 -4.36 12.97 -1.14
C MET L 119 -4.23 13.91 -2.33
N SER L 120 -3.06 13.92 -2.96
CA SER L 120 -2.86 14.70 -4.17
C SER L 120 -3.71 14.15 -5.32
N ASN L 121 -3.87 12.82 -5.38
CA ASN L 121 -4.72 12.23 -6.39
C ASN L 121 -6.18 12.59 -6.16
N LEU L 122 -6.60 12.71 -4.90
CA LEU L 122 -7.96 13.16 -4.62
C LEU L 122 -8.16 14.62 -5.04
N ILE L 123 -7.18 15.48 -4.76
CA ILE L 123 -7.29 16.89 -5.12
C ILE L 123 -7.35 17.04 -6.63
N ARG L 124 -6.52 16.29 -7.35
CA ARG L 124 -6.50 16.40 -8.81
C ARG L 124 -7.76 15.80 -9.43
N LEU L 125 -8.31 14.73 -8.83
CA LEU L 125 -9.56 14.17 -9.32
C LEU L 125 -10.73 15.12 -9.08
N ARG L 126 -10.73 15.81 -7.95
CA ARG L 126 -11.81 16.76 -7.68
C ARG L 126 -11.72 17.96 -8.61
N GLN L 127 -10.50 18.38 -8.95
CA GLN L 127 -10.32 19.45 -9.93
C GLN L 127 -10.75 19.01 -11.33
N ALA L 128 -10.47 17.76 -11.69
CA ALA L 128 -10.86 17.28 -13.02
C ALA L 128 -12.37 17.12 -13.14
N LEU L 129 -13.04 16.73 -12.06
CA LEU L 129 -14.50 16.67 -12.11
C LEU L 129 -15.15 18.03 -11.99
N GLU L 130 -14.47 19.01 -11.40
CA GLU L 130 -14.99 20.36 -11.37
C GLU L 130 -14.71 21.10 -12.67
N LEU L 131 -13.81 20.57 -13.49
CA LEU L 131 -13.38 21.21 -14.72
C LEU L 131 -14.50 21.24 -15.76
N ASP L 132 -14.39 22.17 -16.70
CA ASP L 132 -15.37 22.38 -17.75
C ASP L 132 -15.34 21.23 -18.77
N ILE L 133 -16.38 21.15 -19.59
CA ILE L 133 -16.57 20.02 -20.50
C ILE L 133 -15.85 20.23 -21.82
N LYS L 134 -15.55 21.48 -22.18
CA LYS L 134 -14.84 21.78 -23.41
C LYS L 134 -13.41 21.23 -23.39
N TYR L 135 -12.85 21.02 -22.21
CA TYR L 135 -11.53 20.41 -22.11
C TYR L 135 -11.59 18.91 -22.41
N TYR L 136 -12.68 18.26 -22.02
CA TYR L 136 -12.92 16.87 -22.43
C TYR L 136 -13.08 16.80 -23.93
N GLY L 137 -13.81 17.75 -24.51
CA GLY L 137 -13.93 17.81 -25.96
C GLY L 137 -12.61 18.07 -26.67
N LEU L 138 -11.76 18.88 -26.06
CA LEU L 138 -10.46 19.17 -26.64
C LEU L 138 -9.53 17.96 -26.57
N LYS L 139 -9.61 17.21 -25.47
CA LYS L 139 -8.88 15.96 -25.36
C LYS L 139 -9.30 14.96 -26.43
N MET L 140 -10.62 14.80 -26.61
CA MET L 140 -11.12 13.90 -27.63
C MET L 140 -10.80 14.38 -29.03
N GLN L 141 -10.68 15.70 -29.22
CA GLN L 141 -10.40 16.22 -30.56
C GLN L 141 -8.93 16.08 -30.92
N LEU L 142 -8.02 16.33 -29.96
CA LEU L 142 -6.61 16.07 -30.22
C LEU L 142 -6.33 14.59 -30.41
N ASN L 143 -7.08 13.72 -29.73
CA ASN L 143 -6.92 12.30 -30.02
C ASN L 143 -7.59 11.92 -31.35
N ASP L 144 -8.59 12.71 -31.77
CA ASP L 144 -9.23 12.48 -33.05
C ASP L 144 -8.32 12.86 -34.21
N MET L 145 -7.48 13.88 -34.05
CA MET L 145 -6.51 14.25 -35.06
C MET L 145 -5.34 13.29 -35.15
N GLY L 146 -5.11 12.47 -34.13
CA GLY L 146 -3.92 11.66 -34.10
C GLY L 146 -2.77 12.27 -33.33
N TYR L 147 -3.06 12.95 -32.22
CA TYR L 147 -2.04 13.49 -31.35
C TYR L 147 -2.26 12.97 -29.94
N ARG L 148 -1.21 12.42 -29.35
CA ARG L 148 -1.30 11.83 -28.01
C ARG L 148 -0.11 12.22 -27.14
N MET M 1 9.56 23.27 9.06
CA MET M 1 10.17 24.59 9.21
C MET M 1 10.80 25.03 7.91
N LEU M 2 10.76 26.34 7.65
CA LEU M 2 11.33 26.89 6.43
C LEU M 2 12.82 27.17 6.64
N LEU M 3 13.60 27.02 5.58
CA LEU M 3 15.05 27.22 5.66
C LEU M 3 15.36 28.68 5.95
N PRO M 4 16.49 28.97 6.61
CA PRO M 4 16.88 30.38 6.79
C PRO M 4 17.25 31.06 5.49
N VAL M 5 17.81 30.31 4.53
CA VAL M 5 18.16 30.86 3.23
C VAL M 5 16.90 31.33 2.49
N VAL M 6 15.81 30.59 2.62
CA VAL M 6 14.54 31.01 2.03
C VAL M 6 13.92 32.12 2.88
N ALA M 7 14.07 32.04 4.20
CA ALA M 7 13.40 32.97 5.10
C ALA M 7 13.94 34.39 4.96
N ARG M 8 15.25 34.54 4.73
CA ARG M 8 15.87 35.84 4.51
C ARG M 8 15.29 36.56 3.29
N ALA M 9 14.93 35.80 2.26
CA ALA M 9 14.33 36.38 1.07
C ALA M 9 12.81 36.44 1.14
N ALA M 10 12.19 35.68 2.04
CA ALA M 10 10.74 35.57 2.05
C ALA M 10 10.07 36.53 3.02
N VAL M 11 10.56 36.62 4.25
CA VAL M 11 9.92 37.42 5.29
C VAL M 11 9.94 38.93 5.04
N PRO M 12 11.06 39.60 4.69
CA PRO M 12 10.97 41.05 4.45
C PRO M 12 10.18 41.43 3.22
N ALA M 13 10.08 40.55 2.22
CA ALA M 13 9.26 40.85 1.06
C ALA M 13 7.77 40.86 1.40
N ILE M 14 7.34 39.87 2.18
CA ILE M 14 5.96 39.83 2.66
C ILE M 14 5.67 41.02 3.57
N GLU M 15 6.63 41.38 4.43
CA GLU M 15 6.44 42.53 5.31
C GLU M 15 6.38 43.83 4.53
N SER M 16 7.16 43.95 3.47
CA SER M 16 7.13 45.13 2.61
C SER M 16 5.83 45.21 1.82
N ALA M 17 5.30 44.08 1.35
CA ALA M 17 4.03 44.10 0.62
C ALA M 17 2.86 44.45 1.54
N ILE M 18 2.91 43.99 2.79
CA ILE M 18 1.88 44.35 3.76
C ILE M 18 1.97 45.83 4.12
N ALA M 19 3.20 46.35 4.29
CA ALA M 19 3.36 47.77 4.57
C ALA M 19 3.00 48.64 3.38
N ALA M 20 3.13 48.10 2.16
CA ALA M 20 2.72 48.83 0.97
C ALA M 20 1.20 48.88 0.87
N THR M 21 0.52 47.76 1.06
CA THR M 21 -0.93 47.75 1.08
C THR M 21 -1.44 46.73 2.08
N PRO M 22 -2.42 47.10 2.91
CA PRO M 22 -3.04 46.13 3.81
C PRO M 22 -4.25 45.42 3.21
N GLY M 23 -4.67 45.79 2.00
CA GLY M 23 -5.78 45.11 1.35
C GLY M 23 -5.48 43.69 0.94
N LEU M 24 -4.20 43.34 0.81
CA LEU M 24 -3.80 41.98 0.52
C LEU M 24 -3.83 41.08 1.75
N VAL M 25 -3.92 41.67 2.94
CA VAL M 25 -3.80 40.89 4.17
C VAL M 25 -5.06 40.05 4.40
N SER M 26 -6.23 40.67 4.21
CA SER M 26 -7.47 39.90 4.30
C SER M 26 -7.60 38.90 3.16
N ARG M 27 -7.04 39.23 1.99
CA ARG M 27 -7.05 38.31 0.85
C ARG M 27 -6.23 37.05 1.15
N ILE M 28 -5.01 37.22 1.67
CA ILE M 28 -4.21 36.04 1.99
C ILE M 28 -4.71 35.34 3.25
N ALA M 29 -5.40 36.05 4.15
CA ALA M 29 -6.00 35.39 5.29
C ALA M 29 -7.17 34.51 4.87
N ALA M 30 -7.93 34.94 3.86
CA ALA M 30 -9.01 34.11 3.36
C ALA M 30 -8.50 33.00 2.46
N ALA M 31 -7.37 33.21 1.78
CA ALA M 31 -6.84 32.19 0.88
C ALA M 31 -6.15 31.07 1.64
N ILE M 32 -5.32 31.43 2.63
CA ILE M 32 -4.61 30.42 3.40
C ILE M 32 -5.49 29.85 4.51
N GLY M 33 -6.20 30.70 5.23
CA GLY M 33 -7.07 30.26 6.30
C GLY M 33 -6.60 30.61 7.69
N SER M 34 -5.82 31.67 7.84
CA SER M 34 -5.31 32.08 9.14
C SER M 34 -6.10 33.26 9.68
N LYS M 35 -5.71 33.70 10.86
CA LYS M 35 -6.22 34.93 11.43
C LYS M 35 -5.75 36.11 10.58
N VAL M 36 -6.53 37.20 10.60
CA VAL M 36 -6.29 38.33 9.72
C VAL M 36 -5.09 39.16 10.14
N SER M 37 -4.45 38.87 11.27
CA SER M 37 -3.37 39.74 11.70
C SER M 37 -2.06 39.38 10.99
N PRO M 38 -1.23 40.40 10.69
CA PRO M 38 0.06 40.14 10.05
C PRO M 38 0.98 39.26 10.88
N SER M 39 0.92 39.35 12.21
CA SER M 39 1.72 38.48 13.07
C SER M 39 1.31 37.02 12.93
N ALA M 40 -0.01 36.77 12.82
CA ALA M 40 -0.47 35.38 12.68
C ALA M 40 -0.13 34.81 11.32
N ILE M 41 -0.31 35.59 10.25
CA ILE M 41 0.03 35.02 8.95
C ILE M 41 1.55 34.93 8.78
N LEU M 42 2.32 35.75 9.49
CA LEU M 42 3.77 35.62 9.45
C LEU M 42 4.23 34.40 10.23
N ALA M 43 3.54 34.08 11.33
CA ALA M 43 3.80 32.81 12.03
C ALA M 43 3.48 31.62 11.15
N ALA M 44 2.41 31.72 10.35
CA ALA M 44 2.08 30.65 9.42
C ALA M 44 3.13 30.50 8.32
N VAL M 45 3.65 31.62 7.80
CA VAL M 45 4.70 31.60 6.79
C VAL M 45 5.97 30.97 7.35
N LYS M 46 6.37 31.36 8.56
CA LYS M 46 7.57 30.78 9.16
C LYS M 46 7.38 29.32 9.54
N SER M 47 6.16 28.90 9.85
CA SER M 47 5.92 27.51 10.23
C SER M 47 5.90 26.57 9.04
N ASN M 48 5.16 26.92 7.99
CA ASN M 48 4.89 25.96 6.92
C ASN M 48 5.36 26.51 5.58
N PRO M 49 6.28 25.81 4.88
CA PRO M 49 6.70 26.29 3.55
C PRO M 49 5.63 26.21 2.48
N VAL M 50 4.63 25.34 2.61
CA VAL M 50 3.51 25.35 1.68
C VAL M 50 2.73 26.65 1.82
N VAL M 51 2.53 27.09 3.06
CA VAL M 51 1.88 28.37 3.33
C VAL M 51 2.75 29.52 2.86
N ALA M 52 4.07 29.37 2.98
CA ALA M 52 4.99 30.39 2.47
C ALA M 52 4.89 30.54 0.95
N GLY M 53 4.84 29.41 0.24
CA GLY M 53 4.65 29.45 -1.20
C GLY M 53 3.30 29.98 -1.62
N LEU M 54 2.25 29.68 -0.85
CA LEU M 54 0.93 30.24 -1.14
C LEU M 54 0.91 31.75 -0.96
N THR M 55 1.55 32.26 0.08
CA THR M 55 1.61 33.72 0.27
C THR M 55 2.44 34.40 -0.79
N LEU M 56 3.60 33.82 -1.14
CA LEU M 56 4.44 34.38 -2.18
C LEU M 56 3.85 34.21 -3.57
N ALA M 57 2.85 33.36 -3.74
CA ALA M 57 2.09 33.35 -4.98
C ALA M 57 0.96 34.36 -4.97
N GLN M 58 0.36 34.60 -3.80
CA GLN M 58 -0.71 35.59 -3.71
C GLN M 58 -0.19 37.01 -3.89
N ILE M 59 0.98 37.36 -3.36
CA ILE M 59 1.60 38.64 -3.67
C ILE M 59 2.55 38.41 -4.84
N GLY M 60 2.30 39.11 -5.94
CA GLY M 60 2.87 38.69 -7.21
C GLY M 60 3.91 39.63 -7.78
N SER M 61 3.91 40.88 -7.31
CA SER M 61 4.87 41.86 -7.81
C SER M 61 6.26 41.58 -7.26
N THR M 62 6.40 41.63 -5.93
CA THR M 62 7.70 41.56 -5.28
C THR M 62 8.11 40.15 -4.86
N GLY M 63 7.21 39.19 -4.87
CA GLY M 63 7.55 37.89 -4.35
C GLY M 63 8.03 36.86 -5.36
N TYR M 64 8.43 37.28 -6.56
CA TYR M 64 8.83 36.28 -7.56
C TYR M 64 10.22 35.74 -7.27
N ASP M 65 11.14 36.61 -6.83
CA ASP M 65 12.48 36.15 -6.46
C ASP M 65 12.43 35.20 -5.28
N ALA M 66 11.66 35.54 -4.26
CA ALA M 66 11.50 34.66 -3.10
C ALA M 66 10.77 33.37 -3.48
N TYR M 67 9.80 33.44 -4.38
CA TYR M 67 9.08 32.25 -4.82
C TYR M 67 9.99 31.29 -5.56
N GLN M 68 10.81 31.81 -6.48
CA GLN M 68 11.71 30.92 -7.22
C GLN M 68 12.84 30.41 -6.34
N GLN M 69 13.26 31.18 -5.33
CA GLN M 69 14.30 30.66 -4.44
C GLN M 69 13.76 29.60 -3.49
N LEU M 70 12.50 29.75 -3.04
CA LEU M 70 11.83 28.67 -2.32
C LEU M 70 11.70 27.43 -3.18
N LEU M 71 11.39 27.62 -4.46
CA LEU M 71 11.25 26.49 -5.37
C LEU M 71 12.59 25.82 -5.63
N GLU M 72 13.69 26.58 -5.55
CA GLU M 72 15.03 25.99 -5.63
C GLU M 72 15.33 25.17 -4.38
N ASN M 73 15.17 25.77 -3.20
CA ASN M 73 15.71 25.16 -1.99
C ASN M 73 14.80 24.09 -1.37
N HIS M 74 13.49 24.17 -1.57
CA HIS M 74 12.56 23.10 -1.18
C HIS M 74 12.00 22.47 -2.46
N PRO M 75 12.66 21.44 -3.00
CA PRO M 75 12.15 20.84 -4.25
C PRO M 75 10.94 19.95 -4.05
N GLU M 76 10.69 19.48 -2.83
CA GLU M 76 9.63 18.51 -2.59
C GLU M 76 8.26 19.15 -2.46
N VAL M 77 8.20 20.47 -2.30
CA VAL M 77 6.94 21.17 -2.12
C VAL M 77 6.25 21.47 -3.44
N ALA M 78 6.92 21.19 -4.56
CA ALA M 78 6.50 21.72 -5.86
C ALA M 78 5.22 21.09 -6.34
N GLU M 79 5.09 19.77 -6.18
CA GLU M 79 3.89 19.05 -6.67
C GLU M 79 2.66 19.44 -5.87
N MET M 80 2.78 19.52 -4.55
CA MET M 80 1.63 19.87 -3.73
C MET M 80 1.29 21.34 -3.88
N LEU M 81 2.29 22.20 -4.09
CA LEU M 81 2.02 23.61 -4.30
C LEU M 81 1.35 23.83 -5.65
N LYS M 82 1.69 23.01 -6.65
CA LYS M 82 1.03 23.10 -7.94
C LYS M 82 -0.39 22.53 -7.87
N ASP M 83 -0.61 21.53 -7.02
CA ASP M 83 -1.97 21.01 -6.82
C ASP M 83 -2.86 22.04 -6.14
N LEU M 84 -2.33 22.75 -5.14
CA LEU M 84 -3.14 23.74 -4.46
C LEU M 84 -3.31 25.00 -5.30
N SER M 85 -2.31 25.35 -6.10
CA SER M 85 -2.38 26.54 -6.94
C SER M 85 -2.88 26.14 -8.32
N PHE M 86 -4.19 26.20 -8.53
CA PHE M 86 -4.77 25.87 -9.81
C PHE M 86 -5.92 26.82 -10.10
N LYS M 87 -5.85 27.49 -11.25
CA LYS M 87 -6.93 28.35 -11.71
C LYS M 87 -7.28 27.94 -13.14
N ALA M 88 -8.56 28.01 -13.45
CA ALA M 88 -9.07 27.57 -14.74
C ALA M 88 -8.70 28.57 -15.81
N ASP M 89 -7.75 28.19 -16.68
CA ASP M 89 -7.43 28.98 -17.85
C ASP M 89 -8.64 28.98 -18.77
N GLU M 90 -9.33 30.11 -18.90
CA GLU M 90 -10.65 30.12 -19.53
C GLU M 90 -10.58 29.88 -21.03
N ILE M 91 -11.43 28.98 -21.50
CA ILE M 91 -11.42 28.53 -22.88
C ILE M 91 -12.33 29.43 -23.68
N GLN M 92 -12.02 29.59 -24.96
CA GLN M 92 -12.82 30.41 -25.86
C GLN M 92 -13.90 29.56 -26.51
N PRO M 93 -15.05 30.16 -26.85
CA PRO M 93 -16.15 29.35 -27.43
C PRO M 93 -15.85 28.82 -28.83
N ASP M 94 -14.99 29.50 -29.58
CA ASP M 94 -14.70 29.11 -30.95
C ASP M 94 -13.38 28.35 -31.07
N PHE M 95 -12.76 27.99 -29.96
CA PHE M 95 -11.40 27.47 -30.00
C PHE M 95 -11.34 26.05 -30.57
N ILE M 96 -12.28 25.18 -30.19
CA ILE M 96 -12.23 23.79 -30.63
C ILE M 96 -12.60 23.66 -32.11
N GLY M 97 -13.58 24.43 -32.57
CA GLY M 97 -13.92 24.42 -33.98
C GLY M 97 -12.88 25.13 -34.83
N ASN M 98 -12.21 26.13 -34.25
CA ASN M 98 -11.14 26.81 -34.97
C ASN M 98 -9.91 25.91 -35.06
N LEU M 99 -9.69 25.09 -34.03
CA LEU M 99 -8.60 24.12 -34.02
C LEU M 99 -8.83 22.98 -35.00
N GLY M 100 -10.09 22.53 -35.14
CA GLY M 100 -10.37 21.39 -36.00
C GLY M 100 -10.16 21.62 -37.47
N GLN M 101 -10.00 22.88 -37.89
CA GLN M 101 -9.81 23.23 -39.27
C GLN M 101 -8.35 23.17 -39.71
N TYR M 102 -7.42 22.84 -38.82
CA TYR M 102 -6.00 22.96 -39.12
C TYR M 102 -5.34 21.60 -39.29
N ARG M 103 -6.13 20.53 -39.20
CA ARG M 103 -5.68 19.17 -39.51
C ARG M 103 -5.21 19.04 -40.95
N GLU M 104 -5.82 19.79 -41.86
CA GLU M 104 -5.42 19.85 -43.26
C GLU M 104 -3.99 20.35 -43.45
N GLU M 105 -3.52 21.20 -42.53
CA GLU M 105 -2.27 21.95 -42.63
C GLU M 105 -1.14 21.31 -41.83
N LEU M 106 -1.45 20.87 -40.60
CA LEU M 106 -0.43 20.28 -39.74
C LEU M 106 0.09 18.95 -40.28
N GLU M 107 -0.76 18.19 -40.96
CA GLU M 107 -0.32 16.93 -41.55
C GLU M 107 0.67 17.16 -42.67
N LEU M 108 0.42 18.20 -43.47
CA LEU M 108 1.35 18.56 -44.54
C LEU M 108 2.67 19.07 -43.98
N VAL M 109 2.60 19.86 -42.90
CA VAL M 109 3.80 20.36 -42.25
C VAL M 109 4.63 19.22 -41.69
N GLU M 110 3.98 18.24 -41.05
CA GLU M 110 4.73 17.12 -40.47
C GLU M 110 5.28 16.20 -41.54
N ASP M 111 4.59 16.05 -42.67
CA ASP M 111 5.12 15.21 -43.74
C ASP M 111 6.31 15.85 -44.44
N ALA M 112 6.26 17.16 -44.70
CA ALA M 112 7.43 17.87 -45.22
C ALA M 112 8.57 17.83 -44.22
N ALA M 113 8.26 17.89 -42.92
CA ALA M 113 9.27 17.77 -41.88
C ALA M 113 9.95 16.42 -41.88
N ARG M 114 9.18 15.34 -42.08
CA ARG M 114 9.79 14.01 -42.14
C ARG M 114 10.64 13.86 -43.39
N PHE M 115 10.23 14.47 -44.49
CA PHE M 115 11.03 14.40 -45.71
C PHE M 115 12.36 15.12 -45.54
N VAL M 116 12.35 16.30 -44.90
CA VAL M 116 13.57 17.09 -44.80
C VAL M 116 14.48 16.53 -43.70
N GLY M 117 13.92 16.24 -42.53
CA GLY M 117 14.75 15.98 -41.37
C GLY M 117 14.03 16.32 -40.07
N GLY M 118 14.58 17.24 -39.31
CA GLY M 118 13.85 17.82 -38.20
C GLY M 118 13.08 19.06 -38.60
N MET M 119 12.31 19.57 -37.64
CA MET M 119 11.66 20.86 -37.83
C MET M 119 12.68 21.98 -37.95
N SER M 120 13.84 21.83 -37.30
CA SER M 120 14.93 22.77 -37.46
C SER M 120 15.49 22.73 -38.88
N ASN M 121 15.63 21.54 -39.44
CA ASN M 121 16.08 21.40 -40.82
C ASN M 121 15.06 21.99 -41.80
N LEU M 122 13.77 21.85 -41.49
CA LEU M 122 12.75 22.44 -42.34
C LEU M 122 12.78 23.97 -42.29
N ILE M 123 12.97 24.53 -41.08
CA ILE M 123 13.02 25.99 -40.95
C ILE M 123 14.26 26.55 -41.64
N ARG M 124 15.39 25.84 -41.52
CA ARG M 124 16.62 26.31 -42.17
C ARG M 124 16.54 26.16 -43.69
N LEU M 125 15.87 25.11 -44.17
CA LEU M 125 15.69 24.97 -45.63
C LEU M 125 14.72 26.02 -46.17
N ARG M 126 13.69 26.35 -45.41
CA ARG M 126 12.77 27.39 -45.84
C ARG M 126 13.44 28.75 -45.85
N GLN M 127 14.37 28.98 -44.91
CA GLN M 127 15.14 30.22 -44.94
C GLN M 127 16.12 30.25 -46.09
N ALA M 128 16.69 29.08 -46.45
CA ALA M 128 17.61 29.02 -47.59
C ALA M 128 16.89 29.26 -48.90
N LEU M 129 15.65 28.77 -49.03
CA LEU M 129 14.87 29.05 -50.22
C LEU M 129 14.27 30.45 -50.20
N GLU M 130 14.16 31.07 -49.02
CA GLU M 130 13.67 32.44 -48.94
C GLU M 130 14.80 33.44 -49.21
N LEU M 131 16.05 33.01 -49.04
CA LEU M 131 17.19 33.90 -49.20
C LEU M 131 17.42 34.23 -50.67
N ASP M 132 18.10 35.35 -50.91
CA ASP M 132 18.20 35.98 -52.22
C ASP M 132 19.08 35.15 -53.17
N ILE M 133 18.88 35.39 -54.47
CA ILE M 133 19.60 34.69 -55.52
C ILE M 133 21.01 35.24 -55.69
N LYS M 134 21.24 36.48 -55.25
CA LYS M 134 22.58 37.08 -55.24
C LYS M 134 23.55 36.28 -54.39
N TYR M 135 23.06 35.63 -53.34
CA TYR M 135 23.92 34.80 -52.52
C TYR M 135 24.33 33.52 -53.24
N TYR M 136 23.44 32.95 -54.05
CA TYR M 136 23.80 31.81 -54.87
C TYR M 136 24.84 32.20 -55.92
N GLY M 137 24.67 33.38 -56.53
CA GLY M 137 25.67 33.85 -57.47
C GLY M 137 27.00 34.16 -56.82
N LEU M 138 26.97 34.70 -55.61
CA LEU M 138 28.19 35.03 -54.87
C LEU M 138 28.93 33.77 -54.47
N LYS M 139 28.20 32.74 -54.02
CA LYS M 139 28.88 31.51 -53.64
C LYS M 139 29.37 30.74 -54.86
N MET M 140 28.70 30.86 -56.01
CA MET M 140 29.26 30.33 -57.25
C MET M 140 30.54 31.06 -57.64
N GLN M 141 30.60 32.38 -57.40
CA GLN M 141 31.81 33.13 -57.72
C GLN M 141 32.96 32.73 -56.81
N LEU M 142 32.68 32.53 -55.51
CA LEU M 142 33.69 32.05 -54.59
C LEU M 142 34.13 30.62 -54.90
N ASN M 143 33.22 29.78 -55.38
CA ASN M 143 33.62 28.42 -55.76
C ASN M 143 34.43 28.41 -57.05
N ASP M 144 34.15 29.34 -57.96
CA ASP M 144 34.97 29.48 -59.16
C ASP M 144 36.36 30.01 -58.82
N MET M 145 36.46 30.91 -57.83
CA MET M 145 37.75 31.45 -57.45
C MET M 145 38.50 30.51 -56.52
N GLY M 146 37.82 29.56 -55.89
CA GLY M 146 38.47 28.58 -55.04
C GLY M 146 37.97 28.52 -53.60
N TYR M 147 37.13 29.44 -53.15
CA TYR M 147 36.64 29.42 -51.78
C TYR M 147 35.49 28.42 -51.64
N ARG M 148 35.75 27.35 -50.89
CA ARG M 148 34.75 26.32 -50.66
C ARG M 148 33.66 26.78 -49.70
#